data_9OFP
#
_entry.id   9OFP
#
_cell.length_a   1.00
_cell.length_b   1.00
_cell.length_c   1.00
_cell.angle_alpha   90.00
_cell.angle_beta   90.00
_cell.angle_gamma   90.00
#
_symmetry.space_group_name_H-M   'P 1'
#
loop_
_entity.id
_entity.type
_entity.pdbx_description
1 polymer 'Surface glycoprotein'
2 polymer 'DH1533 heavy chain'
3 polymer 'DH1533 light chain'
4 branched beta-D-mannopyranose-(1-4)-2-acetamido-2-deoxy-beta-D-glucopyranose-(1-4)-2-acetamido-2-deoxy-beta-D-glucopyranose
5 branched 2-acetamido-2-deoxy-beta-D-glucopyranose-(1-4)-2-acetamido-2-deoxy-beta-D-glucopyranose
6 non-polymer 2-acetamido-2-deoxy-beta-D-glucopyranose
#
loop_
_entity_poly.entity_id
_entity_poly.type
_entity_poly.pdbx_seq_one_letter_code
_entity_poly.pdbx_strand_id
1 'polypeptide(L)'
;MFVLLVAYALLHIAGCQTTNGTNTSHSVCNGCVGHSENVFAVESGGYIPSNFAFNNWFLLTNTSSVVDGVVRSFQPLLLN
CLWSVSGSQFTTGFVYFNGTGRGACKGFYSNASSDVIRYNINFEENLRRGTILFKTSYGAVVFYCTNNTLVSGDAHIPSG
TVLGNFYCFVNTTIGNETTSAFVGALPKTVREFVISRTGHFYINGYRYFSLGDVEAVNFNVTNAATTVCTVALASYADVL
VNVSQTAIANIIYCNSVINRLRCDQLSFDVPDGFYSTSPIQPVELPVSIVSLPVYHKHTFIVLYVNFEHRRGPGKCYNCR
PAVINITLANFNETKGPLCVDTSHFTTQFVDNVKLARWSASINTGNCPFSFGKVNNFVKFGSVCFSLKDIPGGCAMPIMA
NLVNSKSHNIGSLYVSWSDGDVITGVPKPVEGVSSFMNVTLNKCTKYNIYDVSGVGVIRISNDTFLNGITYTSTSGNLLG
FKDVTNGTIYSITPCNPPDQLVVYQQAVVGAMLSENFTSYGFSNVVEMPKFFYASNGTYNCTDAVLTYSSFGVCADGSII
AVQPRNVSYDSVSAIVTANLSIPFNWTTSVQVEYLQITSTPIVVDCSTYVCNGNVRCVELLKQYTSACKTIEDALRNSAM
LESADVSEMLTFDKKAFTLANVSSFGDYNLSSVIPSLPRSGSRVAGRSAIEDILFSKLVTSGLGTVDADYKKCTKGLSIA
DLACAQYYNGIMVLPGVADAERMAMYTGSLIGGIALGGLTSAASIPFSLAIQSRLNYVALQTDVLQENQRILAASFNKAM
TNIVDAFTGVNDAITQTSQALQTVATALNKIQDVVNQQGNSLNHLTSQLRQNFQAISSSIQAIYDRLDPPQADQQVDRLI
TGRLAALNVFVSHTLTKYTEVRASRQLAQQKVNECVKSQSKRYGFCGNGTHIFSLVNAAPEGLVFLHTVLLPTQYKDVEA
WSGLCVDGINGYVLRQPNLALYKEGNYYRITSRIMFEPRIPTIADFVQIENCNVTFVNISRSELQTIVPEYIDVNKTLQE
LSYKLPNYTVPDLVGSGYIPEAPRDGQAYVRKDGEWVLLSTFLGRSLEVLFQGPGHHHHHHHHSAWSHPQFEKGGGSGGG
GSGGSAWSHPQFEK
;
A,B,C
2 'polypeptide(L)'
;EVQLVESGGGLVQPGGSLRLSCAASGFTFSSYAMSWVRQAPGKGLEWVSAIIGSGSNTYYADSVKGRFTISRDNAKNTLY
LQMNSLRAEDTAVYYCAKDTTPRPLYSSGWYGSFDYWGQGTPVSVSSASTKGPSVFPLAPSSKSTSGGTAALGCLVKDYF
PEPVTVSWNSGALTSGVHTFPAVLQSSGLYSLSSVVTVPSSSLGTQTYICNVNHKPSNTKVDKKVEPKSCDKGLEVLFQ
;
H,M
3 'polypeptide(L)'
;DIQMTQSPSSLSASVGDRVTITCQASQDITTYLNWYQQKPGKAPKLLIYDASNLETGVPSRFSGSGSGTDFTLTISSLQP
EDIATYYCQQYDNLFLTFGGGTKVEIKRTVAAPSVFIFPPSDEQLKSGTASVVCLLNNFYPREAKVQWKVDNALQSGNSQ
ESVTEQDSKDSTYSLSSTLTLSKADYEKHKVYACEVTHQGLSSPVTKSFNRGEC
;
L,N
#
loop_
_chem_comp.id
_chem_comp.type
_chem_comp.name
_chem_comp.formula
BMA D-saccharide, beta linking beta-D-mannopyranose 'C6 H12 O6'
NAG D-saccharide, beta linking 2-acetamido-2-deoxy-beta-D-glucopyranose 'C8 H15 N O6'
#
# COMPACT_ATOMS: atom_id res chain seq x y z
N CYS A 32 47.34 -21.67 -21.30
CA CYS A 32 48.10 -22.71 -21.99
C CYS A 32 47.20 -23.48 -22.95
N VAL A 33 47.85 -24.15 -23.91
CA VAL A 33 47.26 -25.00 -24.95
C VAL A 33 45.99 -24.40 -25.56
N GLY A 34 46.07 -23.99 -26.82
CA GLY A 34 44.88 -23.63 -27.58
C GLY A 34 44.68 -22.15 -27.88
N HIS A 35 44.45 -21.84 -29.16
CA HIS A 35 44.09 -20.53 -29.66
C HIS A 35 45.22 -19.51 -29.52
N SER A 36 46.32 -19.90 -28.86
CA SER A 36 47.38 -18.98 -28.46
C SER A 36 46.90 -17.99 -27.41
N GLU A 37 45.60 -18.06 -27.07
CA GLU A 37 44.95 -17.06 -26.23
C GLU A 37 44.12 -17.64 -25.08
N ASN A 38 44.20 -18.94 -24.78
CA ASN A 38 43.64 -19.37 -23.51
C ASN A 38 44.37 -18.71 -22.34
N VAL A 39 45.61 -18.28 -22.57
CA VAL A 39 46.25 -17.25 -21.78
C VAL A 39 46.43 -16.07 -22.73
N PHE A 40 45.75 -14.96 -22.44
CA PHE A 40 45.41 -13.97 -23.46
C PHE A 40 46.26 -12.71 -23.32
N ALA A 41 46.08 -11.81 -24.28
CA ALA A 41 46.68 -10.48 -24.21
C ALA A 41 45.72 -9.54 -23.50
N VAL A 42 46.18 -8.92 -22.42
CA VAL A 42 45.30 -8.12 -21.57
C VAL A 42 44.97 -6.80 -22.26
N GLU A 43 43.69 -6.45 -22.27
CA GLU A 43 43.28 -5.15 -22.78
C GLU A 43 43.66 -4.05 -21.80
N SER A 44 43.74 -2.83 -22.31
CA SER A 44 44.14 -1.69 -21.49
C SER A 44 43.18 -1.50 -20.31
N GLY A 45 43.75 -1.35 -19.12
CA GLY A 45 42.97 -1.21 -17.91
C GLY A 45 42.77 -2.49 -17.13
N GLY A 46 43.25 -3.62 -17.63
CA GLY A 46 43.11 -4.88 -16.92
C GLY A 46 41.84 -5.64 -17.18
N TYR A 47 41.16 -5.38 -18.29
CA TYR A 47 39.88 -6.02 -18.58
C TYR A 47 40.08 -7.30 -19.38
N ILE A 48 39.31 -8.32 -19.02
CA ILE A 48 39.35 -9.60 -19.74
C ILE A 48 38.64 -9.42 -21.09
N PRO A 49 39.18 -9.97 -22.18
CA PRO A 49 38.52 -9.82 -23.48
C PRO A 49 37.10 -10.38 -23.45
N SER A 50 36.22 -9.72 -24.20
CA SER A 50 34.80 -10.01 -24.14
C SER A 50 34.44 -11.38 -24.68
N ASN A 51 35.34 -12.03 -25.44
CA ASN A 51 35.05 -13.30 -26.08
C ASN A 51 35.76 -14.48 -25.41
N PHE A 52 36.27 -14.30 -24.21
CA PHE A 52 36.94 -15.39 -23.50
C PHE A 52 35.87 -16.39 -23.07
N ALA A 53 36.17 -17.69 -23.23
CA ALA A 53 35.26 -18.72 -22.75
C ALA A 53 35.31 -18.92 -21.24
N PHE A 54 36.28 -18.32 -20.55
CA PHE A 54 36.42 -18.40 -19.09
C PHE A 54 36.50 -19.86 -18.61
N ASN A 55 37.33 -20.65 -19.28
CA ASN A 55 37.53 -22.02 -18.85
C ASN A 55 38.48 -22.05 -17.66
N ASN A 56 38.02 -22.66 -16.56
CA ASN A 56 38.74 -22.72 -15.28
C ASN A 56 38.99 -21.32 -14.70
N TRP A 57 38.06 -20.40 -14.92
CA TRP A 57 38.01 -19.12 -14.24
C TRP A 57 36.72 -19.11 -13.43
N PHE A 58 36.79 -19.56 -12.19
CA PHE A 58 35.60 -19.80 -11.37
C PHE A 58 35.14 -18.54 -10.66
N LEU A 59 33.83 -18.41 -10.53
CA LEU A 59 33.20 -17.33 -9.79
C LEU A 59 33.36 -17.62 -8.30
N LEU A 60 34.18 -16.83 -7.63
CA LEU A 60 34.48 -17.10 -6.23
C LEU A 60 33.26 -16.89 -5.34
N THR A 61 33.14 -17.72 -4.31
CA THR A 61 32.04 -17.63 -3.37
C THR A 61 32.52 -17.99 -1.97
N ASN A 62 31.93 -17.35 -0.97
CA ASN A 62 32.29 -17.62 0.41
C ASN A 62 31.34 -18.63 1.06
N THR A 63 30.08 -18.66 0.64
CA THR A 63 29.14 -19.57 1.30
C THR A 63 28.42 -20.52 0.34
N SER A 64 27.95 -20.04 -0.80
CA SER A 64 27.13 -20.86 -1.68
C SER A 64 27.26 -20.41 -3.12
N SER A 65 27.10 -21.35 -4.04
CA SER A 65 27.34 -21.12 -5.45
C SER A 65 26.01 -20.98 -6.20
N VAL A 66 26.02 -20.14 -7.24
CA VAL A 66 24.85 -19.95 -8.08
C VAL A 66 24.87 -21.00 -9.18
N VAL A 67 23.72 -21.67 -9.38
CA VAL A 67 23.63 -22.67 -10.43
C VAL A 67 23.65 -22.01 -11.80
N ASP A 68 22.65 -21.17 -12.07
CA ASP A 68 22.65 -20.38 -13.31
C ASP A 68 21.74 -19.18 -13.12
N GLY A 69 21.98 -18.15 -13.94
CA GLY A 69 21.29 -16.88 -13.86
C GLY A 69 22.26 -15.75 -14.04
N VAL A 70 21.83 -14.55 -13.66
CA VAL A 70 22.63 -13.34 -13.75
C VAL A 70 22.76 -12.74 -12.36
N VAL A 71 23.98 -12.40 -11.96
CA VAL A 71 24.25 -11.87 -10.63
C VAL A 71 25.36 -10.83 -10.72
N ARG A 72 25.28 -9.83 -9.84
CA ARG A 72 26.29 -8.78 -9.71
C ARG A 72 27.09 -9.01 -8.44
N SER A 73 28.41 -8.90 -8.54
CA SER A 73 29.26 -9.15 -7.39
C SER A 73 30.64 -8.54 -7.60
N PHE A 74 31.32 -8.25 -6.50
CA PHE A 74 32.72 -7.85 -6.53
C PHE A 74 33.58 -9.08 -6.69
N GLN A 75 34.40 -9.11 -7.74
CA GLN A 75 35.23 -10.28 -8.02
C GLN A 75 36.61 -9.84 -8.47
N PRO A 76 37.64 -10.64 -8.20
CA PRO A 76 39.01 -10.32 -8.67
C PRO A 76 39.25 -10.73 -10.12
N LEU A 77 38.68 -9.94 -11.04
CA LEU A 77 38.84 -10.19 -12.46
C LEU A 77 39.52 -9.04 -13.19
N LEU A 78 39.98 -8.01 -12.48
CA LEU A 78 40.74 -6.92 -13.09
C LEU A 78 42.22 -7.26 -12.97
N LEU A 79 42.83 -7.63 -14.09
CA LEU A 79 44.17 -8.20 -14.09
C LEU A 79 45.25 -7.13 -14.08
N ASN A 80 46.43 -7.51 -13.61
CA ASN A 80 47.63 -6.69 -13.63
C ASN A 80 48.81 -7.37 -14.31
N CYS A 81 48.86 -8.71 -14.30
CA CYS A 81 49.80 -9.49 -15.08
C CYS A 81 49.16 -10.85 -15.36
N LEU A 82 49.67 -11.49 -16.41
CA LEU A 82 49.16 -12.79 -16.83
C LEU A 82 50.22 -13.45 -17.70
N TRP A 83 50.64 -14.65 -17.31
CA TRP A 83 51.66 -15.37 -18.07
C TRP A 83 51.44 -16.86 -17.91
N SER A 84 51.98 -17.62 -18.86
CA SER A 84 51.83 -19.07 -18.90
C SER A 84 53.15 -19.72 -18.47
N VAL A 85 53.12 -20.46 -17.36
CA VAL A 85 54.32 -21.16 -16.92
C VAL A 85 54.67 -22.26 -17.89
N SER A 86 53.68 -23.03 -18.34
CA SER A 86 53.90 -24.05 -19.35
C SER A 86 54.03 -23.40 -20.72
N GLY A 87 55.10 -23.72 -21.42
CA GLY A 87 55.43 -23.09 -22.68
C GLY A 87 56.51 -22.03 -22.57
N SER A 88 56.76 -21.50 -21.37
CA SER A 88 57.83 -20.54 -21.13
C SER A 88 58.96 -21.09 -20.28
N GLN A 89 58.66 -22.00 -19.34
CA GLN A 89 59.66 -22.61 -18.47
C GLN A 89 60.46 -21.58 -17.68
N PHE A 90 59.80 -20.52 -17.21
CA PHE A 90 60.46 -19.52 -16.37
C PHE A 90 60.54 -19.93 -14.92
N THR A 91 59.74 -20.92 -14.50
CA THR A 91 59.80 -21.60 -13.20
C THR A 91 59.26 -20.71 -12.08
N THR A 92 59.10 -19.42 -12.37
CA THR A 92 58.29 -18.45 -11.62
C THR A 92 58.87 -18.08 -10.25
N GLY A 93 59.79 -18.89 -9.72
CA GLY A 93 60.61 -18.53 -8.57
C GLY A 93 59.90 -18.37 -7.24
N PHE A 94 59.18 -17.26 -7.10
CA PHE A 94 58.40 -16.85 -5.94
C PHE A 94 57.61 -15.61 -6.35
N VAL A 95 56.34 -15.55 -5.97
CA VAL A 95 55.49 -14.43 -6.36
C VAL A 95 54.94 -13.76 -5.11
N TYR A 96 54.72 -12.45 -5.23
CA TYR A 96 54.31 -11.57 -4.13
C TYR A 96 53.17 -10.69 -4.61
N PHE A 97 52.80 -9.72 -3.77
CA PHE A 97 51.67 -8.85 -4.14
C PHE A 97 52.18 -7.64 -4.94
N ASN A 98 53.50 -7.39 -4.97
CA ASN A 98 53.99 -6.32 -5.87
C ASN A 98 54.26 -6.99 -7.21
N GLY A 99 53.81 -8.24 -7.35
CA GLY A 99 53.93 -8.91 -8.66
C GLY A 99 55.36 -8.97 -9.13
N THR A 100 56.27 -8.47 -8.31
CA THR A 100 57.69 -8.62 -8.71
C THR A 100 58.03 -10.11 -8.61
N GLY A 101 58.50 -10.68 -9.72
CA GLY A 101 58.83 -12.10 -9.77
C GLY A 101 57.97 -12.76 -10.82
N ARG A 102 57.02 -12.01 -11.36
CA ARG A 102 56.07 -12.59 -12.34
C ARG A 102 56.75 -12.81 -13.68
N GLY A 103 56.37 -13.87 -14.39
CA GLY A 103 56.86 -14.09 -15.73
C GLY A 103 56.60 -12.88 -16.61
N ALA A 104 57.05 -12.98 -17.86
CA ALA A 104 56.89 -11.88 -18.78
C ALA A 104 55.41 -11.63 -19.07
N CYS A 105 54.86 -10.55 -18.53
CA CYS A 105 53.48 -10.19 -18.83
C CYS A 105 53.35 -9.86 -20.31
N LYS A 106 52.34 -10.42 -20.95
CA LYS A 106 52.04 -10.13 -22.34
C LYS A 106 50.67 -9.45 -22.42
N GLY A 107 50.59 -8.44 -23.27
CA GLY A 107 49.46 -7.53 -23.22
C GLY A 107 49.69 -6.41 -22.23
N PHE A 108 48.60 -5.74 -21.87
CA PHE A 108 48.67 -4.64 -20.91
C PHE A 108 49.03 -5.18 -19.53
N TYR A 109 49.76 -4.36 -18.77
CA TYR A 109 50.16 -4.74 -17.42
C TYR A 109 50.43 -3.49 -16.61
N SER A 110 50.48 -3.65 -15.29
CA SER A 110 50.65 -2.53 -14.38
C SER A 110 51.43 -2.99 -13.16
N ASN A 111 52.15 -2.04 -12.55
CA ASN A 111 52.94 -2.29 -11.34
C ASN A 111 52.13 -2.15 -10.05
N ALA A 112 50.81 -2.12 -10.14
CA ALA A 112 49.98 -1.90 -8.96
C ALA A 112 50.03 -3.09 -8.02
N SER A 113 49.82 -2.83 -6.73
CA SER A 113 49.84 -3.86 -5.70
C SER A 113 48.55 -4.67 -5.80
N SER A 114 48.65 -5.90 -6.30
CA SER A 114 47.49 -6.75 -6.44
C SER A 114 47.00 -7.24 -5.08
N ASP A 115 45.81 -7.84 -5.08
CA ASP A 115 45.21 -8.38 -3.87
C ASP A 115 44.85 -9.86 -3.96
N VAL A 116 44.85 -10.44 -5.15
CA VAL A 116 44.48 -11.84 -5.35
C VAL A 116 45.41 -12.44 -6.40
N ILE A 117 45.90 -13.65 -6.12
CA ILE A 117 46.75 -14.41 -7.05
C ILE A 117 46.01 -15.68 -7.44
N ARG A 118 46.01 -15.99 -8.73
CA ARG A 118 45.23 -17.10 -9.27
C ARG A 118 46.13 -18.05 -10.05
N TYR A 119 45.90 -19.35 -9.85
CA TYR A 119 46.63 -20.41 -10.54
C TYR A 119 45.62 -21.26 -11.32
N ASN A 120 45.84 -21.43 -12.61
CA ASN A 120 44.99 -22.22 -13.47
C ASN A 120 45.66 -23.58 -13.70
N ILE A 121 44.89 -24.65 -13.54
CA ILE A 121 45.42 -26.01 -13.57
C ILE A 121 44.73 -26.79 -14.69
N ASN A 122 45.38 -27.86 -15.14
CA ASN A 122 44.93 -28.64 -16.28
C ASN A 122 43.65 -29.41 -15.96
N PHE A 123 43.17 -30.13 -16.97
CA PHE A 123 41.93 -30.89 -16.87
C PHE A 123 42.06 -32.02 -15.86
N GLU A 124 41.25 -31.96 -14.80
CA GLU A 124 41.20 -32.98 -13.75
C GLU A 124 42.57 -33.24 -13.11
N GLU A 125 43.51 -32.30 -13.20
CA GLU A 125 44.80 -32.51 -12.60
C GLU A 125 44.76 -32.20 -11.10
N ASN A 126 45.67 -32.81 -10.36
CA ASN A 126 45.65 -32.75 -8.90
C ASN A 126 47.06 -32.55 -8.38
N LEU A 127 47.19 -31.74 -7.32
CA LEU A 127 48.48 -31.41 -6.72
C LEU A 127 48.86 -32.36 -5.60
N ARG A 128 48.44 -33.63 -5.69
CA ARG A 128 48.85 -34.70 -4.80
C ARG A 128 50.37 -34.81 -4.65
N ARG A 129 51.13 -34.18 -5.54
CA ARG A 129 52.56 -34.42 -5.70
C ARG A 129 53.38 -33.15 -5.44
N GLY A 130 53.03 -32.37 -4.44
CA GLY A 130 53.84 -31.21 -4.12
C GLY A 130 53.31 -30.46 -2.91
N THR A 131 53.97 -29.34 -2.62
CA THR A 131 53.64 -28.48 -1.50
C THR A 131 53.51 -27.05 -2.00
N ILE A 132 53.02 -26.18 -1.12
CA ILE A 132 52.80 -24.77 -1.44
C ILE A 132 53.33 -23.93 -0.29
N LEU A 133 54.16 -22.94 -0.60
CA LEU A 133 54.90 -22.19 0.39
C LEU A 133 54.41 -20.76 0.46
N PHE A 134 54.14 -20.29 1.68
CA PHE A 134 53.76 -18.90 1.93
C PHE A 134 54.82 -18.23 2.80
N LYS A 135 54.74 -16.90 2.84
CA LYS A 135 55.56 -16.07 3.72
C LYS A 135 54.66 -15.19 4.55
N THR A 136 55.07 -14.93 5.79
CA THR A 136 54.33 -14.04 6.66
C THR A 136 55.32 -13.07 7.32
N SER A 137 54.78 -11.96 7.82
CA SER A 137 55.56 -11.05 8.64
C SER A 137 55.96 -11.67 9.97
N TYR A 138 55.36 -12.81 10.32
CA TYR A 138 55.64 -13.51 11.57
C TYR A 138 56.08 -14.96 11.34
N GLY A 139 56.84 -15.20 10.27
CA GLY A 139 57.40 -16.52 10.05
C GLY A 139 57.14 -17.10 8.67
N ALA A 140 57.25 -18.42 8.56
CA ALA A 140 57.02 -19.14 7.32
C ALA A 140 55.86 -20.12 7.49
N VAL A 141 55.13 -20.33 6.39
CA VAL A 141 53.95 -21.19 6.36
C VAL A 141 54.02 -22.05 5.12
N VAL A 142 53.62 -23.32 5.23
CA VAL A 142 53.65 -24.25 4.10
C VAL A 142 52.42 -25.14 4.17
N PHE A 143 51.87 -25.48 3.00
CA PHE A 143 50.68 -26.30 2.86
C PHE A 143 51.04 -27.60 2.16
N TYR A 144 50.58 -28.72 2.73
CA TYR A 144 50.89 -30.03 2.20
C TYR A 144 49.78 -30.99 2.59
N CYS A 145 49.69 -32.11 1.88
CA CYS A 145 48.56 -33.02 2.02
C CYS A 145 49.06 -34.46 1.92
N THR A 146 48.56 -35.33 2.81
CA THR A 146 49.03 -36.70 2.84
C THR A 146 47.99 -37.58 3.54
N ASN A 147 48.12 -38.89 3.35
CA ASN A 147 47.31 -39.87 4.07
C ASN A 147 48.07 -40.61 5.16
N ASN A 148 49.36 -40.35 5.31
CA ASN A 148 50.23 -41.13 6.19
C ASN A 148 50.63 -40.27 7.38
N THR A 149 50.43 -40.79 8.58
CA THR A 149 50.78 -40.05 9.79
C THR A 149 52.29 -39.94 9.98
N LEU A 150 53.07 -40.85 9.39
CA LEU A 150 54.53 -40.75 9.42
C LEU A 150 55.04 -39.66 8.49
N VAL A 151 54.20 -39.14 7.60
CA VAL A 151 54.55 -38.00 6.77
C VAL A 151 54.15 -36.68 7.43
N SER A 152 53.32 -36.73 8.48
CA SER A 152 52.73 -35.54 9.07
C SER A 152 53.34 -35.16 10.41
N GLY A 153 53.53 -36.11 11.31
CA GLY A 153 53.91 -35.76 12.68
C GLY A 153 52.76 -35.29 13.54
N ASP A 154 51.91 -34.42 13.00
CA ASP A 154 50.75 -33.93 13.73
C ASP A 154 49.58 -34.90 13.63
N ALA A 155 48.99 -35.23 14.78
CA ALA A 155 47.77 -36.03 14.82
C ALA A 155 46.82 -35.55 15.92
N HIS A 156 46.78 -34.24 16.17
CA HIS A 156 46.08 -33.72 17.33
C HIS A 156 44.56 -33.77 17.13
N ILE A 157 43.91 -34.69 17.85
CA ILE A 157 42.47 -34.84 17.99
C ILE A 157 41.62 -34.68 16.72
N PRO A 158 42.00 -35.26 15.54
CA PRO A 158 41.15 -35.17 14.36
C PRO A 158 40.05 -36.23 14.33
N SER A 159 39.28 -36.31 15.41
CA SER A 159 38.21 -37.29 15.48
C SER A 159 37.17 -37.05 14.41
N GLY A 160 36.64 -38.13 13.85
CA GLY A 160 35.79 -38.06 12.68
C GLY A 160 36.51 -38.15 11.36
N THR A 161 37.84 -38.08 11.37
CA THR A 161 38.61 -38.28 10.15
C THR A 161 38.64 -39.76 9.78
N VAL A 162 38.30 -40.06 8.53
CA VAL A 162 38.36 -41.43 8.05
C VAL A 162 39.81 -41.89 8.02
N LEU A 163 40.02 -43.19 8.18
CA LEU A 163 41.36 -43.76 8.20
C LEU A 163 41.68 -44.33 6.82
N GLY A 164 42.42 -43.57 6.02
CA GLY A 164 42.87 -44.06 4.73
C GLY A 164 42.97 -43.05 3.60
N ASN A 165 42.15 -42.00 3.63
CA ASN A 165 42.12 -41.01 2.56
C ASN A 165 43.17 -39.91 2.81
N PHE A 166 43.15 -38.88 1.96
CA PHE A 166 44.13 -37.80 2.02
C PHE A 166 43.58 -36.60 2.76
N TYR A 167 44.39 -36.04 3.65
CA TYR A 167 44.02 -34.85 4.43
C TYR A 167 45.20 -33.91 4.50
N CYS A 168 44.91 -32.62 4.44
CA CYS A 168 45.95 -31.59 4.28
C CYS A 168 46.25 -30.91 5.61
N PHE A 169 47.46 -30.38 5.70
CA PHE A 169 48.04 -29.85 6.92
C PHE A 169 48.65 -28.48 6.64
N VAL A 170 49.08 -27.81 7.70
CA VAL A 170 49.81 -26.55 7.56
C VAL A 170 50.88 -26.50 8.65
N ASN A 171 52.12 -26.26 8.26
CA ASN A 171 53.19 -25.98 9.21
C ASN A 171 53.27 -24.47 9.38
N THR A 172 53.87 -24.05 10.49
CA THR A 172 54.10 -22.62 10.71
C THR A 172 55.29 -22.46 11.65
N THR A 173 56.35 -21.82 11.14
CA THR A 173 57.55 -21.58 11.91
C THR A 173 57.55 -20.15 12.42
N ILE A 174 57.67 -19.98 13.73
CA ILE A 174 57.80 -18.64 14.32
C ILE A 174 59.29 -18.34 14.30
N GLY A 175 59.77 -17.92 13.15
CA GLY A 175 61.20 -17.80 12.92
C GLY A 175 61.82 -19.17 12.68
N ASN A 176 61.87 -19.99 13.73
CA ASN A 176 62.31 -21.37 13.62
C ASN A 176 61.46 -22.36 14.40
N GLU A 177 60.73 -21.93 15.43
CA GLU A 177 59.85 -22.82 16.19
C GLU A 177 58.73 -23.31 15.28
N THR A 178 58.73 -24.61 14.96
CA THR A 178 57.84 -25.16 13.95
C THR A 178 56.63 -25.79 14.63
N THR A 179 55.43 -25.37 14.21
CA THR A 179 54.16 -25.86 14.73
C THR A 179 53.33 -26.37 13.56
N SER A 180 52.52 -27.42 13.80
CA SER A 180 51.70 -28.01 12.76
C SER A 180 50.25 -28.05 13.19
N ALA A 181 49.35 -28.09 12.21
CA ALA A 181 47.92 -28.09 12.47
C ALA A 181 47.17 -28.75 11.32
N PHE A 182 46.01 -29.32 11.64
CA PHE A 182 45.11 -29.89 10.64
C PHE A 182 44.21 -28.80 10.07
N VAL A 183 43.92 -28.88 8.77
CA VAL A 183 43.09 -27.89 8.09
C VAL A 183 41.86 -28.50 7.43
N GLY A 184 42.01 -29.63 6.74
CA GLY A 184 40.85 -30.20 6.07
C GLY A 184 41.26 -31.13 4.94
N ALA A 185 40.39 -31.22 3.93
CA ALA A 185 40.57 -32.12 2.80
C ALA A 185 40.21 -31.40 1.51
N LEU A 186 40.60 -32.01 0.39
CA LEU A 186 40.45 -31.43 -0.93
C LEU A 186 39.94 -32.48 -1.92
N PRO A 187 39.33 -32.04 -3.04
CA PRO A 187 38.71 -32.99 -3.97
C PRO A 187 39.69 -33.74 -4.87
N LYS A 188 39.13 -34.62 -5.70
CA LYS A 188 39.91 -35.36 -6.68
C LYS A 188 40.52 -34.44 -7.72
N THR A 189 39.82 -33.36 -8.09
CA THR A 189 40.29 -32.42 -9.10
C THR A 189 40.45 -31.04 -8.48
N VAL A 190 41.53 -30.36 -8.84
CA VAL A 190 41.76 -28.97 -8.45
C VAL A 190 41.95 -28.18 -9.73
N ARG A 191 40.85 -27.64 -10.27
CA ARG A 191 40.91 -26.92 -11.53
C ARG A 191 41.56 -25.56 -11.38
N GLU A 192 41.34 -24.88 -10.25
CA GLU A 192 41.90 -23.55 -10.07
C GLU A 192 42.18 -23.33 -8.59
N PHE A 193 43.12 -22.42 -8.31
CA PHE A 193 43.69 -22.25 -6.98
C PHE A 193 43.98 -20.76 -6.78
N VAL A 194 43.32 -20.16 -5.79
CA VAL A 194 43.28 -18.71 -5.62
C VAL A 194 43.64 -18.38 -4.18
N ILE A 195 44.44 -17.32 -3.99
CA ILE A 195 44.86 -16.87 -2.67
C ILE A 195 44.81 -15.35 -2.62
N SER A 196 44.34 -14.80 -1.50
CA SER A 196 44.27 -13.36 -1.29
C SER A 196 45.36 -12.92 -0.30
N ARG A 197 45.63 -11.61 -0.28
CA ARG A 197 46.68 -11.09 0.58
C ARG A 197 46.35 -11.22 2.05
N THR A 198 45.07 -11.24 2.42
CA THR A 198 44.66 -11.46 3.79
C THR A 198 44.52 -12.94 4.11
N GLY A 199 44.98 -13.82 3.22
CA GLY A 199 45.02 -15.24 3.47
C GLY A 199 43.80 -16.03 3.08
N HIS A 200 42.83 -15.42 2.41
CA HIS A 200 41.67 -16.17 1.95
C HIS A 200 42.10 -17.16 0.85
N PHE A 201 41.93 -18.43 1.14
CA PHE A 201 42.39 -19.53 0.29
C PHE A 201 41.16 -20.22 -0.31
N TYR A 202 41.01 -20.11 -1.62
CA TYR A 202 39.90 -20.69 -2.36
C TYR A 202 40.39 -21.85 -3.20
N ILE A 203 39.64 -22.95 -3.20
CA ILE A 203 39.87 -24.08 -4.08
C ILE A 203 38.60 -24.32 -4.89
N ASN A 204 38.72 -24.30 -6.22
CA ASN A 204 37.59 -24.45 -7.12
C ASN A 204 36.49 -23.45 -6.80
N GLY A 205 36.89 -22.22 -6.48
CA GLY A 205 35.97 -21.13 -6.26
C GLY A 205 35.34 -21.04 -4.89
N TYR A 206 35.72 -21.90 -3.95
CA TYR A 206 35.14 -21.90 -2.62
C TYR A 206 36.23 -21.75 -1.57
N ARG A 207 36.00 -20.87 -0.60
CA ARG A 207 36.99 -20.59 0.43
C ARG A 207 36.94 -21.67 1.50
N TYR A 208 38.06 -22.37 1.69
CA TYR A 208 38.16 -23.37 2.74
C TYR A 208 38.95 -22.88 3.94
N PHE A 209 40.11 -22.29 3.72
CA PHE A 209 41.04 -21.94 4.79
C PHE A 209 41.30 -20.44 4.80
N SER A 210 41.72 -19.95 5.98
CA SER A 210 42.05 -18.54 6.19
C SER A 210 43.37 -18.50 6.94
N LEU A 211 44.46 -18.32 6.20
CA LEU A 211 45.81 -18.43 6.75
C LEU A 211 46.30 -17.16 7.42
N GLY A 212 45.52 -16.07 7.40
CA GLY A 212 46.01 -14.81 7.89
C GLY A 212 46.84 -14.08 6.84
N ASP A 213 47.36 -12.92 7.23
CA ASP A 213 48.07 -12.07 6.28
C ASP A 213 49.29 -12.79 5.70
N VAL A 214 49.47 -12.65 4.39
CA VAL A 214 50.51 -13.36 3.64
C VAL A 214 51.04 -12.43 2.57
N GLU A 215 52.35 -12.46 2.34
CA GLU A 215 52.98 -11.61 1.34
C GLU A 215 53.49 -12.37 0.12
N ALA A 216 53.55 -13.70 0.17
CA ALA A 216 54.11 -14.46 -0.94
C ALA A 216 53.52 -15.86 -0.96
N VAL A 217 53.47 -16.44 -2.16
CA VAL A 217 53.03 -17.82 -2.35
C VAL A 217 53.92 -18.47 -3.41
N ASN A 218 53.86 -19.80 -3.47
CA ASN A 218 54.59 -20.55 -4.49
C ASN A 218 53.88 -21.88 -4.69
N PHE A 219 53.53 -22.18 -5.94
CA PHE A 219 52.83 -23.43 -6.29
C PHE A 219 53.88 -24.48 -6.63
N ASN A 220 54.50 -25.04 -5.59
CA ASN A 220 55.75 -25.79 -5.79
C ASN A 220 55.49 -27.29 -5.75
N VAL A 221 54.94 -27.80 -6.85
CA VAL A 221 54.62 -29.21 -7.00
C VAL A 221 55.62 -29.82 -7.98
N THR A 222 55.76 -31.14 -7.92
CA THR A 222 56.58 -31.82 -8.90
C THR A 222 55.91 -31.78 -10.26
N ASN A 223 56.73 -31.95 -11.30
CA ASN A 223 56.33 -31.83 -12.71
C ASN A 223 55.61 -30.52 -13.01
N ALA A 224 55.81 -29.51 -12.15
CA ALA A 224 55.29 -28.18 -12.42
C ALA A 224 55.98 -27.59 -13.65
N ALA A 225 55.45 -26.45 -14.11
CA ALA A 225 55.72 -25.85 -15.41
C ALA A 225 55.16 -26.72 -16.53
N THR A 226 54.54 -27.86 -16.20
CA THR A 226 53.76 -28.65 -17.15
C THR A 226 52.32 -28.77 -16.67
N THR A 227 52.11 -29.16 -15.41
CA THR A 227 50.75 -29.25 -14.88
C THR A 227 50.16 -27.87 -14.59
N VAL A 228 51.00 -26.87 -14.38
CA VAL A 228 50.53 -25.51 -14.16
C VAL A 228 50.26 -24.85 -15.50
N CYS A 229 49.05 -24.33 -15.69
CA CYS A 229 48.64 -23.79 -16.97
C CYS A 229 48.92 -22.29 -17.09
N THR A 230 48.60 -21.51 -16.05
CA THR A 230 48.65 -20.06 -16.15
C THR A 230 48.54 -19.46 -14.75
N VAL A 231 49.30 -18.38 -14.52
CA VAL A 231 49.18 -17.59 -13.31
C VAL A 231 48.66 -16.21 -13.68
N ALA A 232 47.90 -15.60 -12.77
CA ALA A 232 47.35 -14.28 -12.98
C ALA A 232 47.39 -13.49 -11.67
N LEU A 233 47.58 -12.19 -11.79
CA LEU A 233 47.50 -11.26 -10.68
C LEU A 233 46.31 -10.34 -10.92
N ALA A 234 45.45 -10.21 -9.91
CA ALA A 234 44.17 -9.55 -10.11
C ALA A 234 43.86 -8.61 -8.95
N SER A 235 42.80 -7.82 -9.13
CA SER A 235 42.31 -6.90 -8.13
C SER A 235 40.79 -6.86 -8.21
N TYR A 236 40.15 -6.50 -7.10
CA TYR A 236 38.70 -6.53 -7.02
C TYR A 236 38.07 -5.45 -7.89
N ALA A 237 36.96 -5.82 -8.54
CA ALA A 237 36.14 -4.88 -9.30
C ALA A 237 34.75 -5.47 -9.45
N ASP A 238 33.74 -4.63 -9.27
CA ASP A 238 32.35 -5.10 -9.36
C ASP A 238 31.98 -5.34 -10.81
N VAL A 239 31.43 -6.52 -11.09
CA VAL A 239 31.12 -6.95 -12.44
C VAL A 239 29.74 -7.62 -12.45
N LEU A 240 29.15 -7.70 -13.64
CA LEU A 240 27.92 -8.45 -13.86
C LEU A 240 28.29 -9.75 -14.58
N VAL A 241 28.19 -10.87 -13.86
CA VAL A 241 28.64 -12.16 -14.35
C VAL A 241 27.43 -13.04 -14.68
N ASN A 242 27.41 -13.56 -15.91
CA ASN A 242 26.32 -14.37 -16.44
C ASN A 242 26.67 -15.86 -16.30
N VAL A 243 25.97 -16.53 -15.39
CA VAL A 243 26.40 -17.81 -14.84
C VAL A 243 25.58 -18.93 -15.48
N SER A 244 26.26 -19.99 -15.89
CA SER A 244 25.62 -21.19 -16.45
C SER A 244 26.37 -22.42 -15.98
N GLN A 245 25.63 -23.34 -15.33
CA GLN A 245 26.22 -24.55 -14.75
C GLN A 245 27.38 -24.21 -13.81
N THR A 246 27.15 -23.23 -12.94
CA THR A 246 28.11 -22.72 -11.96
C THR A 246 29.40 -22.21 -12.60
N ALA A 247 29.38 -21.90 -13.90
CA ALA A 247 30.56 -21.44 -14.61
C ALA A 247 30.32 -20.07 -15.20
N ILE A 248 31.39 -19.29 -15.31
CA ILE A 248 31.32 -17.97 -15.90
C ILE A 248 31.17 -18.09 -17.41
N ALA A 249 30.16 -17.43 -17.96
CA ALA A 249 29.94 -17.41 -19.40
C ALA A 249 30.28 -16.08 -20.03
N ASN A 250 29.69 -14.99 -19.54
CA ASN A 250 30.02 -13.65 -20.02
C ASN A 250 30.05 -12.70 -18.83
N ILE A 251 30.93 -11.69 -18.90
CA ILE A 251 31.01 -10.66 -17.88
C ILE A 251 31.12 -9.29 -18.55
N ILE A 252 30.69 -8.28 -17.81
CA ILE A 252 30.89 -6.87 -18.19
C ILE A 252 31.26 -6.09 -16.93
N TYR A 253 32.16 -5.13 -17.09
CA TYR A 253 32.61 -4.31 -15.98
C TYR A 253 31.71 -3.09 -15.81
N CYS A 254 31.38 -2.80 -14.55
CA CYS A 254 30.52 -1.65 -14.23
C CYS A 254 31.35 -0.37 -14.16
N ASN A 255 32.07 -0.04 -15.24
CA ASN A 255 32.96 1.11 -15.25
C ASN A 255 32.46 2.29 -16.06
N SER A 256 31.45 2.10 -16.90
CA SER A 256 30.95 3.15 -17.77
C SER A 256 29.53 3.54 -17.37
N VAL A 257 29.03 4.60 -18.02
CA VAL A 257 27.68 5.08 -17.73
C VAL A 257 26.64 4.04 -18.14
N ILE A 258 26.76 3.51 -19.36
CA ILE A 258 25.79 2.54 -19.84
C ILE A 258 25.94 1.21 -19.11
N ASN A 259 27.17 0.76 -18.89
CA ASN A 259 27.38 -0.52 -18.23
C ASN A 259 26.89 -0.50 -16.79
N ARG A 260 27.19 0.57 -16.05
CA ARG A 260 26.74 0.64 -14.66
C ARG A 260 25.23 0.71 -14.56
N LEU A 261 24.57 1.37 -15.51
CA LEU A 261 23.11 1.33 -15.55
C LEU A 261 22.60 -0.08 -15.79
N ARG A 262 23.26 -0.82 -16.69
CA ARG A 262 22.93 -2.24 -16.86
C ARG A 262 23.21 -3.03 -15.59
N CYS A 263 24.21 -2.60 -14.81
CA CYS A 263 24.50 -3.29 -13.56
C CYS A 263 23.40 -3.07 -12.53
N ASP A 264 22.79 -1.89 -12.51
CA ASP A 264 21.68 -1.66 -11.59
C ASP A 264 20.43 -2.41 -12.01
N GLN A 265 20.21 -2.54 -13.33
CA GLN A 265 19.03 -3.24 -13.82
C GLN A 265 19.20 -4.75 -13.87
N LEU A 266 20.42 -5.25 -13.61
CA LEU A 266 20.70 -6.69 -13.56
C LEU A 266 20.32 -7.38 -14.88
N SER A 267 20.64 -6.72 -16.00
CA SER A 267 20.36 -7.30 -17.31
C SER A 267 21.45 -6.87 -18.28
N PHE A 268 21.74 -7.75 -19.23
CA PHE A 268 22.70 -7.41 -20.28
C PHE A 268 22.05 -6.60 -21.39
N ASP A 269 20.74 -6.67 -21.53
CA ASP A 269 20.01 -5.77 -22.40
C ASP A 269 19.32 -4.69 -21.58
N VAL A 270 18.94 -3.61 -22.26
CA VAL A 270 18.20 -2.53 -21.62
C VAL A 270 17.11 -2.06 -22.56
N PRO A 271 15.84 -2.26 -22.21
CA PRO A 271 14.76 -1.76 -23.08
C PRO A 271 14.86 -0.24 -23.24
N ASP A 272 14.46 0.23 -24.42
CA ASP A 272 14.51 1.66 -24.71
C ASP A 272 13.56 2.42 -23.79
N GLY A 273 13.92 3.64 -23.48
CA GLY A 273 13.08 4.48 -22.65
C GLY A 273 13.92 5.47 -21.86
N PHE A 274 13.38 5.86 -20.70
CA PHE A 274 13.97 6.87 -19.84
C PHE A 274 14.25 6.26 -18.47
N TYR A 275 15.47 6.41 -17.99
CA TYR A 275 15.90 5.80 -16.73
C TYR A 275 16.44 6.85 -15.78
N SER A 276 16.00 6.80 -14.53
CA SER A 276 16.50 7.71 -13.50
C SER A 276 17.88 7.27 -13.01
N THR A 277 18.67 8.25 -12.61
CA THR A 277 20.00 8.01 -12.08
C THR A 277 20.38 9.15 -11.15
N SER A 278 21.37 8.91 -10.30
CA SER A 278 21.80 9.90 -9.32
C SER A 278 23.30 10.07 -9.38
N PRO A 279 23.80 11.30 -9.57
CA PRO A 279 25.25 11.53 -9.50
C PRO A 279 25.80 11.16 -8.14
N ILE A 280 27.05 10.70 -8.12
CA ILE A 280 27.65 10.22 -6.88
C ILE A 280 27.86 11.39 -5.91
N GLN A 281 27.89 11.07 -4.62
CA GLN A 281 28.00 12.09 -3.60
C GLN A 281 29.46 12.40 -3.32
N PRO A 282 29.85 13.67 -3.25
CA PRO A 282 31.23 14.01 -2.87
C PRO A 282 31.54 13.51 -1.47
N VAL A 283 32.80 13.10 -1.27
CA VAL A 283 33.19 12.55 0.01
C VAL A 283 33.92 13.55 0.90
N GLU A 284 34.50 14.60 0.32
CA GLU A 284 35.20 15.63 1.11
C GLU A 284 34.20 16.71 1.53
N LEU A 285 33.33 16.33 2.46
CA LEU A 285 32.22 17.18 2.91
C LEU A 285 32.65 18.00 4.12
N PRO A 286 32.48 19.32 4.10
CA PRO A 286 32.68 20.13 5.31
C PRO A 286 31.52 19.94 6.29
N VAL A 287 31.59 20.59 7.44
CA VAL A 287 30.56 20.50 8.47
C VAL A 287 30.11 21.90 8.84
N SER A 288 28.79 22.10 8.90
CA SER A 288 28.18 23.39 9.22
C SER A 288 27.22 23.22 10.40
N ILE A 289 27.20 24.21 11.29
CA ILE A 289 26.42 24.14 12.52
C ILE A 289 25.72 25.48 12.75
N VAL A 290 24.42 25.43 13.06
CA VAL A 290 23.64 26.59 13.47
C VAL A 290 22.93 26.23 14.76
N SER A 291 22.94 27.15 15.73
CA SER A 291 22.27 26.91 17.00
C SER A 291 21.88 28.23 17.64
N LEU A 292 20.91 28.16 18.53
CA LEU A 292 20.48 29.32 19.31
C LEU A 292 21.41 29.49 20.51
N PRO A 293 21.89 30.70 20.79
CA PRO A 293 22.70 30.91 21.99
C PRO A 293 21.85 30.76 23.24
N VAL A 294 22.31 29.94 24.17
CA VAL A 294 21.57 29.63 25.39
C VAL A 294 22.48 29.71 26.60
N TYR A 295 21.93 29.34 27.76
CA TYR A 295 22.64 29.33 29.04
C TYR A 295 23.62 28.15 29.05
N HIS A 296 24.77 28.36 28.41
CA HIS A 296 25.74 27.29 28.15
C HIS A 296 26.48 26.92 29.42
N LYS A 297 26.16 25.75 29.97
CA LYS A 297 26.88 25.15 31.08
C LYS A 297 27.47 23.83 30.58
N HIS A 298 28.76 23.61 30.83
CA HIS A 298 29.49 22.53 30.17
C HIS A 298 29.99 21.51 31.19
N THR A 299 29.92 20.24 30.82
CA THR A 299 30.35 19.14 31.67
C THR A 299 31.19 18.15 30.85
N PHE A 300 32.25 17.66 31.45
CA PHE A 300 33.13 16.68 30.83
C PHE A 300 32.93 15.33 31.51
N ILE A 301 32.51 14.33 30.73
CA ILE A 301 32.36 12.96 31.21
C ILE A 301 33.60 12.21 30.73
N VAL A 302 34.60 12.09 31.60
CA VAL A 302 35.92 11.60 31.23
C VAL A 302 36.09 10.21 31.82
N LEU A 303 36.08 9.19 30.97
CA LEU A 303 36.34 7.82 31.39
C LEU A 303 37.83 7.52 31.27
N TYR A 304 38.40 6.94 32.33
CA TYR A 304 39.81 6.58 32.37
C TYR A 304 39.92 5.06 32.43
N VAL A 305 40.78 4.49 31.58
CA VAL A 305 40.98 3.05 31.51
C VAL A 305 42.47 2.78 31.68
N ASN A 306 42.84 2.19 32.82
CA ASN A 306 44.21 1.81 33.12
C ASN A 306 44.25 0.36 33.57
N PHE A 307 45.13 -0.43 32.97
CA PHE A 307 45.33 -1.79 33.43
C PHE A 307 46.74 -2.25 33.08
N GLU A 308 47.15 -3.34 33.72
CA GLU A 308 48.51 -3.87 33.59
C GLU A 308 48.47 -5.39 33.66
N HIS A 309 49.42 -6.02 32.98
CA HIS A 309 49.62 -7.47 33.07
C HIS A 309 50.50 -7.78 34.28
N ARG A 310 50.03 -8.69 35.12
CA ARG A 310 50.59 -8.88 36.47
C ARG A 310 52.10 -8.96 36.49
N ARG A 311 52.70 -8.04 37.25
CA ARG A 311 54.12 -8.08 37.60
C ARG A 311 54.41 -9.31 38.44
N GLY A 312 55.19 -10.25 37.90
CA GLY A 312 55.52 -11.46 38.60
C GLY A 312 56.23 -12.48 37.73
N PRO A 313 56.14 -13.75 38.11
CA PRO A 313 56.81 -14.78 37.30
C PRO A 313 56.25 -14.91 35.89
N GLY A 314 54.99 -14.57 35.69
CA GLY A 314 54.38 -14.69 34.38
C GLY A 314 54.50 -13.44 33.53
N LYS A 315 55.48 -13.43 32.61
CA LYS A 315 55.61 -12.36 31.62
C LYS A 315 54.73 -12.67 30.42
N CYS A 316 53.43 -12.84 30.71
CA CYS A 316 52.45 -13.28 29.74
C CYS A 316 51.91 -12.09 28.94
N TYR A 317 51.48 -12.38 27.71
CA TYR A 317 50.70 -11.43 26.92
C TYR A 317 49.33 -11.94 26.53
N ASN A 318 49.25 -13.10 25.87
CA ASN A 318 47.98 -13.50 25.27
C ASN A 318 46.93 -13.86 26.33
N CYS A 319 47.34 -14.17 27.55
CA CYS A 319 46.42 -14.39 28.64
C CYS A 319 45.97 -13.06 29.26
N ARG A 320 44.96 -13.16 30.12
CA ARG A 320 44.26 -11.97 30.61
C ARG A 320 45.15 -11.14 31.53
N PRO A 321 44.99 -9.80 31.52
CA PRO A 321 45.66 -8.96 32.52
C PRO A 321 45.01 -9.09 33.88
N ALA A 322 45.49 -8.34 34.89
CA ALA A 322 45.11 -8.62 36.27
C ALA A 322 44.41 -7.47 36.99
N VAL A 323 44.89 -6.23 36.84
CA VAL A 323 44.40 -5.11 37.63
C VAL A 323 43.70 -4.11 36.71
N ILE A 324 42.51 -3.66 37.13
CA ILE A 324 41.51 -3.07 36.25
C ILE A 324 41.12 -1.65 36.69
N ASN A 325 42.11 -0.81 37.00
CA ASN A 325 41.87 0.53 37.56
C ASN A 325 41.19 1.45 36.53
N ILE A 326 39.87 1.31 36.44
CA ILE A 326 39.02 2.19 35.65
C ILE A 326 38.37 3.20 36.59
N THR A 327 38.44 4.49 36.22
CA THR A 327 37.89 5.56 37.06
C THR A 327 37.02 6.48 36.22
N LEU A 328 35.80 6.74 36.70
CA LEU A 328 34.86 7.66 36.04
C LEU A 328 34.92 9.07 36.62
N ALA A 329 36.11 9.68 36.62
CA ALA A 329 36.30 11.07 37.01
C ALA A 329 35.65 11.44 38.34
N ASN A 330 34.53 12.18 38.27
CA ASN A 330 33.81 12.76 39.41
C ASN A 330 32.97 11.75 40.18
N PHE A 331 33.21 10.45 39.97
CA PHE A 331 32.34 9.38 40.47
C PHE A 331 32.73 9.04 41.92
N ASN A 332 32.14 9.78 42.86
CA ASN A 332 32.36 9.51 44.28
C ASN A 332 31.60 8.29 44.78
N GLU A 333 30.55 7.86 44.08
CA GLU A 333 29.89 6.56 44.24
C GLU A 333 29.00 6.47 45.49
N THR A 334 29.05 7.43 46.39
CA THR A 334 28.14 7.41 47.52
C THR A 334 26.98 8.38 47.34
N LYS A 335 26.89 9.04 46.19
CA LYS A 335 25.85 10.02 45.91
C LYS A 335 25.09 9.71 44.63
N GLY A 336 24.96 8.42 44.29
CA GLY A 336 24.21 8.01 43.14
C GLY A 336 25.00 8.06 41.85
N PRO A 337 24.42 7.55 40.77
CA PRO A 337 25.07 7.66 39.46
C PRO A 337 25.24 9.12 39.05
N LEU A 338 26.31 9.37 38.28
CA LEU A 338 26.63 10.73 37.86
C LEU A 338 25.63 11.23 36.84
N CYS A 339 24.61 11.95 37.31
CA CYS A 339 23.63 12.56 36.43
C CYS A 339 24.09 13.96 36.05
N VAL A 340 24.19 14.23 34.76
CA VAL A 340 24.62 15.53 34.29
C VAL A 340 23.49 16.54 34.47
N ASP A 341 23.82 17.69 35.05
CA ASP A 341 22.84 18.76 35.29
C ASP A 341 23.35 20.08 34.74
N THR A 342 23.90 20.05 33.53
CA THR A 342 24.27 21.25 32.79
C THR A 342 23.69 21.16 31.39
N SER A 343 23.54 22.32 30.76
CA SER A 343 22.85 22.37 29.47
C SER A 343 23.59 21.58 28.40
N HIS A 344 24.92 21.66 28.38
CA HIS A 344 25.75 21.00 27.38
C HIS A 344 26.72 20.06 28.08
N PHE A 345 27.12 19.00 27.37
CA PHE A 345 28.14 18.10 27.91
C PHE A 345 28.84 17.42 26.75
N THR A 346 29.98 16.81 27.06
CA THR A 346 30.76 16.05 26.10
C THR A 346 31.44 14.89 26.81
N THR A 347 31.82 13.87 26.06
CA THR A 347 32.45 12.69 26.59
C THR A 347 33.88 12.57 26.11
N GLN A 348 34.76 12.06 26.98
CA GLN A 348 36.15 11.82 26.65
C GLN A 348 36.49 10.38 27.01
N PHE A 349 37.34 9.76 26.19
CA PHE A 349 37.78 8.38 26.39
C PHE A 349 39.30 8.40 26.45
N VAL A 350 39.84 8.49 27.66
CA VAL A 350 41.28 8.57 27.89
C VAL A 350 41.74 7.24 28.48
N ASP A 351 42.74 6.63 27.87
CA ASP A 351 43.36 5.42 28.38
C ASP A 351 44.82 5.69 28.72
N ASN A 352 45.27 5.14 29.84
CA ASN A 352 46.66 5.19 30.24
C ASN A 352 47.29 3.81 30.18
N VAL A 353 46.94 3.06 29.12
CA VAL A 353 47.44 1.71 28.92
C VAL A 353 48.87 1.83 28.41
N LYS A 354 49.83 1.77 29.32
CA LYS A 354 51.22 1.96 28.95
C LYS A 354 51.79 0.78 28.17
N LEU A 355 51.19 -0.40 28.31
CA LEU A 355 51.71 -1.59 27.66
C LEU A 355 51.54 -1.48 26.15
N ALA A 356 52.65 -1.64 25.43
CA ALA A 356 52.56 -1.73 23.98
C ALA A 356 51.82 -3.01 23.59
N ARG A 357 51.40 -3.06 22.31
CA ARG A 357 50.65 -4.17 21.74
C ARG A 357 49.24 -4.23 22.29
N TRP A 358 48.94 -3.39 23.29
CA TRP A 358 47.66 -3.34 23.96
C TRP A 358 46.92 -2.05 23.61
N SER A 359 45.59 -2.11 23.64
CA SER A 359 44.78 -0.93 23.38
C SER A 359 43.47 -1.04 24.16
N ALA A 360 42.83 0.10 24.36
CA ALA A 360 41.57 0.19 25.07
C ALA A 360 40.46 0.67 24.14
N SER A 361 39.23 0.27 24.44
CA SER A 361 38.10 0.55 23.57
C SER A 361 36.81 0.41 24.37
N ILE A 362 35.72 0.87 23.77
CA ILE A 362 34.38 0.72 24.32
C ILE A 362 33.50 0.12 23.23
N ASN A 363 32.43 -0.55 23.64
CA ASN A 363 31.49 -1.17 22.70
C ASN A 363 30.09 -0.63 22.98
N THR A 364 29.25 -0.63 21.94
CA THR A 364 27.96 0.03 22.02
C THR A 364 27.00 -0.71 22.95
N GLY A 365 27.07 -2.05 22.99
CA GLY A 365 26.10 -2.81 23.75
C GLY A 365 24.71 -2.68 23.16
N ASN A 366 23.71 -2.63 24.03
CA ASN A 366 22.31 -2.50 23.62
C ASN A 366 21.83 -1.04 23.64
N CYS A 367 22.74 -0.10 23.83
CA CYS A 367 22.34 1.30 23.95
C CYS A 367 21.80 1.81 22.60
N PRO A 368 20.80 2.71 22.63
CA PRO A 368 20.34 3.33 21.38
C PRO A 368 21.32 4.39 20.87
N PHE A 369 22.49 4.45 21.49
CA PHE A 369 23.50 5.45 21.17
C PHE A 369 24.86 4.88 21.56
N SER A 370 25.91 5.64 21.27
CA SER A 370 27.27 5.22 21.52
C SER A 370 27.99 6.24 22.39
N PHE A 371 29.00 5.76 23.14
CA PHE A 371 29.74 6.64 24.03
C PHE A 371 30.50 7.71 23.26
N GLY A 372 30.93 7.42 22.04
CA GLY A 372 31.67 8.39 21.25
C GLY A 372 30.79 9.22 20.34
N LYS A 373 29.59 8.75 20.07
CA LYS A 373 28.69 9.42 19.13
C LYS A 373 27.71 10.37 19.80
N VAL A 374 27.69 10.43 21.14
CA VAL A 374 26.79 11.36 21.82
C VAL A 374 27.16 12.81 21.51
N ASN A 375 28.41 13.06 21.14
CA ASN A 375 28.86 14.41 20.87
C ASN A 375 28.29 14.99 19.58
N ASN A 376 27.54 14.20 18.81
CA ASN A 376 26.94 14.66 17.56
C ASN A 376 25.56 15.28 17.79
N PHE A 377 25.49 16.22 18.73
CA PHE A 377 24.28 16.99 19.01
C PHE A 377 23.08 16.09 19.36
N VAL A 378 23.35 14.99 20.04
CA VAL A 378 22.28 14.09 20.48
C VAL A 378 21.57 14.70 21.69
N LYS A 379 20.24 14.64 21.69
CA LYS A 379 19.43 15.26 22.72
C LYS A 379 18.92 14.22 23.71
N PHE A 380 18.92 14.60 25.00
CA PHE A 380 18.35 13.80 26.07
C PHE A 380 17.54 14.71 26.99
N GLY A 381 16.57 14.11 27.69
CA GLY A 381 15.91 14.79 28.79
C GLY A 381 16.63 14.67 30.11
N SER A 382 17.51 13.68 30.23
CA SER A 382 18.36 13.44 31.39
C SER A 382 19.31 12.31 31.04
N VAL A 383 20.47 12.29 31.69
CA VAL A 383 21.47 11.27 31.42
C VAL A 383 22.33 11.08 32.67
N CYS A 384 22.65 9.83 32.97
CA CYS A 384 23.47 9.48 34.12
C CYS A 384 24.41 8.34 33.75
N PHE A 385 25.62 8.37 34.33
CA PHE A 385 26.64 7.36 34.09
C PHE A 385 27.08 6.75 35.42
N SER A 386 27.41 5.46 35.41
CA SER A 386 27.86 4.82 36.64
C SER A 386 28.65 3.56 36.29
N LEU A 387 29.64 3.25 37.14
CA LEU A 387 30.42 2.03 36.95
C LEU A 387 29.60 0.80 37.33
N LYS A 388 28.90 0.85 38.46
CA LYS A 388 27.95 -0.19 38.78
C LYS A 388 26.68 -0.02 37.97
N ASP A 389 25.86 -1.07 37.96
CA ASP A 389 24.64 -1.07 37.18
C ASP A 389 23.69 0.02 37.64
N ILE A 390 23.09 0.71 36.67
CA ILE A 390 21.95 1.59 36.91
C ILE A 390 20.74 0.87 36.32
N PRO A 391 20.10 0.00 37.09
CA PRO A 391 19.14 -0.96 36.51
C PRO A 391 18.02 -0.27 35.75
N GLY A 392 17.65 -0.86 34.61
CA GLY A 392 16.69 -0.28 33.71
C GLY A 392 17.29 0.45 32.53
N GLY A 393 18.60 0.66 32.52
CA GLY A 393 19.29 1.37 31.48
C GLY A 393 19.98 0.46 30.49
N CYS A 394 21.08 0.95 29.92
CA CYS A 394 21.84 0.26 28.88
C CYS A 394 23.30 0.15 29.30
N ALA A 395 23.99 -0.84 28.74
CA ALA A 395 25.36 -1.18 29.13
C ALA A 395 26.30 -1.09 27.94
N MET A 396 27.44 -0.43 28.16
CA MET A 396 28.51 -0.31 27.17
C MET A 396 29.74 -1.05 27.67
N PRO A 397 30.04 -2.26 27.17
CA PRO A 397 31.20 -3.00 27.66
C PRO A 397 32.50 -2.27 27.39
N ILE A 398 33.45 -2.40 28.32
CA ILE A 398 34.79 -1.89 28.16
C ILE A 398 35.66 -3.00 27.59
N MET A 399 36.38 -2.70 26.51
CA MET A 399 37.10 -3.71 25.74
C MET A 399 38.60 -3.44 25.80
N ALA A 400 39.36 -4.49 26.11
CA ALA A 400 40.81 -4.46 26.04
C ALA A 400 41.27 -5.41 24.93
N ASN A 401 42.07 -4.91 24.01
CA ASN A 401 42.43 -5.67 22.81
C ASN A 401 43.94 -5.72 22.62
N LEU A 402 44.43 -6.91 22.28
CA LEU A 402 45.78 -7.11 21.77
C LEU A 402 45.71 -7.21 20.26
N VAL A 403 46.60 -6.51 19.57
CA VAL A 403 46.56 -6.51 18.11
C VAL A 403 46.88 -7.90 17.60
N ASN A 404 46.15 -8.34 16.58
CA ASN A 404 46.19 -9.69 16.02
C ASN A 404 45.81 -10.77 17.03
N SER A 405 45.27 -10.41 18.19
CA SER A 405 45.06 -11.37 19.26
C SER A 405 43.68 -11.19 19.88
N LYS A 406 43.36 -12.08 20.82
CA LYS A 406 42.05 -12.13 21.43
C LYS A 406 41.82 -10.95 22.36
N SER A 407 40.57 -10.49 22.42
CA SER A 407 40.16 -9.41 23.30
C SER A 407 39.53 -9.97 24.57
N HIS A 408 39.71 -9.24 25.67
CA HIS A 408 39.17 -9.65 26.96
C HIS A 408 38.33 -8.53 27.56
N ASN A 409 37.17 -8.90 28.12
CA ASN A 409 36.36 -7.93 28.84
C ASN A 409 37.02 -7.53 30.15
N ILE A 410 37.02 -6.24 30.43
CA ILE A 410 37.57 -5.74 31.69
C ILE A 410 36.59 -4.88 32.48
N GLY A 411 35.53 -4.37 31.87
CA GLY A 411 34.57 -3.58 32.62
C GLY A 411 33.33 -3.31 31.80
N SER A 412 32.52 -2.37 32.29
CA SER A 412 31.31 -1.98 31.61
C SER A 412 30.83 -0.65 32.17
N LEU A 413 30.22 0.15 31.32
CA LEU A 413 29.68 1.46 31.68
C LEU A 413 28.17 1.44 31.50
N TYR A 414 27.43 1.72 32.57
CA TYR A 414 25.98 1.65 32.55
C TYR A 414 25.39 3.05 32.52
N VAL A 415 24.44 3.26 31.59
CA VAL A 415 23.84 4.56 31.33
C VAL A 415 22.33 4.45 31.49
N SER A 416 21.72 5.49 32.07
CA SER A 416 20.28 5.63 32.10
C SER A 416 19.92 7.00 31.54
N TRP A 417 18.76 7.09 30.91
CA TRP A 417 18.39 8.33 30.24
C TRP A 417 16.87 8.41 30.15
N SER A 418 16.40 9.58 29.71
CA SER A 418 15.04 9.76 29.21
C SER A 418 15.14 10.58 27.94
N ASP A 419 14.30 10.28 26.95
CA ASP A 419 14.37 10.98 25.68
C ASP A 419 13.74 12.37 25.80
N GLY A 420 14.55 13.40 25.56
CA GLY A 420 14.07 14.76 25.68
C GLY A 420 14.95 15.71 24.91
N ASP A 421 14.81 17.00 25.23
CA ASP A 421 15.51 18.04 24.49
C ASP A 421 16.22 19.07 25.39
N VAL A 422 16.39 18.78 26.68
CA VAL A 422 16.96 19.80 27.56
C VAL A 422 18.49 19.76 27.53
N ILE A 423 19.08 18.57 27.55
CA ILE A 423 20.53 18.41 27.61
C ILE A 423 21.02 17.81 26.30
N THR A 424 22.14 18.31 25.81
CA THR A 424 22.66 17.91 24.50
C THR A 424 24.15 17.58 24.59
N GLY A 425 24.58 16.68 23.72
CA GLY A 425 26.01 16.41 23.58
C GLY A 425 26.63 17.34 22.54
N VAL A 426 27.85 17.77 22.84
CA VAL A 426 28.50 18.81 22.02
C VAL A 426 29.91 18.36 21.68
N PRO A 427 30.49 18.92 20.62
CA PRO A 427 31.80 18.46 20.13
C PRO A 427 33.00 18.98 20.91
N LYS A 428 32.82 19.39 22.18
CA LYS A 428 33.89 20.05 22.94
C LYS A 428 34.20 21.35 22.19
N PRO A 429 33.36 22.39 22.40
CA PRO A 429 33.66 23.71 21.82
C PRO A 429 35.08 24.16 22.12
N VAL A 430 35.90 24.26 21.09
CA VAL A 430 37.27 24.72 21.21
C VAL A 430 37.25 26.24 21.19
N GLU A 431 37.70 26.84 22.29
CA GLU A 431 37.62 28.29 22.45
C GLU A 431 38.30 29.01 21.30
N GLY A 432 37.56 29.95 20.70
CA GLY A 432 38.03 30.66 19.52
C GLY A 432 37.16 30.40 18.31
N VAL A 433 36.01 29.75 18.52
CA VAL A 433 35.11 29.36 17.44
C VAL A 433 33.74 29.97 17.70
N SER A 434 33.17 30.61 16.67
CA SER A 434 31.81 31.13 16.72
C SER A 434 30.83 30.00 16.40
N SER A 435 30.61 29.15 17.41
CA SER A 435 29.89 27.90 17.21
C SER A 435 28.42 28.10 16.84
N PHE A 436 27.83 29.24 17.18
CA PHE A 436 26.40 29.41 16.97
C PHE A 436 26.03 29.65 15.50
N MET A 437 26.94 30.21 14.71
CA MET A 437 26.63 30.52 13.31
C MET A 437 27.91 30.35 12.50
N ASN A 438 28.10 29.15 11.95
CA ASN A 438 29.32 28.82 11.21
C ASN A 438 28.94 27.80 10.13
N VAL A 439 28.68 28.29 8.92
CA VAL A 439 28.23 27.46 7.82
C VAL A 439 29.00 27.80 6.55
N THR A 440 29.04 26.84 5.63
CA THR A 440 29.59 27.02 4.30
C THR A 440 28.45 27.13 3.28
N LEU A 441 28.73 27.82 2.18
CA LEU A 441 27.71 28.14 1.20
C LEU A 441 28.12 27.64 -0.18
N ASN A 442 27.11 27.24 -0.97
CA ASN A 442 27.22 26.78 -2.35
C ASN A 442 28.00 25.48 -2.49
N LYS A 443 28.44 24.87 -1.39
CA LYS A 443 29.20 23.63 -1.43
C LYS A 443 28.48 22.56 -0.62
N CYS A 444 28.46 21.35 -1.16
CA CYS A 444 27.74 20.25 -0.51
C CYS A 444 28.38 19.93 0.83
N THR A 445 27.56 19.91 1.89
CA THR A 445 28.08 19.83 3.24
C THR A 445 27.13 19.05 4.13
N LYS A 446 27.70 18.48 5.19
CA LYS A 446 26.89 17.92 6.27
C LYS A 446 26.58 19.02 7.28
N TYR A 447 25.33 19.09 7.72
CA TYR A 447 24.87 20.20 8.54
C TYR A 447 24.08 19.71 9.74
N ASN A 448 24.07 20.55 10.78
CA ASN A 448 23.23 20.36 11.96
C ASN A 448 22.64 21.73 12.28
N ILE A 449 21.47 22.02 11.73
CA ILE A 449 20.86 23.34 11.79
C ILE A 449 19.64 23.24 12.71
N TYR A 450 19.72 23.89 13.86
CA TYR A 450 18.66 23.89 14.87
C TYR A 450 18.16 22.47 15.14
N ASP A 451 19.11 21.60 15.47
CA ASP A 451 18.86 20.22 15.87
C ASP A 451 18.20 19.39 14.78
N VAL A 452 18.46 19.72 13.51
CA VAL A 452 18.02 18.92 12.37
C VAL A 452 19.26 18.59 11.55
N SER A 453 19.55 17.30 11.38
CA SER A 453 20.77 16.85 10.75
C SER A 453 20.49 16.30 9.36
N GLY A 454 21.32 16.69 8.41
CA GLY A 454 21.17 16.21 7.05
C GLY A 454 22.36 16.63 6.20
N VAL A 455 22.25 16.37 4.90
CA VAL A 455 23.28 16.72 3.93
C VAL A 455 22.64 17.49 2.80
N GLY A 456 23.24 18.62 2.43
CA GLY A 456 22.70 19.43 1.36
C GLY A 456 23.59 20.61 1.06
N VAL A 457 23.06 21.50 0.22
CA VAL A 457 23.76 22.72 -0.20
C VAL A 457 23.00 23.91 0.35
N ILE A 458 23.71 24.83 1.00
CA ILE A 458 23.12 25.97 1.67
C ILE A 458 23.44 27.22 0.88
N ARG A 459 22.43 28.04 0.61
CA ARG A 459 22.58 29.24 -0.20
C ARG A 459 21.67 30.32 0.35
N ILE A 460 21.86 31.54 -0.15
CA ILE A 460 21.06 32.69 0.26
C ILE A 460 19.83 32.79 -0.64
N SER A 461 18.73 33.27 -0.05
CA SER A 461 17.46 33.40 -0.75
C SER A 461 16.87 34.78 -0.47
N ASN A 462 15.91 35.18 -1.31
CA ASN A 462 15.32 36.50 -1.20
C ASN A 462 13.96 36.48 -0.51
N ASP A 463 13.61 35.38 0.14
CA ASP A 463 12.35 35.30 0.86
C ASP A 463 12.45 36.00 2.21
N THR A 464 11.38 36.70 2.58
CA THR A 464 11.32 37.47 3.82
C THR A 464 10.23 36.94 4.74
N PHE A 465 10.15 35.62 4.89
CA PHE A 465 9.16 35.01 5.76
C PHE A 465 9.31 35.54 7.18
N LEU A 466 8.23 36.10 7.72
CA LEU A 466 8.28 36.73 9.03
C LEU A 466 8.27 35.72 10.17
N ASN A 467 7.56 34.61 9.99
CA ASN A 467 7.33 33.66 11.07
C ASN A 467 8.42 32.60 11.13
N GLY A 468 8.71 32.15 12.35
CA GLY A 468 9.54 30.98 12.58
C GLY A 468 11.01 31.21 12.30
N ILE A 469 11.79 30.14 12.50
CA ILE A 469 13.23 30.16 12.24
C ILE A 469 13.62 28.96 11.39
N THR A 470 12.72 27.97 11.27
CA THR A 470 12.97 26.81 10.43
C THR A 470 11.73 26.50 9.60
N TYR A 471 11.96 25.96 8.41
CA TYR A 471 10.90 25.69 7.45
C TYR A 471 11.09 24.28 6.92
N THR A 472 10.03 23.49 6.92
CA THR A 472 10.12 22.08 6.54
C THR A 472 9.09 21.76 5.48
N SER A 473 9.40 20.74 4.67
CA SER A 473 8.49 20.26 3.66
C SER A 473 7.47 19.32 4.29
N THR A 474 6.61 18.74 3.44
CA THR A 474 5.62 17.79 3.93
C THR A 474 6.29 16.47 4.32
N SER A 475 7.38 16.11 3.65
CA SER A 475 8.14 14.94 4.04
C SER A 475 8.85 15.12 5.38
N GLY A 476 9.04 16.36 5.83
CA GLY A 476 9.74 16.64 7.06
C GLY A 476 11.17 17.13 6.88
N ASN A 477 11.72 17.01 5.68
CA ASN A 477 13.08 17.47 5.44
C ASN A 477 13.16 18.99 5.49
N LEU A 478 14.30 19.50 5.95
CA LEU A 478 14.47 20.93 6.15
C LEU A 478 14.68 21.63 4.81
N LEU A 479 13.83 22.62 4.51
CA LEU A 479 13.92 23.36 3.26
C LEU A 479 14.64 24.71 3.42
N GLY A 480 14.67 25.26 4.63
CA GLY A 480 15.33 26.53 4.83
C GLY A 480 15.32 26.90 6.29
N PHE A 481 16.07 27.95 6.62
CA PHE A 481 16.19 28.40 8.00
C PHE A 481 16.47 29.89 8.01
N LYS A 482 16.19 30.51 9.16
CA LYS A 482 16.39 31.94 9.39
C LYS A 482 17.58 32.14 10.34
N ASP A 483 18.37 33.17 10.06
CA ASP A 483 19.42 33.59 10.98
C ASP A 483 18.90 34.78 11.79
N VAL A 484 18.84 34.57 13.11
CA VAL A 484 18.21 35.58 14.02
C VAL A 484 19.03 36.85 14.10
N THR A 485 20.35 36.73 14.08
CA THR A 485 21.21 37.92 14.27
C THR A 485 21.47 38.57 12.92
N ASN A 486 20.42 39.04 12.24
CA ASN A 486 20.60 39.63 10.90
C ASN A 486 19.32 39.63 10.09
N GLY A 487 18.68 38.46 9.89
CA GLY A 487 17.52 38.60 9.05
C GLY A 487 17.48 37.70 7.85
N THR A 488 18.62 37.17 7.41
CA THR A 488 18.66 36.49 6.12
C THR A 488 18.15 35.06 6.21
N ILE A 489 17.31 34.66 5.25
CA ILE A 489 16.78 33.29 5.19
C ILE A 489 17.57 32.52 4.15
N TYR A 490 18.03 31.33 4.53
CA TYR A 490 18.84 30.48 3.67
C TYR A 490 17.99 29.31 3.20
N SER A 491 18.37 28.77 2.03
CA SER A 491 17.65 27.66 1.41
C SER A 491 18.56 26.44 1.34
N ILE A 492 17.97 25.27 1.50
CA ILE A 492 18.70 24.00 1.50
C ILE A 492 18.21 23.15 0.35
N THR A 493 19.15 22.66 -0.46
CA THR A 493 18.93 21.87 -1.66
C THR A 493 19.68 20.55 -1.53
N PRO A 494 19.07 19.43 -1.93
CA PRO A 494 19.77 18.15 -1.83
C PRO A 494 21.04 18.12 -2.68
N CYS A 495 22.03 17.38 -2.18
CA CYS A 495 23.37 17.41 -2.76
C CYS A 495 23.38 16.86 -4.18
N ASN A 496 22.54 15.87 -4.48
CA ASN A 496 22.55 15.20 -5.78
C ASN A 496 21.13 14.77 -6.14
N PRO A 497 20.40 15.60 -6.88
CA PRO A 497 19.06 15.25 -7.28
C PRO A 497 19.06 14.32 -8.48
N PRO A 498 17.98 13.57 -8.71
CA PRO A 498 17.98 12.60 -9.81
C PRO A 498 18.02 13.27 -11.17
N ASP A 499 18.74 12.62 -12.09
CA ASP A 499 18.71 12.93 -13.51
C ASP A 499 18.00 11.80 -14.25
N GLN A 500 17.76 12.00 -15.54
CA GLN A 500 17.18 10.97 -16.37
C GLN A 500 17.99 10.82 -17.66
N LEU A 501 18.19 9.58 -18.07
CA LEU A 501 18.98 9.24 -19.24
C LEU A 501 18.08 8.59 -20.30
N VAL A 502 18.41 8.82 -21.57
CA VAL A 502 17.65 8.27 -22.68
C VAL A 502 18.45 7.10 -23.25
N VAL A 503 17.90 5.89 -23.12
CA VAL A 503 18.53 4.69 -23.65
C VAL A 503 17.78 4.27 -24.90
N TYR A 504 18.51 4.07 -26.00
CA TYR A 504 17.92 3.66 -27.26
C TYR A 504 18.94 2.88 -28.08
N GLN A 505 18.50 1.75 -28.64
CA GLN A 505 19.38 0.82 -29.36
C GLN A 505 20.58 0.43 -28.52
N GLN A 506 20.32 0.11 -27.25
CA GLN A 506 21.30 -0.41 -26.30
C GLN A 506 22.45 0.56 -26.06
N ALA A 507 22.24 1.85 -26.31
CA ALA A 507 23.21 2.88 -25.99
C ALA A 507 22.48 4.05 -25.34
N VAL A 508 23.27 4.97 -24.77
CA VAL A 508 22.74 6.18 -24.16
C VAL A 508 23.05 7.36 -25.06
N VAL A 509 22.02 8.16 -25.36
CA VAL A 509 22.14 9.22 -26.35
C VAL A 509 21.78 10.59 -25.81
N GLY A 510 21.21 10.69 -24.61
CA GLY A 510 20.81 11.98 -24.09
C GLY A 510 20.57 11.92 -22.60
N ALA A 511 20.41 13.11 -22.02
CA ALA A 511 20.20 13.22 -20.57
C ALA A 511 19.44 14.51 -20.28
N MET A 512 18.33 14.38 -19.55
CA MET A 512 17.65 15.54 -19.02
C MET A 512 18.32 15.96 -17.72
N LEU A 513 18.72 17.23 -17.64
CA LEU A 513 19.47 17.73 -16.51
C LEU A 513 18.75 18.91 -15.88
N SER A 514 18.95 19.09 -14.59
CA SER A 514 18.42 20.21 -13.84
C SER A 514 19.38 21.40 -13.80
N GLU A 515 20.57 21.28 -14.40
CA GLU A 515 21.57 22.33 -14.33
C GLU A 515 22.33 22.40 -15.64
N ASN A 516 23.01 23.54 -15.84
CA ASN A 516 23.62 23.91 -17.12
C ASN A 516 25.08 23.49 -17.23
N PHE A 517 25.32 22.18 -17.15
CA PHE A 517 26.63 21.61 -17.43
C PHE A 517 26.52 20.46 -18.43
N THR A 518 27.66 20.10 -19.01
CA THR A 518 27.74 19.00 -19.98
C THR A 518 28.08 17.71 -19.23
N SER A 519 27.07 17.18 -18.55
CA SER A 519 27.23 15.98 -17.75
C SER A 519 27.20 14.72 -18.62
N TYR A 520 27.73 13.63 -18.07
CA TYR A 520 27.73 12.31 -18.67
C TYR A 520 28.45 12.27 -20.03
N GLY A 521 29.38 13.18 -20.26
CA GLY A 521 30.23 13.12 -21.42
C GLY A 521 29.62 13.63 -22.71
N PHE A 522 28.49 14.34 -22.65
CA PHE A 522 27.88 14.88 -23.86
C PHE A 522 28.46 16.24 -24.19
N SER A 523 28.38 16.60 -25.48
CA SER A 523 29.09 17.77 -25.98
C SER A 523 28.23 19.03 -26.04
N ASN A 524 26.95 18.91 -26.37
CA ASN A 524 26.10 20.06 -26.59
C ASN A 524 24.93 20.03 -25.63
N VAL A 525 24.59 21.19 -25.05
CA VAL A 525 23.48 21.33 -24.12
C VAL A 525 22.61 22.47 -24.57
N VAL A 526 21.29 22.29 -24.48
CA VAL A 526 20.32 23.28 -24.92
C VAL A 526 19.31 23.51 -23.81
N GLU A 527 18.57 24.61 -23.92
CA GLU A 527 17.53 24.95 -22.97
C GLU A 527 16.19 24.44 -23.47
N MET A 528 15.40 23.91 -22.55
CA MET A 528 14.02 23.53 -22.79
C MET A 528 13.18 24.15 -21.68
N PRO A 529 11.87 24.32 -21.90
CA PRO A 529 11.07 25.14 -20.97
C PRO A 529 11.17 24.76 -19.50
N LYS A 530 11.24 23.47 -19.16
CA LYS A 530 11.32 23.07 -17.77
C LYS A 530 12.43 22.08 -17.46
N PHE A 531 13.43 21.95 -18.33
CA PHE A 531 14.65 21.24 -17.99
C PHE A 531 15.73 21.57 -19.00
N PHE A 532 16.98 21.36 -18.61
CA PHE A 532 18.07 21.35 -19.56
C PHE A 532 18.14 19.99 -20.24
N TYR A 533 18.87 19.94 -21.35
CA TYR A 533 19.02 18.68 -22.10
C TYR A 533 20.38 18.67 -22.76
N ALA A 534 21.16 17.62 -22.48
CA ALA A 534 22.51 17.47 -23.03
C ALA A 534 22.57 16.24 -23.90
N SER A 535 23.12 16.39 -25.10
CA SER A 535 23.24 15.27 -26.03
C SER A 535 24.26 15.64 -27.10
N ASN A 536 24.64 14.64 -27.89
CA ASN A 536 25.54 14.82 -29.03
C ASN A 536 24.81 15.19 -30.31
N GLY A 537 23.50 15.37 -30.25
CA GLY A 537 22.72 15.49 -31.47
C GLY A 537 23.08 16.72 -32.28
N THR A 538 22.97 16.59 -33.59
CA THR A 538 23.18 17.69 -34.53
C THR A 538 21.93 18.53 -34.74
N TYR A 539 20.77 18.06 -34.28
CA TYR A 539 19.46 18.69 -34.46
C TYR A 539 19.09 18.91 -35.93
N ASN A 540 19.84 18.27 -36.83
CA ASN A 540 19.56 18.33 -38.27
C ASN A 540 18.73 17.10 -38.66
N CYS A 541 17.57 16.98 -38.01
CA CYS A 541 16.78 15.76 -38.06
C CYS A 541 15.33 16.08 -37.74
N THR A 542 14.42 15.22 -38.21
CA THR A 542 13.01 15.38 -37.91
C THR A 542 12.29 14.08 -37.58
N ASP A 543 13.00 12.98 -37.36
CA ASP A 543 12.39 11.65 -37.22
C ASP A 543 12.62 11.10 -35.81
N ALA A 544 11.66 11.34 -34.93
CA ALA A 544 11.77 10.86 -33.55
C ALA A 544 11.64 9.34 -33.48
N VAL A 545 12.44 8.73 -32.62
CA VAL A 545 12.36 7.31 -32.35
C VAL A 545 11.72 7.01 -31.00
N LEU A 546 11.99 7.85 -30.00
CA LEU A 546 11.36 7.77 -28.70
C LEU A 546 10.57 9.05 -28.45
N THR A 547 9.36 8.90 -27.90
CA THR A 547 8.47 10.03 -27.68
C THR A 547 7.85 9.95 -26.30
N TYR A 548 7.61 11.11 -25.71
CA TYR A 548 6.67 11.25 -24.60
C TYR A 548 6.10 12.66 -24.65
N SER A 549 4.78 12.76 -24.49
CA SER A 549 4.02 14.01 -24.52
C SER A 549 4.40 14.74 -25.82
N SER A 550 4.81 16.01 -25.75
CA SER A 550 5.18 16.76 -26.95
C SER A 550 6.66 16.69 -27.28
N PHE A 551 7.43 15.91 -26.52
CA PHE A 551 8.88 15.86 -26.68
C PHE A 551 9.30 14.52 -27.29
N GLY A 552 10.12 14.59 -28.33
CA GLY A 552 10.67 13.40 -28.94
C GLY A 552 12.16 13.57 -29.17
N VAL A 553 12.82 12.45 -29.44
CA VAL A 553 14.26 12.43 -29.68
C VAL A 553 14.53 11.56 -30.91
N CYS A 554 15.32 12.08 -31.84
CA CYS A 554 15.63 11.32 -33.04
C CYS A 554 16.89 10.48 -32.82
N ALA A 555 17.37 9.86 -33.90
CA ALA A 555 18.37 8.81 -33.79
C ALA A 555 19.66 9.31 -33.15
N ASP A 556 20.14 10.46 -33.57
CA ASP A 556 21.42 10.97 -33.07
C ASP A 556 21.33 11.56 -31.66
N GLY A 557 20.13 11.66 -31.10
CA GLY A 557 19.95 12.17 -29.75
C GLY A 557 19.38 13.56 -29.63
N SER A 558 19.04 14.20 -30.75
CA SER A 558 18.50 15.55 -30.72
C SER A 558 17.06 15.54 -30.23
N ILE A 559 16.75 16.45 -29.31
CA ILE A 559 15.37 16.60 -28.85
C ILE A 559 14.62 17.52 -29.80
N ILE A 560 13.32 17.27 -29.94
CA ILE A 560 12.50 17.97 -30.92
C ILE A 560 11.04 17.89 -30.48
N ALA A 561 10.27 18.90 -30.83
CA ALA A 561 8.83 18.87 -30.60
C ALA A 561 8.15 18.03 -31.67
N VAL A 562 7.03 17.42 -31.31
CA VAL A 562 6.32 16.50 -32.18
C VAL A 562 5.10 17.22 -32.77
N GLN A 563 4.85 16.99 -34.05
CA GLN A 563 3.69 17.46 -34.79
C GLN A 563 2.63 16.36 -34.86
N PRO A 564 1.35 16.71 -34.75
CA PRO A 564 0.30 15.70 -34.93
C PRO A 564 0.31 15.14 -36.34
N ARG A 565 -0.10 13.89 -36.47
CA ARG A 565 -0.09 13.23 -37.76
C ARG A 565 -1.13 13.87 -38.67
N ASN A 566 -0.71 14.27 -39.87
CA ASN A 566 -1.61 14.85 -40.85
C ASN A 566 -2.43 13.74 -41.53
N VAL A 567 -3.75 13.90 -41.53
CA VAL A 567 -4.64 13.02 -42.28
C VAL A 567 -5.62 13.90 -43.06
N SER A 568 -6.56 13.24 -43.74
CA SER A 568 -7.64 13.91 -44.45
C SER A 568 -8.96 13.33 -43.97
N TYR A 569 -9.74 14.14 -43.26
CA TYR A 569 -11.06 13.70 -42.82
C TYR A 569 -12.00 13.52 -44.01
N ASP A 570 -12.90 12.56 -43.88
CA ASP A 570 -13.94 12.35 -44.88
C ASP A 570 -15.04 13.40 -44.72
N SER A 571 -15.83 13.56 -45.77
CA SER A 571 -16.92 14.52 -45.78
C SER A 571 -18.17 13.87 -46.36
N VAL A 572 -19.31 14.14 -45.75
CA VAL A 572 -20.58 13.64 -46.26
C VAL A 572 -20.97 14.48 -47.48
N SER A 573 -21.10 13.82 -48.62
CA SER A 573 -21.39 14.52 -49.86
C SER A 573 -22.78 15.14 -49.81
N ALA A 574 -22.88 16.40 -50.19
CA ALA A 574 -24.11 17.17 -50.04
C ALA A 574 -25.00 17.05 -51.27
N ILE A 575 -26.30 17.27 -51.05
CA ILE A 575 -27.29 17.24 -52.12
C ILE A 575 -27.45 18.69 -52.57
N VAL A 576 -26.72 19.08 -53.61
CA VAL A 576 -26.74 20.45 -54.11
C VAL A 576 -26.33 20.43 -55.57
N THR A 577 -26.89 21.36 -56.34
CA THR A 577 -26.51 21.54 -57.74
C THR A 577 -25.19 22.29 -57.79
N ALA A 578 -24.09 21.55 -57.85
CA ALA A 578 -22.75 22.13 -57.81
C ALA A 578 -21.75 21.06 -58.22
N ASN A 579 -20.48 21.45 -58.22
CA ASN A 579 -19.41 20.57 -58.66
C ASN A 579 -18.92 19.74 -57.48
N LEU A 580 -18.90 18.41 -57.66
CA LEU A 580 -18.54 17.49 -56.59
C LEU A 580 -17.40 16.60 -57.04
N SER A 581 -16.62 16.15 -56.05
CA SER A 581 -15.48 15.27 -56.28
C SER A 581 -15.80 13.88 -55.73
N ILE A 582 -15.59 12.86 -56.55
CA ILE A 582 -15.94 11.48 -56.20
C ILE A 582 -14.72 10.59 -56.40
N PRO A 583 -14.43 9.68 -55.46
CA PRO A 583 -13.26 8.81 -55.63
C PRO A 583 -13.37 7.98 -56.91
N PHE A 584 -12.22 7.82 -57.57
CA PHE A 584 -12.20 7.30 -58.94
C PHE A 584 -11.21 6.15 -59.09
N ASN A 585 -10.12 6.19 -58.35
CA ASN A 585 -8.96 5.35 -58.63
C ASN A 585 -8.47 4.80 -57.30
N TRP A 586 -8.56 3.49 -57.12
CA TRP A 586 -8.46 2.89 -55.80
C TRP A 586 -7.17 2.10 -55.62
N THR A 587 -6.67 2.10 -54.38
CA THR A 587 -5.51 1.31 -53.98
C THR A 587 -5.82 0.57 -52.69
N THR A 588 -5.13 -0.55 -52.49
CA THR A 588 -5.37 -1.43 -51.35
C THR A 588 -4.24 -1.30 -50.34
N SER A 589 -4.59 -1.34 -49.06
CA SER A 589 -3.62 -1.26 -47.97
C SER A 589 -4.02 -2.24 -46.88
N VAL A 590 -3.02 -2.66 -46.10
CA VAL A 590 -3.21 -3.57 -44.98
C VAL A 590 -2.73 -2.89 -43.71
N GLN A 591 -3.58 -2.86 -42.70
CA GLN A 591 -3.29 -2.22 -41.42
C GLN A 591 -3.33 -3.26 -40.31
N VAL A 592 -2.36 -3.19 -39.40
CA VAL A 592 -2.13 -4.23 -38.41
C VAL A 592 -2.60 -3.74 -37.05
N GLU A 593 -3.19 -4.66 -36.27
CA GLU A 593 -3.64 -4.38 -34.92
C GLU A 593 -3.43 -5.64 -34.07
N TYR A 594 -2.96 -5.45 -32.84
CA TYR A 594 -2.70 -6.56 -31.93
C TYR A 594 -3.57 -6.40 -30.69
N LEU A 595 -4.17 -7.50 -30.24
CA LEU A 595 -5.00 -7.51 -29.03
C LEU A 595 -4.66 -8.73 -28.20
N GLN A 596 -4.33 -8.51 -26.94
CA GLN A 596 -4.09 -9.61 -26.01
C GLN A 596 -5.42 -10.24 -25.61
N ILE A 597 -5.50 -11.57 -25.66
CA ILE A 597 -6.71 -12.29 -25.31
C ILE A 597 -6.52 -13.24 -24.14
N THR A 598 -5.30 -13.45 -23.66
CA THR A 598 -5.08 -14.33 -22.53
C THR A 598 -3.83 -13.91 -21.78
N SER A 599 -3.79 -14.29 -20.51
CA SER A 599 -2.63 -14.07 -19.65
C SER A 599 -2.35 -15.36 -18.91
N THR A 600 -1.09 -15.83 -18.98
CA THR A 600 -0.72 -17.11 -18.39
C THR A 600 -1.08 -17.16 -16.91
N PRO A 601 -2.04 -17.98 -16.53
CA PRO A 601 -2.51 -17.99 -15.14
C PRO A 601 -1.54 -18.71 -14.22
N ILE A 602 -1.46 -18.21 -12.99
CA ILE A 602 -0.55 -18.71 -11.98
C ILE A 602 -1.33 -18.95 -10.70
N VAL A 603 -1.18 -20.13 -10.11
CA VAL A 603 -1.80 -20.47 -8.84
C VAL A 603 -0.70 -20.81 -7.85
N VAL A 604 -0.87 -20.35 -6.61
CA VAL A 604 0.11 -20.58 -5.55
C VAL A 604 -0.60 -21.27 -4.39
N ASP A 605 0.13 -22.11 -3.68
CA ASP A 605 -0.39 -22.76 -2.47
C ASP A 605 -0.01 -21.89 -1.28
N CYS A 606 -1.02 -21.38 -0.56
CA CYS A 606 -0.78 -20.45 0.52
C CYS A 606 0.03 -21.06 1.66
N SER A 607 0.07 -22.40 1.77
CA SER A 607 0.77 -23.04 2.87
C SER A 607 2.26 -23.21 2.57
N THR A 608 2.59 -23.75 1.40
CA THR A 608 3.99 -24.01 1.07
C THR A 608 4.78 -22.72 0.94
N TYR A 609 4.19 -21.69 0.33
CA TYR A 609 4.91 -20.43 0.15
C TYR A 609 5.28 -19.79 1.49
N VAL A 610 4.37 -19.83 2.45
CA VAL A 610 4.60 -19.12 3.71
C VAL A 610 5.45 -19.95 4.66
N CYS A 611 5.05 -21.18 4.93
CA CYS A 611 5.69 -21.99 5.97
C CYS A 611 6.84 -22.86 5.45
N ASN A 612 7.04 -22.91 4.13
CA ASN A 612 8.10 -23.72 3.52
C ASN A 612 7.98 -25.19 3.97
N GLY A 613 6.75 -25.66 4.15
CA GLY A 613 6.52 -27.03 4.52
C GLY A 613 6.80 -27.38 5.96
N ASN A 614 7.11 -26.40 6.81
CA ASN A 614 7.36 -26.69 8.21
C ASN A 614 6.07 -27.13 8.89
N VAL A 615 6.16 -28.20 9.69
CA VAL A 615 4.96 -28.84 10.22
C VAL A 615 4.25 -27.93 11.21
N ARG A 616 4.98 -27.35 12.15
CA ARG A 616 4.33 -26.63 13.24
C ARG A 616 3.96 -25.21 12.84
N CYS A 617 4.60 -24.67 11.80
CA CYS A 617 4.19 -23.37 11.25
C CYS A 617 2.77 -23.41 10.72
N VAL A 618 2.32 -24.58 10.24
CA VAL A 618 0.97 -24.71 9.69
C VAL A 618 -0.07 -24.42 10.77
N GLU A 619 0.19 -24.83 12.01
CA GLU A 619 -0.76 -24.63 13.10
C GLU A 619 -0.69 -23.24 13.70
N LEU A 620 0.12 -22.34 13.14
CA LEU A 620 -0.02 -20.90 13.39
C LEU A 620 -0.71 -20.19 12.23
N LEU A 621 -0.47 -20.64 11.00
CA LEU A 621 -1.13 -20.03 9.84
C LEU A 621 -2.62 -20.33 9.82
N LYS A 622 -3.05 -21.47 10.39
CA LYS A 622 -4.45 -21.81 10.39
C LYS A 622 -5.30 -20.86 11.24
N GLN A 623 -4.67 -20.14 12.17
CA GLN A 623 -5.38 -19.10 12.90
C GLN A 623 -5.66 -17.88 12.04
N TYR A 624 -4.91 -17.70 10.95
CA TYR A 624 -5.24 -16.72 9.92
C TYR A 624 -6.32 -17.33 9.02
N THR A 625 -7.52 -17.42 9.58
CA THR A 625 -8.57 -18.25 8.99
C THR A 625 -8.96 -17.79 7.60
N SER A 626 -9.14 -16.48 7.42
CA SER A 626 -9.61 -15.95 6.15
C SER A 626 -8.48 -15.50 5.23
N ALA A 627 -7.23 -15.65 5.64
CA ALA A 627 -6.11 -15.14 4.84
C ALA A 627 -5.88 -15.98 3.60
N CYS A 628 -5.67 -17.28 3.78
CA CYS A 628 -5.31 -18.13 2.64
C CYS A 628 -6.47 -18.30 1.66
N LYS A 629 -7.70 -18.40 2.17
CA LYS A 629 -8.83 -18.60 1.27
C LYS A 629 -9.04 -17.40 0.37
N THR A 630 -8.83 -16.18 0.89
CA THR A 630 -8.96 -15.00 0.06
C THR A 630 -7.89 -14.98 -1.04
N ILE A 631 -6.65 -15.34 -0.70
CA ILE A 631 -5.57 -15.30 -1.67
C ILE A 631 -5.76 -16.39 -2.72
N GLU A 632 -6.19 -17.58 -2.29
CA GLU A 632 -6.15 -18.75 -3.16
C GLU A 632 -7.44 -18.92 -3.97
N ASP A 633 -8.56 -18.40 -3.48
CA ASP A 633 -9.76 -18.37 -4.31
C ASP A 633 -9.70 -17.27 -5.35
N ALA A 634 -9.07 -16.14 -5.03
CA ALA A 634 -8.97 -15.04 -5.98
C ALA A 634 -8.15 -15.44 -7.21
N LEU A 635 -7.17 -16.31 -7.04
CA LEU A 635 -6.36 -16.79 -8.16
C LEU A 635 -7.02 -17.94 -8.90
N ARG A 636 -7.69 -18.84 -8.15
CA ARG A 636 -8.31 -20.01 -8.77
C ARG A 636 -9.47 -19.60 -9.67
N ASN A 637 -10.36 -18.74 -9.18
CA ASN A 637 -11.56 -18.38 -9.93
C ASN A 637 -11.21 -17.57 -11.17
N SER A 638 -10.21 -16.70 -11.08
CA SER A 638 -9.80 -15.93 -12.24
C SER A 638 -9.28 -16.82 -13.36
N ALA A 639 -8.50 -17.84 -13.00
CA ALA A 639 -7.95 -18.75 -14.01
C ALA A 639 -9.05 -19.53 -14.72
N MET A 640 -10.03 -20.03 -13.97
CA MET A 640 -11.07 -20.86 -14.58
C MET A 640 -12.00 -20.03 -15.47
N LEU A 641 -12.29 -18.79 -15.07
CA LEU A 641 -13.18 -17.96 -15.87
C LEU A 641 -12.53 -17.55 -17.19
N GLU A 642 -11.22 -17.29 -17.18
CA GLU A 642 -10.52 -17.02 -18.43
C GLU A 642 -10.47 -18.27 -19.30
N SER A 643 -10.18 -19.43 -18.70
CA SER A 643 -10.12 -20.67 -19.46
C SER A 643 -11.49 -21.09 -19.99
N ALA A 644 -12.57 -20.66 -19.35
CA ALA A 644 -13.90 -21.03 -19.82
C ALA A 644 -14.37 -20.12 -20.95
N ASP A 645 -14.10 -18.82 -20.85
CA ASP A 645 -14.55 -17.88 -21.87
C ASP A 645 -13.63 -17.78 -23.07
N VAL A 646 -12.41 -18.34 -22.99
CA VAL A 646 -11.57 -18.45 -24.17
C VAL A 646 -11.96 -19.69 -24.98
N SER A 647 -12.36 -20.76 -24.29
CA SER A 647 -12.82 -21.96 -24.99
C SER A 647 -14.10 -21.69 -25.76
N GLU A 648 -14.98 -20.84 -25.23
CA GLU A 648 -16.22 -20.51 -25.92
C GLU A 648 -15.97 -19.64 -27.14
N MET A 649 -14.90 -18.85 -27.12
CA MET A 649 -14.54 -18.05 -28.29
C MET A 649 -14.06 -18.93 -29.44
N LEU A 650 -13.31 -19.99 -29.14
CA LEU A 650 -12.64 -20.79 -30.16
C LEU A 650 -13.64 -21.72 -30.82
N THR A 651 -14.05 -21.39 -32.03
CA THR A 651 -14.93 -22.24 -32.83
C THR A 651 -14.16 -22.87 -33.98
N PHE A 652 -14.79 -23.83 -34.64
CA PHE A 652 -14.12 -24.57 -35.70
C PHE A 652 -15.15 -24.98 -36.76
N ASP A 653 -14.72 -24.96 -38.01
CA ASP A 653 -15.56 -25.38 -39.14
C ASP A 653 -14.61 -26.08 -40.11
N LYS A 654 -14.73 -27.40 -40.21
CA LYS A 654 -13.81 -28.17 -41.04
C LYS A 654 -14.00 -27.87 -42.53
N LYS A 655 -15.24 -27.56 -42.93
CA LYS A 655 -15.49 -27.19 -44.32
C LYS A 655 -14.74 -25.94 -44.70
N ALA A 656 -14.75 -24.93 -43.82
CA ALA A 656 -14.04 -23.69 -44.11
C ALA A 656 -12.53 -23.87 -43.99
N PHE A 657 -12.09 -24.74 -43.09
CA PHE A 657 -10.66 -24.97 -42.90
C PHE A 657 -10.02 -25.59 -44.12
N THR A 658 -10.77 -26.39 -44.88
CA THR A 658 -10.22 -27.04 -46.07
C THR A 658 -9.77 -26.02 -47.10
N LEU A 659 -10.42 -24.86 -47.16
CA LEU A 659 -10.14 -23.85 -48.15
C LEU A 659 -8.94 -22.97 -47.80
N ALA A 660 -8.07 -23.42 -46.90
CA ALA A 660 -6.89 -22.67 -46.52
C ALA A 660 -5.73 -22.82 -47.49
N ASN A 661 -5.99 -23.32 -48.70
CA ASN A 661 -4.97 -23.49 -49.72
C ASN A 661 -4.56 -22.16 -50.33
N VAL A 662 -3.37 -22.17 -50.93
CA VAL A 662 -2.95 -21.04 -51.76
C VAL A 662 -3.81 -20.93 -53.01
N SER A 663 -4.39 -22.04 -53.45
CA SER A 663 -5.16 -22.04 -54.69
C SER A 663 -6.48 -21.30 -54.55
N SER A 664 -7.00 -21.20 -53.33
CA SER A 664 -8.32 -20.61 -53.12
C SER A 664 -8.35 -19.10 -53.27
N PHE A 665 -7.20 -18.44 -53.39
CA PHE A 665 -7.15 -16.99 -53.35
C PHE A 665 -6.64 -16.33 -54.62
N GLY A 666 -6.24 -17.10 -55.63
CA GLY A 666 -5.88 -16.51 -56.91
C GLY A 666 -4.67 -15.59 -56.81
N ASP A 667 -4.82 -14.37 -57.31
CA ASP A 667 -3.72 -13.42 -57.35
C ASP A 667 -3.27 -12.97 -55.96
N TYR A 668 -4.12 -13.12 -54.95
CA TYR A 668 -3.80 -12.68 -53.59
C TYR A 668 -2.88 -13.72 -52.95
N ASN A 669 -1.70 -13.27 -52.54
CA ASN A 669 -0.53 -14.12 -52.26
C ASN A 669 -0.51 -14.39 -50.76
N LEU A 670 -1.50 -15.15 -50.29
CA LEU A 670 -1.77 -15.36 -48.86
C LEU A 670 -0.94 -16.48 -48.24
N SER A 671 0.20 -16.86 -48.82
CA SER A 671 0.97 -17.96 -48.24
C SER A 671 1.53 -17.60 -46.88
N SER A 672 1.65 -16.30 -46.57
CA SER A 672 2.27 -15.87 -45.33
C SER A 672 1.38 -16.00 -44.12
N VAL A 673 0.10 -16.34 -44.28
CA VAL A 673 -0.82 -16.39 -43.16
C VAL A 673 -1.50 -17.74 -42.99
N ILE A 674 -1.57 -18.59 -44.01
CA ILE A 674 -2.28 -19.85 -43.91
C ILE A 674 -1.43 -20.87 -43.17
N PRO A 675 -2.03 -21.80 -42.42
CA PRO A 675 -1.25 -22.71 -41.58
C PRO A 675 -0.35 -23.64 -42.40
N SER A 676 0.75 -24.06 -41.79
CA SER A 676 1.66 -25.00 -42.41
C SER A 676 1.16 -26.43 -42.21
N LEU A 677 1.55 -27.30 -43.13
CA LEU A 677 1.18 -28.70 -43.05
C LEU A 677 1.92 -29.35 -41.88
N PRO A 678 1.27 -30.23 -41.11
CA PRO A 678 1.95 -30.84 -39.96
C PRO A 678 3.18 -31.64 -40.35
N ARG A 679 4.18 -31.60 -39.47
CA ARG A 679 5.45 -32.29 -39.72
C ARG A 679 5.31 -33.81 -39.64
N SER A 680 4.58 -34.32 -38.64
CA SER A 680 4.60 -35.75 -38.36
C SER A 680 3.20 -36.36 -38.36
N GLY A 681 2.22 -35.69 -38.97
CA GLY A 681 0.89 -36.26 -38.95
C GLY A 681 0.31 -36.24 -37.55
N SER A 682 -0.60 -37.17 -37.30
CA SER A 682 -1.33 -37.33 -36.03
C SER A 682 -2.01 -36.05 -35.58
N ARG A 683 -2.17 -35.08 -36.48
CA ARG A 683 -2.78 -33.79 -36.20
C ARG A 683 -3.08 -33.13 -37.54
N VAL A 684 -3.57 -31.90 -37.49
CA VAL A 684 -4.20 -31.29 -38.65
C VAL A 684 -3.57 -29.97 -39.08
N ALA A 685 -2.81 -29.29 -38.23
CA ALA A 685 -2.39 -27.94 -38.58
C ALA A 685 -1.05 -27.61 -37.93
N GLY A 686 -0.64 -26.36 -38.06
CA GLY A 686 0.61 -25.86 -37.53
C GLY A 686 0.68 -24.37 -37.70
N ARG A 687 1.78 -23.78 -37.24
CA ARG A 687 1.96 -22.34 -37.29
C ARG A 687 2.33 -21.88 -38.70
N SER A 688 1.92 -20.66 -39.04
CA SER A 688 2.18 -20.10 -40.35
C SER A 688 3.46 -19.26 -40.35
N ALA A 689 3.81 -18.74 -41.53
CA ALA A 689 5.06 -18.03 -41.73
C ALA A 689 5.11 -16.69 -41.00
N ILE A 690 3.97 -16.17 -40.54
CA ILE A 690 3.95 -14.96 -39.74
C ILE A 690 3.84 -15.27 -38.25
N GLU A 691 3.11 -16.34 -37.90
CA GLU A 691 2.93 -16.67 -36.49
C GLU A 691 4.24 -17.10 -35.84
N ASP A 692 5.08 -17.86 -36.57
CA ASP A 692 6.35 -18.29 -36.00
C ASP A 692 7.36 -17.14 -35.91
N ILE A 693 7.28 -16.16 -36.80
CA ILE A 693 8.11 -14.96 -36.65
C ILE A 693 7.70 -14.20 -35.40
N LEU A 694 6.40 -13.97 -35.22
CA LEU A 694 5.93 -13.33 -34.01
C LEU A 694 6.07 -14.20 -32.77
N PHE A 695 6.70 -15.37 -32.87
CA PHE A 695 6.97 -16.19 -31.69
C PHE A 695 8.45 -16.43 -31.49
N SER A 696 9.32 -15.91 -32.35
CA SER A 696 10.77 -16.05 -32.17
C SER A 696 11.48 -14.70 -32.30
N LYS A 697 10.87 -13.79 -33.05
CA LYS A 697 11.40 -12.42 -33.13
C LYS A 697 11.42 -11.77 -31.76
N LEU A 698 10.50 -12.14 -30.89
CA LEU A 698 10.45 -11.64 -29.52
C LEU A 698 11.36 -12.48 -28.63
N VAL A 699 11.68 -11.92 -27.46
CA VAL A 699 12.65 -12.53 -26.56
C VAL A 699 12.16 -13.91 -26.14
N THR A 700 13.07 -14.89 -26.17
CA THR A 700 12.79 -16.24 -25.72
C THR A 700 12.90 -16.26 -24.19
N SER A 701 11.83 -15.81 -23.53
CA SER A 701 11.82 -15.67 -22.07
C SER A 701 11.48 -17.01 -21.42
N GLY A 702 12.44 -17.92 -21.48
CA GLY A 702 12.32 -19.20 -20.80
C GLY A 702 12.61 -19.16 -19.32
N LEU A 703 13.13 -18.05 -18.82
CA LEU A 703 13.44 -17.89 -17.40
C LEU A 703 12.36 -17.12 -16.64
N GLY A 704 11.21 -16.92 -17.27
CA GLY A 704 10.10 -16.24 -16.61
C GLY A 704 8.93 -17.15 -16.38
N THR A 705 7.86 -16.97 -17.14
CA THR A 705 6.67 -17.81 -17.04
C THR A 705 6.84 -19.03 -17.94
N VAL A 706 6.84 -20.21 -17.34
CA VAL A 706 6.95 -21.46 -18.07
C VAL A 706 6.23 -22.54 -17.27
N ASP A 707 5.32 -23.25 -17.92
CA ASP A 707 4.57 -24.32 -17.26
C ASP A 707 5.50 -25.51 -17.03
N ALA A 708 5.84 -25.77 -15.77
CA ALA A 708 6.86 -26.73 -15.41
C ALA A 708 6.40 -28.16 -15.70
N ASP A 709 7.38 -29.04 -15.87
CA ASP A 709 7.12 -30.48 -15.97
C ASP A 709 7.22 -31.01 -14.54
N TYR A 710 6.07 -31.10 -13.88
CA TYR A 710 6.05 -31.45 -12.46
C TYR A 710 6.58 -32.86 -12.22
N LYS A 711 6.37 -33.76 -13.17
CA LYS A 711 6.85 -35.13 -13.03
C LYS A 711 8.36 -35.23 -13.16
N LYS A 712 8.99 -34.24 -13.79
CA LYS A 712 10.45 -34.20 -13.86
C LYS A 712 11.05 -33.74 -12.54
N CYS A 713 10.36 -32.83 -11.84
CA CYS A 713 10.95 -32.15 -10.69
C CYS A 713 11.15 -33.10 -9.51
N THR A 714 10.12 -33.86 -9.14
CA THR A 714 10.18 -34.60 -7.88
C THR A 714 11.09 -35.81 -7.96
N LYS A 715 11.34 -36.36 -9.15
CA LYS A 715 12.33 -37.44 -9.25
C LYS A 715 13.74 -36.90 -9.10
N GLY A 716 14.01 -35.71 -9.65
CA GLY A 716 15.22 -34.98 -9.38
C GLY A 716 16.52 -35.73 -9.66
N LEU A 717 16.58 -36.42 -10.79
CA LEU A 717 17.83 -37.08 -11.18
C LEU A 717 18.94 -36.07 -11.42
N SER A 718 18.59 -34.81 -11.65
CA SER A 718 19.52 -33.70 -11.74
C SER A 718 19.02 -32.57 -10.86
N ILE A 719 19.93 -31.66 -10.51
CA ILE A 719 19.57 -30.54 -9.64
C ILE A 719 18.42 -29.77 -10.26
N ALA A 720 17.49 -29.34 -9.41
CA ALA A 720 16.22 -28.77 -9.87
C ALA A 720 16.43 -27.54 -10.72
N ASP A 721 15.59 -27.40 -11.75
CA ASP A 721 15.62 -26.27 -12.65
C ASP A 721 14.90 -25.09 -11.99
N LEU A 722 14.89 -23.94 -12.68
CA LEU A 722 14.16 -22.79 -12.18
C LEU A 722 12.66 -23.07 -12.08
N ALA A 723 12.11 -23.77 -13.08
CA ALA A 723 10.69 -24.09 -13.04
C ALA A 723 10.36 -25.04 -11.89
N CYS A 724 11.29 -25.94 -11.56
CA CYS A 724 11.07 -26.86 -10.45
C CYS A 724 11.27 -26.17 -9.10
N ALA A 725 12.20 -25.22 -9.01
CA ALA A 725 12.43 -24.52 -7.76
C ALA A 725 11.22 -23.70 -7.34
N GLN A 726 10.52 -23.11 -8.32
CA GLN A 726 9.28 -22.41 -8.02
C GLN A 726 8.21 -23.37 -7.54
N TYR A 727 8.19 -24.59 -8.08
CA TYR A 727 7.20 -25.58 -7.67
C TYR A 727 7.41 -26.02 -6.22
N TYR A 728 8.67 -26.07 -5.78
CA TYR A 728 8.96 -26.38 -4.38
C TYR A 728 8.49 -25.29 -3.43
N ASN A 729 8.19 -24.09 -3.94
CA ASN A 729 7.72 -22.98 -3.12
C ASN A 729 6.22 -22.73 -3.29
N GLY A 730 5.51 -23.71 -3.86
CA GLY A 730 4.08 -23.60 -4.03
C GLY A 730 3.60 -22.88 -5.27
N ILE A 731 4.52 -22.33 -6.07
CA ILE A 731 4.14 -21.59 -7.27
C ILE A 731 4.00 -22.58 -8.41
N MET A 732 2.81 -22.64 -9.00
CA MET A 732 2.50 -23.58 -10.07
C MET A 732 2.07 -22.79 -11.30
N VAL A 733 2.79 -22.94 -12.40
CA VAL A 733 2.46 -22.31 -13.67
C VAL A 733 1.72 -23.33 -14.52
N LEU A 734 0.45 -23.06 -14.78
CA LEU A 734 -0.36 -23.98 -15.55
C LEU A 734 -0.12 -23.80 -17.05
N PRO A 735 -0.34 -24.85 -17.84
CA PRO A 735 -0.18 -24.71 -19.29
C PRO A 735 -1.16 -23.70 -19.87
N GLY A 736 -0.71 -23.00 -20.90
CA GLY A 736 -1.51 -21.93 -21.46
C GLY A 736 -2.79 -22.43 -22.11
N VAL A 737 -3.81 -21.59 -22.08
CA VAL A 737 -5.08 -21.94 -22.69
C VAL A 737 -5.03 -21.75 -24.21
N ALA A 738 -4.16 -20.87 -24.70
CA ALA A 738 -3.99 -20.64 -26.13
C ALA A 738 -3.12 -21.76 -26.72
N ASP A 739 -3.73 -22.94 -26.81
CA ASP A 739 -3.04 -24.11 -27.32
C ASP A 739 -2.67 -23.85 -28.78
N ALA A 740 -1.42 -24.13 -29.13
CA ALA A 740 -0.93 -23.80 -30.47
C ALA A 740 -1.71 -24.52 -31.56
N GLU A 741 -2.15 -25.74 -31.31
CA GLU A 741 -2.92 -26.47 -32.32
C GLU A 741 -4.33 -25.93 -32.45
N ARG A 742 -4.99 -25.61 -31.33
CA ARG A 742 -6.35 -25.06 -31.43
C ARG A 742 -6.35 -23.68 -32.06
N MET A 743 -5.26 -22.93 -31.90
CA MET A 743 -5.16 -21.63 -32.55
C MET A 743 -5.00 -21.78 -34.05
N ALA A 744 -4.19 -22.74 -34.50
CA ALA A 744 -4.04 -22.99 -35.92
C ALA A 744 -5.34 -23.51 -36.53
N MET A 745 -6.07 -24.36 -35.77
CA MET A 745 -7.38 -24.82 -36.21
C MET A 745 -8.38 -23.66 -36.25
N TYR A 746 -8.28 -22.73 -35.30
CA TYR A 746 -9.23 -21.63 -35.23
C TYR A 746 -8.96 -20.58 -36.30
N THR A 747 -7.71 -20.13 -36.42
CA THR A 747 -7.38 -19.12 -37.41
C THR A 747 -7.50 -19.65 -38.83
N GLY A 748 -7.16 -20.92 -39.03
CA GLY A 748 -7.28 -21.51 -40.35
C GLY A 748 -8.70 -21.53 -40.87
N SER A 749 -9.65 -21.82 -39.98
CA SER A 749 -11.06 -21.81 -40.37
C SER A 749 -11.52 -20.41 -40.75
N LEU A 750 -11.06 -19.40 -40.02
CA LEU A 750 -11.48 -18.03 -40.31
C LEU A 750 -10.90 -17.53 -41.62
N ILE A 751 -9.63 -17.85 -41.91
CA ILE A 751 -9.01 -17.43 -43.16
C ILE A 751 -9.69 -18.13 -44.34
N GLY A 752 -9.97 -19.43 -44.21
CA GLY A 752 -10.61 -20.16 -45.28
C GLY A 752 -12.05 -19.80 -45.50
N GLY A 753 -12.72 -19.24 -44.49
CA GLY A 753 -14.11 -18.85 -44.64
C GLY A 753 -14.33 -17.67 -45.58
N ILE A 754 -13.29 -16.88 -45.82
CA ILE A 754 -13.41 -15.75 -46.74
C ILE A 754 -13.66 -16.25 -48.16
N ALA A 755 -13.17 -17.44 -48.50
CA ALA A 755 -13.35 -17.99 -49.83
C ALA A 755 -14.72 -18.60 -50.05
N LEU A 756 -15.57 -18.68 -49.02
CA LEU A 756 -16.90 -19.21 -49.17
C LEU A 756 -17.77 -18.26 -50.00
N GLY A 757 -18.75 -18.83 -50.70
CA GLY A 757 -19.61 -18.04 -51.54
C GLY A 757 -21.07 -18.43 -51.50
N GLY A 758 -21.40 -19.45 -50.70
CA GLY A 758 -22.79 -19.86 -50.56
C GLY A 758 -23.38 -20.60 -51.73
N LEU A 759 -22.54 -21.28 -52.53
CA LEU A 759 -23.05 -21.98 -53.70
C LEU A 759 -23.44 -23.41 -53.36
N THR A 760 -24.18 -24.02 -54.27
CA THR A 760 -24.50 -25.44 -54.18
C THR A 760 -23.21 -26.25 -54.36
N SER A 761 -23.18 -27.43 -53.73
CA SER A 761 -22.04 -28.35 -53.65
C SER A 761 -20.91 -27.79 -52.79
N ALA A 762 -21.08 -26.61 -52.20
CA ALA A 762 -20.17 -26.07 -51.19
C ALA A 762 -18.76 -25.87 -51.73
N ALA A 763 -18.63 -25.60 -53.02
CA ALA A 763 -17.32 -25.37 -53.60
C ALA A 763 -16.95 -23.89 -53.53
N SER A 764 -15.65 -23.62 -53.60
CA SER A 764 -15.14 -22.25 -53.51
C SER A 764 -15.27 -21.54 -54.85
N ILE A 765 -15.62 -20.26 -54.79
CA ILE A 765 -15.66 -19.40 -55.96
C ILE A 765 -14.26 -18.88 -56.27
N PRO A 766 -13.96 -18.50 -57.51
CA PRO A 766 -12.73 -17.76 -57.76
C PRO A 766 -12.68 -16.49 -56.92
N PHE A 767 -11.49 -16.18 -56.41
CA PHE A 767 -11.37 -15.09 -55.44
C PHE A 767 -11.64 -13.72 -56.04
N SER A 768 -11.65 -13.61 -57.37
CA SER A 768 -12.01 -12.33 -57.99
C SER A 768 -13.44 -11.95 -57.66
N LEU A 769 -14.36 -12.91 -57.72
CA LEU A 769 -15.75 -12.64 -57.41
C LEU A 769 -15.99 -12.47 -55.92
N ALA A 770 -15.17 -13.10 -55.07
CA ALA A 770 -15.29 -12.88 -53.64
C ALA A 770 -14.97 -11.44 -53.27
N ILE A 771 -13.94 -10.86 -53.91
CA ILE A 771 -13.63 -9.45 -53.69
C ILE A 771 -14.71 -8.56 -54.28
N GLN A 772 -15.21 -8.91 -55.46
CA GLN A 772 -16.23 -8.10 -56.12
C GLN A 772 -17.51 -8.07 -55.31
N SER A 773 -17.89 -9.20 -54.71
CA SER A 773 -19.09 -9.24 -53.88
C SER A 773 -18.96 -8.31 -52.69
N ARG A 774 -17.78 -8.28 -52.07
CA ARG A 774 -17.56 -7.40 -50.93
C ARG A 774 -17.44 -5.94 -51.36
N LEU A 775 -17.09 -5.69 -52.61
CA LEU A 775 -17.11 -4.33 -53.13
C LEU A 775 -18.52 -3.87 -53.45
N ASN A 776 -19.42 -4.78 -53.84
CA ASN A 776 -20.80 -4.42 -54.08
C ASN A 776 -21.50 -4.01 -52.79
N TYR A 777 -21.11 -4.61 -51.66
CA TYR A 777 -21.71 -4.29 -50.38
C TYR A 777 -21.41 -2.86 -49.96
N VAL A 778 -20.39 -2.22 -50.55
CA VAL A 778 -20.14 -0.81 -50.30
C VAL A 778 -20.98 0.05 -51.24
N ALA A 779 -20.91 -0.22 -52.54
CA ALA A 779 -21.70 0.47 -53.54
C ALA A 779 -21.92 -0.46 -54.71
N LEU A 780 -23.10 -0.37 -55.32
CA LEU A 780 -23.46 -1.27 -56.40
C LEU A 780 -22.50 -1.09 -57.59
N GLN A 781 -21.87 -2.18 -57.99
CA GLN A 781 -20.83 -2.12 -59.02
C GLN A 781 -21.46 -2.14 -60.42
N THR A 782 -21.05 -1.20 -61.26
CA THR A 782 -21.51 -1.14 -62.63
C THR A 782 -20.41 -1.45 -63.64
N ASP A 783 -19.15 -1.51 -63.22
CA ASP A 783 -18.06 -1.90 -64.11
C ASP A 783 -18.18 -3.39 -64.37
N VAL A 784 -18.71 -3.76 -65.53
CA VAL A 784 -18.98 -5.16 -65.83
C VAL A 784 -17.78 -5.88 -66.41
N LEU A 785 -16.79 -5.15 -66.93
CA LEU A 785 -15.56 -5.80 -67.41
C LEU A 785 -14.63 -6.15 -66.26
N GLN A 786 -14.66 -5.39 -65.17
CA GLN A 786 -13.91 -5.69 -63.94
C GLN A 786 -12.41 -5.74 -64.21
N GLU A 787 -11.86 -4.60 -64.62
CA GLU A 787 -10.41 -4.47 -64.79
C GLU A 787 -9.76 -3.78 -63.60
N ASN A 788 -10.55 -3.15 -62.72
CA ASN A 788 -9.99 -2.51 -61.52
C ASN A 788 -9.44 -3.52 -60.53
N GLN A 789 -9.69 -4.82 -60.73
CA GLN A 789 -9.20 -5.83 -59.81
C GLN A 789 -7.68 -5.92 -59.80
N ARG A 790 -7.04 -5.70 -60.94
CA ARG A 790 -5.61 -5.99 -61.06
C ARG A 790 -4.78 -5.11 -60.13
N ILE A 791 -5.12 -3.82 -60.03
CA ILE A 791 -4.38 -2.93 -59.13
C ILE A 791 -4.64 -3.31 -57.67
N LEU A 792 -5.88 -3.73 -57.37
CA LEU A 792 -6.20 -4.13 -55.99
C LEU A 792 -5.40 -5.36 -55.57
N ALA A 793 -5.23 -6.32 -56.47
CA ALA A 793 -4.46 -7.51 -56.16
C ALA A 793 -2.97 -7.21 -56.06
N ALA A 794 -2.44 -6.42 -56.99
CA ALA A 794 -1.01 -6.11 -56.97
C ALA A 794 -0.64 -5.29 -55.74
N SER A 795 -1.48 -4.32 -55.37
CA SER A 795 -1.19 -3.48 -54.20
C SER A 795 -1.26 -4.31 -52.92
N PHE A 796 -2.18 -5.25 -52.85
CA PHE A 796 -2.25 -6.12 -51.67
C PHE A 796 -1.00 -6.96 -51.53
N ASN A 797 -0.49 -7.47 -52.65
CA ASN A 797 0.76 -8.24 -52.61
C ASN A 797 1.93 -7.35 -52.21
N LYS A 798 1.92 -6.10 -52.67
CA LYS A 798 2.96 -5.14 -52.29
C LYS A 798 2.97 -4.96 -50.77
N ALA A 799 1.80 -4.66 -50.19
CA ALA A 799 1.73 -4.41 -48.76
C ALA A 799 2.00 -5.66 -47.94
N MET A 800 1.49 -6.81 -48.39
CA MET A 800 1.62 -8.04 -47.62
C MET A 800 3.07 -8.48 -47.46
N THR A 801 3.95 -8.07 -48.38
CA THR A 801 5.36 -8.40 -48.25
C THR A 801 6.06 -7.47 -47.27
N ASN A 802 5.74 -6.17 -47.31
CA ASN A 802 6.35 -5.22 -46.38
C ASN A 802 5.97 -5.52 -44.94
N ILE A 803 4.82 -6.16 -44.73
CA ILE A 803 4.42 -6.53 -43.37
C ILE A 803 5.38 -7.56 -42.79
N VAL A 804 5.77 -8.55 -43.59
CA VAL A 804 6.70 -9.57 -43.13
C VAL A 804 8.08 -8.96 -42.86
N ASP A 805 8.55 -8.09 -43.76
CA ASP A 805 9.84 -7.45 -43.55
C ASP A 805 9.84 -6.58 -42.30
N ALA A 806 8.70 -5.94 -42.00
CA ALA A 806 8.63 -5.09 -40.82
C ALA A 806 8.54 -5.91 -39.54
N PHE A 807 7.89 -7.08 -39.60
CA PHE A 807 7.87 -7.97 -38.43
C PHE A 807 9.28 -8.43 -38.08
N THR A 808 10.05 -8.86 -39.08
CA THR A 808 11.42 -9.28 -38.82
C THR A 808 12.31 -8.12 -38.42
N GLY A 809 12.02 -6.92 -38.93
CA GLY A 809 12.79 -5.74 -38.59
C GLY A 809 14.08 -5.57 -39.35
N VAL A 810 14.29 -6.35 -40.42
CA VAL A 810 15.52 -6.22 -41.22
C VAL A 810 15.50 -5.01 -42.12
N ASN A 811 14.34 -4.36 -42.29
CA ASN A 811 14.20 -3.13 -43.07
C ASN A 811 14.16 -1.91 -42.14
N ASP A 812 14.96 -1.96 -41.07
CA ASP A 812 14.79 -1.07 -39.93
C ASP A 812 14.86 0.42 -40.31
N ALA A 813 15.76 0.77 -41.23
CA ALA A 813 15.93 2.18 -41.57
C ALA A 813 14.76 2.75 -42.34
N ILE A 814 13.84 1.91 -42.82
CA ILE A 814 12.71 2.34 -43.62
C ILE A 814 11.37 1.95 -43.00
N THR A 815 11.38 1.32 -41.82
CA THR A 815 10.13 0.91 -41.18
C THR A 815 9.23 2.09 -40.85
N GLN A 816 9.80 3.29 -40.71
CA GLN A 816 9.04 4.48 -40.37
C GLN A 816 8.51 5.23 -41.59
N THR A 817 8.66 4.67 -42.79
CA THR A 817 8.37 5.40 -44.01
C THR A 817 6.89 5.67 -44.23
N SER A 818 5.99 4.96 -43.54
CA SER A 818 4.58 5.14 -43.80
C SER A 818 3.77 4.73 -42.58
N GLN A 819 2.50 5.16 -42.57
CA GLN A 819 1.59 4.81 -41.48
C GLN A 819 1.29 3.32 -41.47
N ALA A 820 1.24 2.68 -42.64
CA ALA A 820 0.94 1.26 -42.70
C ALA A 820 1.99 0.44 -41.97
N LEU A 821 3.27 0.80 -42.13
CA LEU A 821 4.33 0.15 -41.39
C LEU A 821 4.43 0.67 -39.96
N GLN A 822 3.87 1.84 -39.66
CA GLN A 822 3.85 2.33 -38.29
C GLN A 822 2.95 1.47 -37.41
N THR A 823 1.86 0.93 -37.96
CA THR A 823 1.02 0.04 -37.18
C THR A 823 1.75 -1.26 -36.86
N VAL A 824 2.65 -1.69 -37.73
CA VAL A 824 3.48 -2.86 -37.43
C VAL A 824 4.40 -2.58 -36.25
N ALA A 825 5.02 -1.40 -36.25
CA ALA A 825 5.87 -1.02 -35.12
C ALA A 825 5.07 -0.95 -33.83
N THR A 826 3.87 -0.38 -33.89
CA THR A 826 3.02 -0.32 -32.70
C THR A 826 2.66 -1.72 -32.22
N ALA A 827 2.35 -2.63 -33.15
CA ALA A 827 2.06 -4.01 -32.78
C ALA A 827 3.27 -4.65 -32.11
N LEU A 828 4.46 -4.44 -32.68
CA LEU A 828 5.68 -4.99 -32.08
C LEU A 828 5.94 -4.38 -30.70
N ASN A 829 5.44 -3.18 -30.46
CA ASN A 829 5.64 -2.56 -29.14
C ASN A 829 4.80 -3.21 -28.06
N LYS A 830 3.58 -3.66 -28.38
CA LYS A 830 2.80 -4.41 -27.40
C LYS A 830 3.26 -5.85 -27.27
N ILE A 831 3.59 -6.51 -28.38
CA ILE A 831 4.06 -7.89 -28.31
C ILE A 831 5.39 -7.95 -27.57
N GLN A 832 6.20 -6.90 -27.67
CA GLN A 832 7.40 -6.79 -26.84
C GLN A 832 7.02 -6.77 -25.36
N ASP A 833 6.02 -5.97 -25.00
CA ASP A 833 5.70 -5.77 -23.59
C ASP A 833 5.12 -7.02 -22.96
N VAL A 834 4.20 -7.69 -23.65
CA VAL A 834 3.55 -8.87 -23.07
C VAL A 834 4.56 -10.00 -22.86
N VAL A 835 5.65 -9.99 -23.60
CA VAL A 835 6.68 -11.02 -23.46
C VAL A 835 7.67 -10.66 -22.35
N ASN A 836 8.01 -9.38 -22.20
CA ASN A 836 9.03 -8.96 -21.26
C ASN A 836 8.48 -8.62 -19.88
N GLN A 837 7.17 -8.56 -19.70
CA GLN A 837 6.59 -8.11 -18.43
C GLN A 837 5.90 -9.21 -17.64
N GLN A 838 5.35 -10.22 -18.33
CA GLN A 838 4.53 -11.22 -17.64
C GLN A 838 5.34 -12.09 -16.67
N GLY A 839 6.66 -12.07 -16.75
CA GLY A 839 7.50 -12.86 -15.88
C GLY A 839 7.98 -12.17 -14.63
N ASN A 840 7.71 -10.87 -14.49
CA ASN A 840 8.21 -10.12 -13.34
C ASN A 840 7.51 -10.53 -12.04
N SER A 841 6.26 -11.00 -12.13
CA SER A 841 5.51 -11.30 -10.92
C SER A 841 6.05 -12.53 -10.21
N LEU A 842 6.61 -13.49 -10.94
CA LEU A 842 7.11 -14.71 -10.31
C LEU A 842 8.43 -14.47 -9.59
N ASN A 843 9.40 -13.86 -10.27
CA ASN A 843 10.69 -13.65 -9.63
C ASN A 843 10.60 -12.65 -8.49
N HIS A 844 9.71 -11.65 -8.60
CA HIS A 844 9.49 -10.73 -7.48
C HIS A 844 8.94 -11.47 -6.26
N LEU A 845 8.00 -12.38 -6.49
CA LEU A 845 7.40 -13.10 -5.37
C LEU A 845 8.42 -14.03 -4.71
N THR A 846 9.25 -14.70 -5.51
CA THR A 846 10.24 -15.62 -4.94
C THR A 846 11.36 -14.88 -4.23
N SER A 847 11.70 -13.67 -4.68
CA SER A 847 12.78 -12.92 -4.04
C SER A 847 12.38 -12.48 -2.64
N GLN A 848 11.09 -12.34 -2.37
CA GLN A 848 10.64 -11.88 -1.06
C GLN A 848 10.75 -12.97 0.00
N LEU A 849 10.98 -14.23 -0.39
CA LEU A 849 11.22 -15.28 0.59
C LEU A 849 12.58 -15.11 1.27
N ARG A 850 13.51 -14.39 0.65
CA ARG A 850 14.81 -14.14 1.25
C ARG A 850 14.73 -13.21 2.45
N GLN A 851 13.67 -12.43 2.56
CA GLN A 851 13.62 -11.37 3.57
C GLN A 851 13.45 -11.94 4.98
N ASN A 852 13.99 -11.20 5.95
CA ASN A 852 13.93 -11.61 7.35
C ASN A 852 12.70 -11.06 8.07
N PHE A 853 12.20 -9.90 7.64
CA PHE A 853 11.04 -9.26 8.27
C PHE A 853 11.27 -9.07 9.78
N GLN A 854 12.46 -8.58 10.12
CA GLN A 854 12.87 -8.32 11.50
C GLN A 854 12.89 -9.59 12.34
N ALA A 855 13.15 -10.73 11.73
CA ALA A 855 13.37 -11.98 12.45
C ALA A 855 14.86 -12.31 12.45
N ILE A 856 15.21 -13.42 13.09
CA ILE A 856 16.61 -13.85 13.12
C ILE A 856 17.07 -14.27 11.73
N SER A 857 16.27 -15.08 11.04
CA SER A 857 16.64 -15.58 9.72
C SER A 857 15.38 -15.83 8.92
N SER A 858 15.54 -15.88 7.59
CA SER A 858 14.42 -16.15 6.70
C SER A 858 13.97 -17.60 6.77
N SER A 859 14.85 -18.52 7.19
CA SER A 859 14.52 -19.93 7.26
C SER A 859 13.80 -20.23 8.57
N ILE A 860 12.65 -20.90 8.48
CA ILE A 860 11.89 -21.24 9.68
C ILE A 860 12.62 -22.28 10.51
N GLN A 861 13.23 -23.28 9.86
CA GLN A 861 13.96 -24.30 10.59
C GLN A 861 15.19 -23.72 11.29
N ALA A 862 15.66 -22.54 10.87
CA ALA A 862 16.68 -21.82 11.62
C ALA A 862 16.11 -21.04 12.79
N ILE A 863 14.86 -20.58 12.70
CA ILE A 863 14.23 -19.92 13.83
C ILE A 863 14.05 -20.90 14.98
N TYR A 864 13.49 -22.07 14.70
CA TYR A 864 13.56 -23.18 15.63
C TYR A 864 14.98 -23.75 15.62
N ASP A 865 15.24 -24.64 16.58
CA ASP A 865 16.55 -25.23 16.83
C ASP A 865 17.58 -24.18 17.25
N ARG A 866 17.17 -22.92 17.40
CA ARG A 866 18.03 -21.86 17.91
C ARG A 866 17.36 -21.22 19.11
N LEU A 867 16.03 -21.25 19.14
CA LEU A 867 15.23 -20.55 20.13
C LEU A 867 14.30 -21.52 20.83
N ASP A 868 13.86 -21.14 22.02
CA ASP A 868 12.84 -21.91 22.72
C ASP A 868 11.51 -21.78 21.99
N PRO A 869 10.63 -22.78 22.10
CA PRO A 869 9.39 -22.79 21.30
C PRO A 869 8.55 -21.54 21.49
N PRO A 870 8.21 -21.13 22.73
CA PRO A 870 7.34 -19.95 22.85
C PRO A 870 7.97 -18.67 22.30
N GLN A 871 9.29 -18.51 22.41
CA GLN A 871 9.93 -17.34 21.82
C GLN A 871 9.97 -17.42 20.31
N ALA A 872 10.34 -18.60 19.78
CA ALA A 872 10.43 -18.76 18.33
C ALA A 872 9.08 -18.63 17.65
N ASP A 873 8.00 -18.94 18.38
CA ASP A 873 6.66 -18.76 17.80
C ASP A 873 6.41 -17.31 17.47
N GLN A 874 6.83 -16.39 18.34
CA GLN A 874 6.69 -14.97 18.06
C GLN A 874 7.56 -14.56 16.87
N GLN A 875 8.73 -15.19 16.70
CA GLN A 875 9.60 -14.84 15.58
C GLN A 875 9.04 -15.36 14.26
N VAL A 876 8.44 -16.55 14.27
CA VAL A 876 7.88 -17.12 13.04
C VAL A 876 6.73 -16.27 12.55
N ASP A 877 5.95 -15.70 13.46
CA ASP A 877 4.80 -14.87 13.08
C ASP A 877 5.23 -13.66 12.25
N ARG A 878 6.46 -13.18 12.45
CA ARG A 878 6.95 -12.05 11.66
C ARG A 878 7.08 -12.42 10.18
N LEU A 879 7.50 -13.66 9.91
CA LEU A 879 7.60 -14.10 8.52
C LEU A 879 6.22 -14.31 7.90
N ILE A 880 5.24 -14.74 8.70
CA ILE A 880 3.91 -15.02 8.17
C ILE A 880 3.26 -13.75 7.64
N THR A 881 3.29 -12.67 8.42
CA THR A 881 2.67 -11.43 7.99
C THR A 881 3.39 -10.84 6.79
N GLY A 882 4.72 -10.90 6.77
CA GLY A 882 5.48 -10.37 5.66
C GLY A 882 5.25 -11.12 4.35
N ARG A 883 4.99 -12.42 4.44
CA ARG A 883 4.79 -13.23 3.24
C ARG A 883 3.33 -13.28 2.79
N LEU A 884 2.38 -13.15 3.72
CA LEU A 884 0.99 -12.98 3.31
C LEU A 884 0.77 -11.63 2.65
N ALA A 885 1.48 -10.60 3.11
CA ALA A 885 1.43 -9.31 2.43
C ALA A 885 2.06 -9.38 1.05
N ALA A 886 3.11 -10.18 0.91
CA ALA A 886 3.72 -10.38 -0.41
C ALA A 886 2.76 -11.06 -1.37
N LEU A 887 1.97 -12.02 -0.86
CA LEU A 887 0.98 -12.68 -1.71
C LEU A 887 -0.17 -11.73 -2.03
N ASN A 888 -0.56 -10.88 -1.08
CA ASN A 888 -1.65 -9.93 -1.35
C ASN A 888 -1.25 -8.93 -2.42
N VAL A 889 0.03 -8.52 -2.44
CA VAL A 889 0.50 -7.65 -3.50
C VAL A 889 0.52 -8.40 -4.83
N PHE A 890 0.90 -9.67 -4.81
CA PHE A 890 0.91 -10.47 -6.04
C PHE A 890 -0.49 -10.64 -6.60
N VAL A 891 -1.47 -10.90 -5.72
CA VAL A 891 -2.85 -11.05 -6.17
C VAL A 891 -3.36 -9.74 -6.77
N SER A 892 -2.93 -8.61 -6.21
CA SER A 892 -3.31 -7.32 -6.76
C SER A 892 -2.80 -7.15 -8.18
N HIS A 893 -1.59 -7.65 -8.46
CA HIS A 893 -1.06 -7.60 -9.82
C HIS A 893 -1.90 -8.43 -10.78
N THR A 894 -2.30 -9.63 -10.36
CA THR A 894 -2.99 -10.54 -11.25
C THR A 894 -4.39 -10.05 -11.59
N LEU A 895 -5.15 -9.62 -10.57
CA LEU A 895 -6.52 -9.18 -10.82
C LEU A 895 -6.55 -7.94 -11.72
N THR A 896 -5.58 -7.05 -11.55
CA THR A 896 -5.52 -5.87 -12.42
C THR A 896 -5.25 -6.28 -13.87
N LYS A 897 -4.36 -7.23 -14.08
CA LYS A 897 -4.07 -7.69 -15.45
C LYS A 897 -5.25 -8.44 -16.04
N TYR A 898 -5.96 -9.23 -15.22
CA TYR A 898 -7.15 -9.90 -15.71
C TYR A 898 -8.23 -8.90 -16.12
N THR A 899 -8.26 -7.73 -15.48
CA THR A 899 -9.22 -6.71 -15.89
C THR A 899 -8.93 -6.24 -17.30
N GLU A 900 -7.65 -5.97 -17.61
CA GLU A 900 -7.27 -5.55 -18.95
C GLU A 900 -7.53 -6.63 -20.00
N VAL A 901 -7.04 -7.84 -19.76
CA VAL A 901 -7.15 -8.89 -20.77
C VAL A 901 -8.61 -9.22 -21.03
N ARG A 902 -9.44 -9.15 -20.00
CA ARG A 902 -10.88 -9.36 -20.18
C ARG A 902 -11.49 -8.30 -21.07
N ALA A 903 -11.08 -7.04 -20.90
CA ALA A 903 -11.61 -5.96 -21.73
C ALA A 903 -11.11 -6.06 -23.15
N SER A 904 -9.85 -6.44 -23.34
CA SER A 904 -9.30 -6.58 -24.68
C SER A 904 -9.82 -7.81 -25.39
N ARG A 905 -10.18 -8.86 -24.64
CA ARG A 905 -10.70 -10.07 -25.26
C ARG A 905 -12.08 -9.84 -25.85
N GLN A 906 -12.91 -9.02 -25.19
CA GLN A 906 -14.22 -8.68 -25.74
C GLN A 906 -14.08 -7.95 -27.07
N LEU A 907 -13.11 -7.03 -27.16
CA LEU A 907 -12.87 -6.32 -28.40
C LEU A 907 -12.41 -7.25 -29.51
N ALA A 908 -11.62 -8.28 -29.15
CA ALA A 908 -11.18 -9.25 -30.14
C ALA A 908 -12.35 -10.08 -30.65
N GLN A 909 -13.26 -10.47 -29.76
CA GLN A 909 -14.45 -11.21 -30.19
C GLN A 909 -15.33 -10.37 -31.10
N GLN A 910 -15.47 -9.07 -30.79
CA GLN A 910 -16.23 -8.19 -31.66
C GLN A 910 -15.59 -8.08 -33.04
N LYS A 911 -14.26 -8.00 -33.10
CA LYS A 911 -13.59 -7.82 -34.38
C LYS A 911 -13.56 -9.12 -35.18
N VAL A 912 -13.64 -10.27 -34.51
CA VAL A 912 -13.79 -11.53 -35.24
C VAL A 912 -15.18 -11.61 -35.86
N ASN A 913 -16.21 -11.17 -35.12
CA ASN A 913 -17.58 -11.24 -35.60
C ASN A 913 -17.89 -10.16 -36.64
N GLU A 914 -17.29 -8.98 -36.52
CA GLU A 914 -17.67 -7.83 -37.34
C GLU A 914 -16.63 -7.43 -38.38
N CYS A 915 -15.38 -7.86 -38.25
CA CYS A 915 -14.37 -7.56 -39.26
C CYS A 915 -13.90 -8.78 -40.02
N VAL A 916 -13.80 -9.94 -39.37
CA VAL A 916 -13.30 -11.14 -40.03
C VAL A 916 -14.42 -11.91 -40.72
N LYS A 917 -15.47 -12.29 -39.98
CA LYS A 917 -16.59 -13.01 -40.58
C LYS A 917 -17.44 -12.07 -41.44
N SER A 918 -17.75 -10.88 -40.92
CA SER A 918 -18.62 -9.94 -41.61
C SER A 918 -17.80 -8.83 -42.25
N GLN A 919 -18.51 -7.91 -42.89
CA GLN A 919 -17.93 -6.70 -43.46
C GLN A 919 -18.57 -5.49 -42.79
N SER A 920 -17.75 -4.60 -42.27
CA SER A 920 -18.21 -3.53 -41.40
C SER A 920 -18.29 -2.20 -42.13
N LYS A 921 -19.24 -1.37 -41.70
CA LYS A 921 -19.34 0.02 -42.14
C LYS A 921 -19.18 0.99 -40.98
N ARG A 922 -18.97 0.50 -39.77
CA ARG A 922 -18.63 1.37 -38.65
C ARG A 922 -17.27 2.03 -38.93
N TYR A 923 -17.20 3.34 -38.74
CA TYR A 923 -16.00 4.07 -39.12
C TYR A 923 -14.87 3.79 -38.15
N GLY A 924 -13.73 3.37 -38.69
CA GLY A 924 -12.53 3.19 -37.91
C GLY A 924 -12.49 1.96 -37.03
N PHE A 925 -13.57 1.18 -36.97
CA PHE A 925 -13.56 0.00 -36.12
C PHE A 925 -12.65 -1.09 -36.69
N CYS A 926 -12.76 -1.35 -37.99
CA CYS A 926 -11.89 -2.33 -38.64
C CYS A 926 -10.80 -1.66 -39.47
N GLY A 927 -10.35 -0.49 -39.05
CA GLY A 927 -9.23 0.18 -39.68
C GLY A 927 -9.64 1.48 -40.36
N ASN A 928 -8.71 2.42 -40.39
CA ASN A 928 -8.88 3.67 -41.13
C ASN A 928 -8.96 3.39 -42.63
N GLY A 929 -10.14 3.64 -43.20
CA GLY A 929 -10.41 3.38 -44.60
C GLY A 929 -11.66 2.55 -44.79
N THR A 930 -11.98 2.29 -46.06
CA THR A 930 -13.15 1.51 -46.41
C THR A 930 -12.82 0.02 -46.28
N HIS A 931 -13.58 -0.68 -45.45
CA HIS A 931 -13.26 -2.06 -45.09
C HIS A 931 -13.70 -3.03 -46.19
N ILE A 932 -12.87 -4.05 -46.43
CA ILE A 932 -13.19 -5.08 -47.41
C ILE A 932 -13.20 -6.45 -46.74
N PHE A 933 -12.06 -6.87 -46.20
CA PHE A 933 -11.97 -8.12 -45.46
C PHE A 933 -10.80 -8.03 -44.49
N SER A 934 -10.78 -8.97 -43.55
CA SER A 934 -9.75 -9.01 -42.51
C SER A 934 -9.25 -10.43 -42.32
N LEU A 935 -8.02 -10.54 -41.83
CA LEU A 935 -7.38 -11.81 -41.53
C LEU A 935 -6.88 -11.79 -40.08
N VAL A 936 -6.76 -12.98 -39.50
CA VAL A 936 -6.32 -13.10 -38.11
C VAL A 936 -5.32 -14.23 -37.99
N ASN A 937 -4.26 -13.99 -37.23
CA ASN A 937 -3.22 -14.97 -36.93
C ASN A 937 -2.93 -14.96 -35.44
N ALA A 938 -2.37 -16.07 -34.96
CA ALA A 938 -2.02 -16.20 -33.55
C ALA A 938 -0.77 -15.38 -33.23
N ALA A 939 -0.72 -14.88 -32.01
CA ALA A 939 0.37 -14.07 -31.50
C ALA A 939 0.59 -14.45 -30.04
N PRO A 940 1.75 -14.09 -29.46
CA PRO A 940 1.98 -14.40 -28.05
C PRO A 940 0.88 -13.90 -27.14
N GLU A 941 0.13 -14.83 -26.55
CA GLU A 941 -0.94 -14.52 -25.61
C GLU A 941 -2.01 -13.62 -26.22
N GLY A 942 -2.20 -13.70 -27.53
CA GLY A 942 -3.19 -12.84 -28.17
C GLY A 942 -3.33 -13.14 -29.64
N LEU A 943 -4.06 -12.25 -30.31
CA LEU A 943 -4.31 -12.34 -31.74
C LEU A 943 -3.75 -11.12 -32.45
N VAL A 944 -3.49 -11.27 -33.74
CA VAL A 944 -3.07 -10.17 -34.60
C VAL A 944 -4.02 -10.13 -35.80
N PHE A 945 -4.48 -8.93 -36.14
CA PHE A 945 -5.44 -8.73 -37.22
C PHE A 945 -4.77 -7.97 -38.36
N LEU A 946 -5.10 -8.37 -39.59
CA LEU A 946 -4.62 -7.73 -40.81
C LEU A 946 -5.83 -7.18 -41.55
N HIS A 947 -6.18 -5.94 -41.25
CA HIS A 947 -7.35 -5.30 -41.85
C HIS A 947 -7.00 -4.83 -43.25
N THR A 948 -7.67 -5.39 -44.26
CA THR A 948 -7.49 -4.97 -45.64
C THR A 948 -8.53 -3.90 -45.96
N VAL A 949 -8.07 -2.68 -46.21
CA VAL A 949 -8.96 -1.56 -46.45
C VAL A 949 -8.54 -0.84 -47.74
N LEU A 950 -9.48 -0.09 -48.29
CA LEU A 950 -9.26 0.70 -49.50
C LEU A 950 -9.05 2.16 -49.13
N LEU A 951 -8.08 2.79 -49.79
CA LEU A 951 -7.84 4.22 -49.64
C LEU A 951 -7.85 4.87 -51.01
N PRO A 952 -8.61 5.95 -51.19
CA PRO A 952 -8.72 6.56 -52.51
C PRO A 952 -7.45 7.26 -52.93
N THR A 953 -7.17 7.24 -54.24
CA THR A 953 -5.99 7.87 -54.82
C THR A 953 -6.33 9.07 -55.67
N GLN A 954 -7.30 8.96 -56.57
CA GLN A 954 -7.70 10.05 -57.44
C GLN A 954 -9.18 10.36 -57.26
N TYR A 955 -9.56 11.56 -57.68
CA TYR A 955 -10.95 12.00 -57.64
C TYR A 955 -11.35 12.53 -59.02
N LYS A 956 -12.66 12.51 -59.27
CA LYS A 956 -13.23 13.05 -60.50
C LYS A 956 -14.19 14.18 -60.18
N ASP A 957 -14.16 15.23 -60.99
CA ASP A 957 -15.05 16.36 -60.83
C ASP A 957 -16.25 16.20 -61.75
N VAL A 958 -17.45 16.31 -61.18
CA VAL A 958 -18.69 16.08 -61.91
C VAL A 958 -19.67 17.21 -61.61
N GLU A 959 -20.39 17.65 -62.63
CA GLU A 959 -21.39 18.71 -62.51
C GLU A 959 -22.70 18.07 -62.03
N ALA A 960 -22.86 18.00 -60.71
CA ALA A 960 -24.04 17.38 -60.13
C ALA A 960 -25.21 18.34 -60.07
N TRP A 961 -26.42 17.76 -60.13
CA TRP A 961 -27.65 18.53 -60.06
C TRP A 961 -28.55 17.95 -58.98
N SER A 962 -29.22 18.83 -58.24
CA SER A 962 -29.96 18.40 -57.06
C SER A 962 -31.17 17.55 -57.42
N GLY A 963 -31.82 17.84 -58.54
CA GLY A 963 -33.03 17.09 -58.89
C GLY A 963 -33.52 17.48 -60.26
N LEU A 964 -34.77 17.10 -60.54
CA LEU A 964 -35.40 17.29 -61.83
C LEU A 964 -36.73 18.01 -61.66
N CYS A 965 -37.05 18.88 -62.62
CA CYS A 965 -38.34 19.53 -62.68
C CYS A 965 -38.84 19.47 -64.12
N VAL A 966 -40.04 18.90 -64.30
CA VAL A 966 -40.62 18.66 -65.62
C VAL A 966 -41.88 19.50 -65.75
N ASP A 967 -41.95 20.28 -66.83
CA ASP A 967 -43.02 21.25 -67.10
C ASP A 967 -43.13 22.30 -66.01
N GLY A 968 -42.18 22.37 -65.08
CA GLY A 968 -42.21 23.34 -64.01
C GLY A 968 -43.17 23.05 -62.90
N ILE A 969 -43.82 21.88 -62.90
CA ILE A 969 -44.87 21.60 -61.92
C ILE A 969 -44.64 20.25 -61.25
N ASN A 970 -43.75 19.43 -61.79
CA ASN A 970 -43.49 18.10 -61.27
C ASN A 970 -42.01 17.98 -60.91
N GLY A 971 -41.73 17.61 -59.67
CA GLY A 971 -40.37 17.53 -59.16
C GLY A 971 -39.97 16.08 -58.88
N TYR A 972 -38.70 15.76 -59.17
CA TYR A 972 -38.14 14.45 -58.93
C TYR A 972 -36.82 14.58 -58.18
N VAL A 973 -36.61 13.70 -57.20
CA VAL A 973 -35.33 13.55 -56.53
C VAL A 973 -34.87 12.10 -56.73
N LEU A 974 -33.64 11.82 -56.34
CA LEU A 974 -33.12 10.48 -56.49
C LEU A 974 -33.62 9.56 -55.38
N ARG A 975 -33.82 8.29 -55.71
CA ARG A 975 -34.41 7.33 -54.79
C ARG A 975 -33.51 7.03 -53.60
N GLN A 976 -32.19 7.16 -53.77
CA GLN A 976 -31.24 6.96 -52.69
C GLN A 976 -30.49 8.25 -52.42
N PRO A 977 -30.35 8.66 -51.15
CA PRO A 977 -29.57 9.86 -50.86
C PRO A 977 -28.09 9.73 -51.18
N ASN A 978 -27.59 8.50 -51.36
CA ASN A 978 -26.19 8.28 -51.66
C ASN A 978 -25.90 8.29 -53.16
N LEU A 979 -26.90 8.61 -53.98
CA LEU A 979 -26.73 8.74 -55.42
C LEU A 979 -26.69 10.22 -55.82
N ALA A 980 -26.12 10.47 -57.01
CA ALA A 980 -25.98 11.82 -57.52
C ALA A 980 -26.18 11.83 -59.01
N LEU A 981 -26.94 12.79 -59.52
CA LEU A 981 -27.17 12.95 -60.95
C LEU A 981 -26.22 14.02 -61.48
N TYR A 982 -25.52 13.70 -62.57
CA TYR A 982 -24.47 14.58 -63.07
C TYR A 982 -24.46 14.57 -64.59
N LYS A 983 -24.04 15.68 -65.17
CA LYS A 983 -23.93 15.82 -66.61
C LYS A 983 -22.54 15.41 -67.09
N GLU A 984 -22.50 14.65 -68.18
CA GLU A 984 -21.25 14.23 -68.82
C GLU A 984 -21.37 14.60 -70.29
N GLY A 985 -20.93 15.81 -70.64
CA GLY A 985 -21.02 16.26 -72.02
C GLY A 985 -22.42 16.65 -72.44
N ASN A 986 -23.03 15.85 -73.31
CA ASN A 986 -24.34 16.14 -73.86
C ASN A 986 -25.42 15.22 -73.28
N TYR A 987 -25.12 14.49 -72.21
CA TYR A 987 -26.05 13.53 -71.64
C TYR A 987 -25.88 13.49 -70.14
N TYR A 988 -26.86 12.89 -69.46
CA TYR A 988 -26.87 12.76 -68.01
C TYR A 988 -26.59 11.32 -67.60
N ARG A 989 -25.87 11.19 -66.49
CA ARG A 989 -25.57 9.90 -65.88
C ARG A 989 -25.83 9.99 -64.38
N ILE A 990 -25.91 8.83 -63.74
CA ILE A 990 -26.13 8.73 -62.30
C ILE A 990 -24.99 7.94 -61.69
N THR A 991 -24.42 8.44 -60.60
CA THR A 991 -23.28 7.81 -59.97
C THR A 991 -23.48 7.78 -58.46
N SER A 992 -22.79 6.85 -57.81
CA SER A 992 -22.78 6.79 -56.36
C SER A 992 -21.77 7.80 -55.81
N ARG A 993 -22.00 8.22 -54.56
CA ARG A 993 -21.14 9.21 -53.94
C ARG A 993 -19.95 8.60 -53.22
N ILE A 994 -20.02 7.31 -52.87
CA ILE A 994 -18.89 6.66 -52.21
C ILE A 994 -17.87 6.18 -53.23
N MET A 995 -18.32 5.60 -54.33
CA MET A 995 -17.45 5.15 -55.40
C MET A 995 -18.04 5.56 -56.73
N PHE A 996 -17.17 5.89 -57.69
CA PHE A 996 -17.62 6.32 -59.01
C PHE A 996 -18.01 5.08 -59.82
N GLU A 997 -19.32 4.84 -59.91
CA GLU A 997 -19.86 3.71 -60.68
C GLU A 997 -20.96 4.25 -61.57
N PRO A 998 -20.65 4.60 -62.82
CA PRO A 998 -21.64 5.26 -63.67
C PRO A 998 -22.82 4.36 -63.99
N ARG A 999 -23.99 4.99 -64.13
CA ARG A 999 -25.26 4.29 -64.29
C ARG A 999 -26.14 5.04 -65.27
N ILE A 1000 -26.72 4.30 -66.21
CA ILE A 1000 -27.65 4.92 -67.16
C ILE A 1000 -28.96 5.24 -66.44
N PRO A 1001 -29.48 6.46 -66.55
CA PRO A 1001 -30.68 6.83 -65.79
C PRO A 1001 -31.93 6.05 -66.19
N THR A 1002 -32.41 5.22 -65.26
CA THR A 1002 -33.70 4.56 -65.38
C THR A 1002 -34.75 5.40 -64.66
N ILE A 1003 -36.01 5.24 -65.10
CA ILE A 1003 -37.07 6.00 -64.47
C ILE A 1003 -37.29 5.60 -63.02
N ALA A 1004 -36.92 4.36 -62.66
CA ALA A 1004 -37.06 3.89 -61.29
C ALA A 1004 -36.02 4.49 -60.36
N ASP A 1005 -35.01 5.18 -60.88
CA ASP A 1005 -34.01 5.83 -60.04
C ASP A 1005 -34.54 7.07 -59.34
N PHE A 1006 -35.75 7.52 -59.68
CA PHE A 1006 -36.27 8.77 -59.17
C PHE A 1006 -37.48 8.54 -58.26
N VAL A 1007 -37.78 9.56 -57.46
CA VAL A 1007 -38.93 9.60 -56.56
C VAL A 1007 -39.65 10.92 -56.79
N GLN A 1008 -40.95 10.85 -57.03
CA GLN A 1008 -41.74 12.04 -57.33
C GLN A 1008 -42.11 12.77 -56.05
N ILE A 1009 -41.90 14.09 -56.05
CA ILE A 1009 -42.29 14.95 -54.94
C ILE A 1009 -43.22 16.03 -55.48
N GLU A 1010 -43.88 16.72 -54.56
CA GLU A 1010 -45.00 17.60 -54.91
C GLU A 1010 -44.59 19.05 -55.13
N ASN A 1011 -43.30 19.36 -55.17
CA ASN A 1011 -42.88 20.72 -55.46
C ASN A 1011 -41.54 20.70 -56.20
N CYS A 1012 -41.22 21.82 -56.83
CA CYS A 1012 -39.94 22.05 -57.48
C CYS A 1012 -39.17 23.14 -56.75
N ASN A 1013 -37.86 23.15 -56.99
CA ASN A 1013 -36.91 24.07 -56.35
C ASN A 1013 -36.26 25.11 -57.26
N VAL A 1014 -36.60 25.18 -58.56
CA VAL A 1014 -35.99 26.15 -59.48
C VAL A 1014 -34.56 25.75 -59.84
N THR A 1015 -33.76 25.34 -58.86
CA THR A 1015 -32.40 24.89 -59.10
C THR A 1015 -32.34 23.47 -59.64
N PHE A 1016 -33.48 22.84 -59.88
CA PHE A 1016 -33.52 21.54 -60.52
C PHE A 1016 -33.25 21.68 -62.02
N VAL A 1017 -33.09 20.54 -62.69
CA VAL A 1017 -32.98 20.53 -64.15
C VAL A 1017 -34.33 20.88 -64.76
N ASN A 1018 -34.32 21.68 -65.82
CA ASN A 1018 -35.51 22.36 -66.34
C ASN A 1018 -35.85 21.85 -67.73
N ILE A 1019 -36.79 20.90 -67.83
CA ILE A 1019 -37.11 20.23 -69.08
C ILE A 1019 -38.62 20.02 -69.21
N SER A 1020 -39.04 19.59 -70.40
CA SER A 1020 -40.43 19.27 -70.68
C SER A 1020 -40.58 17.78 -70.92
N ARG A 1021 -41.84 17.32 -70.95
CA ARG A 1021 -42.10 15.89 -71.16
C ARG A 1021 -41.63 15.43 -72.53
N SER A 1022 -41.62 16.32 -73.53
CA SER A 1022 -41.10 15.95 -74.84
C SER A 1022 -39.58 15.82 -74.84
N GLU A 1023 -38.91 16.26 -73.78
CA GLU A 1023 -37.47 16.26 -73.71
C GLU A 1023 -36.90 15.33 -72.63
N LEU A 1024 -37.76 14.61 -71.90
CA LEU A 1024 -37.23 13.68 -70.90
C LEU A 1024 -36.51 12.49 -71.54
N GLN A 1025 -36.65 12.29 -72.85
CA GLN A 1025 -35.90 11.25 -73.54
C GLN A 1025 -34.40 11.55 -73.60
N THR A 1026 -33.98 12.79 -73.34
CA THR A 1026 -32.57 13.13 -73.33
C THR A 1026 -31.92 12.92 -71.97
N ILE A 1027 -32.71 12.73 -70.93
CA ILE A 1027 -32.20 12.42 -69.60
C ILE A 1027 -32.42 10.96 -69.24
N VAL A 1028 -33.61 10.45 -69.50
CA VAL A 1028 -33.96 9.04 -69.27
C VAL A 1028 -34.23 8.40 -70.64
N PRO A 1029 -33.27 7.67 -71.19
CA PRO A 1029 -33.43 7.13 -72.55
C PRO A 1029 -34.65 6.25 -72.73
N GLU A 1030 -35.02 5.45 -71.73
CA GLU A 1030 -36.15 4.54 -71.89
C GLU A 1030 -37.49 5.26 -71.88
N TYR A 1031 -37.55 6.48 -71.34
CA TYR A 1031 -38.82 7.17 -71.24
C TYR A 1031 -39.36 7.53 -72.62
N ILE A 1032 -40.63 7.21 -72.84
CA ILE A 1032 -41.35 7.58 -74.05
C ILE A 1032 -42.78 7.90 -73.64
N ASP A 1033 -43.17 9.16 -73.79
CA ASP A 1033 -44.46 9.63 -73.29
C ASP A 1033 -45.58 8.97 -74.10
N VAL A 1034 -46.32 8.06 -73.47
CA VAL A 1034 -47.34 7.31 -74.20
C VAL A 1034 -48.66 8.07 -74.23
N ASN A 1035 -49.01 8.79 -73.16
CA ASN A 1035 -50.23 9.60 -73.20
C ASN A 1035 -50.15 10.66 -74.28
N LYS A 1036 -49.00 11.34 -74.41
CA LYS A 1036 -48.83 12.30 -75.50
C LYS A 1036 -48.96 11.62 -76.84
N THR A 1037 -48.39 10.42 -76.98
CA THR A 1037 -48.47 9.69 -78.24
C THR A 1037 -49.92 9.31 -78.55
N LEU A 1038 -50.63 8.73 -77.59
CA LEU A 1038 -51.94 8.16 -77.87
C LEU A 1038 -53.04 9.22 -78.00
N GLN A 1039 -52.91 10.34 -77.30
CA GLN A 1039 -53.81 11.46 -77.55
C GLN A 1039 -53.67 11.98 -78.97
N GLU A 1040 -52.57 11.65 -79.64
CA GLU A 1040 -52.26 12.11 -80.99
C GLU A 1040 -52.36 11.00 -82.03
N LEU A 1041 -52.15 9.74 -81.63
CA LEU A 1041 -52.14 8.59 -82.53
C LEU A 1041 -53.53 7.98 -82.73
N SER A 1042 -54.58 8.72 -82.36
CA SER A 1042 -55.94 8.28 -82.66
C SER A 1042 -56.24 8.31 -84.14
N TYR A 1043 -55.38 8.93 -84.94
CA TYR A 1043 -55.60 9.09 -86.37
C TYR A 1043 -54.95 7.94 -87.15
N CYS B 32 -5.41 51.67 15.97
CA CYS B 32 -4.19 52.11 16.65
C CYS B 32 -3.41 53.12 15.80
N VAL B 33 -2.13 52.86 15.52
CA VAL B 33 -1.36 53.76 14.69
C VAL B 33 -1.78 53.53 13.25
N GLY B 34 -2.78 54.28 12.80
CA GLY B 34 -3.46 53.87 11.59
C GLY B 34 -4.17 52.54 11.84
N HIS B 35 -4.43 51.82 10.76
CA HIS B 35 -4.89 50.44 10.82
C HIS B 35 -6.15 50.30 11.69
N SER B 36 -7.24 50.91 11.19
CA SER B 36 -8.52 50.84 11.87
C SER B 36 -9.12 49.44 11.85
N GLU B 37 -8.55 48.51 11.09
CA GLU B 37 -9.01 47.13 11.10
C GLU B 37 -8.29 46.26 12.13
N ASN B 38 -7.28 46.80 12.82
CA ASN B 38 -6.62 46.11 13.92
C ASN B 38 -7.32 46.34 15.25
N VAL B 39 -8.39 47.14 15.26
CA VAL B 39 -9.12 47.47 16.48
C VAL B 39 -10.54 46.92 16.38
N PHE B 40 -10.67 45.73 15.80
CA PHE B 40 -11.95 45.08 15.60
C PHE B 40 -12.71 44.93 16.91
N ALA B 41 -14.00 44.57 16.78
CA ALA B 41 -14.97 44.71 17.86
C ALA B 41 -15.08 43.51 18.78
N VAL B 42 -14.55 42.34 18.40
CA VAL B 42 -14.62 41.12 19.19
C VAL B 42 -16.07 40.67 19.37
N GLU B 43 -16.45 39.60 18.67
CA GLU B 43 -17.81 39.08 18.74
C GLU B 43 -18.03 38.29 20.03
N SER B 44 -19.30 37.93 20.26
CA SER B 44 -19.67 37.24 21.49
C SER B 44 -19.03 35.85 21.55
N GLY B 45 -18.58 35.49 22.75
CA GLY B 45 -17.91 34.23 22.97
C GLY B 45 -16.42 34.25 22.73
N GLY B 46 -15.88 35.35 22.21
CA GLY B 46 -14.45 35.45 21.97
C GLY B 46 -13.99 35.03 20.59
N TYR B 47 -14.83 35.19 19.57
CA TYR B 47 -14.49 34.78 18.22
C TYR B 47 -14.08 35.99 17.39
N ILE B 48 -12.95 35.87 16.70
CA ILE B 48 -12.46 36.95 15.84
C ILE B 48 -13.31 37.02 14.58
N PRO B 49 -13.62 38.22 14.08
CA PRO B 49 -14.46 38.32 12.87
C PRO B 49 -13.83 37.64 11.67
N SER B 50 -14.69 37.25 10.72
CA SER B 50 -14.25 36.45 9.58
C SER B 50 -13.41 37.24 8.58
N ASN B 51 -13.51 38.57 8.58
CA ASN B 51 -12.78 39.38 7.61
C ASN B 51 -11.66 40.19 8.25
N PHE B 52 -11.12 39.73 9.37
CA PHE B 52 -9.99 40.39 10.00
C PHE B 52 -8.72 40.00 9.24
N ALA B 53 -7.87 40.99 8.94
CA ALA B 53 -6.67 40.75 8.14
C ALA B 53 -5.60 39.98 8.89
N PHE B 54 -5.69 39.85 10.21
CA PHE B 54 -4.70 39.14 11.01
C PHE B 54 -3.30 39.69 10.81
N ASN B 55 -3.15 41.00 10.95
CA ASN B 55 -1.84 41.62 10.83
C ASN B 55 -1.05 41.40 12.12
N ASN B 56 0.15 40.81 11.97
CA ASN B 56 1.06 40.53 13.07
C ASN B 56 0.50 39.51 14.06
N TRP B 57 -0.66 38.93 13.77
CA TRP B 57 -1.22 37.86 14.58
C TRP B 57 -0.63 36.54 14.08
N PHE B 58 0.59 36.26 14.51
CA PHE B 58 1.34 35.13 13.99
C PHE B 58 0.86 33.81 14.55
N LEU B 59 1.01 32.76 13.75
CA LEU B 59 0.78 31.40 14.22
C LEU B 59 1.89 31.01 15.18
N LEU B 60 1.52 30.42 16.31
CA LEU B 60 2.51 30.04 17.31
C LEU B 60 3.01 28.62 17.05
N THR B 61 4.30 28.41 17.32
CA THR B 61 4.90 27.10 17.13
C THR B 61 6.10 26.93 18.06
N ASN B 62 6.32 25.68 18.46
CA ASN B 62 7.48 25.24 19.22
C ASN B 62 8.58 24.63 18.35
N THR B 63 8.33 24.53 17.04
CA THR B 63 9.21 23.89 16.07
C THR B 63 9.09 24.63 14.75
N SER B 64 9.48 23.98 13.66
CA SER B 64 9.38 24.57 12.32
C SER B 64 7.98 25.11 12.07
N SER B 65 7.90 26.09 11.17
CA SER B 65 6.67 26.80 10.85
C SER B 65 6.23 26.45 9.43
N VAL B 66 4.91 26.39 9.25
CA VAL B 66 4.34 26.08 7.93
C VAL B 66 4.51 27.27 7.00
N VAL B 67 4.83 26.98 5.75
CA VAL B 67 4.97 28.04 4.74
C VAL B 67 3.69 28.22 3.93
N ASP B 68 3.02 27.12 3.58
CA ASP B 68 1.76 27.17 2.85
C ASP B 68 0.95 25.92 3.17
N GLY B 69 -0.36 26.02 3.01
CA GLY B 69 -1.25 24.90 3.19
C GLY B 69 -2.32 25.21 4.22
N VAL B 70 -3.03 24.16 4.63
CA VAL B 70 -4.06 24.24 5.64
C VAL B 70 -3.63 23.37 6.81
N VAL B 71 -3.55 23.97 8.01
CA VAL B 71 -3.05 23.29 9.19
C VAL B 71 -4.05 23.45 10.32
N ARG B 72 -4.14 22.41 11.16
CA ARG B 72 -5.01 22.41 12.33
C ARG B 72 -4.16 22.24 13.58
N SER B 73 -4.36 23.12 14.55
CA SER B 73 -3.58 23.08 15.78
C SER B 73 -4.26 23.93 16.84
N PHE B 74 -4.03 23.57 18.09
CA PHE B 74 -4.51 24.39 19.20
C PHE B 74 -3.74 25.70 19.24
N GLN B 75 -4.47 26.82 19.19
CA GLN B 75 -3.85 28.13 19.18
C GLN B 75 -4.59 29.05 20.15
N PRO B 76 -3.90 30.02 20.75
CA PRO B 76 -4.56 31.01 21.61
C PRO B 76 -5.21 32.12 20.82
N LEU B 77 -6.39 31.82 20.25
CA LEU B 77 -7.13 32.78 19.44
C LEU B 77 -8.54 33.01 19.95
N LEU B 78 -8.91 32.45 21.10
CA LEU B 78 -10.19 32.73 21.73
C LEU B 78 -9.97 33.86 22.74
N LEU B 79 -10.43 35.05 22.38
CA LEU B 79 -10.09 36.26 23.13
C LEU B 79 -11.07 36.46 24.28
N ASN B 80 -10.52 36.61 25.49
CA ASN B 80 -11.35 37.07 26.61
C ASN B 80 -11.76 38.52 26.42
N CYS B 81 -10.83 39.40 26.06
CA CYS B 81 -11.14 40.73 25.59
C CYS B 81 -9.87 41.35 24.99
N LEU B 82 -10.07 42.47 24.30
CA LEU B 82 -9.01 43.15 23.55
C LEU B 82 -9.15 44.65 23.76
N TRP B 83 -8.03 45.37 23.72
CA TRP B 83 -8.10 46.82 23.73
C TRP B 83 -6.88 47.42 23.03
N SER B 84 -7.08 48.58 22.41
CA SER B 84 -6.00 49.33 21.81
C SER B 84 -5.23 50.10 22.88
N VAL B 85 -3.99 50.47 22.52
CA VAL B 85 -3.10 51.20 23.43
C VAL B 85 -2.73 52.57 22.87
N SER B 86 -2.25 52.60 21.63
CA SER B 86 -1.90 53.87 21.02
C SER B 86 -3.17 54.66 20.71
N GLY B 87 -3.24 55.88 21.22
CA GLY B 87 -4.42 56.69 21.08
C GLY B 87 -5.55 56.37 22.03
N SER B 88 -5.32 55.50 23.02
CA SER B 88 -6.35 55.16 24.00
C SER B 88 -6.15 55.86 25.34
N GLN B 89 -4.95 56.32 25.65
CA GLN B 89 -4.63 57.07 26.86
C GLN B 89 -4.82 56.25 28.13
N PHE B 90 -4.79 54.92 28.05
CA PHE B 90 -4.90 54.11 29.26
C PHE B 90 -3.53 53.77 29.85
N THR B 91 -2.50 53.72 28.99
CA THR B 91 -1.09 53.56 29.35
C THR B 91 -0.76 52.11 29.75
N THR B 92 -1.80 51.29 29.94
CA THR B 92 -1.72 49.83 29.93
C THR B 92 -1.03 49.24 31.17
N GLY B 93 -0.40 50.09 31.99
CA GLY B 93 0.13 49.71 33.29
C GLY B 93 0.83 48.35 33.41
N PHE B 94 0.31 47.52 34.30
CA PHE B 94 0.90 46.23 34.65
C PHE B 94 -0.22 45.19 34.64
N VAL B 95 -0.18 44.26 33.67
CA VAL B 95 -1.32 43.42 33.33
C VAL B 95 -1.16 42.05 33.97
N TYR B 96 -2.26 41.52 34.51
CA TYR B 96 -2.35 40.19 35.08
C TYR B 96 -3.08 39.25 34.12
N PHE B 97 -2.93 37.95 34.38
CA PHE B 97 -3.61 36.94 33.56
C PHE B 97 -5.09 36.80 33.90
N ASN B 98 -5.47 37.00 35.16
CA ASN B 98 -6.88 36.87 35.54
C ASN B 98 -7.69 38.13 35.27
N GLY B 99 -7.20 39.03 34.41
CA GLY B 99 -7.93 40.20 34.01
C GLY B 99 -7.62 41.46 34.79
N THR B 100 -6.93 41.36 35.93
CA THR B 100 -6.59 42.54 36.70
C THR B 100 -5.62 43.41 35.92
N GLY B 101 -5.86 44.72 35.94
CA GLY B 101 -5.04 45.65 35.20
C GLY B 101 -5.37 45.77 33.73
N ARG B 102 -6.47 45.17 33.28
CA ARG B 102 -6.87 45.28 31.88
C ARG B 102 -7.34 46.70 31.56
N GLY B 103 -7.46 46.97 30.27
CA GLY B 103 -7.86 48.28 29.79
C GLY B 103 -9.34 48.36 29.49
N ALA B 104 -9.69 49.33 28.65
CA ALA B 104 -11.07 49.48 28.17
C ALA B 104 -11.31 48.40 27.12
N CYS B 105 -11.63 47.21 27.61
CA CYS B 105 -11.74 46.04 26.74
C CYS B 105 -12.91 46.23 25.77
N LYS B 106 -12.57 46.40 24.50
CA LYS B 106 -13.49 46.91 23.48
C LYS B 106 -14.30 45.76 22.92
N GLY B 107 -15.60 45.74 23.23
CA GLY B 107 -16.49 44.71 22.73
C GLY B 107 -16.84 43.67 23.77
N PHE B 108 -17.04 42.43 23.33
CA PHE B 108 -17.33 41.35 24.25
C PHE B 108 -16.15 41.13 25.19
N TYR B 109 -16.45 40.80 26.44
CA TYR B 109 -15.42 40.57 27.44
C TYR B 109 -15.88 39.47 28.39
N SER B 110 -14.91 38.84 29.05
CA SER B 110 -15.18 37.80 30.03
C SER B 110 -14.22 37.95 31.19
N ASN B 111 -14.65 37.48 32.36
CA ASN B 111 -13.83 37.55 33.57
C ASN B 111 -13.05 36.27 33.82
N ALA B 112 -13.14 35.28 32.93
CA ALA B 112 -12.40 34.04 33.11
C ALA B 112 -10.90 34.29 32.98
N SER B 113 -10.12 33.49 33.69
CA SER B 113 -8.68 33.65 33.67
C SER B 113 -8.12 33.21 32.32
N SER B 114 -7.31 34.08 31.72
CA SER B 114 -6.66 33.76 30.46
C SER B 114 -5.44 32.88 30.69
N ASP B 115 -4.93 32.30 29.61
CA ASP B 115 -3.69 31.55 29.65
C ASP B 115 -2.58 32.16 28.81
N VAL B 116 -2.81 33.30 28.17
CA VAL B 116 -1.82 33.92 27.31
C VAL B 116 -2.11 35.41 27.22
N ILE B 117 -1.06 36.19 26.94
CA ILE B 117 -1.17 37.63 26.74
C ILE B 117 -0.45 37.98 25.45
N ARG B 118 -1.16 38.65 24.55
CA ARG B 118 -0.64 39.01 23.24
C ARG B 118 -0.36 40.51 23.21
N TYR B 119 0.91 40.87 23.02
CA TYR B 119 1.31 42.26 22.81
C TYR B 119 1.60 42.47 21.34
N ASN B 120 0.74 43.22 20.67
CA ASN B 120 0.90 43.51 19.24
C ASN B 120 1.64 44.83 19.08
N ILE B 121 2.66 44.83 18.23
CA ILE B 121 3.51 45.99 18.02
C ILE B 121 3.31 46.47 16.59
N ASN B 122 3.41 47.78 16.39
CA ASN B 122 3.05 48.41 15.12
C ASN B 122 3.90 47.98 13.93
N PHE B 123 5.18 48.34 13.88
CA PHE B 123 5.96 48.12 12.66
C PHE B 123 7.45 48.21 12.97
N GLU B 124 8.15 47.09 12.81
CA GLU B 124 9.62 47.01 12.90
C GLU B 124 10.20 47.61 14.17
N GLU B 125 9.43 47.68 15.25
CA GLU B 125 10.00 48.13 16.51
C GLU B 125 10.89 47.03 17.09
N ASN B 126 11.89 47.45 17.86
CA ASN B 126 12.80 46.55 18.54
C ASN B 126 12.66 46.74 20.05
N LEU B 127 12.64 45.62 20.77
CA LEU B 127 12.62 45.61 22.23
C LEU B 127 14.00 45.77 22.83
N ARG B 128 15.00 45.99 21.98
CA ARG B 128 16.41 46.11 22.32
C ARG B 128 16.71 47.38 23.10
N ARG B 129 15.71 48.16 23.45
CA ARG B 129 15.87 49.42 24.18
C ARG B 129 14.67 49.56 25.12
N GLY B 130 14.88 49.15 26.37
CA GLY B 130 13.84 49.06 27.37
C GLY B 130 13.90 47.72 28.08
N THR B 131 12.86 47.45 28.87
CA THR B 131 12.78 46.24 29.67
C THR B 131 11.38 45.65 29.58
N ILE B 132 11.24 44.43 30.12
CA ILE B 132 9.95 43.77 30.30
C ILE B 132 9.96 43.16 31.69
N LEU B 133 8.89 43.40 32.45
CA LEU B 133 8.87 43.05 33.86
C LEU B 133 7.82 41.97 34.13
N PHE B 134 8.09 41.16 35.16
CA PHE B 134 7.23 40.02 35.48
C PHE B 134 7.01 39.95 36.99
N LYS B 135 6.07 39.10 37.39
CA LYS B 135 5.81 38.77 38.78
C LYS B 135 5.75 37.26 38.93
N THR B 136 6.21 36.76 40.06
CA THR B 136 6.14 35.33 40.40
C THR B 136 5.64 35.19 41.83
N SER B 137 5.59 33.94 42.30
CA SER B 137 5.25 33.66 43.68
C SER B 137 6.44 33.86 44.62
N TYR B 138 7.57 34.33 44.11
CA TYR B 138 8.78 34.47 44.90
C TYR B 138 9.56 35.76 44.64
N GLY B 139 9.07 36.66 43.81
CA GLY B 139 9.76 37.92 43.58
C GLY B 139 9.47 38.46 42.19
N ALA B 140 10.06 39.62 41.92
CA ALA B 140 9.93 40.27 40.63
C ALA B 140 11.14 39.95 39.75
N VAL B 141 10.89 39.88 38.44
CA VAL B 141 11.90 39.51 37.45
C VAL B 141 11.83 40.50 36.30
N VAL B 142 12.98 40.87 35.76
CA VAL B 142 13.06 41.80 34.64
C VAL B 142 13.86 41.17 33.51
N PHE B 143 13.42 41.42 32.28
CA PHE B 143 14.03 40.89 31.07
C PHE B 143 14.42 42.08 30.19
N TYR B 144 15.62 42.04 29.63
CA TYR B 144 16.16 43.19 28.91
C TYR B 144 17.23 42.71 27.94
N CYS B 145 17.65 43.62 27.06
CA CYS B 145 18.69 43.36 26.08
C CYS B 145 19.69 44.52 26.12
N THR B 146 20.97 44.19 26.05
CA THR B 146 22.01 45.21 26.12
C THR B 146 23.18 44.88 25.22
N ASN B 147 23.86 45.93 24.77
CA ASN B 147 25.09 45.86 23.98
C ASN B 147 26.32 46.22 24.79
N ASN B 148 26.30 47.35 25.49
CA ASN B 148 27.37 47.72 26.40
C ASN B 148 27.49 46.68 27.50
N THR B 149 28.62 45.98 27.55
CA THR B 149 28.77 44.78 28.36
C THR B 149 29.25 45.08 29.79
N LEU B 150 28.55 46.00 30.46
CA LEU B 150 28.78 46.25 31.87
C LEU B 150 27.50 46.37 32.69
N VAL B 151 26.36 46.67 32.07
CA VAL B 151 25.12 46.79 32.82
C VAL B 151 24.66 45.43 33.32
N SER B 152 24.89 44.37 32.53
CA SER B 152 24.40 43.04 32.89
C SER B 152 24.98 42.57 34.21
N GLY B 153 26.21 42.97 34.53
CA GLY B 153 26.86 42.51 35.74
C GLY B 153 27.44 41.13 35.57
N ASP B 154 26.58 40.14 35.34
CA ASP B 154 27.02 38.78 35.06
C ASP B 154 26.97 38.53 33.56
N ALA B 155 28.07 37.99 33.03
CA ALA B 155 28.23 37.70 31.61
C ALA B 155 28.79 36.30 31.44
N HIS B 156 28.18 35.33 32.11
CA HIS B 156 28.77 34.00 32.27
C HIS B 156 28.96 33.27 30.94
N ILE B 157 30.20 33.23 30.48
CA ILE B 157 30.71 32.43 29.36
C ILE B 157 29.78 32.35 28.15
N PRO B 158 29.49 33.46 27.47
CA PRO B 158 28.92 33.31 26.11
C PRO B 158 30.02 33.04 25.09
N SER B 159 30.41 31.78 24.99
CA SER B 159 31.55 31.41 24.15
C SER B 159 31.25 31.58 22.68
N GLY B 160 32.23 32.11 21.94
CA GLY B 160 32.11 32.25 20.50
C GLY B 160 31.23 33.38 20.02
N THR B 161 30.82 34.27 20.91
CA THR B 161 29.83 35.28 20.56
C THR B 161 30.50 36.51 19.93
N VAL B 162 29.75 37.17 19.07
CA VAL B 162 30.22 38.40 18.44
C VAL B 162 30.15 39.53 19.47
N LEU B 163 31.31 40.10 19.80
CA LEU B 163 31.40 41.07 20.88
C LEU B 163 30.76 42.41 20.53
N GLY B 164 30.51 42.67 19.25
CA GLY B 164 30.06 43.98 18.82
C GLY B 164 28.57 44.23 18.75
N ASN B 165 27.72 43.30 19.22
CA ASN B 165 26.28 43.44 18.98
C ASN B 165 25.50 43.04 20.23
N PHE B 166 24.20 42.86 20.05
CA PHE B 166 23.20 42.89 21.11
C PHE B 166 22.72 41.49 21.49
N TYR B 167 22.83 41.16 22.78
CA TYR B 167 22.18 40.00 23.37
C TYR B 167 21.31 40.44 24.54
N CYS B 168 20.57 39.48 25.10
CA CYS B 168 19.57 39.75 26.13
C CYS B 168 19.84 38.90 27.36
N PHE B 169 19.40 39.40 28.51
CA PHE B 169 19.62 38.75 29.80
C PHE B 169 18.33 38.75 30.60
N VAL B 170 18.44 38.37 31.87
CA VAL B 170 17.31 38.38 32.79
C VAL B 170 17.85 38.54 34.22
N ASN B 171 17.16 39.34 35.02
CA ASN B 171 17.47 39.51 36.44
C ASN B 171 16.36 38.89 37.29
N THR B 172 16.62 37.71 37.83
CA THR B 172 15.79 37.14 38.88
C THR B 172 16.10 37.82 40.20
N THR B 173 15.06 38.12 40.98
CA THR B 173 15.22 38.82 42.25
C THR B 173 14.33 38.16 43.30
N ILE B 174 14.93 37.81 44.44
CA ILE B 174 14.20 37.20 45.54
C ILE B 174 13.93 38.27 46.59
N GLY B 175 13.87 39.53 46.15
CA GLY B 175 13.62 40.65 47.03
C GLY B 175 14.89 41.27 47.58
N ASN B 176 15.59 40.55 48.46
CA ASN B 176 16.81 41.04 49.07
C ASN B 176 18.06 40.66 48.30
N GLU B 177 17.91 40.00 47.14
CA GLU B 177 19.04 39.42 46.44
C GLU B 177 18.78 39.46 44.94
N THR B 178 19.76 39.92 44.18
CA THR B 178 19.64 40.07 42.73
C THR B 178 20.59 39.08 42.04
N THR B 179 20.09 38.44 40.99
CA THR B 179 20.85 37.45 40.24
C THR B 179 20.60 37.67 38.75
N SER B 180 21.67 37.94 38.00
CA SER B 180 21.59 38.13 36.56
C SER B 180 22.05 36.88 35.83
N ALA B 181 21.44 36.61 34.68
CA ALA B 181 21.74 35.40 33.93
C ALA B 181 21.49 35.64 32.45
N PHE B 182 22.25 34.93 31.62
CA PHE B 182 22.12 35.01 30.18
C PHE B 182 21.08 34.00 29.70
N VAL B 183 20.20 34.45 28.78
CA VAL B 183 19.11 33.60 28.30
C VAL B 183 19.18 33.38 26.79
N GLY B 184 19.75 34.33 26.06
CA GLY B 184 19.92 34.15 24.63
C GLY B 184 19.83 35.48 23.90
N ALA B 185 19.76 35.39 22.58
CA ALA B 185 19.72 36.53 21.69
C ALA B 185 18.40 36.55 20.93
N LEU B 186 17.98 37.74 20.52
CA LEU B 186 16.68 38.00 19.93
C LEU B 186 16.81 38.71 18.60
N PRO B 187 15.81 38.59 17.73
CA PRO B 187 15.81 39.35 16.47
C PRO B 187 15.70 40.85 16.74
N LYS B 188 15.91 41.63 15.69
CA LYS B 188 15.76 43.08 15.82
C LYS B 188 14.28 43.46 15.76
N THR B 189 13.62 43.16 14.65
CA THR B 189 12.21 43.45 14.53
C THR B 189 11.38 42.46 15.34
N VAL B 190 10.48 42.97 16.16
CA VAL B 190 9.54 42.15 16.92
C VAL B 190 8.13 42.65 16.59
N ARG B 191 7.42 41.92 15.73
CA ARG B 191 6.06 42.30 15.38
C ARG B 191 5.08 41.98 16.49
N GLU B 192 5.30 40.87 17.20
CA GLU B 192 4.41 40.47 18.28
C GLU B 192 5.21 39.77 19.38
N PHE B 193 4.84 40.05 20.62
CA PHE B 193 5.42 39.43 21.80
C PHE B 193 4.32 38.74 22.59
N VAL B 194 4.52 37.45 22.88
CA VAL B 194 3.49 36.61 23.48
C VAL B 194 4.08 35.90 24.69
N ILE B 195 3.31 35.84 25.78
CA ILE B 195 3.74 35.20 27.02
C ILE B 195 2.57 34.40 27.58
N SER B 196 2.85 33.19 28.05
CA SER B 196 1.83 32.33 28.65
C SER B 196 2.00 32.29 30.17
N ARG B 197 0.92 31.88 30.85
CA ARG B 197 0.95 31.83 32.30
C ARG B 197 1.82 30.68 32.82
N THR B 198 2.14 29.71 31.97
CA THR B 198 3.10 28.67 32.30
C THR B 198 4.52 29.04 31.90
N GLY B 199 4.74 30.26 31.39
CA GLY B 199 6.07 30.78 31.17
C GLY B 199 6.58 30.72 29.74
N HIS B 200 5.81 30.15 28.81
CA HIS B 200 6.28 30.03 27.43
C HIS B 200 6.35 31.41 26.78
N PHE B 201 7.50 31.73 26.20
CA PHE B 201 7.85 33.07 25.75
C PHE B 201 8.08 33.02 24.24
N TYR B 202 7.20 33.66 23.48
CA TYR B 202 7.25 33.66 22.03
C TYR B 202 7.59 35.03 21.48
N ILE B 203 8.43 35.06 20.44
CA ILE B 203 8.73 36.26 19.68
C ILE B 203 8.57 35.93 18.20
N ASN B 204 7.72 36.70 17.51
CA ASN B 204 7.43 36.49 16.09
C ASN B 204 6.93 35.07 15.80
N GLY B 205 6.32 34.42 16.79
CA GLY B 205 5.72 33.12 16.60
C GLY B 205 6.54 31.95 17.10
N TYR B 206 7.81 32.14 17.41
CA TYR B 206 8.69 31.07 17.87
C TYR B 206 9.01 31.23 19.34
N ARG B 207 8.95 30.13 20.08
CA ARG B 207 9.25 30.13 21.51
C ARG B 207 10.76 30.14 21.70
N TYR B 208 11.27 31.21 22.32
CA TYR B 208 12.71 31.28 22.60
C TYR B 208 13.07 30.85 24.01
N PHE B 209 12.23 31.14 25.02
CA PHE B 209 12.56 30.80 26.40
C PHE B 209 11.35 30.18 27.10
N SER B 210 11.59 29.77 28.34
CA SER B 210 10.57 29.26 29.25
C SER B 210 10.90 29.84 30.62
N LEU B 211 10.25 30.97 30.95
CA LEU B 211 10.59 31.73 32.15
C LEU B 211 9.98 31.15 33.42
N GLY B 212 9.17 30.10 33.33
CA GLY B 212 8.48 29.58 34.49
C GLY B 212 7.18 30.30 34.74
N ASP B 213 6.44 29.79 35.74
CA ASP B 213 5.11 30.32 36.02
C ASP B 213 5.18 31.82 36.32
N VAL B 214 4.32 32.58 35.65
CA VAL B 214 4.30 34.03 35.73
C VAL B 214 2.89 34.49 36.03
N GLU B 215 2.75 35.44 36.94
CA GLU B 215 1.44 35.92 37.35
C GLU B 215 1.05 37.26 36.74
N ALA B 216 2.03 38.06 36.31
CA ALA B 216 1.75 39.35 35.71
C ALA B 216 2.93 39.77 34.85
N VAL B 217 2.69 40.71 33.95
CA VAL B 217 3.72 41.17 33.02
C VAL B 217 3.56 42.67 32.78
N ASN B 218 4.68 43.33 32.51
CA ASN B 218 4.75 44.76 32.25
C ASN B 218 5.60 44.98 31.03
N PHE B 219 5.34 46.07 30.32
CA PHE B 219 5.96 46.30 29.02
C PHE B 219 6.60 47.70 28.99
N ASN B 220 7.53 47.94 29.92
CA ASN B 220 8.41 49.10 29.89
C ASN B 220 9.42 49.08 28.74
N VAL B 221 8.96 49.29 27.51
CA VAL B 221 9.86 49.60 26.40
C VAL B 221 9.85 51.12 26.21
N THR B 222 10.90 51.66 25.60
CA THR B 222 10.96 53.09 25.35
C THR B 222 9.78 53.52 24.50
N ASN B 223 9.47 54.82 24.55
CA ASN B 223 8.28 55.40 23.93
C ASN B 223 7.05 54.50 24.15
N ALA B 224 6.88 54.08 25.40
CA ALA B 224 5.81 53.15 25.75
C ALA B 224 4.44 53.78 25.53
N ALA B 225 3.44 52.92 25.34
CA ALA B 225 2.03 53.28 25.16
C ALA B 225 1.78 53.93 23.81
N THR B 226 2.84 54.24 23.07
CA THR B 226 2.72 54.59 21.67
C THR B 226 3.32 53.53 20.75
N THR B 227 4.12 52.62 21.30
CA THR B 227 4.60 51.47 20.54
C THR B 227 3.52 50.43 20.31
N VAL B 228 2.77 50.09 21.36
CA VAL B 228 1.88 48.94 21.31
C VAL B 228 0.60 49.33 20.58
N CYS B 229 0.23 48.53 19.58
CA CYS B 229 -0.98 48.80 18.81
C CYS B 229 -2.21 48.27 19.53
N THR B 230 -2.15 47.04 20.04
CA THR B 230 -3.26 46.46 20.78
C THR B 230 -2.74 45.33 21.66
N VAL B 231 -3.52 45.01 22.69
CA VAL B 231 -3.20 43.95 23.63
C VAL B 231 -4.41 43.05 23.79
N ALA B 232 -4.17 41.74 23.84
CA ALA B 232 -5.23 40.76 23.98
C ALA B 232 -4.91 39.78 25.11
N LEU B 233 -5.93 39.41 25.86
CA LEU B 233 -5.86 38.30 26.81
C LEU B 233 -6.70 37.18 26.25
N ALA B 234 -6.06 36.04 25.97
CA ALA B 234 -6.71 35.00 25.17
C ALA B 234 -6.52 33.64 25.82
N SER B 235 -7.21 32.65 25.26
CA SER B 235 -7.15 31.27 25.71
C SER B 235 -7.11 30.36 24.48
N TYR B 236 -6.72 29.10 24.72
CA TYR B 236 -6.57 28.15 23.63
C TYR B 236 -7.92 27.77 23.03
N ALA B 237 -7.93 27.58 21.72
CA ALA B 237 -9.09 27.10 20.99
C ALA B 237 -8.62 26.23 19.82
N ASP B 238 -9.44 25.25 19.47
CA ASP B 238 -9.13 24.34 18.36
C ASP B 238 -9.62 24.97 17.07
N VAL B 239 -8.70 25.35 16.19
CA VAL B 239 -9.02 26.16 15.03
C VAL B 239 -8.39 25.54 13.78
N LEU B 240 -9.14 25.57 12.67
CA LEU B 240 -8.60 25.27 11.36
C LEU B 240 -8.01 26.54 10.76
N VAL B 241 -6.78 26.46 10.27
CA VAL B 241 -6.02 27.64 9.86
C VAL B 241 -5.60 27.48 8.41
N ASN B 242 -5.88 28.50 7.60
CA ASN B 242 -5.41 28.60 6.22
C ASN B 242 -4.26 29.60 6.21
N VAL B 243 -3.05 29.11 5.95
CA VAL B 243 -1.83 29.90 6.12
C VAL B 243 -1.12 30.03 4.78
N SER B 244 -0.70 31.25 4.46
CA SER B 244 0.00 31.54 3.21
C SER B 244 1.18 32.46 3.50
N GLN B 245 2.35 32.09 2.97
CA GLN B 245 3.59 32.85 3.19
C GLN B 245 3.84 33.08 4.68
N THR B 246 3.72 32.02 5.46
CA THR B 246 3.94 32.01 6.91
C THR B 246 3.06 33.05 7.62
N ALA B 247 1.93 33.41 7.03
CA ALA B 247 1.01 34.39 7.61
C ALA B 247 -0.39 33.80 7.70
N ILE B 248 -1.15 34.29 8.67
CA ILE B 248 -2.51 33.80 8.90
C ILE B 248 -3.45 34.48 7.91
N ALA B 249 -4.16 33.68 7.12
CA ALA B 249 -5.12 34.22 6.18
C ALA B 249 -6.54 34.22 6.74
N ASN B 250 -7.04 33.05 7.15
CA ASN B 250 -8.35 32.95 7.75
C ASN B 250 -8.38 31.75 8.68
N ILE B 251 -9.28 31.80 9.67
CA ILE B 251 -9.41 30.75 10.66
C ILE B 251 -10.88 30.36 10.79
N ILE B 252 -11.11 29.15 11.27
CA ILE B 252 -12.44 28.63 11.57
C ILE B 252 -12.38 27.91 12.89
N TYR B 253 -13.30 28.23 13.80
CA TYR B 253 -13.35 27.59 15.10
C TYR B 253 -14.10 26.26 14.99
N CYS B 254 -13.52 25.20 15.56
CA CYS B 254 -14.12 23.86 15.49
C CYS B 254 -15.15 23.69 16.60
N ASN B 255 -16.18 24.54 16.57
CA ASN B 255 -17.18 24.57 17.62
C ASN B 255 -18.56 24.06 17.17
N SER B 256 -18.96 24.33 15.93
CA SER B 256 -20.26 23.90 15.47
C SER B 256 -20.17 22.51 14.84
N VAL B 257 -21.33 21.95 14.50
CA VAL B 257 -21.36 20.62 13.90
C VAL B 257 -20.80 20.64 12.48
N ILE B 258 -21.11 21.70 11.72
CA ILE B 258 -20.57 21.80 10.37
C ILE B 258 -19.08 22.10 10.42
N ASN B 259 -18.65 22.96 11.35
CA ASN B 259 -17.23 23.28 11.46
C ASN B 259 -16.44 22.08 11.96
N ARG B 260 -17.04 21.25 12.84
CA ARG B 260 -16.37 20.05 13.29
C ARG B 260 -16.08 19.11 12.13
N LEU B 261 -17.07 18.91 11.25
CA LEU B 261 -16.87 18.08 10.08
C LEU B 261 -15.83 18.69 9.14
N ARG B 262 -15.84 20.01 8.99
CA ARG B 262 -14.83 20.67 8.18
C ARG B 262 -13.44 20.51 8.78
N CYS B 263 -13.33 20.60 10.11
CA CYS B 263 -12.04 20.46 10.77
C CYS B 263 -11.50 19.04 10.62
N ASP B 264 -12.36 18.04 10.77
CA ASP B 264 -11.91 16.65 10.67
C ASP B 264 -11.58 16.28 9.22
N GLN B 265 -12.39 16.75 8.27
CA GLN B 265 -12.07 16.56 6.86
C GLN B 265 -10.91 17.44 6.41
N LEU B 266 -10.50 18.41 7.23
CA LEU B 266 -9.30 19.21 7.01
C LEU B 266 -9.39 20.00 5.69
N SER B 267 -10.56 20.57 5.43
CA SER B 267 -10.75 21.40 4.25
C SER B 267 -11.85 22.42 4.53
N PHE B 268 -11.67 23.62 3.97
CA PHE B 268 -12.65 24.69 4.18
C PHE B 268 -13.91 24.48 3.36
N ASP B 269 -13.83 23.76 2.25
CA ASP B 269 -14.98 23.42 1.44
C ASP B 269 -15.18 21.91 1.46
N VAL B 270 -16.42 21.48 1.69
CA VAL B 270 -16.77 20.06 1.75
C VAL B 270 -17.76 19.77 0.63
N PRO B 271 -17.48 18.81 -0.25
CA PRO B 271 -18.44 18.46 -1.30
C PRO B 271 -19.70 17.84 -0.72
N ASP B 272 -20.78 17.94 -1.50
CA ASP B 272 -22.05 17.37 -1.09
C ASP B 272 -21.94 15.85 -1.01
N GLY B 273 -22.54 15.28 0.02
CA GLY B 273 -22.49 13.83 0.20
C GLY B 273 -22.96 13.44 1.59
N PHE B 274 -22.62 12.20 1.96
CA PHE B 274 -23.01 11.62 3.24
C PHE B 274 -21.75 11.27 4.01
N TYR B 275 -21.53 11.93 5.14
CA TYR B 275 -20.29 11.80 5.89
C TYR B 275 -20.52 11.13 7.24
N SER B 276 -19.58 10.27 7.62
CA SER B 276 -19.67 9.58 8.90
C SER B 276 -19.28 10.51 10.05
N THR B 277 -19.79 10.19 11.25
CA THR B 277 -19.57 11.01 12.42
C THR B 277 -19.84 10.16 13.66
N SER B 278 -19.14 10.47 14.75
CA SER B 278 -19.33 9.77 16.01
C SER B 278 -19.59 10.79 17.12
N PRO B 279 -20.64 10.60 17.92
CA PRO B 279 -20.89 11.53 19.03
C PRO B 279 -19.79 11.48 20.08
N ILE B 280 -19.75 12.52 20.90
CA ILE B 280 -18.74 12.62 21.95
C ILE B 280 -19.09 11.67 23.08
N GLN B 281 -18.09 10.94 23.57
CA GLN B 281 -18.29 9.98 24.63
C GLN B 281 -18.41 10.68 25.98
N PRO B 282 -19.31 10.24 26.86
CA PRO B 282 -19.29 10.74 28.24
C PRO B 282 -18.03 10.32 28.96
N VAL B 283 -17.54 11.20 29.82
CA VAL B 283 -16.24 10.98 30.48
C VAL B 283 -16.45 10.49 31.92
N GLU B 284 -17.57 10.87 32.53
CA GLU B 284 -17.90 10.37 33.87
C GLU B 284 -18.47 8.97 33.69
N LEU B 285 -17.64 7.96 33.92
CA LEU B 285 -17.95 6.59 33.53
C LEU B 285 -17.98 5.67 34.74
N PRO B 286 -19.13 5.10 35.09
CA PRO B 286 -19.17 4.09 36.15
C PRO B 286 -18.38 2.85 35.76
N VAL B 287 -18.19 1.96 36.73
CA VAL B 287 -17.43 0.73 36.55
C VAL B 287 -18.33 -0.45 36.87
N SER B 288 -18.30 -1.46 36.00
CA SER B 288 -19.07 -2.69 36.17
C SER B 288 -18.12 -3.88 36.14
N ILE B 289 -18.31 -4.81 37.09
CA ILE B 289 -17.44 -5.97 37.21
C ILE B 289 -18.32 -7.22 37.36
N VAL B 290 -18.02 -8.24 36.58
CA VAL B 290 -18.60 -9.58 36.72
C VAL B 290 -17.47 -10.60 36.70
N SER B 291 -17.51 -11.54 37.65
CA SER B 291 -16.45 -12.53 37.73
C SER B 291 -17.03 -13.84 38.25
N LEU B 292 -16.31 -14.92 37.94
CA LEU B 292 -16.69 -16.24 38.43
C LEU B 292 -16.27 -16.40 39.88
N PRO B 293 -17.17 -16.81 40.78
CA PRO B 293 -16.74 -17.15 42.15
C PRO B 293 -15.89 -18.42 42.12
N VAL B 294 -14.75 -18.36 42.78
CA VAL B 294 -13.73 -19.39 42.68
C VAL B 294 -13.12 -19.63 44.06
N TYR B 295 -12.25 -20.64 44.13
CA TYR B 295 -11.31 -20.79 45.24
C TYR B 295 -10.53 -19.50 45.40
N HIS B 296 -10.72 -18.81 46.52
CA HIS B 296 -10.21 -17.45 46.68
C HIS B 296 -9.40 -17.36 47.98
N LYS B 297 -8.08 -17.52 47.86
CA LYS B 297 -7.15 -17.07 48.87
C LYS B 297 -6.42 -15.87 48.29
N HIS B 298 -5.97 -14.97 49.17
CA HIS B 298 -5.47 -13.70 48.66
C HIS B 298 -4.25 -13.27 49.45
N THR B 299 -3.25 -12.77 48.72
CA THR B 299 -2.01 -12.27 49.31
C THR B 299 -1.81 -10.83 48.87
N PHE B 300 -0.94 -10.13 49.60
CA PHE B 300 -0.64 -8.73 49.36
C PHE B 300 0.84 -8.60 49.03
N ILE B 301 1.14 -8.11 47.82
CA ILE B 301 2.52 -7.86 47.41
C ILE B 301 2.82 -6.43 47.82
N VAL B 302 3.33 -6.27 49.04
CA VAL B 302 3.53 -4.95 49.63
C VAL B 302 5.00 -4.58 49.48
N LEU B 303 5.26 -3.44 48.86
CA LEU B 303 6.60 -2.89 48.72
C LEU B 303 6.75 -1.67 49.61
N TYR B 304 7.76 -1.68 50.47
CA TYR B 304 8.03 -0.60 51.40
C TYR B 304 9.27 0.16 50.96
N VAL B 305 9.18 1.48 50.93
CA VAL B 305 10.31 2.34 50.58
C VAL B 305 10.43 3.43 51.63
N ASN B 306 11.63 3.59 52.19
CA ASN B 306 11.94 4.68 53.10
C ASN B 306 13.45 4.83 53.12
N PHE B 307 13.92 6.08 53.08
CA PHE B 307 15.35 6.36 53.05
C PHE B 307 15.72 7.42 54.05
N GLU B 308 16.88 7.23 54.69
CA GLU B 308 17.28 7.98 55.87
C GLU B 308 18.13 9.15 55.46
N HIS B 309 17.77 10.34 55.95
CA HIS B 309 18.52 11.56 55.69
C HIS B 309 19.42 11.87 56.87
N ARG B 310 20.72 12.02 56.60
CA ARG B 310 21.73 12.18 57.65
C ARG B 310 21.48 13.48 58.41
N ARG B 311 21.04 13.35 59.67
CA ARG B 311 20.91 14.49 60.57
C ARG B 311 22.25 14.72 61.26
N GLY B 312 22.93 15.81 60.91
CA GLY B 312 24.23 16.08 61.46
C GLY B 312 24.73 17.48 61.11
N PRO B 313 26.03 17.59 60.83
CA PRO B 313 26.63 18.90 60.59
C PRO B 313 26.11 19.60 59.35
N GLY B 314 26.18 18.93 58.21
CA GLY B 314 25.68 19.51 56.97
C GLY B 314 24.18 19.44 56.88
N LYS B 315 23.50 20.56 57.04
CA LYS B 315 22.03 20.61 57.06
C LYS B 315 21.48 20.82 55.65
N CYS B 316 21.95 20.00 54.71
CA CYS B 316 21.49 20.08 53.34
C CYS B 316 20.12 19.43 53.22
N TYR B 317 19.35 19.86 52.21
CA TYR B 317 18.04 19.26 51.94
C TYR B 317 17.92 18.78 50.50
N ASN B 318 18.64 19.44 49.59
CA ASN B 318 18.58 19.13 48.16
C ASN B 318 19.63 18.12 47.72
N CYS B 319 19.99 17.19 48.59
CA CYS B 319 20.97 16.15 48.30
C CYS B 319 20.29 14.78 48.38
N ARG B 320 21.08 13.75 48.26
CA ARG B 320 20.73 12.34 48.34
C ARG B 320 20.80 11.86 49.79
N PRO B 321 19.91 10.96 50.19
CA PRO B 321 19.94 10.45 51.56
C PRO B 321 21.11 9.50 51.78
N ALA B 322 21.38 9.23 53.06
CA ALA B 322 22.52 8.40 53.42
C ALA B 322 22.26 6.92 53.14
N VAL B 323 21.11 6.41 53.57
CA VAL B 323 20.84 4.98 53.54
C VAL B 323 19.49 4.73 52.88
N ILE B 324 19.30 3.51 52.37
CA ILE B 324 18.08 3.10 51.68
C ILE B 324 17.75 1.64 51.95
N ASN B 325 16.79 1.38 52.84
CA ASN B 325 16.18 0.06 52.96
C ASN B 325 14.94 -0.04 52.07
N ILE B 326 14.93 -1.04 51.20
CA ILE B 326 13.74 -1.46 50.45
C ILE B 326 13.38 -2.87 50.93
N THR B 327 12.08 -3.13 51.03
CA THR B 327 11.60 -4.42 51.53
C THR B 327 10.40 -4.86 50.69
N LEU B 328 10.17 -6.16 50.63
CA LEU B 328 9.05 -6.70 49.88
C LEU B 328 8.27 -7.68 50.75
N ALA B 329 7.93 -7.22 51.96
CA ALA B 329 7.07 -7.93 52.92
C ALA B 329 7.76 -9.23 53.32
N ASN B 330 7.19 -10.40 53.03
CA ASN B 330 7.69 -11.67 53.54
C ASN B 330 8.83 -12.23 52.71
N PHE B 331 9.50 -11.38 51.93
CA PHE B 331 10.63 -11.80 51.13
C PHE B 331 11.83 -12.12 52.02
N ASN B 332 12.68 -13.04 51.54
CA ASN B 332 13.92 -13.32 52.24
C ASN B 332 14.96 -13.74 51.21
N GLU B 333 16.13 -13.09 51.26
CA GLU B 333 17.18 -13.35 50.29
C GLU B 333 17.74 -14.77 50.39
N THR B 334 17.78 -15.35 51.58
CA THR B 334 18.41 -16.66 51.77
C THR B 334 17.43 -17.82 51.70
N LYS B 335 16.15 -17.58 51.42
CA LYS B 335 15.21 -18.67 51.17
C LYS B 335 14.69 -18.73 49.74
N GLY B 336 14.72 -17.63 49.00
CA GLY B 336 14.33 -17.65 47.60
C GLY B 336 13.41 -16.52 47.22
N PRO B 337 13.25 -16.30 45.91
CA PRO B 337 12.33 -15.25 45.44
C PRO B 337 10.90 -15.54 45.86
N LEU B 338 10.18 -14.47 46.21
CA LEU B 338 8.80 -14.58 46.68
C LEU B 338 7.83 -14.48 45.52
N CYS B 339 6.84 -15.38 45.51
CA CYS B 339 5.73 -15.22 44.59
C CYS B 339 4.48 -15.96 45.05
N VAL B 340 3.42 -15.77 44.28
CA VAL B 340 2.05 -15.96 44.73
C VAL B 340 1.52 -17.28 44.19
N ASP B 341 0.90 -18.07 45.07
CA ASP B 341 0.19 -19.27 44.69
C ASP B 341 -1.33 -19.14 44.74
N THR B 342 -1.84 -18.17 45.50
CA THR B 342 -3.28 -17.98 45.62
C THR B 342 -3.86 -17.34 44.36
N SER B 343 -5.15 -17.60 44.13
CA SER B 343 -5.79 -17.17 42.89
C SER B 343 -5.80 -15.65 42.74
N HIS B 344 -6.16 -14.95 43.82
CA HIS B 344 -6.27 -13.50 43.79
C HIS B 344 -5.15 -12.86 44.60
N PHE B 345 -4.72 -11.68 44.17
CA PHE B 345 -3.71 -10.94 44.89
C PHE B 345 -3.77 -9.49 44.48
N THR B 346 -3.13 -8.63 45.27
CA THR B 346 -3.06 -7.21 44.98
C THR B 346 -1.65 -6.71 45.23
N THR B 347 -1.28 -5.63 44.56
CA THR B 347 0.00 -4.97 44.75
C THR B 347 -0.25 -3.57 45.31
N GLN B 348 0.39 -3.26 46.43
CA GLN B 348 0.27 -1.95 47.05
C GLN B 348 1.66 -1.40 47.31
N PHE B 349 1.85 -0.12 47.00
CA PHE B 349 3.13 0.56 47.16
C PHE B 349 3.02 1.51 48.35
N VAL B 350 3.85 1.29 49.36
CA VAL B 350 3.84 2.09 50.58
C VAL B 350 5.05 3.00 50.56
N ASP B 351 4.81 4.31 50.57
CA ASP B 351 5.88 5.31 50.53
C ASP B 351 6.04 5.88 51.93
N ASN B 352 6.83 5.19 52.74
CA ASN B 352 7.04 5.57 54.13
C ASN B 352 8.12 6.63 54.31
N VAL B 353 8.48 7.36 53.25
CA VAL B 353 9.41 8.47 53.41
C VAL B 353 8.76 9.55 54.27
N LYS B 354 9.48 10.02 55.27
CA LYS B 354 8.92 10.94 56.25
C LYS B 354 9.16 12.40 55.90
N LEU B 355 10.10 12.68 54.99
CA LEU B 355 10.50 14.05 54.72
C LEU B 355 9.44 14.80 53.93
N ALA B 356 9.42 16.12 54.10
CA ALA B 356 8.53 16.98 53.34
C ALA B 356 9.18 17.38 52.02
N ARG B 357 8.34 17.80 51.07
CA ARG B 357 8.79 18.16 49.72
C ARG B 357 9.63 17.02 49.13
N TRP B 358 9.20 15.79 49.41
CA TRP B 358 9.90 14.58 49.01
C TRP B 358 8.86 13.53 48.64
N SER B 359 9.29 12.55 47.84
CA SER B 359 8.42 11.44 47.48
C SER B 359 9.26 10.33 46.89
N ALA B 360 8.69 9.12 46.89
CA ALA B 360 9.29 7.95 46.27
C ALA B 360 8.31 7.39 45.25
N SER B 361 8.84 6.87 44.14
CA SER B 361 8.03 6.46 43.02
C SER B 361 8.63 5.21 42.40
N ILE B 362 7.90 4.63 41.44
CA ILE B 362 8.35 3.46 40.70
C ILE B 362 8.03 3.68 39.22
N ASN B 363 8.97 3.32 38.36
CA ASN B 363 8.81 3.42 36.92
C ASN B 363 8.45 2.07 36.32
N THR B 364 8.03 2.10 35.05
CA THR B 364 7.67 0.87 34.37
C THR B 364 8.90 0.07 33.95
N GLY B 365 9.95 0.76 33.50
CA GLY B 365 11.16 0.06 33.08
C GLY B 365 10.98 -0.58 31.73
N ASN B 366 11.44 -1.82 31.62
CA ASN B 366 11.31 -2.60 30.39
C ASN B 366 10.27 -3.70 30.50
N CYS B 367 9.40 -3.63 31.50
CA CYS B 367 8.48 -4.71 31.84
C CYS B 367 7.15 -4.50 31.14
N PRO B 368 6.49 -5.56 30.67
CA PRO B 368 5.26 -5.38 29.88
C PRO B 368 4.06 -4.94 30.70
N PHE B 369 4.23 -4.71 32.00
CA PHE B 369 3.15 -4.18 32.82
C PHE B 369 3.74 -3.36 33.95
N SER B 370 2.92 -2.47 34.49
CA SER B 370 3.33 -1.63 35.60
C SER B 370 3.00 -2.30 36.92
N PHE B 371 3.69 -1.87 37.98
CA PHE B 371 3.46 -2.45 39.30
C PHE B 371 2.05 -2.15 39.79
N GLY B 372 1.56 -0.93 39.54
CA GLY B 372 0.24 -0.55 40.01
C GLY B 372 -0.90 -0.99 39.12
N LYS B 373 -0.63 -1.39 37.89
CA LYS B 373 -1.68 -1.78 36.95
C LYS B 373 -2.04 -3.25 37.04
N VAL B 374 -1.37 -4.02 37.89
CA VAL B 374 -1.73 -5.42 38.09
C VAL B 374 -3.12 -5.54 38.70
N ASN B 375 -3.59 -4.48 39.37
CA ASN B 375 -4.89 -4.47 40.01
C ASN B 375 -6.04 -4.27 39.03
N ASN B 376 -5.79 -4.38 37.73
CA ASN B 376 -6.82 -4.23 36.70
C ASN B 376 -7.24 -5.56 36.09
N PHE B 377 -7.30 -6.62 36.90
CA PHE B 377 -7.70 -7.95 36.44
C PHE B 377 -6.76 -8.48 35.37
N VAL B 378 -5.47 -8.53 35.68
CA VAL B 378 -4.46 -9.08 34.78
C VAL B 378 -4.26 -10.56 35.07
N LYS B 379 -4.05 -11.33 34.00
CA LYS B 379 -3.80 -12.76 34.09
C LYS B 379 -2.32 -13.08 34.16
N PHE B 380 -1.97 -14.05 34.98
CA PHE B 380 -0.62 -14.61 35.03
C PHE B 380 -0.71 -16.11 35.28
N GLY B 381 0.29 -16.84 34.75
CA GLY B 381 0.43 -18.26 35.01
C GLY B 381 1.36 -18.49 36.17
N SER B 382 2.38 -17.63 36.27
CA SER B 382 3.23 -17.54 37.45
C SER B 382 4.04 -16.25 37.37
N VAL B 383 3.97 -15.42 38.40
CA VAL B 383 4.70 -14.16 38.46
C VAL B 383 5.40 -14.08 39.81
N CYS B 384 6.70 -13.79 39.79
CA CYS B 384 7.49 -13.70 41.01
C CYS B 384 8.31 -12.42 41.07
N PHE B 385 8.32 -11.81 42.26
CA PHE B 385 9.04 -10.58 42.54
C PHE B 385 10.28 -10.91 43.35
N SER B 386 11.26 -10.02 43.29
CA SER B 386 12.49 -10.16 44.09
C SER B 386 13.28 -8.86 44.01
N LEU B 387 13.85 -8.46 45.15
CA LEU B 387 14.78 -7.35 45.16
C LEU B 387 16.12 -7.71 44.53
N LYS B 388 16.48 -8.99 44.53
CA LYS B 388 17.65 -9.46 43.82
C LYS B 388 17.27 -9.82 42.39
N ASP B 389 18.24 -9.72 41.49
CA ASP B 389 17.97 -9.92 40.06
C ASP B 389 17.47 -11.32 39.78
N ILE B 390 16.49 -11.41 38.89
CA ILE B 390 16.01 -12.67 38.34
C ILE B 390 16.44 -12.73 36.88
N PRO B 391 17.23 -13.72 36.48
CA PRO B 391 17.67 -13.79 35.08
C PRO B 391 16.49 -13.97 34.13
N GLY B 392 16.55 -13.28 33.00
CA GLY B 392 15.49 -13.37 32.01
C GLY B 392 14.22 -12.63 32.36
N GLY B 393 14.23 -11.83 33.42
CA GLY B 393 13.05 -11.13 33.88
C GLY B 393 13.02 -9.67 33.44
N CYS B 394 12.28 -8.87 34.19
CA CYS B 394 12.11 -7.46 33.93
C CYS B 394 12.51 -6.64 35.14
N ALA B 395 13.02 -5.43 34.89
CA ALA B 395 13.58 -4.57 35.93
C ALA B 395 12.76 -3.29 36.03
N MET B 396 12.36 -2.93 37.25
CA MET B 396 11.58 -1.73 37.50
C MET B 396 12.39 -0.74 38.31
N PRO B 397 12.82 0.37 37.73
CA PRO B 397 13.61 1.34 38.50
C PRO B 397 12.77 2.05 39.55
N ILE B 398 13.37 2.27 40.72
CA ILE B 398 12.74 3.00 41.81
C ILE B 398 13.29 4.42 41.82
N MET B 399 12.48 5.37 42.24
CA MET B 399 12.83 6.78 42.16
C MET B 399 12.55 7.49 43.47
N ALA B 400 13.20 8.64 43.64
CA ALA B 400 12.93 9.58 44.72
C ALA B 400 12.97 10.97 44.11
N ASN B 401 11.96 11.79 44.41
CA ASN B 401 11.78 13.06 43.71
C ASN B 401 11.67 14.21 44.69
N LEU B 402 12.57 15.18 44.56
CA LEU B 402 12.35 16.50 45.14
C LEU B 402 11.49 17.33 44.18
N VAL B 403 10.57 18.11 44.75
CA VAL B 403 9.75 18.96 43.91
C VAL B 403 10.63 19.96 43.17
N ASN B 404 10.34 20.15 41.88
CA ASN B 404 11.12 20.96 40.94
C ASN B 404 12.63 20.87 41.24
N SER B 405 13.13 19.64 41.20
CA SER B 405 14.55 19.38 41.44
C SER B 405 14.90 18.03 40.83
N LYS B 406 16.20 17.79 40.69
CA LYS B 406 16.71 16.59 40.05
C LYS B 406 16.29 15.35 40.83
N SER B 407 15.72 14.37 40.13
CA SER B 407 15.29 13.13 40.76
C SER B 407 16.44 12.14 40.85
N HIS B 408 16.27 11.15 41.74
CA HIS B 408 17.33 10.21 42.07
C HIS B 408 16.82 8.79 41.96
N ASN B 409 17.71 7.87 41.59
CA ASN B 409 17.39 6.45 41.53
C ASN B 409 18.01 5.78 42.75
N ILE B 410 17.20 5.02 43.48
CA ILE B 410 17.60 4.47 44.77
C ILE B 410 17.45 2.96 44.85
N GLY B 411 17.13 2.30 43.74
CA GLY B 411 17.01 0.85 43.76
C GLY B 411 16.27 0.35 42.54
N SER B 412 15.80 -0.90 42.66
CA SER B 412 15.14 -1.59 41.56
C SER B 412 14.18 -2.63 42.12
N LEU B 413 13.55 -3.36 41.21
CA LEU B 413 12.62 -4.44 41.58
C LEU B 413 12.48 -5.36 40.37
N TYR B 414 12.80 -6.63 40.55
CA TYR B 414 12.87 -7.59 39.45
C TYR B 414 11.67 -8.52 39.50
N VAL B 415 10.96 -8.64 38.37
CA VAL B 415 9.76 -9.43 38.26
C VAL B 415 9.92 -10.44 37.13
N SER B 416 9.61 -11.70 37.40
CA SER B 416 9.55 -12.75 36.39
C SER B 416 8.09 -13.06 36.11
N TRP B 417 7.72 -13.11 34.84
CA TRP B 417 6.33 -13.25 34.43
C TRP B 417 6.19 -14.28 33.34
N SER B 418 5.13 -15.09 33.43
CA SER B 418 4.75 -16.04 32.38
C SER B 418 3.21 -16.03 32.35
N ASP B 419 2.66 -15.21 31.46
CA ASP B 419 1.23 -14.92 31.49
C ASP B 419 0.39 -16.18 31.23
N GLY B 420 -0.62 -16.37 32.06
CA GLY B 420 -1.49 -17.53 31.99
C GLY B 420 -2.76 -17.26 32.76
N ASP B 421 -3.60 -18.28 32.86
CA ASP B 421 -4.95 -18.12 33.40
C ASP B 421 -5.12 -18.75 34.77
N VAL B 422 -4.10 -18.72 35.62
CA VAL B 422 -4.19 -19.41 36.90
C VAL B 422 -4.41 -18.44 38.05
N ILE B 423 -3.86 -17.22 37.96
CA ILE B 423 -3.95 -16.24 39.03
C ILE B 423 -4.25 -14.88 38.42
N THR B 424 -4.95 -14.04 39.19
CA THR B 424 -5.47 -12.77 38.71
C THR B 424 -5.30 -11.70 39.78
N GLY B 425 -4.92 -10.50 39.35
CA GLY B 425 -4.77 -9.38 40.27
C GLY B 425 -6.06 -8.58 40.38
N VAL B 426 -6.36 -8.15 41.60
CA VAL B 426 -7.57 -7.38 41.89
C VAL B 426 -7.16 -6.15 42.70
N PRO B 427 -7.93 -5.05 42.69
CA PRO B 427 -7.53 -3.88 43.48
C PRO B 427 -7.46 -4.15 44.97
N LYS B 428 -8.43 -4.88 45.52
CA LYS B 428 -8.41 -5.25 46.93
C LYS B 428 -9.50 -6.26 47.24
N PRO B 429 -9.38 -7.04 48.31
CA PRO B 429 -10.54 -7.74 48.85
C PRO B 429 -11.46 -6.73 49.53
N VAL B 430 -12.62 -6.51 48.94
CA VAL B 430 -13.48 -5.41 49.35
C VAL B 430 -14.30 -5.86 50.56
N GLU B 431 -14.79 -4.89 51.34
CA GLU B 431 -15.49 -5.17 52.59
C GLU B 431 -16.97 -5.53 52.34
N GLY B 432 -17.15 -6.61 51.60
CA GLY B 432 -18.46 -7.18 51.32
C GLY B 432 -19.00 -6.85 49.94
N VAL B 433 -18.57 -5.74 49.35
CA VAL B 433 -19.01 -5.38 48.01
C VAL B 433 -18.58 -6.47 47.03
N SER B 434 -19.53 -7.00 46.28
CA SER B 434 -19.29 -8.16 45.45
C SER B 434 -18.51 -7.80 44.19
N SER B 435 -17.61 -8.69 43.80
CA SER B 435 -16.95 -8.62 42.50
C SER B 435 -17.49 -9.66 41.53
N PHE B 436 -18.65 -10.23 41.82
CA PHE B 436 -19.23 -11.31 41.03
C PHE B 436 -20.35 -10.82 40.12
N MET B 437 -21.21 -9.92 40.60
CA MET B 437 -22.21 -9.28 39.74
C MET B 437 -22.51 -7.90 40.33
N ASN B 438 -21.91 -6.87 39.73
CA ASN B 438 -22.16 -5.47 40.12
C ASN B 438 -22.05 -4.64 38.84
N VAL B 439 -23.19 -4.41 38.19
CA VAL B 439 -23.23 -3.75 36.89
C VAL B 439 -24.23 -2.60 36.93
N THR B 440 -24.06 -1.67 36.00
CA THR B 440 -25.02 -0.61 35.74
C THR B 440 -25.58 -0.78 34.34
N LEU B 441 -26.82 -0.35 34.17
CA LEU B 441 -27.56 -0.60 32.94
C LEU B 441 -27.93 0.71 32.24
N ASN B 442 -27.93 0.66 30.90
CA ASN B 442 -28.40 1.75 30.05
C ASN B 442 -27.54 3.00 30.17
N LYS B 443 -26.39 2.88 30.82
CA LYS B 443 -25.44 3.97 30.97
C LYS B 443 -24.10 3.52 30.44
N CYS B 444 -23.47 4.34 29.59
CA CYS B 444 -22.15 3.99 29.10
C CYS B 444 -21.18 3.86 30.27
N THR B 445 -20.57 2.69 30.38
CA THR B 445 -19.75 2.33 31.53
C THR B 445 -18.50 1.62 31.04
N LYS B 446 -17.42 1.71 31.82
CA LYS B 446 -16.22 0.95 31.54
C LYS B 446 -16.27 -0.35 32.33
N TYR B 447 -16.32 -1.46 31.62
CA TYR B 447 -16.63 -2.76 32.18
C TYR B 447 -15.41 -3.68 32.12
N ASN B 448 -15.43 -4.69 33.00
CA ASN B 448 -14.48 -5.80 32.96
C ASN B 448 -15.31 -7.03 33.33
N ILE B 449 -15.86 -7.69 32.31
CA ILE B 449 -16.85 -8.74 32.48
C ILE B 449 -16.22 -10.06 32.05
N TYR B 450 -16.06 -10.98 33.01
CA TYR B 450 -15.37 -12.25 32.77
C TYR B 450 -14.02 -12.02 32.10
N ASP B 451 -13.27 -11.07 32.65
CA ASP B 451 -11.88 -10.79 32.29
C ASP B 451 -11.73 -10.24 30.88
N VAL B 452 -12.79 -9.66 30.32
CA VAL B 452 -12.74 -8.93 29.06
C VAL B 452 -13.15 -7.50 29.36
N SER B 453 -12.28 -6.55 29.03
CA SER B 453 -12.46 -5.16 29.42
C SER B 453 -12.78 -4.30 28.20
N GLY B 454 -13.51 -3.22 28.45
CA GLY B 454 -13.90 -2.31 27.39
C GLY B 454 -14.83 -1.25 27.92
N VAL B 455 -15.43 -0.51 26.99
CA VAL B 455 -16.40 0.53 27.30
C VAL B 455 -17.66 0.27 26.48
N GLY B 456 -18.81 0.24 27.14
CA GLY B 456 -20.05 -0.04 26.44
C GLY B 456 -21.25 0.15 27.33
N VAL B 457 -22.40 -0.30 26.82
CA VAL B 457 -23.68 -0.18 27.50
C VAL B 457 -24.27 -1.58 27.67
N ILE B 458 -24.70 -1.89 28.89
CA ILE B 458 -25.23 -3.21 29.22
C ILE B 458 -26.74 -3.13 29.31
N ARG B 459 -27.41 -4.12 28.71
CA ARG B 459 -28.86 -4.19 28.70
C ARG B 459 -29.29 -5.60 29.09
N ILE B 460 -30.60 -5.75 29.35
CA ILE B 460 -31.11 -7.13 29.62
C ILE B 460 -31.38 -7.72 28.25
N SER B 461 -31.77 -8.98 28.17
CA SER B 461 -31.89 -9.61 26.83
C SER B 461 -33.20 -10.37 26.69
N ASN B 462 -33.25 -11.26 25.71
CA ASN B 462 -34.49 -12.01 25.41
C ASN B 462 -34.05 -13.40 24.95
N ASP B 463 -32.74 -13.61 24.87
CA ASP B 463 -32.21 -14.91 24.37
C ASP B 463 -32.09 -15.92 25.50
N THR B 464 -32.07 -17.21 25.15
CA THR B 464 -31.87 -18.28 26.17
C THR B 464 -30.61 -19.08 25.82
N PHE B 465 -29.73 -18.54 24.97
CA PHE B 465 -28.45 -19.19 24.63
C PHE B 465 -28.00 -20.06 25.81
N LEU B 466 -27.98 -21.39 25.65
CA LEU B 466 -27.67 -22.38 26.67
C LEU B 466 -26.17 -22.49 26.91
N ASN B 467 -25.36 -22.40 25.87
CA ASN B 467 -23.94 -22.72 25.95
C ASN B 467 -23.14 -21.51 26.41
N GLY B 468 -22.10 -21.78 27.20
CA GLY B 468 -21.10 -20.80 27.54
C GLY B 468 -21.57 -19.67 28.43
N ILE B 469 -20.68 -18.72 28.73
CA ILE B 469 -21.05 -17.54 29.50
C ILE B 469 -20.64 -16.24 28.83
N THR B 470 -19.79 -16.25 27.81
CA THR B 470 -19.42 -15.03 27.10
C THR B 470 -19.61 -15.27 25.61
N TYR B 471 -20.19 -14.29 24.93
CA TYR B 471 -20.50 -14.38 23.51
C TYR B 471 -19.79 -13.23 22.80
N THR B 472 -19.04 -13.56 21.75
CA THR B 472 -18.16 -12.60 21.10
C THR B 472 -18.42 -12.57 19.60
N SER B 473 -18.05 -11.45 19.00
CA SER B 473 -18.11 -11.29 17.55
C SER B 473 -16.84 -11.84 16.91
N THR B 474 -16.81 -11.81 15.58
CA THR B 474 -15.64 -12.30 14.86
C THR B 474 -14.42 -11.42 15.16
N SER B 475 -14.64 -10.12 15.34
CA SER B 475 -13.55 -9.23 15.72
C SER B 475 -13.03 -9.50 17.12
N GLY B 476 -13.77 -10.25 17.93
CA GLY B 476 -13.38 -10.55 19.29
C GLY B 476 -14.07 -9.71 20.35
N ASN B 477 -14.82 -8.68 19.94
CA ASN B 477 -15.47 -7.80 20.91
C ASN B 477 -16.60 -8.54 21.63
N LEU B 478 -16.90 -8.09 22.84
CA LEU B 478 -17.89 -8.74 23.69
C LEU B 478 -19.29 -8.27 23.28
N LEU B 479 -20.12 -9.21 22.82
CA LEU B 479 -21.50 -8.92 22.48
C LEU B 479 -22.47 -9.21 23.61
N GLY B 480 -22.13 -10.12 24.52
CA GLY B 480 -23.03 -10.45 25.60
C GLY B 480 -22.38 -11.40 26.58
N PHE B 481 -23.07 -11.59 27.70
CA PHE B 481 -22.60 -12.48 28.75
C PHE B 481 -23.80 -13.01 29.53
N LYS B 482 -23.52 -14.05 30.31
CA LYS B 482 -24.58 -14.66 31.14
C LYS B 482 -24.18 -14.64 32.61
N ASP B 483 -25.11 -14.41 33.52
CA ASP B 483 -24.81 -14.47 34.97
C ASP B 483 -24.99 -15.92 35.43
N VAL B 484 -23.91 -16.57 35.84
CA VAL B 484 -23.99 -18.01 36.21
C VAL B 484 -24.75 -18.13 37.52
N THR B 485 -25.94 -17.51 37.61
CA THR B 485 -26.78 -17.65 38.82
C THR B 485 -28.20 -17.97 38.36
N ASN B 486 -29.01 -16.94 38.10
CA ASN B 486 -30.33 -17.20 37.48
C ASN B 486 -30.06 -17.74 36.11
N GLY B 487 -29.22 -17.03 35.34
CA GLY B 487 -28.86 -17.46 33.98
C GLY B 487 -29.22 -16.42 32.95
N THR B 488 -29.58 -15.21 33.39
CA THR B 488 -30.06 -14.19 32.43
C THR B 488 -28.98 -13.88 31.41
N ILE B 489 -29.36 -13.47 30.21
CA ILE B 489 -28.40 -13.01 29.22
C ILE B 489 -28.42 -11.49 29.18
N TYR B 490 -27.25 -10.88 28.99
CA TYR B 490 -27.13 -9.44 28.81
C TYR B 490 -26.45 -9.15 27.48
N SER B 491 -26.65 -7.95 26.98
CA SER B 491 -26.08 -7.51 25.72
C SER B 491 -25.21 -6.29 25.93
N ILE B 492 -24.22 -6.12 25.05
CA ILE B 492 -23.25 -5.03 25.16
C ILE B 492 -23.14 -4.32 23.82
N THR B 493 -23.19 -2.99 23.85
CA THR B 493 -23.22 -2.15 22.66
C THR B 493 -22.43 -0.88 22.94
N PRO B 494 -21.60 -0.41 22.00
CA PRO B 494 -20.90 0.85 22.20
C PRO B 494 -21.88 2.00 22.37
N CYS B 495 -21.51 2.95 23.24
CA CYS B 495 -22.44 4.02 23.58
C CYS B 495 -22.53 5.11 22.53
N ASN B 496 -21.60 5.17 21.59
CA ASN B 496 -21.61 6.16 20.51
C ASN B 496 -21.34 5.47 19.18
N PRO B 497 -22.35 4.83 18.60
CA PRO B 497 -22.19 4.21 17.28
C PRO B 497 -22.15 5.27 16.19
N PRO B 498 -21.57 4.95 15.04
CA PRO B 498 -21.45 5.97 13.98
C PRO B 498 -22.79 6.41 13.43
N ASP B 499 -22.86 7.68 13.06
CA ASP B 499 -24.00 8.27 12.36
C ASP B 499 -23.55 8.72 10.98
N GLN B 500 -24.51 9.19 10.19
CA GLN B 500 -24.23 9.75 8.87
C GLN B 500 -24.93 11.09 8.74
N LEU B 501 -24.18 12.11 8.34
CA LEU B 501 -24.71 13.45 8.16
C LEU B 501 -24.85 13.74 6.66
N VAL B 502 -26.01 14.26 6.28
CA VAL B 502 -26.25 14.67 4.90
C VAL B 502 -25.92 16.15 4.77
N VAL B 503 -24.91 16.46 3.96
CA VAL B 503 -24.45 17.83 3.80
C VAL B 503 -24.74 18.26 2.36
N TYR B 504 -25.25 19.49 2.22
CA TYR B 504 -25.57 20.04 0.91
C TYR B 504 -25.39 21.55 0.98
N GLN B 505 -24.72 22.11 -0.03
CA GLN B 505 -24.46 23.54 -0.11
C GLN B 505 -23.73 24.05 1.14
N GLN B 506 -22.73 23.29 1.57
CA GLN B 506 -21.89 23.64 2.72
C GLN B 506 -22.70 23.81 4.00
N ALA B 507 -23.77 23.03 4.14
CA ALA B 507 -24.59 23.05 5.35
C ALA B 507 -25.15 21.66 5.58
N VAL B 508 -25.32 21.32 6.86
CA VAL B 508 -25.85 20.01 7.24
C VAL B 508 -27.37 20.09 7.23
N VAL B 509 -27.99 19.40 6.28
CA VAL B 509 -29.44 19.45 6.13
C VAL B 509 -30.15 18.30 6.83
N GLY B 510 -29.45 17.20 7.13
CA GLY B 510 -30.10 16.08 7.78
C GLY B 510 -29.07 15.15 8.40
N ALA B 511 -29.58 14.11 9.04
CA ALA B 511 -28.73 13.14 9.71
C ALA B 511 -29.51 11.84 9.90
N MET B 512 -28.90 10.73 9.46
CA MET B 512 -29.47 9.41 9.69
C MET B 512 -28.95 8.87 11.02
N LEU B 513 -29.88 8.53 11.91
CA LEU B 513 -29.56 8.15 13.28
C LEU B 513 -29.89 6.69 13.51
N SER B 514 -29.19 6.09 14.47
CA SER B 514 -29.45 4.71 14.82
C SER B 514 -30.70 4.56 15.69
N GLU B 515 -31.11 5.63 16.38
CA GLU B 515 -32.15 5.52 17.40
C GLU B 515 -33.14 6.68 17.29
N ASN B 516 -34.13 6.66 18.19
CA ASN B 516 -35.42 7.30 17.96
C ASN B 516 -35.44 8.63 18.73
N PHE B 517 -34.65 9.58 18.23
CA PHE B 517 -34.41 10.83 18.93
C PHE B 517 -34.13 11.97 17.96
N THR B 518 -34.17 13.20 18.47
CA THR B 518 -33.95 14.41 17.67
C THR B 518 -32.54 14.96 17.94
N SER B 519 -31.57 14.34 17.29
CA SER B 519 -30.18 14.75 17.49
C SER B 519 -29.77 15.87 16.53
N TYR B 520 -28.62 16.47 16.82
CA TYR B 520 -27.96 17.48 15.98
C TYR B 520 -28.83 18.71 15.75
N GLY B 521 -29.71 19.06 16.69
CA GLY B 521 -30.43 20.31 16.64
C GLY B 521 -31.61 20.35 15.68
N PHE B 522 -31.93 19.25 15.00
CA PHE B 522 -33.06 19.23 14.10
C PHE B 522 -34.36 19.08 14.88
N SER B 523 -35.41 19.75 14.40
CA SER B 523 -36.68 19.77 15.11
C SER B 523 -37.65 18.68 14.66
N ASN B 524 -37.32 17.92 13.63
CA ASN B 524 -38.21 16.91 13.09
C ASN B 524 -37.43 15.61 12.85
N VAL B 525 -38.02 14.50 13.28
CA VAL B 525 -37.44 13.18 13.05
C VAL B 525 -38.55 12.24 12.58
N VAL B 526 -38.23 11.41 11.58
CA VAL B 526 -39.16 10.43 11.04
C VAL B 526 -38.46 9.09 11.00
N GLU B 527 -39.26 8.02 10.93
CA GLU B 527 -38.76 6.67 10.92
C GLU B 527 -38.84 6.11 9.51
N MET B 528 -37.71 5.63 9.00
CA MET B 528 -37.62 4.97 7.72
C MET B 528 -37.50 3.47 7.98
N PRO B 529 -37.62 2.62 6.95
CA PRO B 529 -37.62 1.17 7.20
C PRO B 529 -36.42 0.64 7.97
N LYS B 530 -35.22 1.21 7.79
CA LYS B 530 -34.04 0.67 8.45
C LYS B 530 -33.21 1.71 9.20
N PHE B 531 -33.70 2.94 9.34
CA PHE B 531 -33.03 3.92 10.18
C PHE B 531 -33.99 5.08 10.45
N PHE B 532 -33.67 5.87 11.46
CA PHE B 532 -34.37 7.11 11.72
C PHE B 532 -33.63 8.26 11.04
N TYR B 533 -34.37 9.30 10.66
CA TYR B 533 -33.79 10.41 9.94
C TYR B 533 -34.32 11.72 10.52
N ALA B 534 -33.42 12.65 10.81
CA ALA B 534 -33.77 13.91 11.44
C ALA B 534 -33.34 15.07 10.56
N SER B 535 -34.23 16.05 10.39
CA SER B 535 -33.95 17.22 9.57
C SER B 535 -34.96 18.30 9.92
N ASN B 536 -34.67 19.53 9.48
CA ASN B 536 -35.60 20.65 9.57
C ASN B 536 -36.57 20.71 8.41
N GLY B 537 -36.75 19.62 7.66
CA GLY B 537 -37.65 19.64 6.53
C GLY B 537 -39.11 19.55 6.92
N THR B 538 -39.97 19.83 5.94
CA THR B 538 -41.41 19.76 6.10
C THR B 538 -42.08 18.75 5.19
N TYR B 539 -41.32 18.16 4.25
CA TYR B 539 -41.85 17.18 3.31
C TYR B 539 -42.90 17.81 2.39
N ASN B 540 -42.58 19.00 1.89
CA ASN B 540 -43.43 19.82 1.05
C ASN B 540 -42.70 20.02 -0.29
N CYS B 541 -41.97 19.00 -0.73
CA CYS B 541 -41.00 19.10 -1.81
C CYS B 541 -41.29 18.09 -2.90
N THR B 542 -40.78 18.36 -4.09
CA THR B 542 -41.02 17.48 -5.23
C THR B 542 -39.72 16.97 -5.85
N ASP B 543 -38.67 17.78 -5.83
CA ASP B 543 -37.38 17.42 -6.41
C ASP B 543 -36.39 17.07 -5.30
N ALA B 544 -35.42 16.22 -5.64
CA ALA B 544 -34.37 15.84 -4.73
C ALA B 544 -33.03 16.28 -5.29
N VAL B 545 -32.19 16.88 -4.46
CA VAL B 545 -30.89 17.39 -4.91
C VAL B 545 -29.79 16.35 -4.72
N LEU B 546 -29.88 15.52 -3.69
CA LEU B 546 -28.93 14.44 -3.45
C LEU B 546 -29.67 13.11 -3.43
N THR B 547 -29.13 12.12 -4.13
CA THR B 547 -29.80 10.84 -4.27
C THR B 547 -28.83 9.71 -4.01
N TYR B 548 -29.33 8.65 -3.37
CA TYR B 548 -28.66 7.36 -3.33
C TYR B 548 -29.73 6.29 -3.38
N SER B 549 -29.58 5.34 -4.31
CA SER B 549 -30.54 4.25 -4.50
C SER B 549 -31.96 4.77 -4.62
N SER B 550 -32.87 4.30 -3.77
CA SER B 550 -34.26 4.69 -3.81
C SER B 550 -34.57 5.89 -2.91
N PHE B 551 -33.56 6.52 -2.34
CA PHE B 551 -33.78 7.62 -1.40
C PHE B 551 -33.18 8.91 -1.94
N GLY B 552 -33.84 10.02 -1.61
CA GLY B 552 -33.34 11.33 -1.98
C GLY B 552 -33.71 12.32 -0.89
N VAL B 553 -33.04 13.47 -0.91
CA VAL B 553 -33.31 14.53 0.04
C VAL B 553 -33.61 15.81 -0.73
N CYS B 554 -34.57 16.58 -0.23
CA CYS B 554 -34.93 17.84 -0.88
C CYS B 554 -34.09 18.99 -0.33
N ALA B 555 -34.35 20.19 -0.84
CA ALA B 555 -33.51 21.34 -0.51
C ALA B 555 -33.67 21.74 0.94
N ASP B 556 -34.77 21.36 1.58
CA ASP B 556 -35.01 21.67 2.97
C ASP B 556 -34.61 20.55 3.91
N GLY B 557 -34.12 19.43 3.38
CA GLY B 557 -33.69 18.32 4.18
C GLY B 557 -34.65 17.16 4.30
N SER B 558 -35.84 17.26 3.72
CA SER B 558 -36.81 16.18 3.81
C SER B 558 -36.37 14.98 2.97
N ILE B 559 -36.62 13.78 3.49
CA ILE B 559 -36.25 12.54 2.81
C ILE B 559 -37.47 11.98 2.09
N ILE B 560 -37.29 11.60 0.82
CA ILE B 560 -38.37 11.07 -0.01
C ILE B 560 -37.84 9.89 -0.81
N ALA B 561 -38.77 9.10 -1.33
CA ALA B 561 -38.43 8.02 -2.23
C ALA B 561 -38.35 8.53 -3.66
N VAL B 562 -37.30 8.16 -4.37
CA VAL B 562 -37.07 8.64 -5.73
C VAL B 562 -37.75 7.69 -6.71
N GLN B 563 -38.07 8.21 -7.89
CA GLN B 563 -38.82 7.49 -8.90
C GLN B 563 -38.07 7.46 -10.22
N PRO B 564 -38.31 6.44 -11.06
CA PRO B 564 -37.60 6.37 -12.35
C PRO B 564 -37.95 7.53 -13.27
N ARG B 565 -36.99 7.85 -14.14
CA ARG B 565 -37.14 8.91 -15.13
C ARG B 565 -38.13 8.48 -16.22
N ASN B 566 -39.19 9.24 -16.38
CA ASN B 566 -40.25 8.90 -17.33
C ASN B 566 -39.82 9.25 -18.75
N VAL B 567 -40.00 8.30 -19.66
CA VAL B 567 -39.68 8.48 -21.08
C VAL B 567 -40.74 7.75 -21.90
N SER B 568 -40.71 7.97 -23.21
CA SER B 568 -41.56 7.25 -24.15
C SER B 568 -40.66 6.48 -25.12
N TYR B 569 -40.83 5.17 -25.17
CA TYR B 569 -39.99 4.34 -26.01
C TYR B 569 -40.38 4.45 -27.48
N ASP B 570 -39.38 4.23 -28.34
CA ASP B 570 -39.64 4.15 -29.77
C ASP B 570 -40.29 2.82 -30.12
N SER B 571 -40.90 2.76 -31.29
CA SER B 571 -41.64 1.58 -31.72
C SER B 571 -41.28 1.22 -33.15
N VAL B 572 -41.41 -0.06 -33.46
CA VAL B 572 -41.24 -0.56 -34.83
C VAL B 572 -42.60 -0.44 -35.52
N SER B 573 -42.69 0.43 -36.52
CA SER B 573 -43.97 0.69 -37.17
C SER B 573 -44.37 -0.52 -38.01
N ALA B 574 -45.52 -1.11 -37.67
CA ALA B 574 -45.92 -2.38 -38.27
C ALA B 574 -46.57 -2.17 -39.64
N ILE B 575 -46.56 -3.23 -40.43
CA ILE B 575 -47.17 -3.25 -41.76
C ILE B 575 -48.55 -3.86 -41.61
N VAL B 576 -49.59 -3.02 -41.61
CA VAL B 576 -50.96 -3.48 -41.48
C VAL B 576 -51.87 -2.34 -41.88
N THR B 577 -53.07 -2.69 -42.36
CA THR B 577 -54.08 -1.69 -42.71
C THR B 577 -54.73 -1.19 -41.43
N ALA B 578 -54.25 -0.05 -40.94
CA ALA B 578 -54.77 0.57 -39.72
C ALA B 578 -54.29 2.01 -39.69
N ASN B 579 -54.62 2.72 -38.61
CA ASN B 579 -54.14 4.09 -38.40
C ASN B 579 -52.79 4.07 -37.70
N LEU B 580 -51.82 4.77 -38.29
CA LEU B 580 -50.47 4.89 -37.76
C LEU B 580 -50.19 6.34 -37.38
N SER B 581 -49.43 6.52 -36.30
CA SER B 581 -48.96 7.84 -35.88
C SER B 581 -47.51 8.00 -36.30
N ILE B 582 -47.22 9.08 -37.03
CA ILE B 582 -45.91 9.30 -37.62
C ILE B 582 -45.43 10.69 -37.18
N PRO B 583 -44.19 10.84 -36.72
CA PRO B 583 -43.71 12.15 -36.27
C PRO B 583 -43.88 13.20 -37.36
N PHE B 584 -44.34 14.38 -36.95
CA PHE B 584 -44.75 15.45 -37.86
C PHE B 584 -43.98 16.74 -37.66
N ASN B 585 -43.52 17.00 -36.44
CA ASN B 585 -42.75 18.19 -36.09
C ASN B 585 -41.54 17.76 -35.30
N TRP B 586 -40.49 18.56 -35.36
CA TRP B 586 -39.21 18.18 -34.78
C TRP B 586 -38.65 19.32 -33.95
N THR B 587 -37.88 18.95 -32.92
CA THR B 587 -37.16 19.90 -32.10
C THR B 587 -35.75 19.39 -31.88
N THR B 588 -34.83 20.30 -31.58
CA THR B 588 -33.42 19.97 -31.43
C THR B 588 -33.05 19.94 -29.95
N SER B 589 -32.23 18.96 -29.59
CA SER B 589 -31.76 18.81 -28.22
C SER B 589 -30.25 18.58 -28.23
N VAL B 590 -29.59 19.07 -27.19
CA VAL B 590 -28.15 18.90 -27.01
C VAL B 590 -27.91 18.16 -25.70
N GLN B 591 -27.20 17.04 -25.77
CA GLN B 591 -26.93 16.20 -24.63
C GLN B 591 -25.43 16.03 -24.46
N VAL B 592 -24.96 16.10 -23.22
CA VAL B 592 -23.54 16.24 -22.91
C VAL B 592 -23.05 14.99 -22.20
N GLU B 593 -21.86 14.54 -22.57
CA GLU B 593 -21.21 13.39 -21.94
C GLU B 593 -19.70 13.65 -21.84
N TYR B 594 -19.13 13.34 -20.69
CA TYR B 594 -17.71 13.56 -20.42
C TYR B 594 -17.00 12.22 -20.28
N LEU B 595 -15.81 12.11 -20.88
CA LEU B 595 -15.00 10.91 -20.81
C LEU B 595 -13.56 11.29 -20.51
N GLN B 596 -12.94 10.61 -19.55
CA GLN B 596 -11.54 10.82 -19.24
C GLN B 596 -10.66 10.01 -20.18
N ILE B 597 -9.71 10.68 -20.83
CA ILE B 597 -8.84 10.04 -21.81
C ILE B 597 -7.38 10.03 -21.40
N THR B 598 -7.03 10.60 -20.27
CA THR B 598 -5.65 10.56 -19.81
C THR B 598 -5.61 10.76 -18.30
N SER B 599 -4.48 10.37 -17.70
CA SER B 599 -4.22 10.58 -16.28
C SER B 599 -2.77 11.03 -16.15
N THR B 600 -2.55 12.13 -15.43
CA THR B 600 -1.22 12.72 -15.26
C THR B 600 -0.21 11.69 -14.80
N PRO B 601 0.77 11.34 -15.64
CA PRO B 601 1.73 10.31 -15.26
C PRO B 601 2.67 10.79 -14.15
N ILE B 602 3.03 9.87 -13.27
CA ILE B 602 3.98 10.13 -12.20
C ILE B 602 4.98 8.99 -12.16
N VAL B 603 6.27 9.35 -12.19
CA VAL B 603 7.35 8.37 -12.05
C VAL B 603 8.16 8.74 -10.81
N VAL B 604 8.82 7.74 -10.25
CA VAL B 604 9.61 7.93 -9.03
C VAL B 604 10.99 7.35 -9.25
N ASP B 605 11.96 7.85 -8.48
CA ASP B 605 13.30 7.26 -8.41
C ASP B 605 13.39 6.52 -7.09
N CYS B 606 13.47 5.19 -7.16
CA CYS B 606 13.34 4.36 -5.98
C CYS B 606 14.45 4.64 -4.96
N SER B 607 15.63 5.05 -5.42
CA SER B 607 16.73 5.29 -4.50
C SER B 607 16.49 6.51 -3.62
N THR B 608 15.99 7.60 -4.20
CA THR B 608 15.86 8.83 -3.44
C THR B 608 14.70 8.75 -2.44
N TYR B 609 13.60 8.09 -2.81
CA TYR B 609 12.45 8.02 -1.92
C TYR B 609 12.78 7.27 -0.63
N VAL B 610 13.51 6.16 -0.72
CA VAL B 610 13.70 5.32 0.45
C VAL B 610 14.96 5.68 1.23
N CYS B 611 15.98 6.23 0.58
CA CYS B 611 17.24 6.52 1.24
C CYS B 611 17.52 8.01 1.42
N ASN B 612 16.81 8.88 0.69
CA ASN B 612 16.96 10.33 0.82
C ASN B 612 18.41 10.75 0.56
N GLY B 613 19.06 10.06 -0.37
CA GLY B 613 20.41 10.40 -0.76
C GLY B 613 21.50 9.93 0.17
N ASN B 614 21.18 9.12 1.18
CA ASN B 614 22.20 8.66 2.11
C ASN B 614 23.02 7.54 1.46
N VAL B 615 24.35 7.66 1.55
CA VAL B 615 25.23 6.74 0.83
C VAL B 615 25.18 5.35 1.46
N ARG B 616 25.20 5.27 2.80
CA ARG B 616 25.20 3.96 3.44
C ARG B 616 23.87 3.24 3.24
N CYS B 617 22.81 3.98 2.96
CA CYS B 617 21.51 3.36 2.72
C CYS B 617 21.44 2.72 1.34
N VAL B 618 22.00 3.37 0.32
CA VAL B 618 21.79 2.90 -1.05
C VAL B 618 22.53 1.58 -1.29
N GLU B 619 23.67 1.37 -0.62
CA GLU B 619 24.35 0.07 -0.73
C GLU B 619 23.74 -0.97 0.18
N LEU B 620 22.89 -0.59 1.13
CA LEU B 620 22.05 -1.54 1.84
C LEU B 620 20.78 -1.86 1.06
N LEU B 621 20.36 -0.96 0.18
CA LEU B 621 19.19 -1.19 -0.65
C LEU B 621 19.46 -2.23 -1.74
N LYS B 622 20.72 -2.31 -2.20
CA LYS B 622 21.05 -3.21 -3.31
C LYS B 622 20.88 -4.67 -2.94
N GLN B 623 20.88 -5.01 -1.65
CA GLN B 623 20.66 -6.39 -1.23
C GLN B 623 19.22 -6.83 -1.42
N TYR B 624 18.31 -5.92 -1.74
CA TYR B 624 16.92 -6.26 -2.03
C TYR B 624 16.69 -6.62 -3.49
N THR B 625 17.75 -6.56 -4.31
CA THR B 625 17.75 -7.01 -5.70
C THR B 625 16.60 -6.42 -6.54
N SER B 626 15.54 -7.19 -6.76
CA SER B 626 14.49 -6.82 -7.69
C SER B 626 13.48 -5.84 -7.11
N ALA B 627 13.68 -5.36 -5.87
CA ALA B 627 12.71 -4.49 -5.24
C ALA B 627 12.52 -3.20 -6.03
N CYS B 628 13.59 -2.43 -6.21
CA CYS B 628 13.46 -1.14 -6.87
C CYS B 628 13.21 -1.28 -8.37
N LYS B 629 13.68 -2.37 -8.98
CA LYS B 629 13.45 -2.58 -10.41
C LYS B 629 11.96 -2.76 -10.72
N THR B 630 11.26 -3.53 -9.88
CA THR B 630 9.85 -3.80 -10.15
C THR B 630 9.02 -2.52 -10.12
N ILE B 631 9.29 -1.64 -9.15
CA ILE B 631 8.52 -0.40 -9.04
C ILE B 631 8.79 0.50 -10.23
N GLU B 632 10.06 0.68 -10.60
CA GLU B 632 10.40 1.62 -11.66
C GLU B 632 9.95 1.11 -13.02
N ASP B 633 10.12 -0.19 -13.28
CA ASP B 633 9.66 -0.75 -14.55
C ASP B 633 8.14 -0.77 -14.65
N ALA B 634 7.43 -0.83 -13.53
CA ALA B 634 5.97 -0.80 -13.58
C ALA B 634 5.45 0.60 -13.91
N LEU B 635 6.04 1.63 -13.28
CA LEU B 635 5.56 2.99 -13.49
C LEU B 635 5.97 3.53 -14.86
N ARG B 636 7.17 3.16 -15.33
CA ARG B 636 7.69 3.73 -16.57
C ARG B 636 6.95 3.19 -17.79
N ASN B 637 6.90 1.85 -17.94
CA ASN B 637 6.30 1.27 -19.14
C ASN B 637 4.81 1.57 -19.21
N SER B 638 4.13 1.65 -18.07
CA SER B 638 2.73 2.03 -18.07
C SER B 638 2.55 3.46 -18.58
N ALA B 639 3.46 4.36 -18.21
CA ALA B 639 3.36 5.75 -18.66
C ALA B 639 3.69 5.90 -20.14
N MET B 640 4.61 5.08 -20.66
CA MET B 640 5.00 5.20 -22.06
C MET B 640 3.88 4.76 -22.99
N LEU B 641 3.20 3.66 -22.66
CA LEU B 641 2.05 3.24 -23.45
C LEU B 641 0.89 4.22 -23.29
N GLU B 642 0.75 4.81 -22.10
CA GLU B 642 -0.28 5.83 -21.89
C GLU B 642 -0.05 7.04 -22.78
N SER B 643 1.22 7.38 -23.03
CA SER B 643 1.52 8.47 -23.94
C SER B 643 1.35 8.08 -25.40
N ALA B 644 1.70 6.85 -25.76
CA ALA B 644 1.59 6.42 -27.15
C ALA B 644 0.13 6.30 -27.58
N ASP B 645 -0.75 5.87 -26.67
CA ASP B 645 -2.17 5.78 -27.00
C ASP B 645 -2.75 7.15 -27.34
N VAL B 646 -2.40 8.17 -26.54
CA VAL B 646 -2.92 9.51 -26.77
C VAL B 646 -2.31 10.13 -28.02
N SER B 647 -1.02 9.89 -28.25
CA SER B 647 -0.33 10.52 -29.38
C SER B 647 -0.86 10.03 -30.72
N GLU B 648 -1.26 8.75 -30.78
CA GLU B 648 -1.84 8.21 -32.00
C GLU B 648 -3.24 8.75 -32.22
N MET B 649 -3.97 9.06 -31.14
CA MET B 649 -5.34 9.55 -31.25
C MET B 649 -5.39 10.99 -31.74
N LEU B 650 -4.43 11.83 -31.35
CA LEU B 650 -4.47 13.26 -31.66
C LEU B 650 -3.96 13.48 -33.08
N THR B 651 -4.88 13.41 -34.02
CA THR B 651 -4.58 13.69 -35.42
C THR B 651 -5.02 15.12 -35.77
N PHE B 652 -4.54 15.60 -36.91
CA PHE B 652 -4.73 17.00 -37.28
C PHE B 652 -4.94 17.11 -38.78
N ASP B 653 -5.66 18.15 -39.20
CA ASP B 653 -5.99 18.34 -40.60
C ASP B 653 -6.17 19.84 -40.85
N LYS B 654 -5.23 20.45 -41.57
CA LYS B 654 -5.34 21.87 -41.87
C LYS B 654 -6.56 22.18 -42.74
N LYS B 655 -6.82 21.34 -43.73
CA LYS B 655 -7.88 21.61 -44.71
C LYS B 655 -9.25 21.76 -44.04
N ALA B 656 -9.43 21.17 -42.87
CA ALA B 656 -10.68 21.27 -42.12
C ALA B 656 -10.58 22.20 -40.92
N PHE B 657 -9.38 22.36 -40.36
CA PHE B 657 -9.21 23.27 -39.22
C PHE B 657 -9.51 24.70 -39.61
N THR B 658 -9.15 25.10 -40.83
CA THR B 658 -9.38 26.47 -41.28
C THR B 658 -10.85 26.80 -41.41
N LEU B 659 -11.74 25.81 -41.40
CA LEU B 659 -13.17 26.04 -41.45
C LEU B 659 -13.82 26.06 -40.08
N ALA B 660 -13.05 25.95 -39.00
CA ALA B 660 -13.57 26.07 -37.65
C ALA B 660 -13.72 27.56 -37.34
N ASN B 661 -14.85 28.11 -37.77
CA ASN B 661 -15.06 29.55 -37.74
C ASN B 661 -16.55 29.81 -37.56
N VAL B 662 -16.88 31.00 -37.08
CA VAL B 662 -18.29 31.32 -36.86
C VAL B 662 -19.02 31.52 -38.18
N SER B 663 -18.29 31.85 -39.25
CA SER B 663 -18.94 32.08 -40.54
C SER B 663 -19.36 30.78 -41.22
N SER B 664 -18.66 29.69 -40.93
CA SER B 664 -18.92 28.43 -41.61
C SER B 664 -20.24 27.78 -41.21
N PHE B 665 -20.90 28.28 -40.17
CA PHE B 665 -22.10 27.63 -39.64
C PHE B 665 -23.36 28.48 -39.73
N GLY B 666 -23.26 29.74 -40.14
CA GLY B 666 -24.44 30.54 -40.42
C GLY B 666 -25.33 30.72 -39.19
N ASP B 667 -26.60 30.36 -39.33
CA ASP B 667 -27.58 30.56 -38.26
C ASP B 667 -27.31 29.68 -37.05
N TYR B 668 -26.46 28.68 -37.16
CA TYR B 668 -26.11 27.83 -36.02
C TYR B 668 -24.93 28.47 -35.29
N ASN B 669 -25.19 29.03 -34.11
CA ASN B 669 -24.18 29.78 -33.35
C ASN B 669 -23.30 28.80 -32.61
N LEU B 670 -22.17 28.44 -33.23
CA LEU B 670 -21.16 27.58 -32.61
C LEU B 670 -19.96 28.38 -32.13
N SER B 671 -20.18 29.63 -31.69
CA SER B 671 -19.07 30.49 -31.31
C SER B 671 -18.43 30.04 -30.00
N SER B 672 -19.19 29.40 -29.12
CA SER B 672 -18.68 29.02 -27.81
C SER B 672 -17.77 27.80 -27.85
N VAL B 673 -17.64 27.13 -29.00
CA VAL B 673 -16.85 25.91 -29.09
C VAL B 673 -15.66 26.03 -30.03
N ILE B 674 -15.62 27.01 -30.93
CA ILE B 674 -14.53 27.12 -31.89
C ILE B 674 -13.26 27.59 -31.18
N PRO B 675 -12.08 27.20 -31.65
CA PRO B 675 -10.84 27.61 -30.97
C PRO B 675 -10.66 29.12 -31.00
N SER B 676 -10.07 29.65 -29.93
CA SER B 676 -9.83 31.09 -29.83
C SER B 676 -8.65 31.50 -30.69
N LEU B 677 -8.75 32.69 -31.28
CA LEU B 677 -7.65 33.23 -32.06
C LEU B 677 -6.49 33.53 -31.12
N PRO B 678 -5.26 33.16 -31.48
CA PRO B 678 -4.11 33.40 -30.60
C PRO B 678 -3.94 34.88 -30.29
N ARG B 679 -3.96 35.21 -28.98
CA ARG B 679 -3.90 36.61 -28.58
C ARG B 679 -2.59 37.27 -28.97
N SER B 680 -1.47 36.54 -28.85
CA SER B 680 -0.16 37.11 -29.12
C SER B 680 0.66 36.22 -30.02
N GLY B 681 0.01 35.50 -30.93
CA GLY B 681 0.73 34.60 -31.82
C GLY B 681 1.42 33.49 -31.02
N SER B 682 2.48 32.96 -31.62
CA SER B 682 3.38 31.95 -31.04
C SER B 682 2.65 30.67 -30.59
N ARG B 683 1.38 30.53 -30.93
CA ARG B 683 0.69 29.25 -30.84
C ARG B 683 -0.43 29.23 -31.86
N VAL B 684 -0.84 28.01 -32.25
CA VAL B 684 -1.84 27.85 -33.30
C VAL B 684 -3.21 28.27 -32.80
N ALA B 685 -3.59 27.83 -31.61
CA ALA B 685 -4.89 28.18 -31.05
C ALA B 685 -4.88 27.96 -29.54
N GLY B 686 -5.89 28.52 -28.88
CA GLY B 686 -6.10 28.33 -27.46
C GLY B 686 -7.42 27.67 -27.15
N ARG B 687 -7.80 27.73 -25.87
CA ARG B 687 -9.06 27.16 -25.42
C ARG B 687 -10.23 27.95 -26.00
N SER B 688 -11.36 27.26 -26.18
CA SER B 688 -12.58 27.89 -26.64
C SER B 688 -13.28 28.55 -25.45
N ALA B 689 -14.48 29.08 -25.67
CA ALA B 689 -15.23 29.72 -24.60
C ALA B 689 -15.77 28.73 -23.58
N ILE B 690 -15.72 27.43 -23.87
CA ILE B 690 -16.13 26.39 -22.93
C ILE B 690 -14.95 25.61 -22.39
N GLU B 691 -13.93 25.38 -23.23
CA GLU B 691 -12.75 24.64 -22.80
C GLU B 691 -12.04 25.31 -21.64
N ASP B 692 -12.12 26.65 -21.56
CA ASP B 692 -11.47 27.37 -20.47
C ASP B 692 -12.35 27.54 -19.24
N ILE B 693 -13.67 27.57 -19.41
CA ILE B 693 -14.57 27.61 -18.25
C ILE B 693 -14.44 26.33 -17.44
N LEU B 694 -14.41 25.18 -18.12
CA LEU B 694 -14.23 23.91 -17.43
C LEU B 694 -12.83 23.78 -16.82
N PHE B 695 -11.86 24.54 -17.32
CA PHE B 695 -10.49 24.46 -16.83
C PHE B 695 -10.20 25.45 -15.71
N SER B 696 -11.02 26.49 -15.55
CA SER B 696 -10.78 27.51 -14.53
C SER B 696 -11.92 27.64 -13.53
N LYS B 697 -13.17 27.70 -14.01
CA LYS B 697 -14.30 27.91 -13.11
C LYS B 697 -14.51 26.72 -12.18
N LEU B 698 -13.98 25.55 -12.52
CA LEU B 698 -14.00 24.41 -11.62
C LEU B 698 -12.94 24.59 -10.53
N VAL B 699 -12.81 23.59 -9.66
CA VAL B 699 -11.86 23.68 -8.56
C VAL B 699 -10.44 23.72 -9.09
N THR B 700 -9.66 24.70 -8.62
CA THR B 700 -8.25 24.82 -8.99
C THR B 700 -7.44 23.90 -8.07
N SER B 701 -7.06 22.73 -8.59
CA SER B 701 -6.36 21.72 -7.79
C SER B 701 -4.86 21.99 -7.75
N GLY B 702 -4.50 23.11 -7.11
CA GLY B 702 -3.11 23.44 -6.91
C GLY B 702 -2.43 22.66 -5.80
N LEU B 703 -3.21 22.14 -4.85
CA LEU B 703 -2.67 21.33 -3.76
C LEU B 703 -2.58 19.86 -4.16
N GLY B 704 -1.90 19.61 -5.28
CA GLY B 704 -1.82 18.26 -5.80
C GLY B 704 -0.87 18.11 -6.97
N THR B 705 -1.29 17.38 -7.99
CA THR B 705 -0.42 17.04 -9.11
C THR B 705 -0.17 18.27 -9.98
N VAL B 706 1.10 18.53 -10.27
CA VAL B 706 1.50 19.52 -11.26
C VAL B 706 2.91 19.20 -11.70
N ASP B 707 3.16 19.32 -13.01
CA ASP B 707 4.48 19.01 -13.54
C ASP B 707 5.48 20.07 -13.11
N ALA B 708 6.50 19.65 -12.37
CA ALA B 708 7.43 20.58 -11.75
C ALA B 708 8.41 21.14 -12.77
N ASP B 709 8.84 22.38 -12.51
CA ASP B 709 9.91 23.01 -13.28
C ASP B 709 11.22 22.60 -12.64
N TYR B 710 11.85 21.55 -13.17
CA TYR B 710 13.05 21.01 -12.57
C TYR B 710 14.23 21.96 -12.69
N LYS B 711 14.16 22.92 -13.62
CA LYS B 711 15.21 23.91 -13.76
C LYS B 711 15.18 24.91 -12.61
N LYS B 712 13.98 25.20 -12.08
CA LYS B 712 13.85 26.14 -10.97
C LYS B 712 14.35 25.53 -9.66
N CYS B 713 14.16 24.23 -9.48
CA CYS B 713 14.38 23.62 -8.16
C CYS B 713 15.87 23.60 -7.79
N THR B 714 16.74 23.27 -8.74
CA THR B 714 18.15 23.13 -8.43
C THR B 714 18.82 24.47 -8.17
N LYS B 715 18.37 25.54 -8.84
CA LYS B 715 18.93 26.86 -8.58
C LYS B 715 18.71 27.28 -7.13
N GLY B 716 17.51 27.04 -6.61
CA GLY B 716 17.25 27.23 -5.19
C GLY B 716 17.43 28.65 -4.68
N LEU B 717 17.03 29.64 -5.46
CA LEU B 717 17.07 31.02 -4.98
C LEU B 717 15.85 31.36 -4.14
N SER B 718 14.88 30.46 -4.05
CA SER B 718 13.72 30.61 -3.18
C SER B 718 13.43 29.27 -2.53
N ILE B 719 12.79 29.30 -1.36
CA ILE B 719 12.44 28.07 -0.66
C ILE B 719 11.51 27.25 -1.54
N ALA B 720 11.77 25.94 -1.60
CA ALA B 720 11.08 25.06 -2.53
C ALA B 720 9.57 25.10 -2.33
N ASP B 721 8.84 25.19 -3.44
CA ASP B 721 7.39 25.17 -3.42
C ASP B 721 6.88 23.73 -3.37
N LEU B 722 5.58 23.54 -3.60
CA LEU B 722 4.99 22.21 -3.51
C LEU B 722 5.54 21.28 -4.58
N ALA B 723 5.96 21.83 -5.72
CA ALA B 723 6.48 20.99 -6.80
C ALA B 723 7.91 20.55 -6.54
N CYS B 724 8.79 21.49 -6.16
CA CYS B 724 10.18 21.15 -5.90
C CYS B 724 10.34 20.28 -4.66
N ALA B 725 9.44 20.43 -3.68
CA ALA B 725 9.54 19.60 -2.47
C ALA B 725 9.37 18.13 -2.82
N GLN B 726 8.44 17.82 -3.72
CA GLN B 726 8.26 16.42 -4.12
C GLN B 726 9.42 15.93 -4.96
N TYR B 727 10.04 16.81 -5.75
CA TYR B 727 11.16 16.40 -6.60
C TYR B 727 12.36 15.98 -5.76
N TYR B 728 12.59 16.67 -4.64
CA TYR B 728 13.70 16.31 -3.76
C TYR B 728 13.54 14.92 -3.16
N ASN B 729 12.33 14.37 -3.14
CA ASN B 729 12.07 13.05 -2.60
C ASN B 729 11.93 11.99 -3.68
N GLY B 730 12.34 12.29 -4.91
CA GLY B 730 12.30 11.33 -5.99
C GLY B 730 11.03 11.32 -6.81
N ILE B 731 9.97 11.98 -6.34
CA ILE B 731 8.71 11.99 -7.08
C ILE B 731 8.82 13.02 -8.21
N MET B 732 8.57 12.58 -9.43
CA MET B 732 8.64 13.45 -10.60
C MET B 732 7.34 13.33 -11.37
N VAL B 733 6.60 14.42 -11.47
CA VAL B 733 5.38 14.47 -12.27
C VAL B 733 5.77 14.81 -13.71
N LEU B 734 5.56 13.87 -14.61
CA LEU B 734 5.89 14.10 -16.01
C LEU B 734 4.93 15.12 -16.62
N PRO B 735 5.40 15.92 -17.57
CA PRO B 735 4.51 16.91 -18.20
C PRO B 735 3.32 16.24 -18.86
N GLY B 736 2.16 16.91 -18.81
CA GLY B 736 0.94 16.37 -19.35
C GLY B 736 1.00 16.03 -20.82
N VAL B 737 0.66 14.79 -21.17
CA VAL B 737 0.64 14.37 -22.56
C VAL B 737 -0.43 15.12 -23.33
N ALA B 738 -1.50 15.52 -22.66
CA ALA B 738 -2.58 16.31 -23.29
C ALA B 738 -2.14 17.78 -23.36
N ASP B 739 -1.32 18.06 -24.36
CA ASP B 739 -0.79 19.40 -24.57
C ASP B 739 -1.92 20.30 -25.05
N ALA B 740 -2.06 21.47 -24.40
CA ALA B 740 -3.17 22.37 -24.72
C ALA B 740 -3.12 22.85 -26.16
N GLU B 741 -1.92 23.00 -26.72
CA GLU B 741 -1.80 23.35 -28.14
C GLU B 741 -2.40 22.27 -29.02
N ARG B 742 -2.03 21.01 -28.78
CA ARG B 742 -2.46 19.92 -29.64
C ARG B 742 -3.95 19.67 -29.52
N MET B 743 -4.53 19.89 -28.34
CA MET B 743 -5.96 19.67 -28.15
C MET B 743 -6.77 20.71 -28.92
N ALA B 744 -6.35 21.97 -28.89
CA ALA B 744 -7.05 23.00 -29.65
C ALA B 744 -6.97 22.74 -31.15
N MET B 745 -5.88 22.11 -31.60
CA MET B 745 -5.77 21.70 -33.00
C MET B 745 -6.50 20.40 -33.29
N TYR B 746 -6.84 19.62 -32.25
CA TYR B 746 -7.56 18.38 -32.44
C TYR B 746 -9.06 18.61 -32.47
N THR B 747 -9.59 19.26 -31.42
CA THR B 747 -11.02 19.58 -31.40
C THR B 747 -11.37 20.58 -32.48
N GLY B 748 -10.45 21.49 -32.83
CA GLY B 748 -10.74 22.46 -33.88
C GLY B 748 -10.91 21.81 -35.24
N SER B 749 -10.07 20.83 -35.55
CA SER B 749 -10.21 20.11 -36.81
C SER B 749 -11.52 19.33 -36.86
N LEU B 750 -11.89 18.70 -35.75
CA LEU B 750 -13.11 17.89 -35.73
C LEU B 750 -14.36 18.76 -35.87
N ILE B 751 -14.32 19.98 -35.30
CA ILE B 751 -15.48 20.86 -35.37
C ILE B 751 -15.70 21.35 -36.80
N GLY B 752 -14.62 21.71 -37.49
CA GLY B 752 -14.74 22.29 -38.82
C GLY B 752 -15.03 21.28 -39.91
N GLY B 753 -14.93 19.99 -39.62
CA GLY B 753 -15.22 18.98 -40.62
C GLY B 753 -16.68 18.91 -41.03
N ILE B 754 -17.58 19.41 -40.19
CA ILE B 754 -19.00 19.37 -40.52
C ILE B 754 -19.32 20.29 -41.68
N ALA B 755 -18.52 21.34 -41.88
CA ALA B 755 -18.76 22.25 -42.99
C ALA B 755 -18.31 21.68 -44.33
N LEU B 756 -17.50 20.63 -44.33
CA LEU B 756 -17.09 19.99 -45.57
C LEU B 756 -18.26 19.27 -46.21
N GLY B 757 -18.35 19.34 -47.54
CA GLY B 757 -19.44 18.71 -48.24
C GLY B 757 -19.02 17.96 -49.49
N GLY B 758 -17.73 17.67 -49.61
CA GLY B 758 -17.25 16.93 -50.77
C GLY B 758 -17.25 17.71 -52.07
N LEU B 759 -17.24 19.03 -52.00
CA LEU B 759 -17.30 19.87 -53.19
C LEU B 759 -15.93 20.00 -53.84
N THR B 760 -15.94 20.45 -55.09
CA THR B 760 -14.70 20.75 -55.80
C THR B 760 -13.96 21.89 -55.10
N SER B 761 -12.65 21.74 -54.98
CA SER B 761 -11.76 22.67 -54.27
C SER B 761 -12.15 22.87 -52.82
N ALA B 762 -13.00 21.99 -52.27
CA ALA B 762 -13.37 22.00 -50.86
C ALA B 762 -14.05 23.31 -50.45
N ALA B 763 -14.71 23.98 -51.39
CA ALA B 763 -15.48 25.16 -51.04
C ALA B 763 -16.67 24.76 -50.19
N SER B 764 -16.85 25.45 -49.06
CA SER B 764 -17.88 25.06 -48.10
C SER B 764 -19.26 25.45 -48.60
N ILE B 765 -20.20 24.52 -48.53
CA ILE B 765 -21.61 24.79 -48.80
C ILE B 765 -22.18 25.61 -47.66
N PRO B 766 -23.30 26.31 -47.84
CA PRO B 766 -24.00 26.88 -46.69
C PRO B 766 -24.39 25.78 -45.71
N PHE B 767 -24.29 26.09 -44.42
CA PHE B 767 -24.42 25.06 -43.40
C PHE B 767 -25.83 24.47 -43.35
N SER B 768 -26.82 25.14 -43.94
CA SER B 768 -28.16 24.57 -44.02
C SER B 768 -28.16 23.27 -44.81
N LEU B 769 -27.30 23.17 -45.82
CA LEU B 769 -27.22 21.96 -46.63
C LEU B 769 -26.43 20.85 -45.96
N ALA B 770 -25.51 21.20 -45.06
CA ALA B 770 -24.86 20.18 -44.24
C ALA B 770 -25.88 19.52 -43.33
N ILE B 771 -26.80 20.30 -42.76
CA ILE B 771 -27.89 19.75 -41.97
C ILE B 771 -28.83 18.95 -42.85
N GLN B 772 -29.16 19.48 -44.04
CA GLN B 772 -30.10 18.81 -44.92
C GLN B 772 -29.55 17.47 -45.41
N SER B 773 -28.25 17.41 -45.69
CA SER B 773 -27.64 16.14 -46.07
C SER B 773 -27.74 15.13 -44.94
N ARG B 774 -27.57 15.57 -43.69
CA ARG B 774 -27.64 14.68 -42.55
C ARG B 774 -29.08 14.29 -42.22
N LEU B 775 -30.06 15.08 -42.66
CA LEU B 775 -31.45 14.67 -42.51
C LEU B 775 -31.84 13.63 -43.54
N ASN B 776 -31.27 13.73 -44.75
CA ASN B 776 -31.54 12.73 -45.78
C ASN B 776 -31.05 11.35 -45.37
N TYR B 777 -29.96 11.29 -44.61
CA TYR B 777 -29.43 10.01 -44.13
C TYR B 777 -30.38 9.33 -43.16
N VAL B 778 -31.28 10.08 -42.53
CA VAL B 778 -32.32 9.49 -41.69
C VAL B 778 -33.48 9.00 -42.55
N ALA B 779 -34.06 9.92 -43.31
CA ALA B 779 -35.13 9.57 -44.25
C ALA B 779 -35.02 10.48 -45.46
N LEU B 780 -35.45 9.98 -46.61
CA LEU B 780 -35.32 10.72 -47.86
C LEU B 780 -36.23 11.95 -47.82
N GLN B 781 -35.62 13.14 -47.84
CA GLN B 781 -36.37 14.37 -47.69
C GLN B 781 -37.20 14.67 -48.93
N THR B 782 -38.43 15.17 -48.71
CA THR B 782 -39.28 15.65 -49.78
C THR B 782 -39.71 17.09 -49.61
N ASP B 783 -39.50 17.68 -48.44
CA ASP B 783 -39.76 19.10 -48.23
C ASP B 783 -38.68 19.89 -48.94
N VAL B 784 -38.99 20.40 -50.13
CA VAL B 784 -37.98 21.08 -50.94
C VAL B 784 -37.96 22.58 -50.68
N LEU B 785 -39.02 23.16 -50.10
CA LEU B 785 -39.02 24.57 -49.75
C LEU B 785 -38.32 24.84 -48.42
N GLN B 786 -38.02 23.80 -47.64
CA GLN B 786 -37.11 23.88 -46.50
C GLN B 786 -37.57 24.93 -45.47
N GLU B 787 -38.73 24.64 -44.87
CA GLU B 787 -39.29 25.50 -43.84
C GLU B 787 -38.78 25.18 -42.44
N ASN B 788 -38.35 23.95 -42.19
CA ASN B 788 -38.09 23.50 -40.82
C ASN B 788 -36.72 23.92 -40.28
N GLN B 789 -35.86 24.54 -41.09
CA GLN B 789 -34.53 24.89 -40.58
C GLN B 789 -34.59 25.97 -39.53
N ARG B 790 -35.57 26.87 -39.61
CA ARG B 790 -35.65 27.99 -38.69
C ARG B 790 -35.90 27.50 -37.26
N ILE B 791 -36.76 26.50 -37.09
CA ILE B 791 -37.01 25.97 -35.76
C ILE B 791 -35.85 25.09 -35.29
N LEU B 792 -35.26 24.30 -36.20
CA LEU B 792 -34.14 23.46 -35.82
C LEU B 792 -32.95 24.30 -35.37
N ALA B 793 -32.70 25.42 -36.05
CA ALA B 793 -31.61 26.30 -35.64
C ALA B 793 -31.94 27.03 -34.35
N ALA B 794 -33.18 27.51 -34.21
CA ALA B 794 -33.57 28.26 -33.02
C ALA B 794 -33.50 27.38 -31.77
N SER B 795 -33.98 26.15 -31.86
CA SER B 795 -33.91 25.24 -30.71
C SER B 795 -32.47 24.87 -30.39
N PHE B 796 -31.61 24.77 -31.42
CA PHE B 796 -30.20 24.51 -31.18
C PHE B 796 -29.52 25.67 -30.48
N ASN B 797 -29.77 26.90 -30.95
CA ASN B 797 -29.15 28.07 -30.35
C ASN B 797 -29.61 28.26 -28.91
N LYS B 798 -30.90 28.06 -28.64
CA LYS B 798 -31.40 28.18 -27.28
C LYS B 798 -30.82 27.09 -26.38
N ALA B 799 -30.53 25.91 -26.94
CA ALA B 799 -29.94 24.84 -26.15
C ALA B 799 -28.53 25.22 -25.68
N MET B 800 -27.73 25.82 -26.57
CA MET B 800 -26.36 26.17 -26.21
C MET B 800 -26.32 27.17 -25.06
N THR B 801 -27.22 28.16 -25.07
CA THR B 801 -27.24 29.13 -23.99
C THR B 801 -27.50 28.46 -22.65
N ASN B 802 -28.43 27.51 -22.61
CA ASN B 802 -28.70 26.79 -21.37
C ASN B 802 -27.53 25.90 -20.97
N ILE B 803 -26.68 25.50 -21.91
CA ILE B 803 -25.52 24.69 -21.58
C ILE B 803 -24.41 25.54 -20.98
N VAL B 804 -24.09 26.66 -21.63
CA VAL B 804 -23.02 27.54 -21.15
C VAL B 804 -23.39 28.11 -19.78
N ASP B 805 -24.63 28.57 -19.63
CA ASP B 805 -25.07 29.11 -18.35
C ASP B 805 -25.08 28.04 -17.27
N ALA B 806 -25.29 26.78 -17.64
CA ALA B 806 -25.25 25.70 -16.64
C ALA B 806 -23.82 25.37 -16.23
N PHE B 807 -22.86 25.46 -17.15
CA PHE B 807 -21.46 25.24 -16.79
C PHE B 807 -20.98 26.30 -15.80
N THR B 808 -21.32 27.57 -16.05
CA THR B 808 -20.94 28.62 -15.11
C THR B 808 -21.72 28.50 -13.81
N GLY B 809 -22.99 28.13 -13.89
CA GLY B 809 -23.83 27.98 -12.72
C GLY B 809 -24.81 29.11 -12.48
N VAL B 810 -24.91 30.08 -13.39
CA VAL B 810 -25.86 31.17 -13.23
C VAL B 810 -27.30 30.71 -13.42
N ASN B 811 -27.51 29.49 -13.90
CA ASN B 811 -28.84 28.91 -14.06
C ASN B 811 -29.00 27.67 -13.18
N ASP B 812 -28.27 27.62 -12.05
CA ASP B 812 -28.22 26.42 -11.24
C ASP B 812 -29.57 26.10 -10.59
N ALA B 813 -30.40 27.11 -10.34
CA ALA B 813 -31.70 26.87 -9.73
C ALA B 813 -32.73 26.30 -10.70
N ILE B 814 -32.43 26.30 -12.00
CA ILE B 814 -33.38 25.84 -13.02
C ILE B 814 -32.71 24.77 -13.86
N THR B 815 -31.76 24.03 -13.27
CA THR B 815 -31.05 22.98 -13.99
C THR B 815 -31.86 21.70 -14.16
N GLN B 816 -32.98 21.56 -13.46
CA GLN B 816 -33.81 20.37 -13.59
C GLN B 816 -34.92 20.54 -14.63
N THR B 817 -34.93 21.65 -15.37
CA THR B 817 -35.99 21.90 -16.35
C THR B 817 -36.04 20.83 -17.44
N SER B 818 -34.95 20.09 -17.63
CA SER B 818 -34.96 18.99 -18.60
C SER B 818 -33.88 18.00 -18.22
N GLN B 819 -34.10 16.75 -18.59
CA GLN B 819 -33.09 15.71 -18.43
C GLN B 819 -31.90 15.92 -19.38
N ALA B 820 -32.04 16.80 -20.36
CA ALA B 820 -30.87 17.24 -21.14
C ALA B 820 -29.94 18.07 -20.27
N LEU B 821 -30.50 18.92 -19.41
CA LEU B 821 -29.68 19.65 -18.44
C LEU B 821 -29.24 18.76 -17.28
N GLN B 822 -29.89 17.63 -17.08
CA GLN B 822 -29.42 16.65 -16.09
C GLN B 822 -28.04 16.12 -16.46
N THR B 823 -27.76 15.97 -17.76
CA THR B 823 -26.45 15.49 -18.18
C THR B 823 -25.35 16.50 -17.89
N VAL B 824 -25.68 17.79 -17.90
CA VAL B 824 -24.69 18.81 -17.53
C VAL B 824 -24.31 18.67 -16.06
N ALA B 825 -25.31 18.47 -15.20
CA ALA B 825 -25.03 18.26 -13.78
C ALA B 825 -24.24 16.97 -13.58
N THR B 826 -24.57 15.92 -14.34
CA THR B 826 -23.84 14.67 -14.24
C THR B 826 -22.39 14.83 -14.67
N ALA B 827 -22.16 15.59 -15.76
CA ALA B 827 -20.79 15.79 -16.23
C ALA B 827 -19.98 16.60 -15.23
N LEU B 828 -20.58 17.66 -14.66
CA LEU B 828 -19.86 18.45 -13.67
C LEU B 828 -19.59 17.64 -12.40
N ASN B 829 -20.52 16.76 -12.04
CA ASN B 829 -20.29 15.86 -10.90
C ASN B 829 -19.11 14.93 -11.17
N LYS B 830 -19.00 14.45 -12.41
CA LYS B 830 -17.94 13.50 -12.76
C LYS B 830 -16.59 14.20 -12.90
N ILE B 831 -16.58 15.40 -13.48
CA ILE B 831 -15.33 16.13 -13.68
C ILE B 831 -14.69 16.49 -12.35
N GLN B 832 -15.50 16.95 -11.39
CA GLN B 832 -14.96 17.40 -10.12
C GLN B 832 -14.27 16.27 -9.36
N ASP B 833 -14.76 15.03 -9.52
CA ASP B 833 -14.07 13.89 -8.92
C ASP B 833 -12.69 13.69 -9.55
N VAL B 834 -12.59 13.85 -10.87
CA VAL B 834 -11.30 13.71 -11.55
C VAL B 834 -10.33 14.79 -11.08
N VAL B 835 -10.82 16.02 -10.94
CA VAL B 835 -9.95 17.13 -10.58
C VAL B 835 -9.43 17.00 -9.15
N ASN B 836 -10.18 16.32 -8.28
CA ASN B 836 -9.82 16.23 -6.86
C ASN B 836 -9.11 14.93 -6.50
N GLN B 837 -9.61 13.80 -6.99
CA GLN B 837 -9.11 12.50 -6.54
C GLN B 837 -7.70 12.18 -7.04
N GLN B 838 -7.22 12.89 -8.06
CA GLN B 838 -5.94 12.54 -8.67
C GLN B 838 -4.76 12.84 -7.76
N GLY B 839 -4.86 13.85 -6.90
CA GLY B 839 -3.75 14.23 -6.06
C GLY B 839 -3.61 13.43 -4.78
N ASN B 840 -4.57 12.55 -4.47
CA ASN B 840 -4.57 11.88 -3.18
C ASN B 840 -3.40 10.91 -3.05
N SER B 841 -2.98 10.28 -4.14
CA SER B 841 -1.91 9.28 -4.07
C SER B 841 -0.58 9.92 -3.70
N LEU B 842 -0.29 11.11 -4.24
CA LEU B 842 0.99 11.75 -3.94
C LEU B 842 1.05 12.27 -2.52
N ASN B 843 -0.05 12.84 -2.00
CA ASN B 843 -0.06 13.30 -0.62
C ASN B 843 0.06 12.13 0.35
N HIS B 844 -0.58 11.00 0.06
CA HIS B 844 -0.40 9.81 0.90
C HIS B 844 1.03 9.30 0.82
N LEU B 845 1.61 9.29 -0.38
CA LEU B 845 2.95 8.74 -0.54
C LEU B 845 3.99 9.59 0.19
N THR B 846 3.86 10.91 0.11
CA THR B 846 4.85 11.78 0.74
C THR B 846 4.72 11.78 2.25
N SER B 847 3.49 11.69 2.76
CA SER B 847 3.29 11.65 4.21
C SER B 847 3.80 10.36 4.84
N GLN B 848 3.97 9.29 4.04
CA GLN B 848 4.54 8.06 4.58
C GLN B 848 6.01 8.22 4.97
N LEU B 849 6.66 9.30 4.54
CA LEU B 849 8.05 9.54 4.91
C LEU B 849 8.19 10.03 6.34
N ARG B 850 7.09 10.41 7.00
CA ARG B 850 7.13 10.77 8.41
C ARG B 850 7.21 9.56 9.33
N GLN B 851 6.87 8.37 8.84
CA GLN B 851 6.73 7.21 9.71
C GLN B 851 8.08 6.75 10.23
N ASN B 852 8.08 6.24 11.47
CA ASN B 852 9.28 5.65 12.05
C ASN B 852 9.41 4.17 11.76
N PHE B 853 8.29 3.45 11.64
CA PHE B 853 8.30 2.00 11.46
C PHE B 853 9.11 1.32 12.56
N GLN B 854 8.87 1.73 13.81
CA GLN B 854 9.57 1.24 14.99
C GLN B 854 11.08 1.42 14.90
N ALA B 855 11.55 2.43 14.17
CA ALA B 855 12.95 2.80 14.15
C ALA B 855 13.19 3.93 15.13
N ILE B 856 14.47 4.14 15.46
CA ILE B 856 14.83 5.17 16.44
C ILE B 856 14.45 6.56 15.93
N SER B 857 14.61 6.80 14.63
CA SER B 857 14.26 8.09 14.05
C SER B 857 13.77 7.88 12.63
N SER B 858 12.96 8.84 12.15
CA SER B 858 12.49 8.81 10.78
C SER B 858 13.49 9.40 9.79
N SER B 859 14.56 10.03 10.28
CA SER B 859 15.61 10.58 9.44
C SER B 859 16.82 9.66 9.50
N ILE B 860 17.30 9.23 8.33
CA ILE B 860 18.38 8.26 8.27
C ILE B 860 19.67 8.85 8.83
N GLN B 861 19.95 10.12 8.52
CA GLN B 861 21.16 10.75 9.04
C GLN B 861 21.13 10.84 10.57
N ALA B 862 19.95 10.93 11.16
CA ALA B 862 19.83 10.94 12.62
C ALA B 862 20.15 9.59 13.25
N ILE B 863 20.26 8.54 12.45
CA ILE B 863 20.56 7.21 12.98
C ILE B 863 22.06 6.94 12.96
N TYR B 864 22.74 7.19 11.84
CA TYR B 864 24.19 7.04 11.80
C TYR B 864 24.90 8.08 12.64
N ASP B 865 24.23 9.17 13.01
CA ASP B 865 24.82 10.13 13.94
C ASP B 865 24.80 9.60 15.36
N ARG B 866 23.74 8.89 15.74
CA ARG B 866 23.56 8.47 17.13
C ARG B 866 24.31 7.17 17.43
N LEU B 867 24.32 6.23 16.49
CA LEU B 867 24.86 4.90 16.74
C LEU B 867 26.05 4.62 15.83
N ASP B 868 26.82 3.60 16.22
CA ASP B 868 27.90 3.12 15.38
C ASP B 868 27.32 2.41 14.15
N PRO B 869 28.08 2.32 13.07
CA PRO B 869 27.55 1.79 11.80
C PRO B 869 26.94 0.40 11.94
N PRO B 870 27.54 -0.54 12.69
CA PRO B 870 26.89 -1.86 12.79
C PRO B 870 25.50 -1.82 13.39
N GLN B 871 25.27 -0.95 14.38
CA GLN B 871 23.94 -0.86 14.98
C GLN B 871 22.96 -0.10 14.11
N ALA B 872 23.44 0.89 13.35
CA ALA B 872 22.55 1.71 12.54
C ALA B 872 21.89 0.92 11.42
N ASP B 873 22.58 -0.11 10.91
CA ASP B 873 22.04 -0.86 9.78
C ASP B 873 20.76 -1.60 10.16
N GLN B 874 20.70 -2.16 11.36
CA GLN B 874 19.50 -2.88 11.79
C GLN B 874 18.37 -1.93 12.18
N GLN B 875 18.65 -0.65 12.33
CA GLN B 875 17.61 0.37 12.52
C GLN B 875 17.13 0.93 11.18
N VAL B 876 18.06 1.21 10.28
CA VAL B 876 17.72 1.76 8.96
C VAL B 876 16.92 0.76 8.14
N ASP B 877 17.17 -0.53 8.35
CA ASP B 877 16.50 -1.55 7.55
C ASP B 877 14.98 -1.46 7.66
N ARG B 878 14.46 -1.06 8.82
CA ARG B 878 13.02 -0.90 8.97
C ARG B 878 12.49 0.25 8.13
N LEU B 879 13.28 1.32 7.96
CA LEU B 879 12.86 2.41 7.09
C LEU B 879 12.82 1.98 5.62
N ILE B 880 13.74 1.09 5.22
CA ILE B 880 13.76 0.64 3.83
C ILE B 880 12.53 -0.20 3.52
N THR B 881 12.22 -1.17 4.38
CA THR B 881 11.08 -2.05 4.14
C THR B 881 9.76 -1.29 4.22
N GLY B 882 9.63 -0.41 5.21
CA GLY B 882 8.38 0.33 5.36
C GLY B 882 8.10 1.27 4.20
N ARG B 883 9.16 1.81 3.59
CA ARG B 883 8.98 2.74 2.47
C ARG B 883 8.86 2.02 1.14
N LEU B 884 9.42 0.82 1.00
CA LEU B 884 9.13 0.00 -0.17
C LEU B 884 7.66 -0.41 -0.19
N ALA B 885 7.09 -0.73 0.98
CA ALA B 885 5.67 -1.02 1.06
C ALA B 885 4.82 0.21 0.75
N ALA B 886 5.31 1.40 1.11
CA ALA B 886 4.60 2.62 0.77
C ALA B 886 4.54 2.82 -0.74
N LEU B 887 5.64 2.52 -1.44
CA LEU B 887 5.64 2.62 -2.89
C LEU B 887 4.73 1.57 -3.53
N ASN B 888 4.66 0.37 -2.93
CA ASN B 888 3.82 -0.69 -3.50
C ASN B 888 2.36 -0.27 -3.54
N VAL B 889 1.88 0.40 -2.49
CA VAL B 889 0.50 0.88 -2.47
C VAL B 889 0.29 1.94 -3.54
N PHE B 890 1.27 2.83 -3.71
CA PHE B 890 1.15 3.88 -4.72
C PHE B 890 1.07 3.31 -6.12
N VAL B 891 1.88 2.29 -6.42
CA VAL B 891 1.85 1.66 -7.74
C VAL B 891 0.50 1.01 -7.98
N SER B 892 -0.11 0.45 -6.92
CA SER B 892 -1.43 -0.16 -7.08
C SER B 892 -2.47 0.86 -7.50
N HIS B 893 -2.45 2.05 -6.90
CA HIS B 893 -3.40 3.09 -7.29
C HIS B 893 -3.19 3.53 -8.72
N THR B 894 -1.94 3.72 -9.14
CA THR B 894 -1.66 4.21 -10.48
C THR B 894 -2.06 3.19 -11.55
N LEU B 895 -1.76 1.91 -11.31
CA LEU B 895 -2.13 0.88 -12.29
C LEU B 895 -3.64 0.72 -12.38
N THR B 896 -4.34 0.75 -11.24
CA THR B 896 -5.80 0.66 -11.26
C THR B 896 -6.42 1.87 -11.94
N LYS B 897 -5.78 3.04 -11.84
CA LYS B 897 -6.31 4.24 -12.47
C LYS B 897 -6.13 4.18 -13.99
N TYR B 898 -5.01 3.64 -14.47
CA TYR B 898 -4.80 3.55 -15.91
C TYR B 898 -5.70 2.52 -16.57
N THR B 899 -6.20 1.54 -15.81
CA THR B 899 -7.14 0.58 -16.39
C THR B 899 -8.46 1.24 -16.74
N GLU B 900 -9.00 2.04 -15.82
CA GLU B 900 -10.24 2.75 -16.10
C GLU B 900 -10.05 3.81 -17.18
N VAL B 901 -8.92 4.50 -17.18
CA VAL B 901 -8.69 5.55 -18.16
C VAL B 901 -8.55 4.95 -19.55
N ARG B 902 -7.89 3.80 -19.66
CA ARG B 902 -7.74 3.15 -20.97
C ARG B 902 -9.09 2.74 -21.55
N ALA B 903 -9.97 2.18 -20.73
CA ALA B 903 -11.30 1.81 -21.21
C ALA B 903 -12.09 3.05 -21.59
N SER B 904 -11.98 4.13 -20.81
CA SER B 904 -12.71 5.35 -21.13
C SER B 904 -12.14 6.04 -22.37
N ARG B 905 -10.85 5.84 -22.64
CA ARG B 905 -10.28 6.37 -23.88
C ARG B 905 -10.73 5.57 -25.08
N GLN B 906 -10.84 4.25 -24.92
CA GLN B 906 -11.28 3.39 -26.03
C GLN B 906 -12.71 3.74 -26.44
N LEU B 907 -13.57 4.00 -25.46
CA LEU B 907 -14.94 4.45 -25.79
C LEU B 907 -14.92 5.83 -26.43
N ALA B 908 -14.04 6.71 -25.95
CA ALA B 908 -13.95 8.05 -26.53
C ALA B 908 -13.52 8.00 -27.98
N GLN B 909 -12.55 7.13 -28.30
CA GLN B 909 -12.12 7.00 -29.69
C GLN B 909 -13.25 6.44 -30.56
N GLN B 910 -14.04 5.52 -30.02
CA GLN B 910 -15.19 5.01 -30.77
C GLN B 910 -16.19 6.11 -31.05
N LYS B 911 -16.45 6.97 -30.07
CA LYS B 911 -17.47 8.00 -30.25
C LYS B 911 -16.96 9.16 -31.11
N VAL B 912 -15.65 9.38 -31.15
CA VAL B 912 -15.10 10.36 -32.08
C VAL B 912 -15.28 9.89 -33.51
N ASN B 913 -15.05 8.59 -33.75
CA ASN B 913 -15.16 8.06 -35.11
C ASN B 913 -16.63 7.91 -35.53
N GLU B 914 -17.51 7.56 -34.60
CA GLU B 914 -18.87 7.20 -34.96
C GLU B 914 -19.90 8.31 -34.72
N CYS B 915 -19.68 9.18 -33.73
CA CYS B 915 -20.59 10.30 -33.50
C CYS B 915 -20.10 11.62 -34.08
N VAL B 916 -18.79 11.83 -34.20
CA VAL B 916 -18.27 13.11 -34.65
C VAL B 916 -17.94 13.07 -36.13
N LYS B 917 -17.05 12.16 -36.54
CA LYS B 917 -16.70 12.04 -37.95
C LYS B 917 -17.78 11.40 -38.80
N SER B 918 -18.77 10.77 -38.17
CA SER B 918 -19.84 10.09 -38.91
C SER B 918 -21.18 10.38 -38.25
N GLN B 919 -22.24 9.90 -38.87
CA GLN B 919 -23.59 9.97 -38.30
C GLN B 919 -24.02 8.55 -37.95
N SER B 920 -24.40 8.34 -36.69
CA SER B 920 -24.65 7.02 -36.18
C SER B 920 -26.14 6.68 -36.20
N LYS B 921 -26.44 5.41 -36.50
CA LYS B 921 -27.77 4.87 -36.36
C LYS B 921 -27.85 3.82 -35.26
N ARG B 922 -26.76 3.60 -34.52
CA ARG B 922 -26.80 2.76 -33.33
C ARG B 922 -27.57 3.50 -32.25
N TYR B 923 -28.71 2.95 -31.84
CA TYR B 923 -29.57 3.63 -30.89
C TYR B 923 -28.87 3.79 -29.54
N GLY B 924 -28.98 4.98 -28.96
CA GLY B 924 -28.49 5.22 -27.62
C GLY B 924 -26.98 5.36 -27.49
N PHE B 925 -26.25 5.46 -28.59
CA PHE B 925 -24.81 5.58 -28.52
C PHE B 925 -24.33 7.02 -28.64
N CYS B 926 -25.15 7.91 -29.20
CA CYS B 926 -24.78 9.31 -29.43
C CYS B 926 -25.96 10.22 -29.08
N GLY B 927 -26.53 10.03 -27.90
CA GLY B 927 -27.80 10.63 -27.50
C GLY B 927 -28.90 9.58 -27.48
N ASN B 928 -30.02 9.92 -26.84
CA ASN B 928 -31.05 8.90 -26.80
C ASN B 928 -31.86 8.86 -28.09
N GLY B 929 -31.72 9.87 -28.96
CA GLY B 929 -32.63 9.98 -30.09
C GLY B 929 -31.95 9.92 -31.45
N THR B 930 -32.55 10.55 -32.45
CA THR B 930 -32.03 10.51 -33.81
C THR B 930 -30.81 11.41 -33.90
N HIS B 931 -29.61 10.80 -33.94
CA HIS B 931 -28.37 11.56 -33.96
C HIS B 931 -28.25 12.33 -35.27
N ILE B 932 -27.72 13.55 -35.18
CA ILE B 932 -27.51 14.40 -36.35
C ILE B 932 -26.04 14.70 -36.48
N PHE B 933 -25.46 15.37 -35.48
CA PHE B 933 -24.03 15.63 -35.44
C PHE B 933 -23.61 15.81 -34.00
N SER B 934 -22.31 15.74 -33.76
CA SER B 934 -21.75 15.91 -32.43
C SER B 934 -20.55 16.83 -32.47
N LEU B 935 -20.28 17.45 -31.34
CA LEU B 935 -19.15 18.36 -31.17
C LEU B 935 -18.31 17.89 -29.99
N VAL B 936 -17.02 18.20 -30.01
CA VAL B 936 -16.10 17.76 -28.98
C VAL B 936 -15.23 18.93 -28.56
N ASN B 937 -14.93 19.00 -27.27
CA ASN B 937 -14.07 20.04 -26.70
C ASN B 937 -13.21 19.45 -25.60
N ALA B 938 -12.10 20.11 -25.34
CA ALA B 938 -11.19 19.67 -24.28
C ALA B 938 -11.81 19.91 -22.90
N ALA B 939 -11.52 19.00 -21.99
CA ALA B 939 -11.98 19.05 -20.61
C ALA B 939 -10.80 18.66 -19.73
N PRO B 940 -10.85 18.98 -18.44
CA PRO B 940 -9.75 18.58 -17.54
C PRO B 940 -9.48 17.09 -17.61
N GLU B 941 -8.31 16.72 -18.13
CA GLU B 941 -7.85 15.34 -18.23
C GLU B 941 -8.74 14.49 -19.14
N GLY B 942 -9.54 15.09 -19.99
CA GLY B 942 -10.42 14.31 -20.83
C GLY B 942 -11.08 15.13 -21.91
N LEU B 943 -12.22 14.63 -22.38
CA LEU B 943 -12.98 15.23 -23.46
C LEU B 943 -14.43 15.40 -23.04
N VAL B 944 -15.12 16.35 -23.66
CA VAL B 944 -16.54 16.58 -23.46
C VAL B 944 -17.23 16.55 -24.82
N PHE B 945 -18.35 15.83 -24.90
CA PHE B 945 -19.09 15.65 -26.14
C PHE B 945 -20.44 16.37 -26.04
N LEU B 946 -20.85 16.99 -27.15
CA LEU B 946 -22.13 17.67 -27.26
C LEU B 946 -22.91 17.02 -28.40
N HIS B 947 -23.76 16.06 -28.05
CA HIS B 947 -24.53 15.31 -29.04
C HIS B 947 -25.79 16.09 -29.40
N THR B 948 -25.90 16.47 -30.68
CA THR B 948 -27.10 17.13 -31.20
C THR B 948 -28.01 16.07 -31.78
N VAL B 949 -29.18 15.89 -31.16
CA VAL B 949 -30.14 14.87 -31.58
C VAL B 949 -31.50 15.52 -31.77
N LEU B 950 -32.37 14.84 -32.53
CA LEU B 950 -33.71 15.30 -32.79
C LEU B 950 -34.72 14.51 -31.97
N LEU B 951 -35.78 15.20 -31.53
CA LEU B 951 -36.87 14.60 -30.81
C LEU B 951 -38.19 15.06 -31.39
N PRO B 952 -39.20 14.20 -31.43
CA PRO B 952 -40.52 14.62 -31.94
C PRO B 952 -41.27 15.46 -30.93
N THR B 953 -42.20 16.27 -31.44
CA THR B 953 -43.02 17.09 -30.57
C THR B 953 -44.50 17.02 -30.95
N GLN B 954 -44.81 16.71 -32.21
CA GLN B 954 -46.17 16.41 -32.62
C GLN B 954 -46.17 15.25 -33.61
N TYR B 955 -47.37 14.68 -33.81
CA TYR B 955 -47.56 13.52 -34.66
C TYR B 955 -48.74 13.76 -35.61
N LYS B 956 -48.72 13.06 -36.74
CA LYS B 956 -49.83 13.02 -37.66
C LYS B 956 -50.37 11.59 -37.75
N ASP B 957 -51.69 11.45 -37.66
CA ASP B 957 -52.33 10.16 -37.82
C ASP B 957 -52.75 9.97 -39.27
N VAL B 958 -52.39 8.82 -39.85
CA VAL B 958 -52.62 8.55 -41.26
C VAL B 958 -53.32 7.21 -41.41
N GLU B 959 -54.27 7.13 -42.35
CA GLU B 959 -55.02 5.92 -42.63
C GLU B 959 -54.15 5.04 -43.53
N ALA B 960 -53.33 4.20 -42.91
CA ALA B 960 -52.39 3.37 -43.65
C ALA B 960 -53.08 2.16 -44.25
N TRP B 961 -52.45 1.60 -45.29
CA TRP B 961 -52.92 0.41 -45.96
C TRP B 961 -51.72 -0.50 -46.21
N SER B 962 -51.99 -1.81 -46.30
CA SER B 962 -50.90 -2.77 -46.37
C SER B 962 -50.33 -2.89 -47.78
N GLY B 963 -51.18 -2.83 -48.80
CA GLY B 963 -50.70 -3.02 -50.16
C GLY B 963 -51.83 -2.87 -51.15
N LEU B 964 -51.55 -3.25 -52.40
CA LEU B 964 -52.50 -3.17 -53.48
C LEU B 964 -52.82 -4.56 -54.01
N CYS B 965 -54.03 -4.73 -54.54
CA CYS B 965 -54.45 -5.94 -55.23
C CYS B 965 -55.23 -5.52 -56.46
N VAL B 966 -54.68 -5.81 -57.64
CA VAL B 966 -55.27 -5.38 -58.91
C VAL B 966 -55.93 -6.57 -59.58
N ASP B 967 -57.20 -6.42 -59.92
CA ASP B 967 -58.02 -7.46 -60.56
C ASP B 967 -58.17 -8.70 -59.69
N GLY B 968 -57.90 -8.58 -58.39
CA GLY B 968 -58.07 -9.69 -57.47
C GLY B 968 -57.06 -10.80 -57.61
N ILE B 969 -56.07 -10.67 -58.50
CA ILE B 969 -55.08 -11.72 -58.71
C ILE B 969 -53.65 -11.24 -58.64
N ASN B 970 -53.37 -9.94 -58.72
CA ASN B 970 -52.02 -9.41 -58.72
C ASN B 970 -51.83 -8.52 -57.51
N GLY B 971 -50.85 -8.84 -56.67
CA GLY B 971 -50.62 -8.13 -55.43
C GLY B 971 -49.33 -7.33 -55.48
N TYR B 972 -49.32 -6.21 -54.75
CA TYR B 972 -48.14 -5.36 -54.65
C TYR B 972 -47.93 -4.93 -53.20
N VAL B 973 -46.66 -4.78 -52.81
CA VAL B 973 -46.27 -4.25 -51.53
C VAL B 973 -45.16 -3.23 -51.75
N LEU B 974 -44.95 -2.36 -50.77
CA LEU B 974 -43.97 -1.29 -50.93
C LEU B 974 -42.56 -1.84 -51.02
N ARG B 975 -41.70 -1.11 -51.74
CA ARG B 975 -40.36 -1.59 -52.04
C ARG B 975 -39.48 -1.60 -50.80
N GLN B 976 -39.65 -0.64 -49.91
CA GLN B 976 -38.90 -0.59 -48.66
C GLN B 976 -39.83 -0.88 -47.49
N PRO B 977 -39.43 -1.74 -46.54
CA PRO B 977 -40.30 -1.99 -45.38
C PRO B 977 -40.51 -0.78 -44.50
N ASN B 978 -39.65 0.24 -44.58
CA ASN B 978 -39.78 1.43 -43.77
C ASN B 978 -40.60 2.53 -44.44
N LEU B 979 -41.39 2.19 -45.45
CA LEU B 979 -42.32 3.10 -46.08
C LEU B 979 -43.74 2.65 -45.81
N ALA B 980 -44.68 3.60 -45.84
CA ALA B 980 -46.07 3.32 -45.57
C ALA B 980 -46.94 4.01 -46.60
N LEU B 981 -47.99 3.32 -47.04
CA LEU B 981 -48.95 3.85 -47.99
C LEU B 981 -50.23 4.23 -47.24
N TYR B 982 -50.71 5.45 -47.46
CA TYR B 982 -51.84 5.96 -46.70
C TYR B 982 -52.75 6.79 -47.60
N LYS B 983 -53.98 6.98 -47.14
CA LYS B 983 -55.00 7.72 -47.87
C LYS B 983 -55.20 9.09 -47.25
N GLU B 984 -55.31 10.11 -48.11
CA GLU B 984 -55.59 11.47 -47.67
C GLU B 984 -56.69 12.03 -48.55
N GLY B 985 -57.87 12.22 -47.98
CA GLY B 985 -59.00 12.68 -48.77
C GLY B 985 -59.45 11.61 -49.74
N ASN B 986 -59.35 11.91 -51.04
CA ASN B 986 -59.73 10.97 -52.08
C ASN B 986 -58.55 10.32 -52.78
N TYR B 987 -57.34 10.84 -52.59
CA TYR B 987 -56.15 10.33 -53.25
C TYR B 987 -55.25 9.60 -52.24
N TYR B 988 -54.08 9.16 -52.70
CA TYR B 988 -53.17 8.37 -51.90
C TYR B 988 -51.78 9.00 -51.90
N ARG B 989 -51.01 8.68 -50.86
CA ARG B 989 -49.65 9.16 -50.70
C ARG B 989 -48.80 8.08 -50.03
N ILE B 990 -47.49 8.27 -50.07
CA ILE B 990 -46.53 7.39 -49.43
C ILE B 990 -45.62 8.24 -48.55
N THR B 991 -45.30 7.75 -47.35
CA THR B 991 -44.45 8.49 -46.44
C THR B 991 -43.53 7.53 -45.70
N SER B 992 -42.39 8.06 -45.27
CA SER B 992 -41.48 7.29 -44.42
C SER B 992 -42.08 7.13 -43.02
N ARG B 993 -41.80 5.99 -42.41
CA ARG B 993 -42.32 5.74 -41.06
C ARG B 993 -41.51 6.49 -40.01
N ILE B 994 -40.22 6.72 -40.25
CA ILE B 994 -39.40 7.45 -39.30
C ILE B 994 -39.81 8.93 -39.26
N MET B 995 -40.01 9.53 -40.42
CA MET B 995 -40.35 10.94 -40.52
C MET B 995 -41.47 11.11 -41.54
N PHE B 996 -42.39 12.03 -41.25
CA PHE B 996 -43.47 12.33 -42.19
C PHE B 996 -42.90 13.12 -43.36
N GLU B 997 -42.68 12.44 -44.48
CA GLU B 997 -42.20 13.06 -45.71
C GLU B 997 -43.11 12.59 -46.85
N PRO B 998 -44.11 13.39 -47.22
CA PRO B 998 -45.07 12.91 -48.23
C PRO B 998 -44.45 12.72 -49.59
N ARG B 999 -45.01 11.78 -50.34
CA ARG B 999 -44.46 11.32 -51.60
C ARG B 999 -45.59 10.93 -52.54
N ILE B 1000 -45.46 11.30 -53.80
CA ILE B 1000 -46.43 10.91 -54.82
C ILE B 1000 -46.08 9.50 -55.31
N PRO B 1001 -47.01 8.55 -55.25
CA PRO B 1001 -46.68 7.15 -55.58
C PRO B 1001 -46.32 6.98 -57.04
N THR B 1002 -45.07 6.60 -57.28
CA THR B 1002 -44.61 6.13 -58.59
C THR B 1002 -44.69 4.61 -58.60
N ILE B 1003 -44.90 4.03 -59.80
CA ILE B 1003 -45.05 2.58 -59.92
C ILE B 1003 -43.80 1.87 -59.41
N ALA B 1004 -42.65 2.53 -59.44
CA ALA B 1004 -41.42 1.91 -58.95
C ALA B 1004 -41.40 1.76 -57.43
N ASP B 1005 -42.32 2.41 -56.71
CA ASP B 1005 -42.39 2.27 -55.26
C ASP B 1005 -42.92 0.92 -54.81
N PHE B 1006 -43.42 0.10 -55.73
CA PHE B 1006 -44.06 -1.16 -55.38
C PHE B 1006 -43.25 -2.35 -55.87
N VAL B 1007 -43.54 -3.51 -55.27
CA VAL B 1007 -42.94 -4.79 -55.60
C VAL B 1007 -44.06 -5.79 -55.80
N GLN B 1008 -44.03 -6.51 -56.92
CA GLN B 1008 -45.11 -7.42 -57.26
C GLN B 1008 -44.91 -8.78 -56.58
N ILE B 1009 -45.98 -9.30 -55.99
CA ILE B 1009 -45.95 -10.58 -55.28
C ILE B 1009 -47.08 -11.47 -55.79
N GLU B 1010 -47.07 -12.73 -55.34
CA GLU B 1010 -47.89 -13.76 -55.96
C GLU B 1010 -49.34 -13.75 -55.48
N ASN B 1011 -49.63 -13.26 -54.28
CA ASN B 1011 -50.95 -13.44 -53.69
C ASN B 1011 -51.44 -12.13 -53.07
N CYS B 1012 -52.75 -12.01 -52.92
CA CYS B 1012 -53.37 -10.86 -52.28
C CYS B 1012 -53.79 -11.20 -50.85
N ASN B 1013 -53.54 -10.27 -49.94
CA ASN B 1013 -54.06 -10.36 -48.58
C ASN B 1013 -55.46 -9.76 -48.55
N VAL B 1014 -56.26 -10.19 -47.58
CA VAL B 1014 -57.66 -9.77 -47.54
C VAL B 1014 -57.75 -8.31 -47.12
N THR B 1015 -56.61 -7.66 -46.89
CA THR B 1015 -56.56 -6.30 -46.42
C THR B 1015 -55.98 -5.31 -47.43
N PHE B 1016 -55.65 -5.75 -48.64
CA PHE B 1016 -55.07 -4.84 -49.62
C PHE B 1016 -56.16 -3.92 -50.19
N VAL B 1017 -55.71 -2.85 -50.85
CA VAL B 1017 -56.60 -1.91 -51.52
C VAL B 1017 -57.17 -2.59 -52.75
N ASN B 1018 -58.50 -2.53 -52.91
CA ASN B 1018 -59.20 -3.33 -53.91
C ASN B 1018 -59.45 -2.50 -55.17
N ILE B 1019 -58.72 -2.82 -56.25
CA ILE B 1019 -58.59 -1.93 -57.38
C ILE B 1019 -58.43 -2.74 -58.66
N SER B 1020 -58.76 -2.11 -59.79
CA SER B 1020 -58.61 -2.71 -61.12
C SER B 1020 -57.68 -1.86 -61.97
N ARG B 1021 -57.10 -2.49 -63.00
CA ARG B 1021 -56.06 -1.87 -63.80
C ARG B 1021 -56.51 -0.56 -64.43
N SER B 1022 -57.78 -0.49 -64.85
CA SER B 1022 -58.25 0.71 -65.53
C SER B 1022 -58.22 1.93 -64.60
N GLU B 1023 -58.63 1.76 -63.35
CA GLU B 1023 -58.74 2.86 -62.40
C GLU B 1023 -57.58 2.91 -61.42
N LEU B 1024 -56.48 2.19 -61.70
CA LEU B 1024 -55.30 2.25 -60.84
C LEU B 1024 -54.67 3.64 -60.86
N GLN B 1025 -55.00 4.48 -61.84
CA GLN B 1025 -54.43 5.81 -61.92
C GLN B 1025 -54.80 6.69 -60.74
N THR B 1026 -55.85 6.32 -59.99
CA THR B 1026 -56.20 7.07 -58.79
C THR B 1026 -55.16 6.89 -57.68
N ILE B 1027 -54.43 5.79 -57.68
CA ILE B 1027 -53.39 5.55 -56.70
C ILE B 1027 -52.01 5.96 -57.23
N VAL B 1028 -51.71 5.61 -58.47
CA VAL B 1028 -50.48 6.03 -59.13
C VAL B 1028 -50.84 6.99 -60.25
N PRO B 1029 -50.69 8.30 -60.05
CA PRO B 1029 -51.16 9.27 -61.06
C PRO B 1029 -50.56 9.08 -62.44
N GLU B 1030 -49.29 8.70 -62.53
CA GLU B 1030 -48.60 8.64 -63.82
C GLU B 1030 -48.79 7.32 -64.55
N TYR B 1031 -49.50 6.36 -63.98
CA TYR B 1031 -49.66 5.06 -64.60
C TYR B 1031 -50.71 5.12 -65.69
N ILE B 1032 -50.30 4.88 -66.93
CA ILE B 1032 -51.22 4.77 -68.07
C ILE B 1032 -51.20 3.31 -68.51
N ASP B 1033 -52.39 2.71 -68.59
CA ASP B 1033 -52.51 1.31 -68.97
C ASP B 1033 -52.23 1.20 -70.46
N VAL B 1034 -51.05 0.65 -70.81
CA VAL B 1034 -50.60 0.63 -72.20
C VAL B 1034 -51.00 -0.63 -72.95
N ASN B 1035 -51.44 -1.68 -72.24
CA ASN B 1035 -52.22 -2.73 -72.87
C ASN B 1035 -53.62 -2.29 -73.27
N LYS B 1036 -54.48 -2.05 -72.28
CA LYS B 1036 -55.93 -2.04 -72.55
C LYS B 1036 -56.32 -0.93 -73.52
N THR B 1037 -55.56 0.17 -73.55
CA THR B 1037 -55.83 1.25 -74.49
C THR B 1037 -55.59 0.87 -75.95
N LEU B 1038 -54.69 -0.07 -76.24
CA LEU B 1038 -54.45 -0.46 -77.62
C LEU B 1038 -55.57 -1.33 -78.17
N GLN B 1039 -56.03 -2.30 -77.39
CA GLN B 1039 -57.21 -3.06 -77.77
C GLN B 1039 -58.44 -2.16 -77.81
N GLU B 1040 -58.53 -1.22 -76.85
CA GLU B 1040 -59.60 -0.23 -76.86
C GLU B 1040 -59.53 0.68 -78.08
N LEU B 1041 -58.37 0.76 -78.73
CA LEU B 1041 -58.17 1.65 -79.87
C LEU B 1041 -58.32 0.95 -81.21
N SER B 1042 -58.19 -0.38 -81.26
CA SER B 1042 -58.20 -1.10 -82.52
C SER B 1042 -59.52 -0.95 -83.27
N TYR B 1043 -60.60 -0.59 -82.59
CA TYR B 1043 -61.89 -0.43 -83.24
C TYR B 1043 -61.97 0.87 -84.01
N CYS C 32 -30.95 -37.95 24.18
CA CYS C 32 -31.53 -39.03 24.95
C CYS C 32 -33.06 -38.93 24.96
N VAL C 33 -33.71 -39.93 25.56
CA VAL C 33 -35.15 -40.03 25.73
C VAL C 33 -35.83 -40.36 24.41
N GLY C 34 -36.38 -41.57 24.37
CA GLY C 34 -37.11 -42.02 23.18
C GLY C 34 -36.18 -42.34 22.04
N HIS C 35 -36.73 -42.90 20.95
CA HIS C 35 -35.93 -43.08 19.72
C HIS C 35 -34.93 -44.23 19.84
N SER C 36 -34.39 -44.47 21.03
CA SER C 36 -33.30 -45.48 21.12
C SER C 36 -32.16 -44.92 20.27
N GLU C 37 -32.28 -43.65 19.87
CA GLU C 37 -31.24 -42.98 19.06
C GLU C 37 -30.81 -41.76 19.86
N ASN C 38 -31.75 -41.12 20.57
CA ASN C 38 -31.32 -40.02 21.48
C ASN C 38 -30.36 -40.76 22.39
N VAL C 39 -30.43 -42.09 22.37
CA VAL C 39 -29.40 -42.95 23.00
C VAL C 39 -29.12 -43.86 21.81
N PHE C 40 -28.34 -43.40 20.83
CA PHE C 40 -28.20 -44.15 19.55
C PHE C 40 -27.14 -45.27 19.52
N ALA C 41 -26.96 -45.86 18.35
CA ALA C 41 -25.99 -46.93 18.11
C ALA C 41 -24.85 -46.38 17.27
N VAL C 42 -23.70 -46.16 17.91
CA VAL C 42 -22.58 -45.52 17.22
C VAL C 42 -22.10 -46.42 16.08
N GLU C 43 -21.75 -45.79 14.96
CA GLU C 43 -21.34 -46.53 13.78
C GLU C 43 -19.93 -47.10 13.97
N SER C 44 -19.56 -47.99 13.05
CA SER C 44 -18.23 -48.59 13.08
C SER C 44 -17.16 -47.51 12.95
N GLY C 45 -16.17 -47.57 13.83
CA GLY C 45 -15.12 -46.58 13.89
C GLY C 45 -15.29 -45.55 15.00
N GLY C 46 -16.50 -45.41 15.54
CA GLY C 46 -16.76 -44.48 16.61
C GLY C 46 -17.46 -43.19 16.22
N TYR C 47 -17.93 -43.08 14.99
CA TYR C 47 -18.56 -41.84 14.54
C TYR C 47 -20.03 -41.77 14.97
N ILE C 48 -20.48 -40.56 15.27
CA ILE C 48 -21.87 -40.28 15.58
C ILE C 48 -22.65 -40.26 14.26
N PRO C 49 -23.86 -40.83 14.21
CA PRO C 49 -24.63 -40.82 12.96
C PRO C 49 -24.89 -39.41 12.47
N SER C 50 -24.95 -39.26 11.14
CA SER C 50 -25.11 -37.97 10.49
C SER C 50 -26.51 -37.40 10.62
N ASN C 51 -27.44 -38.10 11.27
CA ASN C 51 -28.81 -37.62 11.44
C ASN C 51 -29.17 -37.35 12.89
N PHE C 52 -28.23 -37.47 13.82
CA PHE C 52 -28.52 -37.27 15.23
C PHE C 52 -28.61 -35.78 15.54
N ALA C 53 -29.60 -35.40 16.34
CA ALA C 53 -30.01 -34.02 16.49
C ALA C 53 -29.19 -33.24 17.52
N PHE C 54 -28.29 -33.89 18.25
CA PHE C 54 -27.44 -33.23 19.23
C PHE C 54 -28.26 -32.49 20.28
N ASN C 55 -29.29 -33.15 20.79
CA ASN C 55 -30.07 -32.64 21.90
C ASN C 55 -29.28 -32.83 23.19
N ASN C 56 -28.96 -31.72 23.87
CA ASN C 56 -28.13 -31.72 25.08
C ASN C 56 -26.72 -32.26 24.83
N TRP C 57 -26.19 -32.03 23.63
CA TRP C 57 -24.77 -32.27 23.34
C TRP C 57 -24.15 -30.93 23.01
N PHE C 58 -23.31 -30.43 23.93
CA PHE C 58 -22.77 -29.09 23.85
C PHE C 58 -21.42 -29.06 23.15
N LEU C 59 -21.13 -27.94 22.51
CA LEU C 59 -19.81 -27.67 21.95
C LEU C 59 -18.93 -27.16 23.09
N LEU C 60 -17.87 -27.91 23.39
CA LEU C 60 -16.99 -27.53 24.50
C LEU C 60 -16.15 -26.33 24.12
N THR C 61 -16.19 -25.30 24.97
CA THR C 61 -15.42 -24.08 24.76
C THR C 61 -14.56 -23.83 25.99
N ASN C 62 -13.58 -22.96 25.84
CA ASN C 62 -12.53 -22.83 26.83
C ASN C 62 -12.38 -21.41 27.32
N THR C 63 -12.67 -20.42 26.47
CA THR C 63 -12.79 -19.02 26.86
C THR C 63 -14.17 -18.47 26.55
N SER C 64 -14.66 -18.60 25.31
CA SER C 64 -15.93 -17.99 24.90
C SER C 64 -16.60 -18.86 23.86
N SER C 65 -17.93 -18.82 23.85
CA SER C 65 -18.75 -19.71 23.04
C SER C 65 -19.25 -19.02 21.78
N VAL C 66 -19.31 -19.77 20.68
CA VAL C 66 -19.81 -19.24 19.42
C VAL C 66 -21.32 -19.27 19.39
N VAL C 67 -21.92 -18.29 18.72
CA VAL C 67 -23.38 -18.21 18.59
C VAL C 67 -23.80 -18.86 17.28
N ASP C 68 -23.39 -18.26 16.16
CA ASP C 68 -23.69 -18.75 14.82
C ASP C 68 -22.40 -18.82 14.01
N GLY C 69 -22.28 -19.83 13.17
CA GLY C 69 -21.15 -19.94 12.28
C GLY C 69 -20.73 -21.39 12.12
N VAL C 70 -19.56 -21.56 11.52
CA VAL C 70 -18.94 -22.86 11.31
C VAL C 70 -17.53 -22.80 11.88
N VAL C 71 -17.17 -23.79 12.70
CA VAL C 71 -15.90 -23.79 13.41
C VAL C 71 -15.27 -25.17 13.34
N ARG C 72 -13.93 -25.19 13.34
CA ARG C 72 -13.13 -26.41 13.37
C ARG C 72 -12.42 -26.50 14.72
N SER C 73 -12.50 -27.67 15.35
CA SER C 73 -11.89 -27.83 16.67
C SER C 73 -11.67 -29.32 16.94
N PHE C 74 -10.75 -29.59 17.87
CA PHE C 74 -10.60 -30.92 18.45
C PHE C 74 -11.64 -31.08 19.55
N GLN C 75 -12.66 -31.90 19.30
CA GLN C 75 -13.74 -32.05 20.25
C GLN C 75 -13.92 -33.53 20.62
N PRO C 76 -14.36 -33.82 21.84
CA PRO C 76 -14.58 -35.23 22.24
C PRO C 76 -15.88 -35.80 21.65
N LEU C 77 -15.79 -36.20 20.38
CA LEU C 77 -16.93 -36.75 19.67
C LEU C 77 -16.69 -38.13 19.06
N LEU C 78 -15.46 -38.65 19.12
CA LEU C 78 -15.19 -40.03 18.75
C LEU C 78 -15.50 -40.91 19.96
N LEU C 79 -16.57 -41.69 19.86
CA LEU C 79 -17.10 -42.42 21.00
C LEU C 79 -16.52 -43.83 21.04
N ASN C 80 -15.88 -44.18 22.15
CA ASN C 80 -15.48 -45.57 22.34
C ASN C 80 -16.70 -46.47 22.43
N CYS C 81 -17.64 -46.15 23.32
CA CYS C 81 -18.93 -46.82 23.36
C CYS C 81 -19.86 -46.01 24.26
N LEU C 82 -21.15 -46.03 23.92
CA LEU C 82 -22.16 -45.18 24.55
C LEU C 82 -23.29 -46.03 25.10
N TRP C 83 -23.60 -45.86 26.38
CA TRP C 83 -24.67 -46.61 27.02
C TRP C 83 -25.70 -45.66 27.62
N SER C 84 -26.89 -46.19 27.85
CA SER C 84 -27.95 -45.46 28.52
C SER C 84 -27.98 -45.82 30.00
N VAL C 85 -28.50 -44.89 30.80
CA VAL C 85 -28.78 -45.11 32.21
C VAL C 85 -30.29 -45.14 32.46
N SER C 86 -31.01 -44.21 31.85
CA SER C 86 -32.47 -44.22 31.92
C SER C 86 -33.02 -45.47 31.25
N GLY C 87 -33.77 -46.27 32.00
CA GLY C 87 -34.33 -47.49 31.47
C GLY C 87 -33.36 -48.64 31.32
N SER C 88 -32.16 -48.54 31.90
CA SER C 88 -31.17 -49.60 31.79
C SER C 88 -31.11 -50.50 33.02
N GLN C 89 -31.52 -49.99 34.19
CA GLN C 89 -31.57 -50.76 35.44
C GLN C 89 -30.18 -51.20 35.89
N PHE C 90 -29.13 -50.58 35.35
CA PHE C 90 -27.77 -50.97 35.71
C PHE C 90 -27.09 -49.93 36.59
N THR C 91 -27.33 -48.64 36.33
CA THR C 91 -26.91 -47.49 37.14
C THR C 91 -25.40 -47.30 37.14
N THR C 92 -24.66 -48.26 36.58
CA THR C 92 -23.26 -48.20 36.16
C THR C 92 -22.25 -48.11 37.31
N GLY C 93 -22.71 -47.80 38.52
CA GLY C 93 -21.87 -47.86 39.71
C GLY C 93 -20.74 -46.85 39.82
N PHE C 94 -19.82 -46.92 38.87
CA PHE C 94 -18.58 -46.15 38.78
C PHE C 94 -18.00 -46.39 37.40
N VAL C 95 -17.47 -45.33 36.78
CA VAL C 95 -16.94 -45.41 35.42
C VAL C 95 -15.49 -44.94 35.43
N TYR C 96 -14.60 -45.75 34.87
CA TYR C 96 -13.20 -45.43 34.73
C TYR C 96 -12.90 -45.02 33.29
N PHE C 97 -11.71 -44.43 33.10
CA PHE C 97 -11.30 -44.01 31.77
C PHE C 97 -10.84 -45.21 30.94
N ASN C 98 -10.28 -46.23 31.58
CA ASN C 98 -9.68 -47.37 30.89
C ASN C 98 -10.70 -48.45 30.53
N GLY C 99 -11.99 -48.17 30.68
CA GLY C 99 -13.03 -49.10 30.30
C GLY C 99 -13.62 -49.89 31.44
N THR C 100 -13.00 -49.89 32.61
CA THR C 100 -13.59 -50.59 33.75
C THR C 100 -14.82 -49.84 34.23
N GLY C 101 -15.91 -50.58 34.42
CA GLY C 101 -17.16 -49.97 34.85
C GLY C 101 -18.08 -49.52 33.74
N ARG C 102 -17.91 -50.05 32.52
CA ARG C 102 -18.81 -49.70 31.44
C ARG C 102 -20.24 -50.11 31.74
N GLY C 103 -21.19 -49.38 31.16
CA GLY C 103 -22.56 -49.83 31.10
C GLY C 103 -22.78 -50.76 29.93
N ALA C 104 -24.04 -51.13 29.73
CA ALA C 104 -24.42 -51.99 28.61
C ALA C 104 -24.54 -51.12 27.36
N CYS C 105 -23.38 -50.79 26.78
CA CYS C 105 -23.35 -49.85 25.66
C CYS C 105 -23.59 -50.57 24.34
N LYS C 106 -24.27 -49.87 23.43
CA LYS C 106 -24.80 -50.43 22.21
C LYS C 106 -24.16 -49.77 20.99
N GLY C 107 -24.05 -50.54 19.90
CA GLY C 107 -23.37 -50.09 18.71
C GLY C 107 -21.92 -50.53 18.69
N PHE C 108 -21.06 -49.78 18.01
CA PHE C 108 -19.64 -50.07 18.06
C PHE C 108 -19.11 -49.80 19.46
N TYR C 109 -18.20 -50.67 19.91
CA TYR C 109 -17.53 -50.50 21.19
C TYR C 109 -16.04 -50.73 21.03
N SER C 110 -15.25 -49.72 21.43
CA SER C 110 -13.79 -49.78 21.40
C SER C 110 -13.30 -50.12 22.80
N ASN C 111 -12.09 -50.69 22.87
CA ASN C 111 -11.67 -51.47 24.03
C ASN C 111 -10.41 -50.89 24.68
N ALA C 112 -10.02 -49.68 24.29
CA ALA C 112 -8.85 -49.00 24.83
C ALA C 112 -9.29 -47.90 25.80
N SER C 113 -8.34 -47.07 26.22
CA SER C 113 -8.62 -46.06 27.24
C SER C 113 -9.09 -44.76 26.60
N SER C 114 -10.19 -44.23 27.13
CA SER C 114 -10.66 -42.91 26.77
C SER C 114 -9.96 -41.85 27.61
N ASP C 115 -10.20 -40.58 27.25
CA ASP C 115 -9.71 -39.46 28.04
C ASP C 115 -10.79 -38.43 28.31
N VAL C 116 -12.05 -38.73 28.00
CA VAL C 116 -13.18 -37.85 28.27
C VAL C 116 -14.39 -38.71 28.58
N ILE C 117 -15.10 -38.38 29.66
CA ILE C 117 -16.37 -39.01 30.01
C ILE C 117 -17.44 -37.93 30.00
N ARG C 118 -18.55 -38.20 29.31
CA ARG C 118 -19.67 -37.27 29.22
C ARG C 118 -20.90 -37.87 29.88
N TYR C 119 -21.50 -37.11 30.79
CA TYR C 119 -22.77 -37.47 31.43
C TYR C 119 -23.86 -36.58 30.88
N ASN C 120 -25.01 -37.15 30.56
CA ASN C 120 -26.14 -36.43 30.00
C ASN C 120 -27.22 -36.25 31.05
N ILE C 121 -27.95 -35.14 30.94
CA ILE C 121 -28.94 -34.74 31.94
C ILE C 121 -30.26 -34.46 31.22
N ASN C 122 -31.35 -34.52 31.98
CA ASN C 122 -32.70 -34.43 31.43
C ASN C 122 -33.08 -32.96 31.21
N PHE C 123 -34.37 -32.73 30.95
CA PHE C 123 -34.91 -31.41 30.66
C PHE C 123 -35.01 -30.60 31.95
N GLU C 124 -34.22 -29.53 32.03
CA GLU C 124 -34.19 -28.62 33.19
C GLU C 124 -33.91 -29.35 34.50
N GLU C 125 -33.26 -30.51 34.43
CA GLU C 125 -32.86 -31.20 35.64
C GLU C 125 -31.55 -30.60 36.16
N ASN C 126 -31.33 -30.71 37.47
CA ASN C 126 -30.17 -30.12 38.12
C ASN C 126 -29.50 -31.17 38.99
N LEU C 127 -28.33 -30.81 39.52
CA LEU C 127 -27.49 -31.73 40.27
C LEU C 127 -27.34 -31.35 41.74
N ARG C 128 -28.10 -30.36 42.23
CA ARG C 128 -27.97 -29.93 43.63
C ARG C 128 -28.78 -30.81 44.60
N ARG C 129 -28.69 -32.12 44.45
CA ARG C 129 -29.44 -33.05 45.30
C ARG C 129 -28.62 -34.28 45.65
N GLY C 130 -27.30 -34.13 45.76
CA GLY C 130 -26.45 -35.26 46.05
C GLY C 130 -24.97 -34.94 46.09
N THR C 131 -24.16 -35.81 45.48
CA THR C 131 -22.72 -35.69 45.52
C THR C 131 -22.14 -36.37 44.28
N ILE C 132 -20.90 -36.00 43.95
CA ILE C 132 -20.17 -36.59 42.84
C ILE C 132 -18.81 -37.04 43.37
N LEU C 133 -18.44 -38.29 43.10
CA LEU C 133 -17.19 -38.85 43.61
C LEU C 133 -16.22 -39.05 42.46
N PHE C 134 -15.10 -38.34 42.52
CA PHE C 134 -13.92 -38.62 41.72
C PHE C 134 -12.97 -39.48 42.55
N LYS C 135 -12.16 -40.28 41.86
CA LYS C 135 -11.13 -41.08 42.51
C LYS C 135 -9.82 -40.89 41.76
N THR C 136 -8.76 -40.55 42.51
CA THR C 136 -7.44 -40.35 41.92
C THR C 136 -6.48 -41.35 42.53
N SER C 137 -5.26 -41.39 41.96
CA SER C 137 -4.21 -42.21 42.53
C SER C 137 -3.74 -41.67 43.89
N TYR C 138 -4.05 -40.41 44.19
CA TYR C 138 -3.72 -39.81 45.48
C TYR C 138 -4.89 -39.81 46.45
N GLY C 139 -6.01 -40.41 46.09
CA GLY C 139 -7.15 -40.51 46.97
C GLY C 139 -8.43 -40.04 46.32
N ALA C 140 -9.54 -40.39 46.98
CA ALA C 140 -10.85 -39.98 46.49
C ALA C 140 -11.06 -38.48 46.70
N VAL C 141 -11.81 -37.88 45.78
CA VAL C 141 -12.13 -36.45 45.83
C VAL C 141 -13.63 -36.30 45.62
N VAL C 142 -14.29 -35.60 46.55
CA VAL C 142 -15.74 -35.45 46.55
C VAL C 142 -16.09 -34.09 45.98
N PHE C 143 -17.31 -33.96 45.44
CA PHE C 143 -17.82 -32.71 44.93
C PHE C 143 -19.30 -32.62 45.27
N TYR C 144 -19.66 -31.60 46.05
CA TYR C 144 -21.03 -31.46 46.55
C TYR C 144 -21.42 -29.99 46.50
N CYS C 145 -22.68 -29.71 46.81
CA CYS C 145 -23.21 -28.36 46.67
C CYS C 145 -24.43 -28.18 47.58
N THR C 146 -24.35 -27.21 48.49
CA THR C 146 -25.41 -26.92 49.45
C THR C 146 -25.11 -25.60 50.14
N ASN C 147 -26.13 -24.78 50.37
CA ASN C 147 -25.93 -23.49 51.02
C ASN C 147 -25.97 -23.55 52.54
N ASN C 148 -26.52 -24.62 53.11
CA ASN C 148 -26.45 -24.83 54.55
C ASN C 148 -25.01 -25.11 54.96
N THR C 149 -24.52 -24.36 55.95
CA THR C 149 -23.11 -24.45 56.31
C THR C 149 -22.79 -25.69 57.14
N LEU C 150 -23.80 -26.35 57.73
CA LEU C 150 -23.52 -27.48 58.60
C LEU C 150 -23.04 -28.71 57.83
N VAL C 151 -23.13 -28.70 56.50
CA VAL C 151 -22.65 -29.85 55.72
C VAL C 151 -21.16 -29.72 55.41
N SER C 152 -20.60 -28.52 55.44
CA SER C 152 -19.24 -28.29 55.00
C SER C 152 -18.22 -28.30 56.13
N GLY C 153 -18.48 -27.55 57.20
CA GLY C 153 -17.48 -27.37 58.24
C GLY C 153 -16.51 -26.27 57.86
N ASP C 154 -15.32 -26.64 57.39
CA ASP C 154 -14.41 -25.68 56.81
C ASP C 154 -15.06 -25.06 55.58
N ALA C 155 -15.33 -23.76 55.64
CA ALA C 155 -16.11 -23.08 54.62
C ALA C 155 -15.32 -22.09 53.79
N HIS C 156 -14.00 -21.97 54.02
CA HIS C 156 -13.09 -21.21 53.17
C HIS C 156 -13.33 -19.70 53.29
N ILE C 157 -14.35 -19.30 54.06
CA ILE C 157 -14.84 -17.92 54.21
C ILE C 157 -14.91 -17.20 52.88
N PRO C 158 -15.85 -17.57 52.01
CA PRO C 158 -16.01 -16.91 50.69
C PRO C 158 -16.69 -15.55 50.83
N SER C 159 -15.88 -14.53 51.13
CA SER C 159 -16.40 -13.20 51.35
C SER C 159 -16.89 -12.57 50.05
N GLY C 160 -17.73 -11.55 50.19
CA GLY C 160 -18.23 -10.81 49.05
C GLY C 160 -19.31 -11.49 48.25
N THR C 161 -19.96 -12.50 48.81
CA THR C 161 -21.00 -13.25 48.11
C THR C 161 -22.35 -13.02 48.77
N VAL C 162 -23.41 -13.42 48.06
CA VAL C 162 -24.76 -13.36 48.59
C VAL C 162 -24.98 -14.61 49.43
N LEU C 163 -25.05 -14.43 50.75
CA LEU C 163 -25.12 -15.56 51.68
C LEU C 163 -26.44 -16.33 51.60
N GLY C 164 -27.44 -15.79 50.92
CA GLY C 164 -28.75 -16.42 50.91
C GLY C 164 -29.05 -17.33 49.73
N ASN C 165 -28.04 -18.02 49.21
CA ASN C 165 -28.25 -18.94 48.10
C ASN C 165 -27.08 -19.92 48.03
N PHE C 166 -27.17 -20.86 47.09
CA PHE C 166 -26.33 -22.05 47.08
C PHE C 166 -24.99 -21.82 46.42
N TYR C 167 -23.97 -22.52 46.91
CA TYR C 167 -22.68 -22.65 46.25
C TYR C 167 -22.11 -24.03 46.56
N CYS C 168 -21.16 -24.45 45.73
CA CYS C 168 -20.64 -25.82 45.75
C CYS C 168 -19.25 -25.85 46.39
N PHE C 169 -18.80 -27.07 46.71
CA PHE C 169 -17.55 -27.26 47.43
C PHE C 169 -16.88 -28.54 46.92
N VAL C 170 -15.61 -28.71 47.30
CA VAL C 170 -14.84 -29.90 46.99
C VAL C 170 -14.27 -30.47 48.29
N ASN C 171 -14.17 -31.80 48.35
CA ASN C 171 -13.71 -32.52 49.54
C ASN C 171 -12.69 -33.58 49.14
N THR C 172 -11.42 -33.20 49.11
CA THR C 172 -10.36 -34.13 48.77
C THR C 172 -9.94 -34.95 49.99
N THR C 173 -9.43 -36.15 49.74
CA THR C 173 -8.92 -37.02 50.78
C THR C 173 -7.44 -37.33 50.54
N ILE C 174 -6.71 -37.50 51.64
CA ILE C 174 -5.29 -37.81 51.61
C ILE C 174 -5.13 -39.18 52.25
N GLY C 175 -6.16 -40.02 52.10
CA GLY C 175 -6.13 -41.33 52.73
C GLY C 175 -6.69 -41.30 54.14
N ASN C 176 -5.81 -41.22 55.12
CA ASN C 176 -6.19 -41.05 56.52
C ASN C 176 -6.49 -39.60 56.89
N GLU C 177 -6.74 -38.76 55.89
CA GLU C 177 -6.86 -37.31 56.10
C GLU C 177 -7.79 -36.76 55.04
N THR C 178 -8.37 -35.59 55.30
CA THR C 178 -9.33 -34.99 54.39
C THR C 178 -9.34 -33.47 54.58
N THR C 179 -9.43 -32.74 53.47
CA THR C 179 -9.51 -31.29 53.48
C THR C 179 -10.68 -30.83 52.62
N SER C 180 -11.09 -29.58 52.83
CA SER C 180 -12.24 -29.01 52.15
C SER C 180 -11.89 -27.67 51.53
N ALA C 181 -12.66 -27.28 50.52
CA ALA C 181 -12.45 -26.00 49.85
C ALA C 181 -13.72 -25.58 49.13
N PHE C 182 -13.89 -24.26 49.00
CA PHE C 182 -14.99 -23.69 48.24
C PHE C 182 -14.57 -23.58 46.77
N VAL C 183 -15.49 -23.96 45.87
CA VAL C 183 -15.17 -24.01 44.45
C VAL C 183 -15.89 -22.94 43.62
N GLY C 184 -17.14 -22.64 43.93
CA GLY C 184 -17.88 -21.65 43.16
C GLY C 184 -19.34 -22.01 43.07
N ALA C 185 -19.99 -21.53 42.01
CA ALA C 185 -21.42 -21.65 41.82
C ALA C 185 -21.73 -22.42 40.54
N LEU C 186 -22.85 -23.16 40.58
CA LEU C 186 -23.40 -23.86 39.43
C LEU C 186 -24.86 -23.44 39.21
N PRO C 187 -25.29 -23.29 37.96
CA PRO C 187 -26.57 -22.64 37.67
C PRO C 187 -27.77 -23.45 38.14
N LYS C 188 -28.94 -22.82 37.99
CA LYS C 188 -30.22 -23.50 38.20
C LYS C 188 -30.32 -24.76 37.37
N THR C 189 -29.92 -24.70 36.11
CA THR C 189 -30.14 -25.77 35.15
C THR C 189 -28.80 -26.27 34.64
N VAL C 190 -28.59 -27.58 34.72
CA VAL C 190 -27.47 -28.25 34.09
C VAL C 190 -28.03 -29.23 33.07
N ARG C 191 -27.39 -29.29 31.91
CA ARG C 191 -27.89 -30.10 30.81
C ARG C 191 -26.89 -31.15 30.34
N GLU C 192 -25.60 -30.98 30.61
CA GLU C 192 -24.57 -31.96 30.33
C GLU C 192 -23.37 -31.65 31.20
N PHE C 193 -22.67 -32.71 31.62
CA PHE C 193 -21.50 -32.59 32.49
C PHE C 193 -20.41 -33.48 31.92
N VAL C 194 -19.25 -32.88 31.65
CA VAL C 194 -18.14 -33.57 31.01
C VAL C 194 -16.90 -33.45 31.89
N ILE C 195 -16.16 -34.55 32.02
CA ILE C 195 -14.92 -34.58 32.79
C ILE C 195 -13.83 -35.18 31.92
N SER C 196 -12.66 -34.56 31.91
CA SER C 196 -11.50 -35.02 31.17
C SER C 196 -10.56 -35.80 32.09
N ARG C 197 -9.69 -36.60 31.47
CA ARG C 197 -8.75 -37.41 32.24
C ARG C 197 -7.76 -36.52 32.99
N THR C 198 -7.45 -35.34 32.45
CA THR C 198 -6.59 -34.39 33.13
C THR C 198 -7.37 -33.40 34.01
N GLY C 199 -8.61 -33.75 34.38
CA GLY C 199 -9.33 -33.03 35.40
C GLY C 199 -10.22 -31.89 34.94
N HIS C 200 -10.25 -31.59 33.65
CA HIS C 200 -11.08 -30.47 33.17
C HIS C 200 -12.55 -30.77 33.38
N PHE C 201 -13.29 -29.77 33.87
CA PHE C 201 -14.64 -29.94 34.39
C PHE C 201 -15.54 -28.94 33.67
N TYR C 202 -16.46 -29.45 32.85
CA TYR C 202 -17.33 -28.61 32.02
C TYR C 202 -18.79 -28.78 32.43
N ILE C 203 -19.52 -27.67 32.44
CA ILE C 203 -20.96 -27.66 32.63
C ILE C 203 -21.59 -26.82 31.53
N ASN C 204 -22.53 -27.40 30.79
CA ASN C 204 -23.22 -26.72 29.70
C ASN C 204 -22.24 -26.12 28.69
N GLY C 205 -21.11 -26.80 28.48
CA GLY C 205 -20.16 -26.41 27.47
C GLY C 205 -19.01 -25.54 27.94
N TYR C 206 -19.06 -25.00 29.16
CA TYR C 206 -18.00 -24.14 29.67
C TYR C 206 -17.23 -24.85 30.77
N ARG C 207 -15.91 -24.68 30.76
CA ARG C 207 -15.04 -25.28 31.77
C ARG C 207 -14.99 -24.38 32.99
N TYR C 208 -15.57 -24.84 34.11
CA TYR C 208 -15.58 -24.08 35.34
C TYR C 208 -14.40 -24.39 36.26
N PHE C 209 -13.98 -25.66 36.33
CA PHE C 209 -12.99 -26.08 37.31
C PHE C 209 -11.89 -26.89 36.65
N SER C 210 -10.87 -27.21 37.45
CA SER C 210 -9.77 -28.09 37.04
C SER C 210 -9.33 -28.85 38.27
N LEU C 211 -9.66 -30.14 38.33
CA LEU C 211 -9.51 -30.94 39.54
C LEU C 211 -8.25 -31.80 39.55
N GLY C 212 -7.42 -31.73 38.51
CA GLY C 212 -6.26 -32.59 38.41
C GLY C 212 -6.60 -33.98 37.91
N ASP C 213 -5.55 -34.78 37.70
CA ASP C 213 -5.72 -36.08 37.09
C ASP C 213 -6.64 -36.97 37.92
N VAL C 214 -7.53 -37.68 37.24
CA VAL C 214 -8.53 -38.53 37.89
C VAL C 214 -8.59 -39.87 37.19
N GLU C 215 -8.88 -40.92 37.97
CA GLU C 215 -9.01 -42.28 37.44
C GLU C 215 -10.45 -42.63 37.08
N ALA C 216 -11.42 -42.17 37.86
CA ALA C 216 -12.81 -42.58 37.68
C ALA C 216 -13.74 -41.51 38.23
N VAL C 217 -15.03 -41.66 37.91
CA VAL C 217 -16.07 -40.73 38.33
C VAL C 217 -17.38 -41.50 38.47
N ASN C 218 -18.20 -41.07 39.44
CA ASN C 218 -19.54 -41.62 39.62
C ASN C 218 -20.46 -40.55 40.18
N PHE C 219 -21.73 -40.62 39.76
CA PHE C 219 -22.70 -39.56 39.97
C PHE C 219 -23.75 -40.01 41.00
N ASN C 220 -23.44 -39.87 42.28
CA ASN C 220 -24.43 -40.11 43.34
C ASN C 220 -25.44 -38.99 43.50
N VAL C 221 -26.57 -39.09 42.83
CA VAL C 221 -27.69 -38.19 43.08
C VAL C 221 -28.96 -39.03 43.07
N THR C 222 -29.95 -38.57 43.83
CA THR C 222 -31.20 -39.31 43.94
C THR C 222 -31.96 -39.25 42.62
N ASN C 223 -33.16 -39.84 42.62
CA ASN C 223 -34.02 -39.97 41.45
C ASN C 223 -33.22 -40.33 40.20
N ALA C 224 -32.41 -41.38 40.31
CA ALA C 224 -31.63 -41.86 39.19
C ALA C 224 -32.55 -42.49 38.14
N ALA C 225 -31.94 -42.89 37.01
CA ALA C 225 -32.63 -43.46 35.86
C ALA C 225 -33.55 -42.43 35.20
N THR C 226 -33.58 -41.22 35.73
CA THR C 226 -34.21 -40.06 35.12
C THR C 226 -33.30 -38.84 35.14
N THR C 227 -32.55 -38.65 36.23
CA THR C 227 -31.63 -37.51 36.33
C THR C 227 -30.43 -37.68 35.40
N VAL C 228 -29.94 -38.90 35.23
CA VAL C 228 -28.83 -39.20 34.33
C VAL C 228 -29.40 -40.02 33.18
N CYS C 229 -29.22 -39.51 31.97
CA CYS C 229 -29.88 -40.13 30.82
C CYS C 229 -28.94 -41.05 30.05
N THR C 230 -27.78 -40.56 29.63
CA THR C 230 -26.79 -41.37 28.95
C THR C 230 -25.40 -41.03 29.47
N VAL C 231 -24.49 -41.98 29.32
CA VAL C 231 -23.07 -41.78 29.62
C VAL C 231 -22.27 -42.24 28.41
N ALA C 232 -21.31 -41.41 27.98
CA ALA C 232 -20.53 -41.68 26.79
C ALA C 232 -19.04 -41.63 27.12
N LEU C 233 -18.33 -42.71 26.79
CA LEU C 233 -16.88 -42.71 26.81
C LEU C 233 -16.38 -42.23 25.44
N ALA C 234 -15.51 -41.23 25.44
CA ALA C 234 -15.12 -40.59 24.19
C ALA C 234 -13.68 -40.16 24.25
N SER C 235 -13.15 -39.80 23.08
CA SER C 235 -11.79 -39.29 22.93
C SER C 235 -11.79 -38.17 21.92
N TYR C 236 -10.73 -37.37 21.94
CA TYR C 236 -10.66 -36.19 21.09
C TYR C 236 -10.48 -36.57 19.63
N ALA C 237 -11.06 -35.76 18.75
CA ALA C 237 -10.94 -35.94 17.31
C ALA C 237 -11.20 -34.61 16.63
N ASP C 238 -10.67 -34.48 15.40
CA ASP C 238 -10.82 -33.25 14.63
C ASP C 238 -12.16 -33.27 13.90
N VAL C 239 -12.98 -32.24 14.11
CA VAL C 239 -14.30 -32.17 13.53
C VAL C 239 -14.58 -30.75 13.04
N LEU C 240 -15.44 -30.66 12.03
CA LEU C 240 -16.00 -29.39 11.58
C LEU C 240 -17.46 -29.35 11.99
N VAL C 241 -17.87 -28.29 12.68
CA VAL C 241 -19.16 -28.24 13.35
C VAL C 241 -19.97 -27.05 12.85
N ASN C 242 -21.19 -27.33 12.38
CA ASN C 242 -22.28 -26.36 12.38
C ASN C 242 -22.69 -26.05 13.81
N VAL C 243 -22.68 -24.76 14.17
CA VAL C 243 -23.26 -24.28 15.41
C VAL C 243 -24.30 -23.22 15.07
N SER C 244 -25.45 -23.29 15.74
CA SER C 244 -26.52 -22.31 15.57
C SER C 244 -27.19 -22.09 16.90
N GLN C 245 -27.30 -20.82 17.31
CA GLN C 245 -27.81 -20.46 18.63
C GLN C 245 -27.03 -21.19 19.73
N THR C 246 -25.70 -21.18 19.59
CA THR C 246 -24.73 -21.80 20.49
C THR C 246 -24.94 -23.30 20.65
N ALA C 247 -25.73 -23.93 19.78
CA ALA C 247 -26.01 -25.35 19.85
C ALA C 247 -25.53 -26.05 18.60
N ILE C 248 -25.07 -27.30 18.76
CA ILE C 248 -24.60 -28.08 17.63
C ILE C 248 -25.79 -28.59 16.81
N ALA C 249 -25.66 -28.53 15.49
CA ALA C 249 -26.69 -29.01 14.57
C ALA C 249 -26.23 -30.21 13.76
N ASN C 250 -25.04 -30.14 13.18
CA ASN C 250 -24.48 -31.26 12.44
C ASN C 250 -22.95 -31.15 12.45
N ILE C 251 -22.28 -32.29 12.31
CA ILE C 251 -20.83 -32.34 12.31
C ILE C 251 -20.35 -33.22 11.16
N ILE C 252 -19.10 -33.04 10.78
CA ILE C 252 -18.40 -33.94 9.86
C ILE C 252 -17.00 -34.17 10.41
N TYR C 253 -16.53 -35.41 10.30
CA TYR C 253 -15.20 -35.77 10.79
C TYR C 253 -14.18 -35.58 9.67
N CYS C 254 -13.01 -35.02 10.05
CA CYS C 254 -11.92 -34.79 9.10
C CYS C 254 -11.13 -36.07 8.94
N ASN C 255 -11.76 -37.06 8.32
CA ASN C 255 -11.21 -38.40 8.22
C ASN C 255 -10.90 -38.85 6.79
N SER C 256 -11.70 -38.45 5.81
CA SER C 256 -11.50 -38.87 4.43
C SER C 256 -10.83 -37.75 3.63
N VAL C 257 -10.46 -38.09 2.38
CA VAL C 257 -9.77 -37.12 1.54
C VAL C 257 -10.67 -35.94 1.22
N ILE C 258 -11.93 -36.20 0.86
CA ILE C 258 -12.86 -35.11 0.57
C ILE C 258 -13.23 -34.36 1.84
N ASN C 259 -13.34 -35.07 2.97
CA ASN C 259 -13.68 -34.42 4.22
C ASN C 259 -12.55 -33.53 4.72
N ARG C 260 -11.30 -33.94 4.49
CA ARG C 260 -10.17 -33.08 4.84
C ARG C 260 -10.21 -31.78 4.05
N LEU C 261 -10.48 -31.87 2.74
CA LEU C 261 -10.53 -30.67 1.92
C LEU C 261 -11.64 -29.73 2.38
N ARG C 262 -12.77 -30.29 2.83
CA ARG C 262 -13.82 -29.46 3.40
C ARG C 262 -13.40 -28.86 4.73
N CYS C 263 -12.62 -29.61 5.52
CA CYS C 263 -12.14 -29.08 6.79
C CYS C 263 -11.15 -27.94 6.58
N ASP C 264 -10.27 -28.06 5.58
CA ASP C 264 -9.30 -27.01 5.31
C ASP C 264 -9.95 -25.80 4.66
N GLN C 265 -10.92 -26.01 3.78
CA GLN C 265 -11.66 -24.90 3.19
C GLN C 265 -12.69 -24.32 4.15
N LEU C 266 -12.94 -24.99 5.28
CA LEU C 266 -13.78 -24.46 6.35
C LEU C 266 -15.20 -24.17 5.87
N SER C 267 -15.80 -25.15 5.20
CA SER C 267 -17.14 -25.01 4.67
C SER C 267 -17.69 -26.38 4.33
N PHE C 268 -19.00 -26.57 4.55
CA PHE C 268 -19.62 -27.87 4.33
C PHE C 268 -19.87 -28.17 2.86
N ASP C 269 -19.97 -27.16 2.01
CA ASP C 269 -20.08 -27.37 0.57
C ASP C 269 -18.85 -26.80 -0.13
N VAL C 270 -18.34 -27.54 -1.10
CA VAL C 270 -17.12 -27.20 -1.81
C VAL C 270 -17.47 -26.98 -3.28
N PRO C 271 -17.24 -25.79 -3.83
CA PRO C 271 -17.51 -25.57 -5.25
C PRO C 271 -16.64 -26.46 -6.12
N ASP C 272 -17.20 -26.83 -7.28
CA ASP C 272 -16.46 -27.66 -8.23
C ASP C 272 -15.25 -26.91 -8.77
N GLY C 273 -14.15 -27.63 -8.93
CA GLY C 273 -12.94 -27.00 -9.44
C GLY C 273 -11.71 -27.83 -9.08
N PHE C 274 -10.58 -27.14 -8.98
CA PHE C 274 -9.29 -27.74 -8.68
C PHE C 274 -8.72 -27.09 -7.43
N TYR C 275 -8.27 -27.91 -6.48
CA TYR C 275 -7.73 -27.40 -5.22
C TYR C 275 -6.35 -27.99 -4.95
N SER C 276 -5.43 -27.14 -4.50
CA SER C 276 -4.11 -27.61 -4.11
C SER C 276 -4.18 -28.29 -2.75
N THR C 277 -3.41 -29.36 -2.59
CA THR C 277 -3.38 -30.12 -1.35
C THR C 277 -1.98 -30.69 -1.16
N SER C 278 -1.66 -31.03 0.08
CA SER C 278 -0.37 -31.59 0.40
C SER C 278 -0.53 -32.75 1.38
N PRO C 279 0.21 -33.84 1.20
CA PRO C 279 0.20 -34.92 2.19
C PRO C 279 0.81 -34.45 3.51
N ILE C 280 0.71 -35.31 4.51
CA ILE C 280 1.28 -35.05 5.83
C ILE C 280 2.62 -35.75 5.94
N GLN C 281 3.62 -35.03 6.43
CA GLN C 281 4.94 -35.62 6.58
C GLN C 281 4.93 -36.68 7.67
N PRO C 282 5.82 -37.67 7.57
CA PRO C 282 5.96 -38.65 8.65
C PRO C 282 6.59 -38.01 9.89
N VAL C 283 6.55 -38.76 10.98
CA VAL C 283 7.15 -38.32 12.24
C VAL C 283 8.27 -39.30 12.59
N GLU C 284 8.84 -39.92 11.55
CA GLU C 284 9.87 -40.95 11.69
C GLU C 284 11.25 -40.42 11.29
N LEU C 285 11.35 -39.14 10.94
CA LEU C 285 12.51 -38.48 10.35
C LEU C 285 13.83 -38.83 11.02
N PRO C 286 14.75 -39.48 10.29
CA PRO C 286 16.14 -39.56 10.75
C PRO C 286 16.81 -38.20 10.60
N VAL C 287 18.08 -38.15 11.01
CA VAL C 287 18.87 -36.93 10.93
C VAL C 287 20.07 -37.18 10.02
N SER C 288 20.39 -36.18 9.19
CA SER C 288 21.54 -36.21 8.30
C SER C 288 22.40 -34.99 8.55
N ILE C 289 23.70 -35.20 8.72
CA ILE C 289 24.64 -34.13 9.07
C ILE C 289 25.83 -34.19 8.12
N VAL C 290 26.16 -33.05 7.54
CA VAL C 290 27.33 -32.93 6.67
C VAL C 290 28.08 -31.65 7.06
N SER C 291 29.40 -31.75 7.14
CA SER C 291 30.23 -30.60 7.46
C SER C 291 31.61 -30.78 6.86
N LEU C 292 32.32 -29.68 6.72
CA LEU C 292 33.70 -29.73 6.23
C LEU C 292 34.59 -30.31 7.32
N PRO C 293 35.35 -31.37 7.04
CA PRO C 293 36.24 -31.92 8.07
C PRO C 293 37.31 -30.92 8.48
N VAL C 294 37.42 -30.69 9.79
CA VAL C 294 38.37 -29.74 10.34
C VAL C 294 39.18 -30.38 11.45
N SER C 434 31.45 -41.42 9.63
CA SER C 434 32.11 -40.13 9.79
C SER C 434 31.14 -39.06 10.29
N SER C 435 31.53 -38.37 11.35
CA SER C 435 30.72 -37.25 11.85
C SER C 435 30.74 -36.06 10.90
N PHE C 436 31.62 -36.06 9.91
CA PHE C 436 31.66 -35.02 8.89
C PHE C 436 30.83 -35.36 7.66
N MET C 437 30.34 -36.59 7.55
CA MET C 437 29.61 -37.03 6.36
C MET C 437 28.70 -38.18 6.78
N ASN C 438 27.39 -37.90 6.87
CA ASN C 438 26.44 -38.90 7.33
C ASN C 438 25.06 -38.50 6.80
N VAL C 439 24.56 -39.21 5.81
CA VAL C 439 23.29 -38.90 5.17
C VAL C 439 22.46 -40.17 5.00
N THR C 440 21.17 -39.97 4.79
CA THR C 440 20.25 -41.03 4.40
C THR C 440 19.60 -40.66 3.07
N LEU C 441 19.28 -41.67 2.27
CA LEU C 441 18.81 -41.45 0.91
C LEU C 441 17.40 -42.03 0.73
N ASN C 442 16.63 -41.36 -0.13
CA ASN C 442 15.29 -41.78 -0.54
C ASN C 442 14.31 -41.82 0.63
N LYS C 443 14.56 -41.04 1.68
CA LYS C 443 13.66 -40.94 2.81
C LYS C 443 13.59 -39.49 3.28
N CYS C 444 12.43 -39.12 3.83
CA CYS C 444 12.29 -37.78 4.39
C CYS C 444 13.11 -37.66 5.67
N THR C 445 13.95 -36.63 5.75
CA THR C 445 14.90 -36.52 6.83
C THR C 445 15.13 -35.06 7.18
N LYS C 446 15.51 -34.81 8.43
CA LYS C 446 15.92 -33.48 8.87
C LYS C 446 17.43 -33.37 8.69
N TYR C 447 17.85 -32.39 7.91
CA TYR C 447 19.24 -32.28 7.48
C TYR C 447 19.87 -30.99 7.96
N ASN C 448 21.16 -31.07 8.29
CA ASN C 448 21.99 -29.92 8.65
C ASN C 448 23.26 -30.05 7.81
N ILE C 449 23.24 -29.43 6.63
CA ILE C 449 24.29 -29.60 5.63
C ILE C 449 25.08 -28.30 5.56
N TYR C 450 26.34 -28.35 6.00
CA TYR C 450 27.21 -27.18 6.08
C TYR C 450 26.51 -26.02 6.80
N ASP C 451 25.88 -26.36 7.93
CA ASP C 451 25.15 -25.39 8.75
C ASP C 451 24.02 -24.71 7.98
N VAL C 452 23.31 -25.50 7.17
CA VAL C 452 22.05 -25.09 6.56
C VAL C 452 21.01 -26.12 6.97
N SER C 453 20.01 -25.69 7.73
CA SER C 453 19.07 -26.58 8.38
C SER C 453 17.75 -26.62 7.61
N GLY C 454 17.22 -27.81 7.40
CA GLY C 454 15.96 -27.95 6.70
C GLY C 454 15.46 -29.38 6.77
N VAL C 455 14.36 -29.63 6.06
CA VAL C 455 13.75 -30.95 5.96
C VAL C 455 13.55 -31.28 4.49
N GLY C 456 13.95 -32.48 4.08
CA GLY C 456 13.81 -32.86 2.70
C GLY C 456 14.25 -34.29 2.47
N VAL C 457 14.43 -34.63 1.20
CA VAL C 457 14.82 -35.95 0.75
C VAL C 457 16.08 -35.82 -0.09
N ILE C 458 17.07 -36.66 0.19
CA ILE C 458 18.39 -36.57 -0.44
C ILE C 458 18.56 -37.75 -1.38
N ARG C 459 19.05 -37.45 -2.59
CA ARG C 459 19.24 -38.45 -3.63
C ARG C 459 20.50 -38.11 -4.42
N ILE C 460 20.95 -39.05 -5.24
CA ILE C 460 22.19 -38.92 -6.00
C ILE C 460 21.87 -38.36 -7.38
N SER C 461 22.71 -37.44 -7.86
CA SER C 461 22.54 -36.82 -9.16
C SER C 461 23.79 -37.08 -9.99
N ASN C 462 23.69 -36.74 -11.28
CA ASN C 462 24.77 -36.95 -12.24
C ASN C 462 25.30 -35.63 -12.82
N ASP C 463 25.21 -34.56 -12.05
CA ASP C 463 25.72 -33.26 -12.50
C ASP C 463 27.23 -33.18 -12.24
N THR C 464 27.93 -32.52 -13.16
CA THR C 464 29.38 -32.31 -13.05
C THR C 464 29.73 -30.88 -12.70
N PHE C 465 28.92 -30.24 -11.85
CA PHE C 465 29.19 -28.88 -11.41
C PHE C 465 30.50 -28.81 -10.64
N LEU C 466 31.46 -28.02 -11.13
CA LEU C 466 32.78 -27.99 -10.52
C LEU C 466 32.88 -26.97 -9.40
N ASN C 467 32.07 -25.91 -9.44
CA ASN C 467 32.19 -24.82 -8.49
C ASN C 467 31.52 -25.17 -7.16
N GLY C 468 32.18 -24.81 -6.06
CA GLY C 468 31.61 -24.81 -4.73
C GLY C 468 31.18 -26.18 -4.20
N ILE C 469 30.44 -26.12 -3.10
CA ILE C 469 29.91 -27.31 -2.43
C ILE C 469 28.43 -27.19 -2.12
N THR C 470 27.80 -26.05 -2.37
CA THR C 470 26.38 -25.87 -2.12
C THR C 470 25.74 -25.14 -3.28
N TYR C 471 24.44 -25.41 -3.48
CA TYR C 471 23.71 -24.89 -4.64
C TYR C 471 22.33 -24.46 -4.17
N THR C 472 22.15 -23.17 -3.94
CA THR C 472 20.90 -22.63 -3.40
C THR C 472 20.09 -21.98 -4.50
N SER C 473 18.76 -22.08 -4.38
CA SER C 473 17.85 -21.47 -5.34
C SER C 473 17.75 -19.97 -5.08
N THR C 474 16.83 -19.32 -5.82
CA THR C 474 16.64 -17.89 -5.66
C THR C 474 16.07 -17.55 -4.29
N SER C 475 15.20 -18.40 -3.76
CA SER C 475 14.57 -18.17 -2.46
C SER C 475 15.47 -18.54 -1.29
N GLY C 476 16.65 -19.12 -1.55
CA GLY C 476 17.55 -19.53 -0.50
C GLY C 476 17.50 -20.99 -0.13
N ASN C 477 16.48 -21.72 -0.59
CA ASN C 477 16.39 -23.14 -0.29
C ASN C 477 17.54 -23.90 -0.93
N LEU C 478 18.04 -24.90 -0.22
CA LEU C 478 19.18 -25.68 -0.67
C LEU C 478 18.71 -26.75 -1.66
N LEU C 479 19.19 -26.66 -2.90
CA LEU C 479 18.81 -27.61 -3.94
C LEU C 479 19.78 -28.78 -4.06
N GLY C 480 21.00 -28.63 -3.59
CA GLY C 480 21.98 -29.70 -3.71
C GLY C 480 23.28 -29.32 -3.04
N PHE C 481 24.19 -30.29 -2.99
CA PHE C 481 25.49 -30.10 -2.35
C PHE C 481 26.47 -31.10 -2.91
N LYS C 482 27.76 -30.84 -2.67
CA LYS C 482 28.85 -31.67 -3.16
C LYS C 482 29.54 -32.38 -2.01
N ASP C 483 29.90 -33.64 -2.23
CA ASP C 483 30.76 -34.37 -1.32
C ASP C 483 32.21 -34.01 -1.67
N VAL C 484 32.97 -33.55 -0.68
CA VAL C 484 34.32 -33.06 -0.95
C VAL C 484 35.28 -34.18 -1.33
N THR C 485 34.96 -35.44 -1.00
CA THR C 485 35.89 -36.53 -1.24
C THR C 485 35.82 -37.03 -2.68
N ASN C 486 34.67 -37.58 -3.08
CA ASN C 486 34.51 -37.97 -4.48
C ASN C 486 34.38 -36.76 -5.40
N GLY C 487 33.57 -35.80 -4.98
CA GLY C 487 33.00 -34.83 -5.90
C GLY C 487 31.58 -35.15 -6.32
N THR C 488 30.97 -36.19 -5.73
CA THR C 488 29.61 -36.58 -6.08
C THR C 488 28.61 -35.51 -5.63
N ILE C 489 27.60 -35.28 -6.46
CA ILE C 489 26.58 -34.28 -6.19
C ILE C 489 25.31 -34.97 -5.70
N TYR C 490 24.75 -34.48 -4.61
CA TYR C 490 23.47 -34.93 -4.10
C TYR C 490 22.43 -33.83 -4.27
N SER C 491 21.20 -34.21 -4.57
CA SER C 491 20.09 -33.28 -4.73
C SER C 491 19.15 -33.38 -3.54
N ILE C 492 18.37 -32.31 -3.35
CA ILE C 492 17.45 -32.20 -2.22
C ILE C 492 16.08 -31.81 -2.74
N THR C 493 15.04 -32.51 -2.27
CA THR C 493 13.66 -32.34 -2.69
C THR C 493 12.76 -32.31 -1.46
N PRO C 494 11.75 -31.42 -1.43
CA PRO C 494 10.85 -31.41 -0.27
C PRO C 494 10.05 -32.70 -0.17
N CYS C 495 9.68 -33.03 1.07
CA CYS C 495 9.07 -34.33 1.37
C CYS C 495 7.65 -34.45 0.84
N ASN C 496 6.96 -33.34 0.61
CA ASN C 496 5.54 -33.38 0.21
C ASN C 496 5.21 -32.16 -0.65
N PRO C 497 5.54 -32.22 -1.94
CA PRO C 497 5.17 -31.15 -2.85
C PRO C 497 3.67 -31.15 -3.11
N PRO C 498 3.10 -30.00 -3.47
CA PRO C 498 1.63 -29.91 -3.58
C PRO C 498 1.09 -30.63 -4.80
N ASP C 499 0.04 -31.43 -4.57
CA ASP C 499 -0.79 -31.97 -5.63
C ASP C 499 -2.01 -31.08 -5.83
N GLN C 500 -2.79 -31.39 -6.85
CA GLN C 500 -4.09 -30.75 -7.06
C GLN C 500 -5.16 -31.81 -7.17
N LEU C 501 -6.21 -31.68 -6.36
CA LEU C 501 -7.35 -32.57 -6.40
C LEU C 501 -8.43 -32.00 -7.31
N VAL C 502 -9.25 -32.89 -7.86
CA VAL C 502 -10.37 -32.53 -8.71
C VAL C 502 -11.65 -32.88 -8.00
N VAL C 503 -12.57 -31.92 -7.88
CA VAL C 503 -13.85 -32.13 -7.23
C VAL C 503 -14.97 -31.77 -8.20
N TYR C 504 -16.02 -32.58 -8.22
CA TYR C 504 -17.17 -32.35 -9.07
C TYR C 504 -18.39 -32.94 -8.38
N GLN C 505 -19.42 -32.11 -8.21
CA GLN C 505 -20.66 -32.51 -7.53
C GLN C 505 -20.35 -33.07 -6.13
N GLN C 506 -19.52 -32.33 -5.39
CA GLN C 506 -19.16 -32.58 -4.00
C GLN C 506 -18.38 -33.88 -3.79
N ALA C 507 -17.97 -34.56 -4.86
CA ALA C 507 -17.13 -35.74 -4.75
C ALA C 507 -15.77 -35.48 -5.39
N VAL C 508 -14.79 -36.26 -4.97
CA VAL C 508 -13.44 -36.17 -5.53
C VAL C 508 -13.31 -37.19 -6.65
N VAL C 509 -12.82 -36.75 -7.81
CA VAL C 509 -12.81 -37.57 -9.00
C VAL C 509 -11.42 -37.77 -9.59
N GLY C 510 -10.44 -36.96 -9.22
CA GLY C 510 -9.11 -37.11 -9.80
C GLY C 510 -8.09 -36.38 -8.97
N ALA C 511 -6.83 -36.55 -9.36
CA ALA C 511 -5.72 -35.91 -8.65
C ALA C 511 -4.55 -35.79 -9.61
N MET C 512 -4.16 -34.55 -9.92
CA MET C 512 -2.96 -34.32 -10.71
C MET C 512 -1.73 -34.57 -9.85
N LEU C 513 -0.86 -35.45 -10.33
CA LEU C 513 0.28 -35.91 -9.54
C LEU C 513 1.58 -35.64 -10.29
N SER C 514 2.68 -35.63 -9.54
CA SER C 514 4.01 -35.56 -10.11
C SER C 514 4.73 -36.90 -10.03
N GLU C 515 4.00 -37.99 -9.77
CA GLU C 515 4.62 -39.24 -9.39
C GLU C 515 3.82 -40.43 -9.93
N ASN C 516 4.56 -41.48 -10.27
CA ASN C 516 4.02 -42.80 -10.65
C ASN C 516 3.53 -43.61 -9.44
N PHE C 517 2.45 -43.14 -8.83
CA PHE C 517 1.68 -43.94 -7.86
C PHE C 517 0.19 -43.78 -8.06
N THR C 518 -0.55 -44.72 -7.47
CA THR C 518 -2.00 -44.69 -7.44
C THR C 518 -2.50 -44.08 -6.13
N SER C 519 -2.16 -42.81 -5.95
CA SER C 519 -2.41 -42.13 -4.68
C SER C 519 -3.90 -41.83 -4.51
N TYR C 520 -4.27 -41.54 -3.26
CA TYR C 520 -5.63 -41.18 -2.87
C TYR C 520 -6.66 -42.25 -3.22
N GLY C 521 -6.22 -43.49 -3.43
CA GLY C 521 -7.12 -44.60 -3.64
C GLY C 521 -7.57 -44.81 -5.07
N PHE C 522 -7.23 -43.91 -5.98
CA PHE C 522 -7.59 -44.08 -7.38
C PHE C 522 -6.78 -45.23 -7.98
N SER C 523 -7.43 -46.01 -8.84
CA SER C 523 -6.86 -47.27 -9.33
C SER C 523 -6.33 -47.19 -10.75
N ASN C 524 -6.36 -46.01 -11.38
CA ASN C 524 -5.93 -45.88 -12.77
C ASN C 524 -5.07 -44.63 -12.88
N VAL C 525 -3.89 -44.78 -13.50
CA VAL C 525 -2.94 -43.68 -13.66
C VAL C 525 -2.60 -43.53 -15.13
N VAL C 526 -2.51 -42.29 -15.59
CA VAL C 526 -2.26 -41.96 -16.99
C VAL C 526 -1.22 -40.84 -17.04
N GLU C 527 -0.44 -40.84 -18.12
CA GLU C 527 0.58 -39.81 -18.34
C GLU C 527 0.04 -38.68 -19.19
N MET C 528 0.41 -37.46 -18.82
CA MET C 528 0.18 -36.25 -19.59
C MET C 528 1.53 -35.57 -19.83
N PRO C 529 1.62 -34.68 -20.81
CA PRO C 529 2.93 -34.10 -21.16
C PRO C 529 3.71 -33.50 -20.00
N LYS C 530 3.04 -33.03 -18.96
CA LYS C 530 3.75 -32.36 -17.87
C LYS C 530 3.29 -32.79 -16.48
N PHE C 531 2.44 -33.81 -16.36
CA PHE C 531 2.08 -34.31 -15.04
C PHE C 531 1.40 -35.67 -15.19
N PHE C 532 1.59 -36.51 -14.19
CA PHE C 532 0.77 -37.71 -14.06
C PHE C 532 -0.64 -37.33 -13.63
N TYR C 533 -1.58 -38.23 -13.86
CA TYR C 533 -2.97 -38.00 -13.45
C TYR C 533 -3.58 -39.32 -13.01
N ALA C 534 -4.24 -39.30 -11.85
CA ALA C 534 -4.83 -40.50 -11.27
C ALA C 534 -6.32 -40.29 -11.05
N SER C 535 -7.11 -41.31 -11.38
CA SER C 535 -8.56 -41.25 -11.23
C SER C 535 -9.13 -42.66 -11.37
N ASN C 536 -10.40 -42.79 -11.03
CA ASN C 536 -11.17 -44.01 -11.30
C ASN C 536 -11.91 -43.95 -12.63
N GLY C 537 -11.40 -43.18 -13.59
CA GLY C 537 -12.07 -43.09 -14.87
C GLY C 537 -11.97 -44.38 -15.67
N THR C 538 -13.00 -44.62 -16.47
CA THR C 538 -13.05 -45.80 -17.34
C THR C 538 -12.55 -45.52 -18.75
N TYR C 539 -12.49 -44.25 -19.15
CA TYR C 539 -12.08 -43.84 -20.48
C TYR C 539 -13.00 -44.42 -21.56
N ASN C 540 -14.24 -44.71 -21.18
CA ASN C 540 -15.31 -45.07 -22.11
C ASN C 540 -16.17 -43.84 -22.40
N CYS C 541 -15.58 -42.65 -22.26
CA CYS C 541 -16.29 -41.39 -22.16
C CYS C 541 -15.69 -40.36 -23.11
N THR C 542 -16.52 -39.37 -23.47
CA THR C 542 -16.07 -38.33 -24.40
C THR C 542 -16.63 -36.96 -24.01
N ASP C 543 -17.24 -36.83 -22.84
CA ASP C 543 -17.89 -35.60 -22.41
C ASP C 543 -16.98 -34.84 -21.44
N ALA C 544 -17.17 -33.53 -21.37
CA ALA C 544 -16.35 -32.67 -20.51
C ALA C 544 -17.28 -31.83 -19.63
N VAL C 545 -17.22 -32.07 -18.32
CA VAL C 545 -17.99 -31.27 -17.38
C VAL C 545 -17.14 -30.15 -16.77
N LEU C 546 -15.82 -30.33 -16.73
CA LEU C 546 -14.88 -29.30 -16.29
C LEU C 546 -13.81 -29.14 -17.35
N THR C 547 -13.24 -27.95 -17.44
CA THR C 547 -12.23 -27.72 -18.46
C THR C 547 -11.20 -26.71 -17.99
N TYR C 548 -9.96 -26.93 -18.38
CA TYR C 548 -8.88 -25.95 -18.31
C TYR C 548 -7.99 -26.11 -19.53
N SER C 549 -7.55 -24.97 -20.08
CA SER C 549 -6.69 -24.92 -21.26
C SER C 549 -7.22 -25.83 -22.37
N SER C 550 -6.46 -26.88 -22.71
CA SER C 550 -6.89 -27.86 -23.69
C SER C 550 -7.28 -29.19 -23.05
N PHE C 551 -7.39 -29.25 -21.74
CA PHE C 551 -7.71 -30.45 -20.99
C PHE C 551 -9.10 -30.34 -20.37
N GLY C 552 -9.60 -31.47 -19.89
CA GLY C 552 -10.91 -31.54 -19.26
C GLY C 552 -11.09 -32.90 -18.63
N VAL C 553 -12.22 -33.07 -17.95
CA VAL C 553 -12.52 -34.32 -17.26
C VAL C 553 -13.96 -34.73 -17.52
N CYS C 554 -14.18 -36.05 -17.54
CA CYS C 554 -15.53 -36.61 -17.65
C CYS C 554 -16.21 -36.61 -16.28
N ALA C 555 -17.36 -37.27 -16.22
CA ALA C 555 -18.07 -37.41 -14.94
C ALA C 555 -17.34 -38.35 -14.00
N ASP C 556 -16.69 -39.39 -14.53
CA ASP C 556 -15.95 -40.34 -13.73
C ASP C 556 -14.50 -39.92 -13.48
N GLY C 557 -14.07 -38.80 -14.05
CA GLY C 557 -12.74 -38.28 -13.81
C GLY C 557 -11.71 -38.58 -14.88
N SER C 558 -12.12 -39.05 -16.05
CA SER C 558 -11.17 -39.32 -17.12
C SER C 558 -10.72 -38.01 -17.76
N ILE C 559 -9.41 -37.78 -17.80
CA ILE C 559 -8.88 -36.56 -18.40
C ILE C 559 -8.82 -36.73 -19.91
N ILE C 560 -9.42 -35.77 -20.63
CA ILE C 560 -9.51 -35.81 -22.08
C ILE C 560 -9.17 -34.43 -22.63
N ALA C 561 -8.83 -34.40 -23.91
CA ALA C 561 -8.58 -33.14 -24.60
C ALA C 561 -9.89 -32.57 -25.12
N VAL C 562 -10.09 -31.27 -24.92
CA VAL C 562 -11.33 -30.61 -25.32
C VAL C 562 -11.20 -30.17 -26.78
N GLN C 563 -12.02 -30.77 -27.63
CA GLN C 563 -12.03 -30.38 -29.04
C GLN C 563 -12.75 -29.04 -29.21
N PRO C 564 -12.32 -28.20 -30.15
CA PRO C 564 -13.04 -26.96 -30.42
C PRO C 564 -14.46 -27.25 -30.88
N ARG C 565 -15.39 -26.39 -30.47
CA ARG C 565 -16.80 -26.64 -30.77
C ARG C 565 -17.14 -26.30 -32.22
N ASN C 566 -18.12 -26.99 -32.76
CA ASN C 566 -18.39 -26.94 -34.20
C ASN C 566 -19.51 -25.96 -34.56
N VAL C 567 -19.27 -25.16 -35.62
CA VAL C 567 -20.23 -24.19 -36.17
C VAL C 567 -20.18 -24.25 -37.69
N SER C 568 -21.04 -23.49 -38.36
CA SER C 568 -20.98 -23.33 -39.83
C SER C 568 -20.97 -21.84 -40.15
N TYR C 569 -19.81 -21.34 -40.58
CA TYR C 569 -19.67 -19.92 -40.86
C TYR C 569 -20.56 -19.51 -42.02
N ASP C 570 -21.14 -18.32 -41.92
CA ASP C 570 -21.91 -17.78 -43.03
C ASP C 570 -20.98 -17.32 -44.14
N SER C 571 -21.58 -17.06 -45.30
CA SER C 571 -20.83 -16.69 -46.48
C SER C 571 -21.48 -15.50 -47.15
N VAL C 572 -20.68 -14.70 -47.84
CA VAL C 572 -21.19 -13.59 -48.64
C VAL C 572 -21.63 -14.17 -49.98
N SER C 573 -22.95 -14.21 -50.21
CA SER C 573 -23.49 -14.79 -51.42
C SER C 573 -23.03 -14.00 -52.65
N ALA C 574 -22.21 -14.62 -53.49
CA ALA C 574 -21.57 -13.91 -54.58
C ALA C 574 -22.55 -13.65 -55.72
N ILE C 575 -22.23 -12.63 -56.53
CA ILE C 575 -23.01 -12.29 -57.71
C ILE C 575 -22.37 -13.04 -58.88
N VAL C 576 -22.97 -14.18 -59.25
CA VAL C 576 -22.40 -15.04 -60.28
C VAL C 576 -23.51 -15.90 -60.84
N THR C 577 -23.36 -16.32 -62.09
CA THR C 577 -24.29 -17.23 -62.77
C THR C 577 -23.94 -18.64 -62.36
N ALA C 578 -24.63 -19.14 -61.34
CA ALA C 578 -24.34 -20.49 -60.88
C ALA C 578 -25.51 -20.97 -60.02
N ASN C 579 -25.37 -22.20 -59.55
CA ASN C 579 -26.30 -22.79 -58.60
C ASN C 579 -25.98 -22.19 -57.24
N LEU C 580 -26.88 -21.40 -56.68
CA LEU C 580 -26.73 -20.91 -55.33
C LEU C 580 -27.67 -21.65 -54.38
N SER C 581 -27.33 -21.62 -53.10
CA SER C 581 -28.16 -22.20 -52.05
C SER C 581 -28.64 -21.08 -51.13
N ILE C 582 -29.94 -21.08 -50.83
CA ILE C 582 -30.57 -20.00 -50.07
C ILE C 582 -31.40 -20.61 -48.94
N PRO C 583 -31.36 -20.03 -47.74
CA PRO C 583 -32.16 -20.58 -46.64
C PRO C 583 -33.65 -20.60 -46.97
N PHE C 584 -34.31 -21.68 -46.54
CA PHE C 584 -35.67 -21.97 -46.97
C PHE C 584 -36.58 -22.25 -45.78
N ASN C 585 -36.05 -22.93 -44.76
CA ASN C 585 -36.81 -23.28 -43.58
C ASN C 585 -36.15 -22.64 -42.37
N TRP C 586 -36.96 -22.27 -41.39
CA TRP C 586 -36.47 -21.51 -40.24
C TRP C 586 -36.95 -22.11 -38.93
N THR C 587 -36.10 -21.99 -37.92
CA THR C 587 -36.40 -22.39 -36.56
C THR C 587 -35.96 -21.29 -35.61
N THR C 588 -36.54 -21.30 -34.41
CA THR C 588 -36.28 -20.28 -33.41
C THR C 588 -35.39 -20.83 -32.30
N SER C 589 -34.37 -20.05 -31.92
CA SER C 589 -33.45 -20.43 -30.86
C SER C 589 -33.37 -19.31 -29.85
N VAL C 590 -33.20 -19.68 -28.57
CA VAL C 590 -33.11 -18.73 -27.47
C VAL C 590 -31.77 -18.93 -26.78
N GLN C 591 -31.04 -17.85 -26.59
CA GLN C 591 -29.69 -17.89 -26.02
C GLN C 591 -29.60 -16.96 -24.82
N VAL C 592 -28.89 -17.40 -23.79
CA VAL C 592 -28.83 -16.70 -22.51
C VAL C 592 -27.50 -16.01 -22.36
N GLU C 593 -27.52 -14.84 -21.71
CA GLU C 593 -26.31 -14.09 -21.40
C GLU C 593 -26.54 -13.34 -20.09
N TYR C 594 -25.56 -13.38 -19.19
CA TYR C 594 -25.65 -12.71 -17.90
C TYR C 594 -24.57 -11.64 -17.82
N LEU C 595 -24.96 -10.45 -17.37
CA LEU C 595 -24.04 -9.33 -17.22
C LEU C 595 -24.29 -8.66 -15.87
N GLN C 596 -23.24 -8.53 -15.07
CA GLN C 596 -23.35 -7.85 -13.79
C GLN C 596 -23.44 -6.34 -14.01
N ILE C 597 -24.39 -5.69 -13.34
CA ILE C 597 -24.59 -4.27 -13.50
C ILE C 597 -24.31 -3.47 -12.23
N THR C 598 -24.16 -4.13 -11.08
CA THR C 598 -23.92 -3.40 -9.84
C THR C 598 -23.14 -4.27 -8.86
N SER C 599 -22.40 -3.60 -7.99
CA SER C 599 -21.73 -4.23 -6.85
C SER C 599 -22.16 -3.50 -5.59
N THR C 600 -22.49 -4.26 -4.55
CA THR C 600 -23.06 -3.67 -3.34
C THR C 600 -22.06 -2.73 -2.68
N PRO C 601 -22.39 -1.46 -2.50
CA PRO C 601 -21.43 -0.52 -1.89
C PRO C 601 -21.19 -0.81 -0.42
N ILE C 602 -19.97 -0.48 0.03
CA ILE C 602 -19.59 -0.59 1.43
C ILE C 602 -18.82 0.66 1.81
N VAL C 603 -19.22 1.28 2.92
CA VAL C 603 -18.49 2.42 3.49
C VAL C 603 -18.05 2.05 4.90
N VAL C 604 -16.88 2.54 5.28
CA VAL C 604 -16.27 2.21 6.56
C VAL C 604 -15.90 3.50 7.28
N ASP C 605 -16.23 3.57 8.57
CA ASP C 605 -15.80 4.67 9.42
C ASP C 605 -14.37 4.39 9.86
N CYS C 606 -13.43 5.19 9.38
CA CYS C 606 -12.01 4.91 9.62
C CYS C 606 -11.68 4.95 11.11
N SER C 607 -12.21 5.94 11.82
CA SER C 607 -11.88 6.09 13.24
C SER C 607 -12.39 4.91 14.06
N THR C 608 -13.61 4.45 13.78
CA THR C 608 -14.20 3.37 14.58
C THR C 608 -13.48 2.05 14.35
N TYR C 609 -13.14 1.74 13.09
CA TYR C 609 -12.47 0.49 12.79
C TYR C 609 -11.12 0.38 13.48
N VAL C 610 -10.33 1.46 13.47
CA VAL C 610 -8.96 1.37 13.95
C VAL C 610 -8.88 1.55 15.46
N CYS C 611 -9.80 2.31 16.06
CA CYS C 611 -9.67 2.68 17.46
C CYS C 611 -10.76 2.12 18.36
N ASN C 612 -11.82 1.54 17.79
CA ASN C 612 -12.86 0.86 18.57
C ASN C 612 -13.49 1.79 19.61
N GLY C 613 -13.62 3.07 19.26
CA GLY C 613 -14.28 4.02 20.13
C GLY C 613 -13.54 4.35 21.40
N ASN C 614 -12.22 4.18 21.42
CA ASN C 614 -11.42 4.54 22.58
C ASN C 614 -10.95 5.98 22.41
N VAL C 615 -11.24 6.82 23.40
CA VAL C 615 -11.03 8.27 23.24
C VAL C 615 -9.56 8.61 23.10
N ARG C 616 -8.67 7.81 23.72
CA ARG C 616 -7.25 8.11 23.61
C ARG C 616 -6.68 7.69 22.27
N CYS C 617 -7.19 6.59 21.69
CA CYS C 617 -6.69 6.14 20.38
C CYS C 617 -7.02 7.14 19.28
N VAL C 618 -8.24 7.65 19.27
CA VAL C 618 -8.65 8.58 18.21
C VAL C 618 -7.82 9.86 18.27
N GLU C 619 -7.33 10.23 19.46
CA GLU C 619 -6.52 11.42 19.58
C GLU C 619 -5.14 11.20 18.95
N LEU C 620 -4.57 10.01 19.15
CA LEU C 620 -3.33 9.68 18.46
C LEU C 620 -3.54 9.52 16.96
N LEU C 621 -4.71 9.00 16.57
CA LEU C 621 -4.99 8.78 15.15
C LEU C 621 -5.02 10.08 14.37
N LYS C 622 -5.30 11.20 15.03
CA LYS C 622 -5.47 12.47 14.35
C LYS C 622 -4.17 13.01 13.78
N GLN C 623 -3.02 12.46 14.18
CA GLN C 623 -1.76 12.81 13.51
C GLN C 623 -1.64 12.14 12.15
N TYR C 624 -2.36 11.02 11.95
CA TYR C 624 -2.45 10.36 10.65
C TYR C 624 -3.51 11.07 9.79
N THR C 625 -3.23 12.34 9.50
CA THR C 625 -4.23 13.20 8.84
C THR C 625 -4.61 12.67 7.47
N SER C 626 -3.63 12.26 6.67
CA SER C 626 -3.89 11.85 5.30
C SER C 626 -4.34 10.39 5.18
N ALA C 627 -4.34 9.64 6.27
CA ALA C 627 -4.67 8.21 6.18
C ALA C 627 -6.17 8.00 6.02
N CYS C 628 -6.96 8.45 6.99
CA CYS C 628 -8.39 8.18 6.97
C CYS C 628 -9.07 8.89 5.80
N LYS C 629 -8.62 10.11 5.48
CA LYS C 629 -9.28 10.88 4.42
C LYS C 629 -9.18 10.16 3.08
N THR C 630 -8.03 9.58 2.77
CA THR C 630 -7.87 8.85 1.51
C THR C 630 -8.78 7.63 1.46
N ILE C 631 -8.88 6.89 2.56
CA ILE C 631 -9.69 5.67 2.57
C ILE C 631 -11.17 6.02 2.44
N GLU C 632 -11.64 7.00 3.22
CA GLU C 632 -13.07 7.32 3.22
C GLU C 632 -13.49 7.96 1.91
N ASP C 633 -12.62 8.77 1.29
CA ASP C 633 -12.96 9.36 0.00
C ASP C 633 -13.06 8.28 -1.08
N ALA C 634 -12.19 7.27 -1.04
CA ALA C 634 -12.21 6.24 -2.06
C ALA C 634 -13.49 5.41 -2.01
N LEU C 635 -13.92 5.03 -0.80
CA LEU C 635 -15.12 4.20 -0.68
C LEU C 635 -16.39 5.01 -0.91
N ARG C 636 -16.41 6.26 -0.44
CA ARG C 636 -17.62 7.07 -0.56
C ARG C 636 -17.89 7.48 -1.99
N ASN C 637 -16.86 7.95 -2.70
CA ASN C 637 -17.07 8.43 -4.07
C ASN C 637 -17.45 7.31 -5.01
N SER C 638 -17.00 6.09 -4.72
CA SER C 638 -17.41 4.95 -5.54
C SER C 638 -18.90 4.70 -5.44
N ALA C 639 -19.47 4.82 -4.23
CA ALA C 639 -20.90 4.62 -4.05
C ALA C 639 -21.70 5.70 -4.77
N MET C 640 -21.21 6.95 -4.74
CA MET C 640 -21.92 8.03 -5.41
C MET C 640 -21.99 7.82 -6.92
N LEU C 641 -20.87 7.44 -7.53
CA LEU C 641 -20.86 7.22 -8.98
C LEU C 641 -21.57 5.93 -9.36
N GLU C 642 -21.50 4.90 -8.50
CA GLU C 642 -22.21 3.66 -8.78
C GLU C 642 -23.71 3.88 -8.78
N SER C 643 -24.21 4.69 -7.84
CA SER C 643 -25.64 4.98 -7.80
C SER C 643 -26.06 5.87 -8.96
N ALA C 644 -25.20 6.80 -9.36
CA ALA C 644 -25.58 7.77 -10.38
C ALA C 644 -25.79 7.12 -11.74
N ASP C 645 -24.85 6.26 -12.16
CA ASP C 645 -24.94 5.66 -13.48
C ASP C 645 -25.83 4.43 -13.54
N VAL C 646 -26.33 3.95 -12.39
CA VAL C 646 -27.36 2.92 -12.39
C VAL C 646 -28.76 3.53 -12.37
N SER C 647 -28.93 4.63 -11.64
CA SER C 647 -30.20 5.36 -11.66
C SER C 647 -30.49 5.91 -13.05
N GLU C 648 -29.47 6.37 -13.75
CA GLU C 648 -29.68 6.90 -15.10
C GLU C 648 -30.16 5.79 -16.04
N MET C 649 -29.62 4.57 -15.88
CA MET C 649 -29.99 3.46 -16.75
C MET C 649 -31.46 3.08 -16.60
N LEU C 650 -31.96 3.04 -15.36
CA LEU C 650 -33.28 2.49 -15.07
C LEU C 650 -34.34 3.54 -15.38
N THR C 651 -34.87 3.48 -16.61
CA THR C 651 -35.94 4.36 -17.04
C THR C 651 -37.29 3.68 -16.83
N PHE C 652 -38.36 4.34 -17.26
CA PHE C 652 -39.70 3.81 -17.09
C PHE C 652 -40.63 4.46 -18.10
N ASP C 653 -41.57 3.66 -18.61
CA ASP C 653 -42.59 4.11 -19.55
C ASP C 653 -43.86 3.36 -19.18
N LYS C 654 -44.88 4.08 -18.74
CA LYS C 654 -46.04 3.42 -18.14
C LYS C 654 -46.86 2.66 -19.18
N LYS C 655 -47.03 3.24 -20.38
CA LYS C 655 -47.78 2.53 -21.42
C LYS C 655 -47.03 1.29 -21.86
N ALA C 656 -45.70 1.40 -22.00
CA ALA C 656 -44.91 0.21 -22.30
C ALA C 656 -45.02 -0.83 -21.21
N PHE C 657 -45.19 -0.40 -19.96
CA PHE C 657 -45.30 -1.33 -18.85
C PHE C 657 -46.60 -2.11 -18.87
N THR C 658 -47.72 -1.43 -19.18
CA THR C 658 -49.02 -2.09 -19.09
C THR C 658 -49.23 -3.15 -20.17
N LEU C 659 -48.34 -3.24 -21.16
CA LEU C 659 -48.41 -4.28 -22.18
C LEU C 659 -47.57 -5.49 -21.84
N ALA C 660 -47.05 -5.59 -20.61
CA ALA C 660 -46.43 -6.80 -20.10
C ALA C 660 -47.44 -7.85 -19.70
N ASN C 661 -48.67 -7.68 -20.19
CA ASN C 661 -49.81 -8.46 -19.79
C ASN C 661 -49.79 -9.73 -20.64
N VAL C 662 -50.12 -10.88 -20.05
CA VAL C 662 -49.82 -12.14 -20.71
C VAL C 662 -50.60 -12.29 -22.01
N SER C 663 -51.71 -11.56 -22.16
CA SER C 663 -52.56 -11.69 -23.34
C SER C 663 -52.00 -10.96 -24.56
N SER C 664 -51.01 -10.11 -24.38
CA SER C 664 -50.51 -9.27 -25.46
C SER C 664 -49.61 -10.01 -26.45
N PHE C 665 -49.29 -11.28 -26.20
CA PHE C 665 -48.30 -11.98 -27.01
C PHE C 665 -48.86 -13.21 -27.73
N GLY C 666 -50.13 -13.55 -27.52
CA GLY C 666 -50.74 -14.62 -28.29
C GLY C 666 -50.05 -15.96 -28.07
N ASP C 667 -49.59 -16.56 -29.17
CA ASP C 667 -48.95 -17.87 -29.12
C ASP C 667 -47.57 -17.85 -28.49
N TYR C 668 -46.97 -16.68 -28.30
CA TYR C 668 -45.66 -16.58 -27.67
C TYR C 668 -45.88 -16.57 -26.16
N ASN C 669 -45.51 -17.67 -25.51
CA ASN C 669 -45.90 -17.97 -24.12
C ASN C 669 -44.88 -17.42 -23.14
N LEU C 670 -44.99 -16.12 -22.90
CA LEU C 670 -44.03 -15.33 -22.13
C LEU C 670 -44.38 -15.25 -20.65
N SER C 671 -45.12 -16.23 -20.12
CA SER C 671 -45.50 -16.16 -18.72
C SER C 671 -44.30 -16.26 -17.79
N SER C 672 -43.17 -16.76 -18.29
CA SER C 672 -41.99 -16.96 -17.47
C SER C 672 -41.17 -15.70 -17.29
N VAL C 673 -41.45 -14.63 -18.04
CA VAL C 673 -40.64 -13.41 -17.97
C VAL C 673 -41.45 -12.19 -17.53
N ILE C 674 -42.77 -12.21 -17.65
CA ILE C 674 -43.59 -11.04 -17.28
C ILE C 674 -43.63 -10.89 -15.77
N PRO C 675 -43.73 -9.68 -15.24
CA PRO C 675 -43.75 -9.49 -13.79
C PRO C 675 -45.01 -10.07 -13.16
N SER C 676 -44.88 -10.47 -11.90
CA SER C 676 -46.01 -11.00 -11.15
C SER C 676 -46.85 -9.87 -10.55
N LEU C 677 -48.13 -10.15 -10.38
CA LEU C 677 -49.03 -9.18 -9.77
C LEU C 677 -48.68 -8.99 -8.30
N PRO C 678 -48.92 -7.80 -7.75
CA PRO C 678 -48.72 -7.58 -6.31
C PRO C 678 -49.77 -8.35 -5.51
N ARG C 679 -49.31 -9.14 -4.53
CA ARG C 679 -50.21 -9.96 -3.75
C ARG C 679 -51.22 -9.12 -2.97
N SER C 680 -50.78 -8.01 -2.39
CA SER C 680 -51.64 -7.15 -1.59
C SER C 680 -51.53 -5.70 -2.05
N GLY C 681 -51.35 -5.50 -3.35
CA GLY C 681 -51.13 -4.15 -3.85
C GLY C 681 -49.89 -3.55 -3.24
N SER C 682 -49.95 -2.24 -2.96
CA SER C 682 -48.94 -1.48 -2.23
C SER C 682 -47.56 -1.50 -2.89
N ARG C 683 -47.45 -2.13 -4.05
CA ARG C 683 -46.27 -1.99 -4.91
C ARG C 683 -46.69 -2.31 -6.33
N VAL C 684 -45.92 -1.78 -7.28
CA VAL C 684 -46.32 -1.85 -8.69
C VAL C 684 -46.25 -3.29 -9.20
N ALA C 685 -45.13 -3.98 -8.94
CA ALA C 685 -44.93 -5.30 -9.51
C ALA C 685 -43.98 -6.09 -8.63
N GLY C 686 -43.95 -7.41 -8.88
CA GLY C 686 -43.11 -8.33 -8.14
C GLY C 686 -42.20 -9.15 -9.04
N ARG C 687 -41.55 -10.12 -8.43
CA ARG C 687 -40.61 -10.97 -9.14
C ARG C 687 -41.31 -11.83 -10.18
N SER C 688 -40.64 -12.01 -11.32
CA SER C 688 -41.12 -12.92 -12.36
C SER C 688 -40.71 -14.35 -12.02
N ALA C 689 -41.34 -15.31 -12.72
CA ALA C 689 -41.05 -16.72 -12.48
C ALA C 689 -39.58 -17.06 -12.74
N ILE C 690 -38.91 -16.29 -13.58
CA ILE C 690 -37.46 -16.46 -13.76
C ILE C 690 -36.69 -15.62 -12.74
N GLU C 691 -37.20 -14.44 -12.40
CA GLU C 691 -36.53 -13.55 -11.46
C GLU C 691 -36.64 -14.01 -10.01
N ASP C 692 -37.29 -15.15 -9.73
CA ASP C 692 -37.26 -15.72 -8.39
C ASP C 692 -36.63 -17.10 -8.34
N ILE C 693 -36.60 -17.83 -9.46
CA ILE C 693 -35.78 -19.05 -9.52
C ILE C 693 -34.30 -18.70 -9.48
N LEU C 694 -33.93 -17.61 -10.16
CA LEU C 694 -32.54 -17.14 -10.13
C LEU C 694 -32.15 -16.52 -8.80
N PHE C 695 -33.10 -16.29 -7.90
CA PHE C 695 -32.80 -15.78 -6.57
C PHE C 695 -33.03 -16.80 -5.46
N SER C 696 -33.38 -18.04 -5.82
CA SER C 696 -33.54 -19.10 -4.83
C SER C 696 -32.73 -20.34 -5.17
N LYS C 697 -32.63 -20.71 -6.45
CA LYS C 697 -31.76 -21.80 -6.85
C LYS C 697 -30.30 -21.49 -6.56
N LEU C 698 -29.93 -20.21 -6.66
CA LEU C 698 -28.60 -19.77 -6.24
C LEU C 698 -28.53 -19.69 -4.73
N VAL C 699 -27.29 -19.71 -4.21
CA VAL C 699 -27.07 -19.84 -2.77
C VAL C 699 -27.71 -18.66 -2.03
N THR C 700 -28.40 -18.97 -0.94
CA THR C 700 -28.92 -17.95 -0.03
C THR C 700 -27.75 -17.41 0.78
N SER C 701 -27.25 -16.23 0.39
CA SER C 701 -26.06 -15.65 1.00
C SER C 701 -26.42 -14.86 2.27
N GLY C 702 -26.92 -15.59 3.26
CA GLY C 702 -27.20 -15.00 4.56
C GLY C 702 -25.96 -14.60 5.32
N LEU C 703 -24.82 -15.21 5.02
CA LEU C 703 -23.54 -14.87 5.62
C LEU C 703 -22.81 -13.79 4.84
N GLY C 704 -23.39 -13.29 3.76
CA GLY C 704 -22.76 -12.31 2.90
C GLY C 704 -23.21 -10.90 3.18
N THR C 705 -23.19 -10.06 2.15
CA THR C 705 -23.50 -8.65 2.30
C THR C 705 -25.00 -8.45 2.43
N VAL C 706 -25.43 -7.90 3.57
CA VAL C 706 -26.81 -7.50 3.78
C VAL C 706 -26.80 -6.18 4.54
N ASP C 707 -27.64 -5.24 4.12
CA ASP C 707 -27.71 -3.94 4.78
C ASP C 707 -28.38 -4.09 6.14
N ALA C 708 -27.70 -3.67 7.19
CA ALA C 708 -28.19 -3.88 8.55
C ALA C 708 -29.32 -2.92 8.89
N ASP C 709 -30.19 -3.35 9.81
CA ASP C 709 -31.26 -2.52 10.32
C ASP C 709 -30.69 -1.82 11.55
N TYR C 710 -30.29 -0.55 11.38
CA TYR C 710 -29.61 0.16 12.45
C TYR C 710 -30.56 0.50 13.59
N LYS C 711 -31.84 0.63 13.29
CA LYS C 711 -32.86 0.78 14.33
C LYS C 711 -32.92 -0.45 15.22
N LYS C 712 -32.51 -1.61 14.71
CA LYS C 712 -32.44 -2.83 15.50
C LYS C 712 -31.21 -2.85 16.40
N CYS C 713 -30.05 -2.52 15.84
CA CYS C 713 -28.77 -2.84 16.49
C CYS C 713 -28.61 -2.09 17.81
N THR C 714 -28.86 -0.78 17.80
CA THR C 714 -28.61 0.02 18.99
C THR C 714 -29.64 -0.22 20.08
N LYS C 715 -30.84 -0.67 19.73
CA LYS C 715 -31.81 -1.05 20.76
C LYS C 715 -31.28 -2.19 21.61
N GLY C 716 -30.57 -3.14 20.99
CA GLY C 716 -29.86 -4.17 21.73
C GLY C 716 -30.75 -5.07 22.56
N LEU C 717 -31.98 -5.32 22.09
CA LEU C 717 -32.89 -6.17 22.85
C LEU C 717 -32.51 -7.64 22.74
N SER C 718 -31.70 -8.00 21.74
CA SER C 718 -31.17 -9.34 21.59
C SER C 718 -29.71 -9.24 21.22
N ILE C 719 -28.96 -10.32 21.45
CA ILE C 719 -27.54 -10.34 21.10
C ILE C 719 -27.39 -10.02 19.63
N ALA C 720 -26.43 -9.12 19.33
CA ALA C 720 -26.27 -8.61 17.97
C ALA C 720 -25.97 -9.74 17.01
N ASP C 721 -26.61 -9.70 15.84
CA ASP C 721 -26.40 -10.70 14.80
C ASP C 721 -25.12 -10.36 14.02
N LEU C 722 -24.91 -11.06 12.91
CA LEU C 722 -23.69 -10.86 12.14
C LEU C 722 -23.64 -9.47 11.50
N ALA C 723 -24.80 -8.96 11.09
CA ALA C 723 -24.85 -7.64 10.47
C ALA C 723 -24.60 -6.53 11.48
N CYS C 724 -25.25 -6.60 12.65
CA CYS C 724 -25.03 -5.59 13.68
C CYS C 724 -23.62 -5.64 14.24
N ALA C 725 -23.00 -6.83 14.27
CA ALA C 725 -21.63 -6.92 14.72
C ALA C 725 -20.69 -6.14 13.81
N GLN C 726 -20.93 -6.18 12.50
CA GLN C 726 -20.13 -5.40 11.57
C GLN C 726 -20.30 -3.90 11.80
N TYR C 727 -21.52 -3.50 12.15
CA TYR C 727 -21.83 -2.07 12.31
C TYR C 727 -21.02 -1.46 13.45
N TYR C 728 -20.84 -2.21 14.54
CA TYR C 728 -20.09 -1.69 15.69
C TYR C 728 -18.61 -1.49 15.37
N ASN C 729 -18.08 -2.15 14.34
CA ASN C 729 -16.70 -1.96 13.94
C ASN C 729 -16.56 -0.95 12.80
N GLY C 730 -17.61 -0.19 12.52
CA GLY C 730 -17.56 0.86 11.52
C GLY C 730 -17.92 0.45 10.12
N ILE C 731 -18.18 -0.83 9.87
CA ILE C 731 -18.53 -1.30 8.54
C ILE C 731 -20.04 -1.13 8.34
N MET C 732 -20.41 -0.38 7.30
CA MET C 732 -21.81 -0.10 7.00
C MET C 732 -22.07 -0.52 5.55
N VAL C 733 -22.95 -1.50 5.37
CA VAL C 733 -23.36 -1.94 4.04
C VAL C 733 -24.63 -1.19 3.67
N LEU C 734 -24.58 -0.47 2.56
CA LEU C 734 -25.69 0.35 2.12
C LEU C 734 -26.68 -0.47 1.31
N PRO C 735 -27.94 -0.03 1.23
CA PRO C 735 -28.92 -0.76 0.41
C PRO C 735 -28.51 -0.78 -1.05
N GLY C 736 -28.86 -1.88 -1.72
CA GLY C 736 -28.55 -2.03 -3.13
C GLY C 736 -29.15 -0.94 -3.99
N VAL C 737 -28.34 -0.34 -4.86
CA VAL C 737 -28.83 0.73 -5.73
C VAL C 737 -29.87 0.17 -6.70
N ALA C 738 -29.67 -1.07 -7.16
CA ALA C 738 -30.66 -1.75 -7.98
C ALA C 738 -31.73 -2.33 -7.07
N ASP C 739 -32.65 -1.47 -6.67
CA ASP C 739 -33.66 -1.82 -5.67
C ASP C 739 -34.67 -2.81 -6.25
N ALA C 740 -35.56 -3.28 -5.37
CA ALA C 740 -36.43 -4.40 -5.71
C ALA C 740 -37.58 -4.00 -6.63
N GLU C 741 -38.12 -2.78 -6.48
CA GLU C 741 -39.30 -2.42 -7.26
C GLU C 741 -38.94 -1.77 -8.59
N ARG C 742 -37.94 -0.89 -8.62
CA ARG C 742 -37.58 -0.24 -9.88
C ARG C 742 -37.13 -1.24 -10.92
N MET C 743 -36.58 -2.38 -10.50
CA MET C 743 -36.13 -3.39 -11.45
C MET C 743 -37.32 -4.04 -12.15
N ALA C 744 -38.37 -4.38 -11.41
CA ALA C 744 -39.55 -4.97 -12.02
C ALA C 744 -40.28 -3.97 -12.91
N MET C 745 -40.25 -2.69 -12.55
CA MET C 745 -40.84 -1.67 -13.40
C MET C 745 -39.97 -1.38 -14.62
N TYR C 746 -38.68 -1.73 -14.54
CA TYR C 746 -37.76 -1.48 -15.65
C TYR C 746 -37.80 -2.62 -16.66
N THR C 747 -37.68 -3.86 -16.19
CA THR C 747 -37.77 -5.00 -17.08
C THR C 747 -39.18 -5.14 -17.66
N GLY C 748 -40.20 -4.84 -16.85
CA GLY C 748 -41.57 -4.95 -17.34
C GLY C 748 -41.85 -4.00 -18.49
N SER C 749 -41.35 -2.77 -18.40
CA SER C 749 -41.54 -1.81 -19.49
C SER C 749 -40.84 -2.25 -20.75
N LEU C 750 -39.62 -2.80 -20.62
CA LEU C 750 -38.91 -3.29 -21.78
C LEU C 750 -39.61 -4.50 -22.39
N ILE C 751 -40.26 -5.31 -21.56
CA ILE C 751 -40.92 -6.52 -22.04
C ILE C 751 -42.10 -6.16 -22.92
N GLY C 752 -42.93 -5.20 -22.48
CA GLY C 752 -44.12 -4.83 -23.21
C GLY C 752 -43.88 -3.89 -24.38
N GLY C 753 -42.70 -3.28 -24.44
CA GLY C 753 -42.39 -2.41 -25.56
C GLY C 753 -42.29 -3.12 -26.89
N ILE C 754 -42.05 -4.44 -26.86
CA ILE C 754 -42.02 -5.23 -28.10
C ILE C 754 -43.39 -5.27 -28.76
N ALA C 755 -44.47 -5.09 -27.99
CA ALA C 755 -45.82 -5.15 -28.53
C ALA C 755 -46.30 -3.83 -29.09
N LEU C 756 -45.54 -2.75 -28.96
CA LEU C 756 -45.94 -1.44 -29.48
C LEU C 756 -45.71 -1.40 -30.98
N GLY C 757 -46.79 -1.23 -31.74
CA GLY C 757 -46.72 -1.16 -33.18
C GLY C 757 -46.79 0.23 -33.79
N GLY C 758 -46.88 1.27 -32.97
CA GLY C 758 -46.95 2.62 -33.49
C GLY C 758 -48.30 3.05 -33.99
N LEU C 759 -49.37 2.40 -33.56
CA LEU C 759 -50.71 2.76 -33.99
C LEU C 759 -51.18 4.03 -33.28
N THR C 760 -52.36 4.50 -33.70
CA THR C 760 -53.04 5.56 -32.97
C THR C 760 -53.48 5.04 -31.60
N SER C 761 -53.34 5.89 -30.59
CA SER C 761 -53.65 5.58 -29.19
C SER C 761 -52.79 4.44 -28.66
N ALA C 762 -51.76 4.06 -29.42
CA ALA C 762 -50.78 3.05 -29.01
C ALA C 762 -51.44 1.75 -28.58
N ALA C 763 -52.47 1.34 -29.32
CA ALA C 763 -53.11 0.06 -29.07
C ALA C 763 -52.18 -1.08 -29.45
N SER C 764 -52.28 -2.19 -28.72
CA SER C 764 -51.42 -3.34 -28.96
C SER C 764 -51.83 -4.06 -30.22
N ILE C 765 -50.91 -4.17 -31.17
CA ILE C 765 -51.12 -4.94 -32.40
C ILE C 765 -51.17 -6.42 -32.04
N PRO C 766 -51.82 -7.27 -32.84
CA PRO C 766 -51.63 -8.71 -32.67
C PRO C 766 -50.15 -9.05 -32.80
N PHE C 767 -49.67 -9.93 -31.91
CA PHE C 767 -48.24 -10.13 -31.80
C PHE C 767 -47.63 -10.82 -33.02
N SER C 768 -48.45 -11.48 -33.84
CA SER C 768 -47.94 -12.03 -35.09
C SER C 768 -47.44 -10.92 -36.01
N LEU C 769 -48.03 -9.73 -35.91
CA LEU C 769 -47.56 -8.58 -36.68
C LEU C 769 -46.23 -8.06 -36.16
N ALA C 770 -45.98 -8.22 -34.86
CA ALA C 770 -44.70 -7.79 -34.30
C ALA C 770 -43.56 -8.66 -34.83
N ILE C 771 -43.81 -9.95 -35.04
CA ILE C 771 -42.77 -10.84 -35.55
C ILE C 771 -42.43 -10.48 -37.00
N GLN C 772 -43.45 -10.33 -37.84
CA GLN C 772 -43.20 -10.08 -39.25
C GLN C 772 -42.82 -8.63 -39.54
N SER C 773 -43.16 -7.70 -38.64
CA SER C 773 -42.59 -6.36 -38.75
C SER C 773 -41.09 -6.38 -38.51
N ARG C 774 -40.62 -7.38 -37.77
CA ARG C 774 -39.19 -7.54 -37.49
C ARG C 774 -38.52 -8.48 -38.49
N LEU C 775 -39.30 -9.35 -39.13
CA LEU C 775 -38.79 -10.17 -40.22
C LEU C 775 -38.62 -9.37 -41.50
N ASN C 776 -39.51 -8.39 -41.74
CA ASN C 776 -39.35 -7.51 -42.88
C ASN C 776 -38.06 -6.71 -42.80
N TYR C 777 -37.64 -6.38 -41.58
CA TYR C 777 -36.39 -5.65 -41.39
C TYR C 777 -35.19 -6.49 -41.82
N VAL C 778 -35.31 -7.82 -41.76
CA VAL C 778 -34.25 -8.69 -42.26
C VAL C 778 -34.29 -8.76 -43.78
N ALA C 779 -35.41 -9.23 -44.33
CA ALA C 779 -35.63 -9.25 -45.76
C ALA C 779 -37.09 -8.96 -46.03
N LEU C 780 -37.36 -8.28 -47.14
CA LEU C 780 -38.72 -7.85 -47.47
C LEU C 780 -39.60 -9.07 -47.69
N GLN C 781 -40.69 -9.16 -46.93
CA GLN C 781 -41.57 -10.31 -46.99
C GLN C 781 -42.42 -10.28 -48.26
N THR C 782 -42.54 -11.43 -48.89
CA THR C 782 -43.42 -11.62 -50.03
C THR C 782 -44.50 -12.67 -49.82
N ASP C 783 -44.25 -13.64 -48.95
CA ASP C 783 -45.25 -14.65 -48.62
C ASP C 783 -46.34 -13.97 -47.79
N VAL C 784 -47.57 -13.93 -48.32
CA VAL C 784 -48.63 -13.14 -47.69
C VAL C 784 -49.58 -13.98 -46.85
N LEU C 785 -49.51 -15.31 -46.91
CA LEU C 785 -50.33 -16.13 -46.03
C LEU C 785 -49.78 -16.19 -44.60
N GLN C 786 -48.53 -15.78 -44.41
CA GLN C 786 -47.91 -15.53 -43.11
C GLN C 786 -47.77 -16.77 -42.25
N GLU C 787 -48.04 -17.96 -42.80
CA GLU C 787 -48.11 -19.15 -41.96
C GLU C 787 -46.76 -19.55 -41.37
N ASN C 788 -45.65 -18.99 -41.87
CA ASN C 788 -44.33 -19.35 -41.35
C ASN C 788 -44.16 -18.97 -39.88
N GLN C 789 -44.97 -18.04 -39.37
CA GLN C 789 -44.83 -17.62 -37.97
C GLN C 789 -45.36 -18.65 -36.98
N ARG C 790 -46.11 -19.66 -37.43
CA ARG C 790 -46.62 -20.66 -36.50
C ARG C 790 -45.48 -21.53 -35.96
N ILE C 791 -44.62 -22.04 -36.85
CA ILE C 791 -43.52 -22.87 -36.39
C ILE C 791 -42.52 -22.05 -35.58
N LEU C 792 -42.38 -20.76 -35.91
CA LEU C 792 -41.52 -19.89 -35.12
C LEU C 792 -42.03 -19.74 -33.70
N ALA C 793 -43.35 -19.82 -33.52
CA ALA C 793 -43.96 -19.72 -32.19
C ALA C 793 -43.92 -21.04 -31.43
N ALA C 794 -44.22 -22.15 -32.11
CA ALA C 794 -44.19 -23.45 -31.44
C ALA C 794 -42.78 -23.81 -30.99
N SER C 795 -41.78 -23.53 -31.83
CA SER C 795 -40.40 -23.79 -31.44
C SER C 795 -39.95 -22.87 -30.32
N PHE C 796 -40.44 -21.63 -30.30
CA PHE C 796 -40.09 -20.71 -29.23
C PHE C 796 -40.62 -21.18 -27.88
N ASN C 797 -41.85 -21.72 -27.87
CA ASN C 797 -42.42 -22.21 -26.62
C ASN C 797 -41.64 -23.39 -26.08
N LYS C 798 -41.17 -24.28 -26.96
CA LYS C 798 -40.31 -25.36 -26.53
C LYS C 798 -38.99 -24.85 -25.96
N ALA C 799 -38.43 -23.81 -26.58
CA ALA C 799 -37.17 -23.26 -26.11
C ALA C 799 -37.31 -22.68 -24.71
N MET C 800 -38.41 -21.98 -24.44
CA MET C 800 -38.62 -21.42 -23.10
C MET C 800 -38.70 -22.51 -22.05
N THR C 801 -39.36 -23.62 -22.38
CA THR C 801 -39.45 -24.73 -21.42
C THR C 801 -38.08 -25.29 -21.10
N ASN C 802 -37.24 -25.47 -22.12
CA ASN C 802 -35.87 -25.93 -21.88
C ASN C 802 -35.07 -24.92 -21.08
N ILE C 803 -35.35 -23.62 -21.27
CA ILE C 803 -34.59 -22.59 -20.56
C ILE C 803 -34.91 -22.62 -19.07
N VAL C 804 -36.19 -22.71 -18.73
CA VAL C 804 -36.58 -22.75 -17.32
C VAL C 804 -36.13 -24.06 -16.68
N ASP C 805 -36.26 -25.17 -17.42
CA ASP C 805 -35.83 -26.46 -16.89
C ASP C 805 -34.33 -26.49 -16.63
N ALA C 806 -33.56 -25.78 -17.47
CA ALA C 806 -32.12 -25.74 -17.27
C ALA C 806 -31.75 -24.88 -16.06
N PHE C 807 -32.50 -23.80 -15.82
CA PHE C 807 -32.25 -22.99 -14.62
C PHE C 807 -32.52 -23.80 -13.35
N THR C 808 -33.57 -24.61 -13.35
CA THR C 808 -33.89 -25.41 -12.18
C THR C 808 -32.86 -26.52 -11.97
N GLY C 809 -32.68 -27.38 -12.96
CA GLY C 809 -31.67 -28.42 -12.87
C GLY C 809 -32.17 -29.82 -13.20
N VAL C 810 -33.36 -29.93 -13.77
CA VAL C 810 -33.92 -31.23 -14.12
C VAL C 810 -33.39 -31.77 -15.44
N ASN C 811 -32.53 -31.01 -16.14
CA ASN C 811 -31.97 -31.42 -17.41
C ASN C 811 -30.47 -31.15 -17.41
N ASP C 812 -29.81 -31.53 -16.31
CA ASP C 812 -28.42 -31.13 -16.09
C ASP C 812 -27.43 -31.91 -16.96
N ALA C 813 -27.59 -33.23 -17.05
CA ALA C 813 -26.65 -34.06 -17.80
C ALA C 813 -26.85 -33.99 -19.30
N ILE C 814 -27.75 -33.10 -19.76
CA ILE C 814 -28.09 -32.96 -21.17
C ILE C 814 -27.71 -31.57 -21.70
N THR C 815 -27.09 -30.74 -20.87
CA THR C 815 -26.77 -29.36 -21.27
C THR C 815 -25.80 -29.30 -22.44
N GLN C 816 -24.97 -30.34 -22.61
CA GLN C 816 -23.95 -30.29 -23.67
C GLN C 816 -24.51 -30.56 -25.05
N THR C 817 -25.79 -30.91 -25.17
CA THR C 817 -26.37 -31.24 -26.47
C THR C 817 -26.55 -30.03 -27.37
N SER C 818 -26.47 -28.82 -26.84
CA SER C 818 -26.69 -27.63 -27.65
C SER C 818 -26.02 -26.43 -27.01
N GLN C 819 -25.68 -25.44 -27.83
CA GLN C 819 -25.21 -24.17 -27.31
C GLN C 819 -26.27 -23.49 -26.46
N ALA C 820 -27.53 -23.55 -26.90
CA ALA C 820 -28.60 -22.90 -26.15
C ALA C 820 -28.66 -23.39 -24.72
N LEU C 821 -28.45 -24.69 -24.50
CA LEU C 821 -28.38 -25.21 -23.13
C LEU C 821 -27.07 -24.84 -22.46
N GLN C 822 -25.98 -24.74 -23.22
CA GLN C 822 -24.69 -24.41 -22.63
C GLN C 822 -24.62 -22.96 -22.18
N THR C 823 -25.32 -22.05 -22.87
CA THR C 823 -25.38 -20.66 -22.41
C THR C 823 -26.10 -20.55 -21.08
N VAL C 824 -27.02 -21.47 -20.79
CA VAL C 824 -27.63 -21.51 -19.47
C VAL C 824 -26.63 -21.98 -18.43
N ALA C 825 -25.83 -22.99 -18.76
CA ALA C 825 -24.80 -23.45 -17.84
C ALA C 825 -23.74 -22.38 -17.62
N THR C 826 -23.36 -21.67 -18.68
CA THR C 826 -22.40 -20.57 -18.55
C THR C 826 -22.98 -19.46 -17.69
N ALA C 827 -24.27 -19.18 -17.84
CA ALA C 827 -24.91 -18.14 -17.03
C ALA C 827 -24.96 -18.54 -15.56
N LEU C 828 -25.37 -19.79 -15.28
CA LEU C 828 -25.50 -20.24 -13.90
C LEU C 828 -24.14 -20.26 -13.20
N ASN C 829 -23.11 -20.72 -13.90
CA ASN C 829 -21.77 -20.69 -13.32
C ASN C 829 -21.32 -19.27 -13.01
N LYS C 830 -21.67 -18.33 -13.90
CA LYS C 830 -21.26 -16.94 -13.70
C LYS C 830 -22.02 -16.29 -12.54
N ILE C 831 -23.30 -16.62 -12.36
CA ILE C 831 -24.06 -16.08 -11.24
C ILE C 831 -23.58 -16.68 -9.92
N GLN C 832 -23.32 -18.00 -9.91
CA GLN C 832 -22.83 -18.64 -8.70
C GLN C 832 -21.48 -18.08 -8.26
N ASP C 833 -20.69 -17.58 -9.21
CA ASP C 833 -19.45 -16.89 -8.86
C ASP C 833 -19.73 -15.60 -8.09
N VAL C 834 -20.73 -14.84 -8.54
CA VAL C 834 -21.03 -13.54 -7.92
C VAL C 834 -21.61 -13.73 -6.53
N VAL C 835 -22.49 -14.72 -6.37
CA VAL C 835 -23.17 -14.91 -5.09
C VAL C 835 -22.20 -15.31 -3.99
N ASN C 836 -21.15 -16.06 -4.33
CA ASN C 836 -20.25 -16.59 -3.32
C ASN C 836 -19.05 -15.69 -3.05
N GLN C 837 -18.44 -15.13 -4.09
CA GLN C 837 -17.15 -14.44 -3.92
C GLN C 837 -17.29 -13.04 -3.33
N GLN C 838 -18.43 -12.39 -3.48
CA GLN C 838 -18.53 -10.97 -3.15
C GLN C 838 -18.46 -10.71 -1.64
N GLY C 839 -18.59 -11.74 -0.80
CA GLY C 839 -18.54 -11.55 0.63
C GLY C 839 -17.21 -11.82 1.28
N ASN C 840 -16.21 -12.25 0.51
CA ASN C 840 -14.92 -12.62 1.10
C ASN C 840 -14.16 -11.40 1.61
N SER C 841 -14.32 -10.25 0.94
CA SER C 841 -13.56 -9.07 1.32
C SER C 841 -13.92 -8.60 2.73
N LEU C 842 -15.21 -8.61 3.07
CA LEU C 842 -15.61 -8.19 4.41
C LEU C 842 -15.08 -9.15 5.47
N ASN C 843 -15.13 -10.46 5.21
CA ASN C 843 -14.62 -11.42 6.18
C ASN C 843 -13.11 -11.29 6.36
N HIS C 844 -12.39 -10.96 5.29
CA HIS C 844 -10.96 -10.68 5.41
C HIS C 844 -10.71 -9.43 6.24
N LEU C 845 -11.58 -8.43 6.10
CA LEU C 845 -11.39 -7.17 6.83
C LEU C 845 -11.71 -7.33 8.31
N THR C 846 -12.79 -8.03 8.63
CA THR C 846 -13.16 -8.22 10.04
C THR C 846 -12.19 -9.13 10.77
N SER C 847 -11.53 -10.04 10.05
CA SER C 847 -10.57 -10.94 10.69
C SER C 847 -9.28 -10.22 11.06
N GLN C 848 -8.98 -9.10 10.40
CA GLN C 848 -7.77 -8.34 10.70
C GLN C 848 -7.83 -7.68 12.07
N LEU C 849 -8.99 -7.67 12.73
CA LEU C 849 -9.12 -7.00 14.01
C LEU C 849 -8.64 -7.84 15.18
N ARG C 850 -8.40 -9.13 14.98
CA ARG C 850 -7.78 -9.97 16.00
C ARG C 850 -6.27 -9.97 15.92
N GLN C 851 -5.68 -9.28 14.95
CA GLN C 851 -4.23 -9.26 14.82
C GLN C 851 -3.60 -8.48 15.96
N ASN C 852 -2.57 -9.06 16.57
CA ASN C 852 -1.79 -8.31 17.54
C ASN C 852 -0.87 -7.31 16.86
N PHE C 853 -0.45 -7.60 15.63
CA PHE C 853 0.59 -6.83 14.93
C PHE C 853 1.84 -6.71 15.79
N GLN C 854 2.05 -7.73 16.64
CA GLN C 854 3.13 -7.78 17.62
C GLN C 854 3.12 -6.57 18.56
N ALA C 855 1.93 -6.07 18.84
CA ALA C 855 1.71 -5.26 20.03
C ALA C 855 1.48 -6.18 21.21
N ILE C 856 1.36 -5.60 22.41
CA ILE C 856 1.23 -6.41 23.61
C ILE C 856 -0.09 -7.17 23.61
N SER C 857 -1.15 -6.56 23.08
CA SER C 857 -2.45 -7.22 23.01
C SER C 857 -3.26 -6.61 21.88
N SER C 858 -4.27 -7.36 21.43
CA SER C 858 -5.10 -6.93 20.32
C SER C 858 -6.19 -5.95 20.73
N SER C 859 -6.44 -5.79 22.02
CA SER C 859 -7.46 -4.87 22.51
C SER C 859 -6.80 -3.57 22.93
N ILE C 860 -7.26 -2.46 22.35
CA ILE C 860 -6.69 -1.15 22.67
C ILE C 860 -6.93 -0.81 24.13
N GLN C 861 -8.11 -1.14 24.65
CA GLN C 861 -8.41 -0.87 26.05
C GLN C 861 -7.55 -1.71 26.98
N ALA C 862 -7.24 -2.95 26.58
CA ALA C 862 -6.43 -3.82 27.43
C ALA C 862 -4.99 -3.30 27.57
N ILE C 863 -4.49 -2.59 26.57
CA ILE C 863 -3.14 -2.04 26.65
C ILE C 863 -3.08 -0.97 27.74
N TYR C 864 -4.08 -0.09 27.80
CA TYR C 864 -4.10 0.94 28.83
C TYR C 864 -4.46 0.40 30.20
N ASP C 865 -5.11 -0.77 30.27
CA ASP C 865 -5.33 -1.43 31.55
C ASP C 865 -4.06 -2.09 32.08
N ARG C 866 -3.08 -2.33 31.20
CA ARG C 866 -1.84 -3.01 31.60
C ARG C 866 -0.66 -2.06 31.75
N LEU C 867 -0.62 -0.95 31.02
CA LEU C 867 0.56 -0.13 30.92
C LEU C 867 0.23 1.34 31.18
N ASP C 868 1.28 2.10 31.53
CA ASP C 868 1.21 3.54 31.77
C ASP C 868 1.16 4.30 30.45
N PRO C 869 0.59 5.50 30.45
CA PRO C 869 0.35 6.23 29.18
C PRO C 869 1.61 6.43 28.35
N PRO C 870 2.76 6.83 28.93
CA PRO C 870 3.95 7.01 28.08
C PRO C 870 4.44 5.74 27.41
N GLN C 871 4.13 4.57 27.96
CA GLN C 871 4.52 3.29 27.36
C GLN C 871 3.44 2.68 26.49
N ALA C 872 2.17 2.94 26.79
CA ALA C 872 1.08 2.33 26.03
C ALA C 872 0.92 2.95 24.65
N ASP C 873 1.31 4.22 24.50
CA ASP C 873 1.23 4.86 23.19
C ASP C 873 2.10 4.14 22.17
N GLN C 874 3.31 3.75 22.58
CA GLN C 874 4.22 3.03 21.69
C GLN C 874 3.71 1.63 21.35
N GLN C 875 2.75 1.12 22.12
CA GLN C 875 2.13 -0.17 21.85
C GLN C 875 0.89 -0.03 20.97
N VAL C 876 0.08 1.00 21.20
CA VAL C 876 -1.12 1.23 20.40
C VAL C 876 -0.75 1.58 18.96
N ASP C 877 0.38 2.27 18.76
CA ASP C 877 0.78 2.70 17.43
C ASP C 877 0.90 1.53 16.46
N ARG C 878 1.28 0.35 16.96
CA ARG C 878 1.34 -0.83 16.10
C ARG C 878 -0.04 -1.21 15.58
N LEU C 879 -1.06 -1.17 16.45
CA LEU C 879 -2.41 -1.49 16.02
C LEU C 879 -2.94 -0.48 15.02
N ILE C 880 -2.59 0.80 15.21
CA ILE C 880 -3.05 1.83 14.28
C ILE C 880 -2.45 1.63 12.90
N THR C 881 -1.14 1.44 12.83
CA THR C 881 -0.48 1.25 11.54
C THR C 881 -0.94 -0.03 10.86
N GLY C 882 -1.08 -1.11 11.63
CA GLY C 882 -1.48 -2.38 11.04
C GLY C 882 -2.90 -2.37 10.49
N ARG C 883 -3.83 -1.74 11.23
CA ARG C 883 -5.22 -1.73 10.80
C ARG C 883 -5.46 -0.75 9.66
N LEU C 884 -4.66 0.32 9.57
CA LEU C 884 -4.71 1.16 8.38
C LEU C 884 -4.21 0.42 7.16
N ALA C 885 -3.29 -0.53 7.34
CA ALA C 885 -2.88 -1.38 6.23
C ALA C 885 -3.99 -2.33 5.83
N ALA C 886 -4.78 -2.81 6.80
CA ALA C 886 -5.90 -3.69 6.49
C ALA C 886 -6.95 -2.96 5.65
N LEU C 887 -7.23 -1.69 5.98
CA LEU C 887 -8.18 -0.93 5.20
C LEU C 887 -7.64 -0.63 3.80
N ASN C 888 -6.33 -0.43 3.67
CA ASN C 888 -5.75 -0.13 2.37
C ASN C 888 -5.93 -1.29 1.41
N VAL C 889 -5.77 -2.53 1.90
CA VAL C 889 -6.00 -3.70 1.06
C VAL C 889 -7.47 -3.82 0.72
N PHE C 890 -8.36 -3.52 1.68
CA PHE C 890 -9.79 -3.59 1.43
C PHE C 890 -10.22 -2.62 0.35
N VAL C 891 -9.64 -1.41 0.34
CA VAL C 891 -9.93 -0.45 -0.71
C VAL C 891 -9.44 -0.97 -2.06
N SER C 892 -8.32 -1.69 -2.07
CA SER C 892 -7.82 -2.25 -3.32
C SER C 892 -8.80 -3.28 -3.91
N HIS C 893 -9.36 -4.14 -3.05
CA HIS C 893 -10.32 -5.13 -3.53
C HIS C 893 -11.57 -4.46 -4.09
N THR C 894 -12.07 -3.43 -3.41
CA THR C 894 -13.32 -2.80 -3.83
C THR C 894 -13.14 -2.05 -5.14
N LEU C 895 -12.05 -1.28 -5.27
CA LEU C 895 -11.85 -0.49 -6.48
C LEU C 895 -11.61 -1.38 -7.70
N THR C 896 -10.91 -2.51 -7.50
CA THR C 896 -10.70 -3.45 -8.59
C THR C 896 -12.03 -4.02 -9.08
N LYS C 897 -12.93 -4.35 -8.14
CA LYS C 897 -14.20 -4.95 -8.54
C LYS C 897 -15.16 -3.92 -9.12
N TYR C 898 -15.07 -2.66 -8.69
CA TYR C 898 -15.82 -1.60 -9.34
C TYR C 898 -15.40 -1.41 -10.79
N THR C 899 -14.12 -1.68 -11.09
CA THR C 899 -13.66 -1.58 -12.48
C THR C 899 -14.26 -2.70 -13.33
N GLU C 900 -14.37 -3.90 -12.77
CA GLU C 900 -15.05 -4.98 -13.47
C GLU C 900 -16.49 -4.61 -13.79
N VAL C 901 -17.24 -4.15 -12.78
CA VAL C 901 -18.66 -3.89 -12.96
C VAL C 901 -18.89 -2.72 -13.91
N ARG C 902 -17.93 -1.79 -13.99
CA ARG C 902 -18.04 -0.70 -14.96
C ARG C 902 -18.13 -1.23 -16.39
N ALA C 903 -17.26 -2.20 -16.73
CA ALA C 903 -17.23 -2.72 -18.09
C ALA C 903 -18.51 -3.47 -18.43
N SER C 904 -18.98 -4.32 -17.51
CA SER C 904 -20.18 -5.10 -17.77
C SER C 904 -21.44 -4.25 -17.74
N ARG C 905 -21.45 -3.20 -16.91
CA ARG C 905 -22.60 -2.29 -16.89
C ARG C 905 -22.71 -1.52 -18.20
N GLN C 906 -21.57 -1.04 -18.72
CA GLN C 906 -21.59 -0.30 -19.98
C GLN C 906 -21.99 -1.22 -21.13
N LEU C 907 -21.51 -2.46 -21.13
CA LEU C 907 -21.91 -3.41 -22.15
C LEU C 907 -23.40 -3.72 -22.05
N ALA C 908 -23.92 -3.85 -20.82
CA ALA C 908 -25.34 -4.11 -20.64
C ALA C 908 -26.19 -2.94 -21.13
N GLN C 909 -25.68 -1.72 -20.96
CA GLN C 909 -26.37 -0.55 -21.50
C GLN C 909 -26.46 -0.63 -23.02
N GLN C 910 -25.36 -1.04 -23.66
CA GLN C 910 -25.36 -1.20 -25.11
C GLN C 910 -26.31 -2.32 -25.54
N LYS C 911 -26.35 -3.41 -24.77
CA LYS C 911 -27.21 -4.54 -25.11
C LYS C 911 -28.68 -4.15 -25.01
N VAL C 912 -29.05 -3.36 -24.01
CA VAL C 912 -30.43 -2.92 -23.86
C VAL C 912 -30.83 -2.01 -25.03
N ASN C 913 -29.94 -1.11 -25.43
CA ASN C 913 -30.27 -0.17 -26.49
C ASN C 913 -30.32 -0.84 -27.86
N GLU C 914 -29.43 -1.81 -28.11
CA GLU C 914 -29.27 -2.35 -29.45
C GLU C 914 -29.89 -3.73 -29.67
N CYS C 915 -30.14 -4.50 -28.62
CA CYS C 915 -30.85 -5.77 -28.75
C CYS C 915 -32.29 -5.72 -28.26
N VAL C 916 -32.55 -5.03 -27.14
CA VAL C 916 -33.87 -5.07 -26.52
C VAL C 916 -34.82 -4.05 -27.13
N LYS C 917 -34.39 -2.78 -27.20
CA LYS C 917 -35.27 -1.75 -27.74
C LYS C 917 -35.24 -1.76 -29.27
N SER C 918 -34.06 -1.91 -29.85
CA SER C 918 -33.90 -1.94 -31.30
C SER C 918 -33.72 -3.37 -31.79
N GLN C 919 -33.52 -3.52 -33.09
CA GLN C 919 -33.18 -4.79 -33.71
C GLN C 919 -31.83 -4.64 -34.40
N SER C 920 -30.93 -5.58 -34.14
CA SER C 920 -29.53 -5.43 -34.51
C SER C 920 -29.18 -6.27 -35.73
N LYS C 921 -28.33 -5.70 -36.58
CA LYS C 921 -27.68 -6.45 -37.65
C LYS C 921 -26.18 -6.56 -37.45
N ARG C 922 -25.65 -6.05 -36.34
CA ARG C 922 -24.26 -6.29 -35.96
C ARG C 922 -24.09 -7.76 -35.63
N TYR C 923 -23.39 -8.48 -36.50
CA TYR C 923 -23.30 -9.93 -36.36
C TYR C 923 -22.65 -10.34 -35.05
N GLY C 924 -23.22 -11.36 -34.42
CA GLY C 924 -22.66 -11.97 -33.23
C GLY C 924 -22.86 -11.20 -31.95
N PHE C 925 -23.49 -10.02 -32.00
CA PHE C 925 -23.65 -9.22 -30.79
C PHE C 925 -24.80 -9.73 -29.94
N CYS C 926 -25.98 -9.91 -30.55
CA CYS C 926 -27.16 -10.41 -29.85
C CYS C 926 -27.33 -11.91 -30.09
N GLY C 927 -26.31 -12.71 -29.74
CA GLY C 927 -26.29 -14.13 -30.08
C GLY C 927 -25.87 -14.32 -31.53
N ASN C 928 -25.73 -15.58 -31.95
CA ASN C 928 -25.34 -15.72 -33.35
C ASN C 928 -26.60 -15.72 -34.20
N GLY C 929 -26.44 -15.84 -35.52
CA GLY C 929 -27.62 -15.94 -36.35
C GLY C 929 -28.33 -14.60 -36.47
N THR C 930 -29.55 -14.67 -37.00
CA THR C 930 -30.32 -13.46 -37.32
C THR C 930 -31.15 -13.06 -36.11
N HIS C 931 -30.90 -11.85 -35.60
CA HIS C 931 -31.62 -11.36 -34.42
C HIS C 931 -33.06 -10.99 -34.77
N ILE C 932 -33.97 -11.25 -33.84
CA ILE C 932 -35.37 -10.88 -34.02
C ILE C 932 -35.79 -9.95 -32.88
N PHE C 933 -35.74 -10.45 -31.64
CA PHE C 933 -36.00 -9.63 -30.48
C PHE C 933 -35.26 -10.22 -29.28
N SER C 934 -35.12 -9.42 -28.23
CA SER C 934 -34.45 -9.84 -27.02
C SER C 934 -35.32 -9.53 -25.80
N LEU C 935 -35.17 -10.35 -24.78
CA LEU C 935 -35.91 -10.22 -23.54
C LEU C 935 -34.90 -10.01 -22.41
N VAL C 936 -35.36 -9.44 -21.29
CA VAL C 936 -34.45 -9.13 -20.19
C VAL C 936 -35.17 -9.33 -18.87
N ASN C 937 -34.41 -9.75 -17.86
CA ASN C 937 -34.94 -10.01 -16.52
C ASN C 937 -33.88 -9.67 -15.49
N ALA C 938 -34.31 -9.57 -14.24
CA ALA C 938 -33.40 -9.29 -13.14
C ALA C 938 -32.62 -10.55 -12.76
N ALA C 939 -31.42 -10.32 -12.24
CA ALA C 939 -30.53 -11.39 -11.79
C ALA C 939 -29.77 -10.90 -10.58
N PRO C 940 -29.18 -11.80 -9.78
CA PRO C 940 -28.39 -11.35 -8.62
C PRO C 940 -27.29 -10.37 -9.00
N GLU C 941 -27.43 -9.13 -8.53
CA GLU C 941 -26.48 -8.05 -8.78
C GLU C 941 -26.32 -7.75 -10.27
N GLY C 942 -27.27 -8.14 -11.11
CA GLY C 942 -27.12 -7.92 -12.53
C GLY C 942 -28.39 -8.19 -13.31
N LEU C 943 -28.20 -8.41 -14.60
CA LEU C 943 -29.30 -8.67 -15.53
C LEU C 943 -29.02 -9.94 -16.31
N VAL C 944 -30.09 -10.54 -16.82
CA VAL C 944 -30.00 -11.71 -17.68
C VAL C 944 -30.78 -11.42 -18.96
N PHE C 945 -30.19 -11.75 -20.11
CA PHE C 945 -30.79 -11.52 -21.40
C PHE C 945 -31.18 -12.83 -22.05
N LEU C 946 -32.28 -12.79 -22.80
CA LEU C 946 -32.80 -13.95 -23.53
C LEU C 946 -32.92 -13.56 -25.00
N HIS C 947 -31.83 -13.74 -25.73
CA HIS C 947 -31.78 -13.36 -27.14
C HIS C 947 -32.55 -14.38 -27.98
N THR C 948 -33.52 -13.89 -28.75
CA THR C 948 -34.30 -14.74 -29.66
C THR C 948 -33.79 -14.53 -31.07
N VAL C 949 -33.25 -15.58 -31.67
CA VAL C 949 -32.63 -15.52 -32.99
C VAL C 949 -33.17 -16.64 -33.86
N LEU C 950 -32.98 -16.48 -35.17
CA LEU C 950 -33.38 -17.47 -36.16
C LEU C 950 -32.19 -18.32 -36.56
N LEU C 951 -32.48 -19.59 -36.87
CA LEU C 951 -31.48 -20.51 -37.38
C LEU C 951 -32.06 -21.27 -38.57
N PRO C 952 -31.31 -21.39 -39.65
CA PRO C 952 -31.80 -22.12 -40.82
C PRO C 952 -31.81 -23.62 -40.59
N THR C 953 -32.75 -24.29 -41.24
CA THR C 953 -32.89 -25.74 -41.16
C THR C 953 -32.76 -26.42 -42.51
N GLN C 954 -33.39 -25.88 -43.55
CA GLN C 954 -33.30 -26.43 -44.89
C GLN C 954 -32.95 -25.33 -45.87
N TYR C 955 -32.22 -25.70 -46.92
CA TYR C 955 -31.85 -24.79 -47.99
C TYR C 955 -32.60 -25.14 -49.27
N LYS C 956 -32.44 -24.30 -50.29
CA LYS C 956 -32.99 -24.55 -51.61
C LYS C 956 -31.98 -24.17 -52.67
N ASP C 957 -31.93 -24.94 -53.75
CA ASP C 957 -31.04 -24.68 -54.87
C ASP C 957 -31.75 -23.83 -55.90
N VAL C 958 -31.08 -22.76 -56.35
CA VAL C 958 -31.63 -21.86 -57.36
C VAL C 958 -30.58 -21.65 -58.44
N GLU C 959 -31.00 -21.71 -59.70
CA GLU C 959 -30.11 -21.53 -60.84
C GLU C 959 -30.04 -20.04 -61.14
N ALA C 960 -29.13 -19.35 -60.47
CA ALA C 960 -29.06 -17.90 -60.52
C ALA C 960 -28.31 -17.42 -61.76
N TRP C 961 -28.52 -16.15 -62.09
CA TRP C 961 -27.88 -15.49 -63.22
C TRP C 961 -27.42 -14.11 -62.79
N SER C 962 -26.33 -13.64 -63.41
CA SER C 962 -25.73 -12.39 -62.99
C SER C 962 -26.55 -11.18 -63.44
N GLY C 963 -27.18 -11.26 -64.60
CA GLY C 963 -27.92 -10.12 -65.11
C GLY C 963 -28.56 -10.44 -66.44
N LEU C 964 -28.94 -9.39 -67.16
CA LEU C 964 -29.60 -9.51 -68.45
C LEU C 964 -28.82 -8.73 -69.50
N CYS C 965 -28.90 -9.22 -70.74
CA CYS C 965 -28.39 -8.50 -71.90
C CYS C 965 -29.48 -8.51 -72.97
N VAL C 966 -30.00 -7.33 -73.31
CA VAL C 966 -31.13 -7.18 -74.22
C VAL C 966 -30.62 -6.57 -75.52
N ASP C 967 -30.91 -7.23 -76.64
CA ASP C 967 -30.45 -6.84 -77.97
C ASP C 967 -28.93 -6.73 -78.05
N GLY C 968 -28.22 -7.43 -77.16
CA GLY C 968 -26.78 -7.52 -77.21
C GLY C 968 -26.03 -6.27 -76.82
N ILE C 969 -26.71 -5.15 -76.57
CA ILE C 969 -26.05 -3.89 -76.27
C ILE C 969 -26.57 -3.21 -75.02
N ASN C 970 -27.60 -3.75 -74.38
CA ASN C 970 -28.16 -3.19 -73.15
C ASN C 970 -27.98 -4.18 -72.01
N GLY C 971 -27.42 -3.72 -70.91
CA GLY C 971 -27.15 -4.56 -69.75
C GLY C 971 -27.96 -4.11 -68.54
N TYR C 972 -28.49 -5.08 -67.81
CA TYR C 972 -29.27 -4.82 -66.61
C TYR C 972 -28.76 -5.69 -65.47
N VAL C 973 -28.64 -5.10 -64.28
CA VAL C 973 -28.30 -5.81 -63.05
C VAL C 973 -29.36 -5.45 -62.01
N LEU C 974 -29.40 -6.25 -60.95
CA LEU C 974 -30.41 -6.03 -59.92
C LEU C 974 -30.14 -4.75 -59.14
N ARG C 975 -31.23 -4.10 -58.71
CA ARG C 975 -31.13 -2.82 -58.03
C ARG C 975 -30.43 -2.93 -56.69
N GLN C 976 -30.57 -4.05 -56.00
CA GLN C 976 -29.93 -4.26 -54.72
C GLN C 976 -28.94 -5.41 -54.81
N PRO C 977 -27.72 -5.26 -54.28
CA PRO C 977 -26.74 -6.35 -54.36
C PRO C 977 -27.17 -7.60 -53.62
N ASN C 978 -28.05 -7.49 -52.62
CA ASN C 978 -28.49 -8.63 -51.83
C ASN C 978 -29.72 -9.32 -52.42
N LEU C 979 -29.93 -9.20 -53.73
CA LEU C 979 -30.99 -9.90 -54.42
C LEU C 979 -30.38 -10.80 -55.48
N ALA C 980 -31.11 -11.86 -55.82
CA ALA C 980 -30.65 -12.85 -56.79
C ALA C 980 -31.75 -13.14 -57.80
N LEU C 981 -31.38 -13.20 -59.07
CA LEU C 981 -32.29 -13.54 -60.16
C LEU C 981 -32.04 -14.98 -60.57
N TYR C 982 -33.08 -15.81 -60.52
CA TYR C 982 -32.93 -17.23 -60.77
C TYR C 982 -34.07 -17.74 -61.64
N LYS C 983 -33.79 -18.81 -62.38
CA LYS C 983 -34.75 -19.43 -63.28
C LYS C 983 -35.46 -20.58 -62.58
N GLU C 984 -36.77 -20.69 -62.82
CA GLU C 984 -37.59 -21.72 -62.18
C GLU C 984 -38.60 -22.21 -63.22
N GLY C 985 -38.43 -23.45 -63.67
CA GLY C 985 -39.33 -23.98 -64.68
C GLY C 985 -39.20 -23.21 -65.98
N ASN C 986 -40.34 -22.76 -66.50
CA ASN C 986 -40.34 -21.96 -67.72
C ASN C 986 -39.96 -20.50 -67.46
N TYR C 987 -40.32 -19.97 -66.29
CA TYR C 987 -40.23 -18.56 -65.98
C TYR C 987 -39.03 -18.25 -65.08
N TYR C 988 -38.96 -16.99 -64.62
CA TYR C 988 -37.88 -16.52 -63.77
C TYR C 988 -38.47 -15.88 -62.52
N ARG C 989 -37.61 -15.67 -61.52
CA ARG C 989 -37.99 -15.11 -60.24
C ARG C 989 -36.82 -14.36 -59.62
N ILE C 990 -37.13 -13.55 -58.61
CA ILE C 990 -36.14 -12.79 -57.86
C ILE C 990 -36.35 -13.10 -56.37
N THR C 991 -35.27 -13.42 -55.67
CA THR C 991 -35.35 -13.74 -54.26
C THR C 991 -34.20 -13.08 -53.51
N SER C 992 -34.44 -12.79 -52.23
CA SER C 992 -33.39 -12.27 -51.37
C SER C 992 -32.40 -13.38 -51.03
N ARG C 993 -31.13 -13.00 -50.95
CA ARG C 993 -30.10 -13.99 -50.66
C ARG C 993 -30.12 -14.43 -49.20
N ILE C 994 -30.49 -13.51 -48.29
CA ILE C 994 -30.55 -13.85 -46.88
C ILE C 994 -31.71 -14.80 -46.61
N MET C 995 -32.83 -14.60 -47.30
CA MET C 995 -34.05 -15.36 -47.00
C MET C 995 -34.80 -15.58 -48.30
N PHE C 996 -35.26 -16.81 -48.52
CA PHE C 996 -35.97 -17.15 -49.76
C PHE C 996 -37.36 -16.53 -49.72
N GLU C 997 -37.52 -15.40 -50.41
CA GLU C 997 -38.80 -14.73 -50.54
C GLU C 997 -39.00 -14.41 -52.02
N PRO C 998 -39.68 -15.28 -52.77
CA PRO C 998 -39.76 -15.09 -54.21
C PRO C 998 -40.58 -13.86 -54.60
N ARG C 999 -40.23 -13.31 -55.76
CA ARG C 999 -40.75 -12.03 -56.22
C ARG C 999 -40.93 -12.06 -57.73
N ILE C 1000 -42.05 -11.52 -58.20
CA ILE C 1000 -42.31 -11.43 -59.63
C ILE C 1000 -41.48 -10.28 -60.19
N PRO C 1001 -40.62 -10.52 -61.18
CA PRO C 1001 -39.72 -9.46 -61.65
C PRO C 1001 -40.46 -8.28 -62.24
N THR C 1002 -40.04 -7.08 -61.84
CA THR C 1002 -40.56 -5.82 -62.35
C THR C 1002 -39.39 -5.02 -62.92
N ILE C 1003 -39.69 -4.09 -63.83
CA ILE C 1003 -38.64 -3.27 -64.42
C ILE C 1003 -37.89 -2.50 -63.35
N ALA C 1004 -38.60 -2.03 -62.32
CA ALA C 1004 -37.96 -1.27 -61.25
C ALA C 1004 -36.95 -2.11 -60.47
N ASP C 1005 -36.99 -3.43 -60.57
CA ASP C 1005 -36.02 -4.28 -59.89
C ASP C 1005 -34.63 -4.24 -60.52
N PHE C 1006 -34.49 -3.62 -61.70
CA PHE C 1006 -33.22 -3.62 -62.41
C PHE C 1006 -32.61 -2.22 -62.47
N VAL C 1007 -31.33 -2.19 -62.82
CA VAL C 1007 -30.55 -0.97 -63.00
C VAL C 1007 -29.75 -1.13 -64.29
N GLN C 1008 -29.80 -0.12 -65.15
CA GLN C 1008 -29.20 -0.22 -66.48
C GLN C 1008 -27.75 0.24 -66.45
N ILE C 1009 -26.89 -0.51 -67.16
CA ILE C 1009 -25.47 -0.23 -67.25
C ILE C 1009 -25.05 -0.30 -68.72
N GLU C 1010 -23.84 0.19 -68.99
CA GLU C 1010 -23.40 0.38 -70.37
C GLU C 1010 -23.24 -0.93 -71.12
N ASN C 1011 -22.58 -1.92 -70.52
CA ASN C 1011 -22.09 -3.07 -71.26
C ASN C 1011 -22.61 -4.37 -70.64
N CYS C 1012 -22.43 -5.47 -71.37
CA CYS C 1012 -22.94 -6.78 -70.97
C CYS C 1012 -21.80 -7.68 -70.48
N ASN C 1013 -22.16 -8.65 -69.64
CA ASN C 1013 -21.21 -9.67 -69.25
C ASN C 1013 -21.46 -10.89 -70.13
N VAL C 1014 -20.47 -11.78 -70.20
CA VAL C 1014 -20.64 -12.99 -70.98
C VAL C 1014 -21.67 -13.92 -70.34
N THR C 1015 -21.82 -13.87 -69.02
CA THR C 1015 -22.69 -14.77 -68.30
C THR C 1015 -24.10 -14.24 -68.10
N PHE C 1016 -24.41 -13.05 -68.62
CA PHE C 1016 -25.77 -12.54 -68.54
C PHE C 1016 -26.73 -13.39 -69.38
N VAL C 1017 -28.01 -13.23 -69.10
CA VAL C 1017 -29.05 -13.91 -69.88
C VAL C 1017 -29.18 -13.23 -71.23
N ASN C 1018 -29.14 -14.03 -72.29
CA ASN C 1018 -29.15 -13.52 -73.66
C ASN C 1018 -30.60 -13.50 -74.15
N ILE C 1019 -31.17 -12.31 -74.30
CA ILE C 1019 -32.57 -12.17 -74.67
C ILE C 1019 -32.74 -10.94 -75.55
N SER C 1020 -33.78 -10.96 -76.39
CA SER C 1020 -34.17 -9.82 -77.20
C SER C 1020 -35.33 -9.08 -76.53
N ARG C 1021 -35.56 -7.85 -76.98
CA ARG C 1021 -36.55 -7.00 -76.31
C ARG C 1021 -37.97 -7.56 -76.45
N SER C 1022 -38.29 -8.19 -77.58
CA SER C 1022 -39.62 -8.77 -77.74
C SER C 1022 -39.81 -9.98 -76.83
N GLU C 1023 -38.73 -10.68 -76.51
CA GLU C 1023 -38.80 -11.87 -75.67
C GLU C 1023 -38.68 -11.56 -74.19
N LEU C 1024 -38.45 -10.30 -73.81
CA LEU C 1024 -38.23 -9.94 -72.41
C LEU C 1024 -39.44 -10.22 -71.54
N GLN C 1025 -40.63 -10.33 -72.13
CA GLN C 1025 -41.83 -10.52 -71.31
C GLN C 1025 -41.84 -11.86 -70.59
N THR C 1026 -41.01 -12.82 -71.02
CA THR C 1026 -40.89 -14.06 -70.27
C THR C 1026 -40.21 -13.84 -68.93
N ILE C 1027 -39.32 -12.85 -68.84
CA ILE C 1027 -38.65 -12.52 -67.59
C ILE C 1027 -39.44 -11.51 -66.78
N VAL C 1028 -39.91 -10.46 -67.43
CA VAL C 1028 -40.72 -9.42 -66.79
C VAL C 1028 -42.11 -9.47 -67.38
N PRO C 1029 -43.09 -10.01 -66.65
CA PRO C 1029 -44.44 -10.16 -67.22
C PRO C 1029 -45.08 -8.85 -67.66
N GLU C 1030 -44.80 -7.74 -66.99
CA GLU C 1030 -45.47 -6.47 -67.27
C GLU C 1030 -44.76 -5.64 -68.33
N TYR C 1031 -43.64 -6.08 -68.87
CA TYR C 1031 -42.93 -5.26 -69.86
C TYR C 1031 -43.67 -5.28 -71.19
N ILE C 1032 -43.87 -4.09 -71.76
CA ILE C 1032 -44.49 -3.93 -73.08
C ILE C 1032 -43.71 -2.85 -73.80
N ASP C 1033 -42.90 -3.25 -74.79
CA ASP C 1033 -42.08 -2.30 -75.54
C ASP C 1033 -42.99 -1.60 -76.54
N VAL C 1034 -43.46 -0.41 -76.17
CA VAL C 1034 -44.42 0.29 -77.02
C VAL C 1034 -43.74 1.12 -78.11
N ASN C 1035 -42.44 1.39 -77.98
CA ASN C 1035 -41.72 2.04 -79.07
C ASN C 1035 -41.68 1.13 -80.29
N LYS C 1036 -41.53 -0.17 -80.08
CA LYS C 1036 -41.71 -1.15 -81.16
C LYS C 1036 -43.15 -1.17 -81.65
N THR C 1037 -44.12 -1.18 -80.72
CA THR C 1037 -45.51 -1.24 -81.12
C THR C 1037 -45.96 0.03 -81.85
N LEU C 1038 -45.25 1.14 -81.66
CA LEU C 1038 -45.63 2.38 -82.33
C LEU C 1038 -45.36 2.30 -83.82
N GLN C 1039 -44.18 1.81 -84.21
CA GLN C 1039 -43.87 1.69 -85.63
C GLN C 1039 -44.72 0.63 -86.31
N GLU C 1040 -45.02 -0.47 -85.61
CA GLU C 1040 -45.79 -1.56 -86.21
C GLU C 1040 -47.26 -1.19 -86.37
N LEU C 1041 -47.86 -0.58 -85.34
CA LEU C 1041 -49.29 -0.30 -85.40
C LEU C 1041 -49.63 0.85 -86.35
N SER C 1042 -48.64 1.60 -86.82
CA SER C 1042 -48.89 2.58 -87.88
C SER C 1042 -49.11 1.90 -89.22
N TYR C 1043 -48.78 0.62 -89.33
CA TYR C 1043 -48.98 -0.15 -90.56
C TYR C 1043 -49.92 -1.32 -90.31
N VAL D 2 53.25 0.56 3.96
CA VAL D 2 54.07 1.30 4.91
C VAL D 2 55.21 1.97 4.17
N GLN D 3 55.06 3.27 3.92
CA GLN D 3 56.06 4.06 3.22
C GLN D 3 55.98 5.49 3.73
N LEU D 4 57.13 6.05 4.09
CA LEU D 4 57.19 7.37 4.71
C LEU D 4 58.22 8.22 3.97
N VAL D 5 57.78 9.37 3.46
CA VAL D 5 58.67 10.34 2.82
C VAL D 5 58.34 11.72 3.38
N GLU D 6 59.25 12.66 3.15
CA GLU D 6 59.09 14.03 3.62
C GLU D 6 59.25 15.01 2.47
N SER D 7 59.21 16.30 2.81
CA SER D 7 59.37 17.38 1.84
C SER D 7 59.88 18.62 2.55
N GLY D 8 60.68 19.41 1.83
CA GLY D 8 61.11 20.71 2.33
C GLY D 8 62.42 20.70 3.10
N GLY D 9 63.46 20.09 2.53
CA GLY D 9 64.75 20.01 3.17
C GLY D 9 65.80 20.92 2.53
N GLY D 10 66.97 20.93 3.16
CA GLY D 10 68.08 21.71 2.64
C GLY D 10 68.69 22.67 3.64
N LEU D 11 68.59 23.97 3.35
CA LEU D 11 69.23 25.01 4.15
C LEU D 11 68.23 26.14 4.38
N VAL D 12 68.25 26.68 5.59
CA VAL D 12 67.41 27.82 5.96
C VAL D 12 68.28 28.83 6.71
N GLN D 13 67.99 30.11 6.50
CA GLN D 13 68.70 31.15 7.24
C GLN D 13 68.32 31.10 8.71
N PRO D 14 69.21 31.54 9.60
CA PRO D 14 68.87 31.55 11.03
C PRO D 14 67.66 32.42 11.32
N GLY D 15 66.82 31.94 12.23
CA GLY D 15 65.64 32.68 12.65
C GLY D 15 64.57 32.85 11.60
N GLY D 16 64.52 31.98 10.59
CA GLY D 16 63.56 32.13 9.51
C GLY D 16 62.25 31.39 9.73
N SER D 17 61.72 30.79 8.67
CA SER D 17 60.48 30.03 8.74
C SER D 17 60.42 29.11 7.53
N LEU D 18 59.91 27.89 7.73
CA LEU D 18 59.87 26.89 6.68
C LEU D 18 58.73 25.92 6.94
N ARG D 19 58.08 25.48 5.87
CA ARG D 19 56.94 24.57 5.95
C ARG D 19 57.39 23.13 5.68
N LEU D 20 58.01 22.55 6.70
CA LEU D 20 58.47 21.16 6.61
C LEU D 20 57.27 20.23 6.53
N SER D 21 57.39 19.17 5.73
CA SER D 21 56.28 18.26 5.49
C SER D 21 56.74 16.81 5.57
N CYS D 22 55.76 15.93 5.78
CA CYS D 22 55.94 14.48 5.76
C CYS D 22 54.66 13.85 5.24
N ALA D 23 54.79 12.73 4.53
CA ALA D 23 53.66 12.00 3.98
C ALA D 23 53.81 10.51 4.26
N ALA D 24 52.68 9.84 4.48
CA ALA D 24 52.64 8.42 4.82
C ALA D 24 51.61 7.71 3.96
N SER D 25 51.80 6.40 3.78
CA SER D 25 50.88 5.61 2.97
C SER D 25 51.02 4.14 3.33
N GLY D 26 50.01 3.36 2.95
CA GLY D 26 50.05 1.91 3.07
C GLY D 26 49.83 1.33 4.45
N PHE D 27 49.01 1.97 5.27
CA PHE D 27 48.67 1.43 6.59
C PHE D 27 47.46 2.17 7.12
N THR D 28 46.86 1.62 8.19
CA THR D 28 45.73 2.25 8.84
C THR D 28 46.20 3.48 9.61
N PHE D 29 46.11 4.65 8.96
CA PHE D 29 46.72 5.86 9.50
C PHE D 29 45.94 6.40 10.70
N SER D 30 44.61 6.38 10.62
CA SER D 30 43.78 7.12 11.57
C SER D 30 43.97 6.62 13.00
N SER D 31 44.34 5.36 13.17
CA SER D 31 44.33 4.75 14.50
C SER D 31 45.67 4.78 15.20
N TYR D 32 46.73 5.26 14.55
CA TYR D 32 48.07 5.26 15.14
C TYR D 32 48.55 6.68 15.36
N ALA D 33 49.40 6.86 16.38
CA ALA D 33 49.98 8.15 16.72
C ALA D 33 51.23 8.38 15.89
N MET D 34 51.90 9.52 16.12
CA MET D 34 53.01 9.92 15.27
C MET D 34 53.93 10.88 16.02
N SER D 35 55.15 11.05 15.52
CA SER D 35 56.12 11.89 16.21
C SER D 35 57.15 12.45 15.23
N TRP D 36 57.89 13.45 15.73
CA TRP D 36 59.04 14.06 15.10
C TRP D 36 60.29 13.76 15.92
N VAL D 37 61.36 13.32 15.25
CA VAL D 37 62.64 13.07 15.89
C VAL D 37 63.74 13.47 14.92
N ARG D 38 64.87 13.95 15.45
CA ARG D 38 65.94 14.47 14.61
C ARG D 38 67.30 13.97 15.07
N GLN D 39 68.14 13.60 14.11
CA GLN D 39 69.48 13.07 14.37
C GLN D 39 70.48 14.17 14.04
N ALA D 40 70.79 15.00 15.02
CA ALA D 40 71.81 16.02 14.85
C ALA D 40 73.19 15.36 14.80
N PRO D 41 74.11 15.87 13.97
CA PRO D 41 75.36 15.15 13.70
C PRO D 41 76.14 14.75 14.94
N GLY D 42 76.30 13.44 15.13
CA GLY D 42 77.14 12.92 16.19
C GLY D 42 76.57 12.97 17.58
N LYS D 43 75.25 13.08 17.72
CA LYS D 43 74.61 13.15 19.03
C LYS D 43 73.27 12.43 18.95
N GLY D 44 72.39 12.68 19.93
CA GLY D 44 71.23 11.85 20.15
C GLY D 44 70.05 12.16 19.23
N LEU D 45 69.01 11.34 19.40
CA LEU D 45 67.75 11.47 18.64
C LEU D 45 66.76 12.30 19.45
N GLU D 46 66.97 13.61 19.44
CA GLU D 46 66.17 14.48 20.29
C GLU D 46 64.72 14.53 19.80
N TRP D 47 63.79 14.39 20.73
CA TRP D 47 62.37 14.25 20.42
C TRP D 47 61.76 15.63 20.22
N VAL D 48 61.27 15.87 19.01
CA VAL D 48 60.70 17.17 18.67
C VAL D 48 59.27 17.28 19.18
N SER D 49 58.38 16.40 18.72
CA SER D 49 56.97 16.53 19.02
C SER D 49 56.28 15.19 18.82
N ALA D 50 55.03 15.11 19.25
CA ALA D 50 54.17 13.95 19.00
C ALA D 50 52.73 14.42 18.88
N ILE D 51 51.93 13.65 18.14
CA ILE D 51 50.51 13.93 17.97
C ILE D 51 49.74 12.63 18.12
N ILE D 52 48.66 12.67 18.90
CA ILE D 52 47.78 11.53 19.12
C ILE D 52 46.77 11.45 17.97
N GLY D 53 46.32 10.24 17.67
CA GLY D 53 45.47 9.92 16.53
C GLY D 53 44.39 10.91 16.15
N SER D 54 43.61 11.39 17.12
CA SER D 54 42.56 12.36 16.81
C SER D 54 43.16 13.69 16.39
N GLY D 55 44.16 14.16 17.13
CA GLY D 55 44.79 15.44 16.86
C GLY D 55 44.57 16.48 17.94
N SER D 56 43.73 16.21 18.94
CA SER D 56 43.47 17.19 19.99
C SER D 56 44.67 17.36 20.91
N ASN D 57 45.36 16.27 21.23
CA ASN D 57 46.50 16.30 22.13
C ASN D 57 47.78 16.52 21.33
N THR D 58 48.45 17.64 21.58
CA THR D 58 49.67 18.00 20.87
C THR D 58 50.73 18.40 21.89
N TYR D 59 51.92 17.79 21.77
CA TYR D 59 52.95 17.86 22.80
C TYR D 59 54.25 18.37 22.21
N TYR D 60 55.05 19.04 23.04
CA TYR D 60 56.37 19.53 22.65
C TYR D 60 57.34 19.46 23.82
N ALA D 61 58.63 19.35 23.49
CA ALA D 61 59.67 19.64 24.44
C ALA D 61 59.87 21.16 24.54
N ASP D 62 60.69 21.59 25.48
CA ASP D 62 60.81 23.03 25.72
C ASP D 62 61.86 23.71 24.83
N SER D 63 62.70 22.96 24.14
CA SER D 63 63.38 23.52 22.97
C SER D 63 62.46 23.53 21.76
N VAL D 64 61.27 22.94 21.89
CA VAL D 64 60.31 22.83 20.80
C VAL D 64 59.04 23.63 21.06
N LYS D 65 58.83 24.12 22.26
CA LYS D 65 57.56 24.70 22.66
C LYS D 65 57.51 26.17 22.29
N GLY D 66 56.45 26.55 21.57
CA GLY D 66 56.28 27.92 21.12
C GLY D 66 57.03 28.28 19.86
N ARG D 67 57.89 27.41 19.35
CA ARG D 67 58.68 27.68 18.15
C ARG D 67 58.15 26.96 16.92
N PHE D 68 57.45 25.85 17.08
CA PHE D 68 56.99 25.04 15.95
C PHE D 68 55.53 24.66 16.12
N THR D 69 54.91 24.34 14.97
CA THR D 69 53.51 23.94 14.91
C THR D 69 53.40 22.67 14.07
N ILE D 70 53.04 21.57 14.71
CA ILE D 70 52.86 20.28 14.03
C ILE D 70 51.38 20.04 13.86
N SER D 71 51.00 19.40 12.75
CA SER D 71 49.59 19.15 12.49
C SER D 71 49.46 17.91 11.61
N ARG D 72 48.40 17.15 11.83
CA ARG D 72 48.07 16.00 11.00
C ARG D 72 46.91 16.34 10.08
N ASP D 73 46.93 15.78 8.88
CA ASP D 73 45.76 15.78 7.99
C ASP D 73 45.59 14.32 7.59
N ASN D 74 44.62 13.64 8.21
CA ASN D 74 44.42 12.22 8.00
C ASN D 74 43.74 11.89 6.69
N ALA D 75 43.01 12.85 6.09
CA ALA D 75 42.25 12.56 4.89
C ALA D 75 43.13 12.44 3.64
N LYS D 76 44.28 13.12 3.60
CA LYS D 76 45.29 12.87 2.58
C LYS D 76 46.60 12.37 3.16
N ASN D 77 46.57 11.84 4.38
CA ASN D 77 47.63 10.97 4.90
C ASN D 77 48.97 11.71 5.01
N THR D 78 48.94 12.88 5.64
CA THR D 78 50.11 13.74 5.65
C THR D 78 50.34 14.33 7.04
N LEU D 79 51.57 14.80 7.26
CA LEU D 79 52.06 15.30 8.55
C LEU D 79 52.72 16.65 8.30
N TYR D 80 52.02 17.74 8.59
CA TYR D 80 52.59 19.05 8.36
C TYR D 80 53.47 19.47 9.53
N LEU D 81 54.33 20.45 9.29
CA LEU D 81 55.23 20.99 10.31
C LEU D 81 55.63 22.39 9.91
N GLN D 82 55.75 23.28 10.89
CA GLN D 82 55.99 24.69 10.63
C GLN D 82 57.13 25.17 11.51
N MET D 83 58.06 25.92 10.92
CA MET D 83 59.28 26.36 11.60
C MET D 83 59.19 27.86 11.91
N ASN D 84 59.54 28.23 13.14
CA ASN D 84 59.64 29.63 13.52
C ASN D 84 60.76 29.79 14.54
N SER D 85 61.47 30.92 14.43
CA SER D 85 62.55 31.28 15.35
C SER D 85 63.63 30.21 15.41
N LEU D 86 64.23 29.95 14.25
CA LEU D 86 65.21 28.89 14.12
C LEU D 86 66.56 29.29 14.71
N ARG D 87 67.25 28.31 15.27
CA ARG D 87 68.59 28.46 15.83
C ARG D 87 69.59 27.71 14.97
N ALA D 88 70.87 27.91 15.25
CA ALA D 88 71.90 27.12 14.59
C ALA D 88 71.88 25.66 15.03
N GLU D 89 71.38 25.39 16.24
CA GLU D 89 71.41 24.06 16.82
C GLU D 89 70.36 23.12 16.21
N ASP D 90 69.46 23.62 15.37
CA ASP D 90 68.48 22.75 14.72
C ASP D 90 69.03 22.01 13.51
N THR D 91 70.30 22.23 13.17
CA THR D 91 70.91 21.48 12.07
C THR D 91 70.91 19.99 12.38
N ALA D 92 70.08 19.23 11.66
CA ALA D 92 69.87 17.81 11.95
C ALA D 92 69.20 17.19 10.73
N VAL D 93 68.76 15.95 10.86
CA VAL D 93 68.00 15.24 9.83
C VAL D 93 66.73 14.69 10.46
N TYR D 94 65.60 14.86 9.77
CA TYR D 94 64.29 14.51 10.28
C TYR D 94 63.82 13.18 9.70
N TYR D 95 63.49 12.24 10.57
CA TYR D 95 62.58 11.14 10.23
C TYR D 95 61.28 11.35 10.99
N CYS D 96 60.19 11.49 10.25
CA CYS D 96 58.86 11.45 10.85
C CYS D 96 58.51 10.01 11.23
N ALA D 97 58.50 9.73 12.53
CA ALA D 97 58.29 8.39 13.05
C ALA D 97 56.82 8.16 13.38
N LYS D 98 56.48 6.90 13.56
CA LYS D 98 55.09 6.46 13.56
C LYS D 98 54.88 5.37 14.62
N ASP D 99 53.75 5.46 15.32
CA ASP D 99 53.46 4.67 16.50
C ASP D 99 52.89 3.31 16.07
N THR D 100 53.16 2.28 16.87
CA THR D 100 52.72 0.93 16.59
C THR D 100 51.38 0.55 17.23
N THR D 101 50.90 1.31 18.21
CA THR D 101 49.72 0.92 18.98
C THR D 101 48.45 1.47 18.35
N PRO D 102 47.47 0.61 18.04
CA PRO D 102 46.25 1.07 17.37
C PRO D 102 45.18 1.62 18.31
N ARG D 103 45.28 2.89 18.70
CA ARG D 103 44.23 3.49 19.50
C ARG D 103 43.05 3.91 18.62
N PRO D 104 41.82 3.76 19.12
CA PRO D 104 40.66 4.21 18.34
C PRO D 104 40.67 5.72 18.13
N LEU D 105 39.96 6.15 17.08
CA LEU D 105 39.89 7.57 16.73
C LEU D 105 39.27 8.39 17.85
N TYR D 106 38.37 7.80 18.63
CA TYR D 106 37.68 8.48 19.71
C TYR D 106 38.40 8.38 21.05
N SER D 107 39.68 8.07 21.06
CA SER D 107 40.43 7.87 22.28
C SER D 107 41.76 8.61 22.22
N SER D 108 42.45 8.64 23.37
CA SER D 108 43.75 9.29 23.50
C SER D 108 44.53 8.63 24.62
N GLY D 109 45.86 8.62 24.51
CA GLY D 109 46.68 8.05 25.56
C GLY D 109 48.15 7.89 25.27
N TRP D 110 48.72 6.76 25.71
CA TRP D 110 50.15 6.51 25.66
C TRP D 110 50.62 6.17 24.25
N TYR D 111 51.40 7.08 23.66
CA TYR D 111 52.29 6.78 22.56
C TYR D 111 53.65 6.38 23.12
N GLY D 112 54.60 6.09 22.23
CA GLY D 112 55.95 5.85 22.69
C GLY D 112 56.71 4.73 21.99
N SER D 113 56.00 3.77 21.41
CA SER D 113 56.63 2.67 20.68
C SER D 113 56.48 2.92 19.19
N PHE D 114 57.60 2.87 18.46
CA PHE D 114 57.62 3.20 17.05
C PHE D 114 58.30 2.09 16.26
N ASP D 115 57.77 1.82 15.06
CA ASP D 115 58.28 0.73 14.23
C ASP D 115 58.83 1.16 12.87
N TYR D 116 58.41 2.30 12.34
CA TYR D 116 58.90 2.74 11.04
C TYR D 116 59.23 4.22 11.07
N TRP D 117 60.18 4.61 10.21
CA TRP D 117 60.64 5.99 10.08
C TRP D 117 60.60 6.40 8.61
N GLY D 118 60.84 7.68 8.37
CA GLY D 118 60.90 8.21 7.03
C GLY D 118 62.20 7.86 6.32
N GLN D 119 62.52 8.66 5.30
CA GLN D 119 63.80 8.48 4.61
C GLN D 119 64.90 9.31 5.27
N GLY D 120 64.54 10.40 5.93
CA GLY D 120 65.52 11.28 6.54
C GLY D 120 65.76 12.53 5.72
N THR D 121 65.19 13.65 6.17
CA THR D 121 65.32 14.92 5.49
C THR D 121 66.35 15.79 6.18
N PRO D 122 67.48 16.10 5.56
CA PRO D 122 68.48 16.96 6.21
C PRO D 122 68.08 18.42 6.13
N VAL D 123 68.08 19.09 7.28
CA VAL D 123 67.78 20.51 7.37
C VAL D 123 68.86 21.15 8.20
N SER D 124 69.45 22.23 7.69
CA SER D 124 70.54 22.94 8.35
C SER D 124 70.19 24.41 8.46
N VAL D 125 70.52 24.99 9.61
CA VAL D 125 70.19 26.39 9.88
C VAL D 125 71.06 26.94 11.00
N ILE E 2 63.52 12.15 34.89
CA ILE E 2 63.62 11.06 33.94
C ILE E 2 64.74 11.34 32.95
N GLN E 3 65.89 10.70 33.17
CA GLN E 3 67.03 10.88 32.27
C GLN E 3 67.80 9.56 32.17
N MET E 4 68.37 9.32 31.00
CA MET E 4 68.95 8.04 30.64
C MET E 4 70.47 8.07 30.71
N THR E 5 71.05 6.91 31.02
CA THR E 5 72.46 6.62 30.83
C THR E 5 72.59 5.30 30.10
N GLN E 6 73.58 5.18 29.23
CA GLN E 6 73.75 3.97 28.44
C GLN E 6 75.22 3.61 28.33
N SER E 7 75.51 2.31 28.42
CA SER E 7 76.88 1.81 28.41
C SER E 7 76.91 0.46 27.73
N PRO E 8 78.05 0.06 27.14
CA PRO E 8 79.29 0.82 26.99
C PRO E 8 79.16 1.87 25.89
N SER E 9 79.70 3.06 26.09
CA SER E 9 79.47 4.16 25.15
C SER E 9 79.93 3.80 23.74
N SER E 10 81.09 3.16 23.62
CA SER E 10 81.57 2.67 22.34
C SER E 10 82.38 1.40 22.59
N LEU E 11 82.48 0.57 21.56
CA LEU E 11 83.21 -0.69 21.67
C LEU E 11 83.52 -1.21 20.28
N SER E 12 84.69 -1.82 20.14
CA SER E 12 85.09 -2.52 18.93
C SER E 12 85.34 -3.98 19.28
N ALA E 13 84.71 -4.88 18.53
CA ALA E 13 84.77 -6.30 18.83
C ALA E 13 84.90 -7.10 17.54
N SER E 14 85.41 -8.32 17.68
CA SER E 14 85.50 -9.23 16.55
C SER E 14 84.11 -9.72 16.15
N VAL E 15 83.98 -10.13 14.89
CA VAL E 15 82.69 -10.55 14.34
C VAL E 15 82.38 -11.94 14.89
N GLY E 16 81.50 -12.00 15.89
CA GLY E 16 81.10 -13.28 16.46
C GLY E 16 80.96 -13.29 17.95
N ASP E 17 81.22 -12.15 18.60
CA ASP E 17 81.19 -12.08 20.05
C ASP E 17 79.79 -11.88 20.58
N ARG E 18 79.57 -12.33 21.82
CA ARG E 18 78.28 -12.23 22.51
C ARG E 18 78.20 -10.88 23.21
N VAL E 19 78.04 -9.82 22.40
CA VAL E 19 78.09 -8.46 22.90
C VAL E 19 76.91 -8.16 23.83
N THR E 20 77.15 -7.30 24.81
CA THR E 20 76.16 -6.96 25.83
C THR E 20 76.12 -5.44 26.01
N ILE E 21 74.93 -4.90 26.26
CA ILE E 21 74.70 -3.47 26.36
C ILE E 21 73.63 -3.23 27.41
N THR E 22 73.74 -2.11 28.14
CA THR E 22 72.84 -1.82 29.26
C THR E 22 72.29 -0.39 29.16
N CYS E 23 71.11 -0.19 29.77
CA CYS E 23 70.47 1.11 29.84
C CYS E 23 70.06 1.39 31.28
N GLN E 24 69.98 2.68 31.61
CA GLN E 24 69.55 3.16 32.92
C GLN E 24 68.50 4.25 32.72
N ALA E 25 67.60 4.39 33.71
CA ALA E 25 66.46 5.29 33.57
C ALA E 25 66.23 6.23 34.74
N SER E 26 67.06 6.16 35.79
CA SER E 26 66.96 7.03 36.96
C SER E 26 65.57 7.04 37.60
N GLN E 27 64.79 5.98 37.40
CA GLN E 27 63.46 5.85 37.98
C GLN E 27 62.98 4.42 37.70
N ASP E 28 61.99 3.98 38.46
CA ASP E 28 61.48 2.62 38.36
C ASP E 28 60.47 2.56 37.20
N ILE E 29 61.00 2.32 36.00
CA ILE E 29 60.16 2.27 34.80
C ILE E 29 59.25 1.04 34.81
N THR E 30 59.79 -0.08 35.30
CA THR E 30 59.20 -1.40 35.58
C THR E 30 58.89 -2.29 34.38
N THR E 31 58.62 -1.75 33.19
CA THR E 31 58.80 -2.55 31.98
C THR E 31 58.99 -1.69 30.73
N TYR E 32 58.65 -0.41 30.82
CA TYR E 32 58.39 0.43 29.64
C TYR E 32 59.70 1.00 29.08
N LEU E 33 60.45 0.12 28.42
CA LEU E 33 61.67 0.51 27.74
C LEU E 33 61.82 -0.35 26.50
N ASN E 34 62.48 0.21 25.48
CA ASN E 34 62.69 -0.52 24.25
C ASN E 34 64.01 -0.08 23.61
N TRP E 35 64.53 -0.92 22.73
CA TRP E 35 65.77 -0.66 22.01
C TRP E 35 65.55 -0.62 20.51
N TYR E 36 66.40 0.14 19.82
CA TYR E 36 66.36 0.28 18.38
C TYR E 36 67.77 0.10 17.82
N GLN E 37 67.83 -0.26 16.55
CA GLN E 37 69.07 -0.33 15.79
C GLN E 37 69.10 0.81 14.78
N GLN E 38 70.08 1.70 14.90
CA GLN E 38 70.19 2.87 14.03
C GLN E 38 71.41 2.71 13.14
N LYS E 39 71.17 2.58 11.84
CA LYS E 39 72.25 2.56 10.86
C LYS E 39 72.75 3.97 10.63
N PRO E 40 74.02 4.27 10.90
CA PRO E 40 74.54 5.61 10.59
C PRO E 40 74.40 5.90 9.10
N GLY E 41 73.77 7.03 8.79
CA GLY E 41 73.46 7.39 7.43
C GLY E 41 72.17 6.80 6.89
N LYS E 42 71.42 6.07 7.70
CA LYS E 42 70.15 5.46 7.28
C LYS E 42 69.14 5.61 8.42
N ALA E 43 68.03 4.81 8.34
CA ALA E 43 66.88 4.81 9.23
C ALA E 43 67.07 3.80 10.37
N PRO E 44 66.47 4.07 11.53
CA PRO E 44 66.53 3.13 12.65
C PRO E 44 65.46 2.06 12.51
N LYS E 45 65.41 1.17 13.51
CA LYS E 45 64.48 0.03 13.46
C LYS E 45 64.40 -0.57 14.86
N LEU E 46 63.18 -0.71 15.38
CA LEU E 46 62.96 -1.29 16.70
C LEU E 46 63.50 -2.72 16.76
N LEU E 47 64.20 -3.04 17.84
CA LEU E 47 64.71 -4.39 18.09
C LEU E 47 63.85 -5.14 19.10
N ILE E 48 63.71 -4.61 20.31
CA ILE E 48 62.94 -5.24 21.37
C ILE E 48 62.18 -4.16 22.11
N TYR E 49 60.97 -4.49 22.56
CA TYR E 49 60.11 -3.55 23.25
C TYR E 49 59.51 -4.20 24.49
N ASP E 50 59.07 -3.35 25.43
CA ASP E 50 58.54 -3.81 26.71
C ASP E 50 59.57 -4.69 27.42
N ALA E 51 60.84 -4.32 27.25
CA ALA E 51 62.00 -5.00 27.81
C ALA E 51 62.23 -6.39 27.24
N SER E 52 61.35 -7.34 27.55
CA SER E 52 61.66 -8.76 27.39
C SER E 52 61.22 -9.36 26.05
N ASN E 53 60.48 -8.62 25.23
CA ASN E 53 59.75 -9.23 24.10
C ASN E 53 60.07 -8.49 22.80
N LEU E 54 60.53 -9.25 21.81
CA LEU E 54 61.07 -8.69 20.58
C LEU E 54 59.99 -8.52 19.52
N GLU E 55 60.26 -7.64 18.55
CA GLU E 55 59.34 -7.41 17.45
C GLU E 55 59.35 -8.62 16.51
N THR E 56 58.24 -8.80 15.79
CA THR E 56 58.05 -9.99 14.96
C THR E 56 59.06 -10.06 13.81
N GLY E 57 59.71 -8.95 13.47
CA GLY E 57 60.69 -8.97 12.40
C GLY E 57 62.12 -8.94 12.89
N VAL E 58 62.38 -9.63 14.00
CA VAL E 58 63.71 -9.66 14.61
C VAL E 58 64.07 -11.10 14.92
N PRO E 59 65.27 -11.56 14.56
CA PRO E 59 65.69 -12.91 14.94
C PRO E 59 65.99 -12.99 16.44
N SER E 60 65.87 -14.22 16.97
CA SER E 60 66.06 -14.46 18.41
C SER E 60 67.51 -14.39 18.84
N ARG E 61 68.39 -13.98 17.93
CA ARG E 61 69.78 -13.69 18.32
C ARG E 61 69.86 -12.49 19.24
N PHE E 62 68.91 -11.57 19.16
CA PHE E 62 68.80 -10.46 20.10
C PHE E 62 67.98 -10.87 21.31
N SER E 63 68.26 -10.25 22.45
CA SER E 63 67.52 -10.52 23.67
C SER E 63 67.86 -9.43 24.68
N GLY E 64 67.07 -9.37 25.75
CA GLY E 64 67.32 -8.43 26.83
C GLY E 64 66.18 -8.48 27.82
N SER E 65 66.41 -7.84 28.97
CA SER E 65 65.43 -7.80 30.05
C SER E 65 65.86 -6.73 31.04
N GLY E 66 65.14 -6.65 32.14
CA GLY E 66 65.40 -5.70 33.20
C GLY E 66 64.10 -5.16 33.76
N SER E 67 64.14 -4.80 35.04
CA SER E 67 62.97 -4.21 35.70
C SER E 67 63.47 -3.33 36.84
N GLY E 68 62.89 -2.13 36.94
CA GLY E 68 63.38 -1.15 37.89
C GLY E 68 64.06 0.00 37.18
N THR E 69 65.31 0.28 37.56
CA THR E 69 66.13 1.24 36.84
C THR E 69 67.11 0.56 35.90
N ASP E 70 67.45 -0.69 36.16
CA ASP E 70 68.50 -1.40 35.42
C ASP E 70 67.89 -2.23 34.31
N PHE E 71 68.49 -2.15 33.12
CA PHE E 71 68.00 -2.87 31.95
C PHE E 71 69.20 -3.26 31.09
N THR E 72 68.97 -4.20 30.17
CA THR E 72 70.04 -4.71 29.34
C THR E 72 69.50 -5.15 27.99
N LEU E 73 70.38 -5.19 27.00
CA LEU E 73 70.09 -5.66 25.64
C LEU E 73 71.36 -6.29 25.10
N THR E 74 71.35 -7.60 24.88
CA THR E 74 72.52 -8.33 24.44
C THR E 74 72.23 -9.07 23.14
N ILE E 75 73.29 -9.52 22.49
CA ILE E 75 73.21 -10.36 21.30
C ILE E 75 74.04 -11.61 21.55
N SER E 76 73.48 -12.77 21.17
CA SER E 76 74.19 -14.03 21.37
C SER E 76 75.44 -14.14 20.51
N SER E 77 75.49 -13.41 19.40
CA SER E 77 76.67 -13.41 18.53
C SER E 77 76.64 -12.14 17.69
N LEU E 78 77.84 -11.72 17.27
CA LEU E 78 77.97 -10.55 16.43
C LEU E 78 78.18 -10.97 14.98
N GLN E 79 77.63 -10.18 14.07
CA GLN E 79 77.61 -10.47 12.65
C GLN E 79 78.03 -9.23 11.87
N PRO E 80 78.53 -9.40 10.63
CA PRO E 80 79.21 -8.27 9.96
C PRO E 80 78.30 -7.08 9.66
N GLU E 81 76.98 -7.24 9.71
CA GLU E 81 76.08 -6.12 9.48
C GLU E 81 75.81 -5.31 10.74
N ASP E 82 76.39 -5.70 11.87
CA ASP E 82 76.15 -5.05 13.17
C ASP E 82 76.83 -3.71 13.31
N ILE E 83 77.43 -3.10 12.29
CA ILE E 83 78.08 -1.81 12.48
C ILE E 83 77.01 -0.73 12.47
N ALA E 84 76.43 -0.47 13.64
CA ALA E 84 75.33 0.47 13.79
C ALA E 84 75.36 0.97 15.23
N THR E 85 74.29 1.64 15.64
CA THR E 85 74.19 2.24 16.97
C THR E 85 72.93 1.75 17.66
N TYR E 86 73.09 1.18 18.85
CA TYR E 86 71.97 0.75 19.67
C TYR E 86 71.48 1.92 20.52
N TYR E 87 70.17 2.18 20.46
CA TYR E 87 69.54 3.22 21.25
C TYR E 87 68.42 2.60 22.07
N CYS E 88 68.11 3.21 23.21
CA CYS E 88 66.95 2.81 24.00
C CYS E 88 66.15 4.05 24.36
N GLN E 89 64.90 3.83 24.78
CA GLN E 89 63.99 4.94 25.07
C GLN E 89 62.79 4.40 25.84
N GLN E 90 62.46 5.05 26.95
CA GLN E 90 61.31 4.63 27.75
C GLN E 90 60.06 5.37 27.30
N TYR E 91 58.91 4.79 27.64
CA TYR E 91 57.62 5.43 27.37
C TYR E 91 56.74 5.44 28.62
N ASP E 92 57.35 5.62 29.80
CA ASP E 92 56.57 5.80 31.01
C ASP E 92 55.95 7.19 31.09
N ASN E 93 56.71 8.21 30.69
CA ASN E 93 56.26 9.60 30.72
C ASN E 93 56.08 10.08 29.30
N LEU E 94 54.96 10.76 29.03
CA LEU E 94 54.73 11.30 27.69
C LEU E 94 55.83 12.28 27.30
N PHE E 95 56.29 13.08 28.25
CA PHE E 95 57.60 13.71 28.08
C PHE E 95 58.64 12.61 28.18
N LEU E 96 59.18 12.22 27.03
CA LEU E 96 59.99 11.03 26.88
C LEU E 96 61.48 11.40 26.80
N THR E 97 62.33 10.39 26.98
CA THR E 97 63.77 10.60 26.92
C THR E 97 64.43 9.45 26.17
N PHE E 98 64.87 9.75 24.95
CA PHE E 98 65.81 8.94 24.22
C PHE E 98 67.07 8.68 25.05
N GLY E 99 67.72 7.54 24.79
CA GLY E 99 68.80 7.07 25.63
C GLY E 99 70.15 7.65 25.26
N GLY E 100 71.17 7.17 25.98
CA GLY E 100 72.52 7.69 25.82
C GLY E 100 73.24 7.21 24.57
N GLY E 101 72.80 6.10 23.98
CA GLY E 101 73.40 5.60 22.77
C GLY E 101 74.66 4.80 22.97
N THR E 102 74.83 3.72 22.20
CA THR E 102 75.99 2.86 22.25
C THR E 102 76.36 2.40 20.85
N LYS E 103 77.66 2.34 20.57
CA LYS E 103 78.16 2.02 19.24
C LYS E 103 78.95 0.72 19.27
N VAL E 104 78.94 0.00 18.14
CA VAL E 104 79.64 -1.26 17.99
C VAL E 104 80.43 -1.23 16.69
N GLU E 105 81.69 -1.69 16.75
CA GLU E 105 82.59 -1.69 15.61
C GLU E 105 83.18 -3.09 15.43
N ILE E 106 83.64 -3.36 14.21
CA ILE E 106 84.30 -4.63 13.91
C ILE E 106 85.76 -4.55 14.32
N LYS E 107 86.43 -5.70 14.37
CA LYS E 107 87.85 -5.74 14.71
C LYS E 107 88.63 -6.67 13.78
N VAL F 2 -2.39 30.37 43.07
CA VAL F 2 -3.14 29.26 43.66
C VAL F 2 -4.26 29.80 44.55
N GLN F 3 -5.38 29.09 44.59
CA GLN F 3 -6.56 29.53 45.33
C GLN F 3 -7.10 28.38 46.16
N LEU F 4 -7.45 28.68 47.41
CA LEU F 4 -8.10 27.74 48.31
C LEU F 4 -9.27 28.44 48.98
N VAL F 5 -10.35 27.70 49.22
CA VAL F 5 -11.56 28.27 49.82
C VAL F 5 -12.30 27.17 50.58
N GLU F 6 -13.11 27.58 51.54
CA GLU F 6 -13.92 26.67 52.34
C GLU F 6 -15.39 27.10 52.28
N SER F 7 -16.25 26.26 52.85
CA SER F 7 -17.68 26.53 52.90
C SER F 7 -18.32 25.68 53.99
N GLY F 8 -19.50 26.12 54.44
CA GLY F 8 -20.38 25.28 55.24
C GLY F 8 -20.36 25.47 56.74
N GLY F 9 -19.80 26.57 57.24
CA GLY F 9 -19.77 26.80 58.68
C GLY F 9 -21.00 27.51 59.21
N GLY F 10 -21.38 27.16 60.44
CA GLY F 10 -22.55 27.75 61.06
C GLY F 10 -22.77 27.40 62.52
N LEU F 11 -24.04 27.22 62.89
CA LEU F 11 -24.43 26.94 64.27
C LEU F 11 -25.52 25.88 64.27
N VAL F 12 -25.28 24.75 64.95
CA VAL F 12 -26.20 23.62 64.99
C VAL F 12 -26.31 23.12 66.42
N GLN F 13 -27.29 22.24 66.63
CA GLN F 13 -27.51 21.62 67.93
C GLN F 13 -26.55 20.46 68.15
N PRO F 14 -26.27 20.11 69.41
CA PRO F 14 -25.48 18.91 69.70
C PRO F 14 -26.13 17.67 69.09
N GLY F 15 -25.31 16.85 68.43
CA GLY F 15 -25.78 15.63 67.80
C GLY F 15 -26.28 15.79 66.39
N GLY F 16 -26.27 16.99 65.83
CA GLY F 16 -26.79 17.23 64.50
C GLY F 16 -25.85 16.79 63.39
N SER F 17 -25.88 17.51 62.26
CA SER F 17 -25.05 17.16 61.12
C SER F 17 -24.67 18.41 60.34
N LEU F 18 -23.53 18.35 59.65
CA LEU F 18 -23.06 19.45 58.83
C LEU F 18 -22.26 18.93 57.65
N ARG F 19 -22.40 19.62 56.52
CA ARG F 19 -21.63 19.38 55.31
C ARG F 19 -20.55 20.45 55.16
N LEU F 20 -19.43 20.25 55.86
CA LEU F 20 -18.28 21.14 55.68
C LEU F 20 -17.64 20.87 54.33
N SER F 21 -17.35 21.94 53.59
CA SER F 21 -16.86 21.83 52.23
C SER F 21 -15.58 22.64 52.06
N CYS F 22 -14.83 22.28 51.02
CA CYS F 22 -13.59 22.97 50.66
C CYS F 22 -13.33 22.75 49.18
N ALA F 23 -12.79 23.79 48.53
CA ALA F 23 -12.50 23.76 47.11
C ALA F 23 -11.11 24.29 46.86
N ALA F 24 -10.53 23.89 45.73
CA ALA F 24 -9.17 24.26 45.39
C ALA F 24 -9.07 24.53 43.90
N SER F 25 -8.03 25.28 43.53
CA SER F 25 -7.77 25.60 42.13
C SER F 25 -6.31 25.99 41.97
N GLY F 26 -5.72 25.61 40.84
CA GLY F 26 -4.36 25.96 40.54
C GLY F 26 -3.31 24.88 40.77
N PHE F 27 -3.73 23.67 41.15
CA PHE F 27 -2.79 22.58 41.38
C PHE F 27 -3.53 21.26 41.25
N THR F 28 -2.74 20.18 41.11
CA THR F 28 -3.29 18.84 40.93
C THR F 28 -3.90 18.38 42.25
N PHE F 29 -5.22 18.41 42.32
CA PHE F 29 -5.93 18.06 43.56
C PHE F 29 -5.73 16.60 43.92
N SER F 30 -5.81 15.70 42.93
CA SER F 30 -5.91 14.28 43.21
C SER F 30 -4.61 13.66 43.73
N SER F 31 -3.48 14.36 43.65
CA SER F 31 -2.21 13.75 44.01
C SER F 31 -1.64 14.23 45.34
N TYR F 32 -2.25 15.23 45.97
CA TYR F 32 -1.75 15.78 47.23
C TYR F 32 -2.54 15.25 48.42
N ALA F 33 -1.86 15.09 49.54
CA ALA F 33 -2.52 14.76 50.79
C ALA F 33 -3.22 16.00 51.36
N MET F 34 -4.19 15.77 52.23
CA MET F 34 -4.96 16.84 52.83
C MET F 34 -5.25 16.49 54.27
N SER F 35 -5.50 17.51 55.10
CA SER F 35 -5.87 17.27 56.49
C SER F 35 -6.63 18.47 57.03
N TRP F 36 -7.78 18.18 57.65
CA TRP F 36 -8.57 19.19 58.34
C TRP F 36 -7.99 19.44 59.73
N VAL F 37 -7.76 20.71 60.03
CA VAL F 37 -7.23 21.14 61.32
C VAL F 37 -8.11 22.25 61.85
N ARG F 38 -8.27 22.28 63.17
CA ARG F 38 -9.22 23.20 63.80
C ARG F 38 -8.50 24.06 64.84
N GLN F 39 -9.25 25.04 65.36
CA GLN F 39 -8.76 25.93 66.42
C GLN F 39 -9.96 26.45 67.18
N ALA F 40 -10.13 26.01 68.42
CA ALA F 40 -11.16 26.57 69.28
C ALA F 40 -10.84 28.05 69.56
N PRO F 41 -11.85 28.88 69.77
CA PRO F 41 -11.59 30.32 69.98
C PRO F 41 -10.72 30.56 71.20
N GLY F 42 -9.61 31.24 70.99
CA GLY F 42 -8.67 31.51 72.07
C GLY F 42 -8.01 30.26 72.62
N LYS F 43 -7.67 29.32 71.74
CA LYS F 43 -7.02 28.08 72.15
C LYS F 43 -5.96 27.73 71.12
N GLY F 44 -5.33 26.57 71.29
CA GLY F 44 -4.33 26.09 70.36
C GLY F 44 -4.94 25.44 69.13
N LEU F 45 -4.06 24.95 68.27
CA LEU F 45 -4.46 24.23 67.06
C LEU F 45 -4.24 22.74 67.28
N GLU F 46 -5.21 21.94 66.89
CA GLU F 46 -5.11 20.49 67.02
C GLU F 46 -5.65 19.81 65.76
N TRP F 47 -4.95 18.77 65.34
CA TRP F 47 -5.30 18.01 64.14
C TRP F 47 -6.63 17.29 64.31
N VAL F 48 -7.43 17.26 63.26
CA VAL F 48 -8.76 16.65 63.28
C VAL F 48 -8.80 15.39 62.42
N SER F 49 -8.47 15.51 61.14
CA SER F 49 -8.65 14.40 60.22
C SER F 49 -7.65 14.53 59.06
N ALA F 50 -7.49 13.44 58.32
CA ALA F 50 -6.47 13.39 57.28
C ALA F 50 -6.94 12.50 56.12
N ILE F 51 -6.31 12.70 54.96
CA ILE F 51 -6.61 11.95 53.75
C ILE F 51 -5.45 12.03 52.76
N ILE F 52 -5.06 10.90 52.18
CA ILE F 52 -4.00 10.83 51.19
C ILE F 52 -4.56 11.14 49.80
N GLY F 53 -3.65 11.31 48.82
CA GLY F 53 -4.07 11.63 47.47
C GLY F 53 -5.02 10.59 46.87
N SER F 54 -4.72 9.31 47.07
CA SER F 54 -5.56 8.27 46.52
C SER F 54 -6.92 8.22 47.22
N GLY F 55 -6.96 8.50 48.52
CA GLY F 55 -8.17 8.36 49.29
C GLY F 55 -8.44 6.98 49.83
N SER F 56 -7.43 6.10 49.84
CA SER F 56 -7.65 4.73 50.27
C SER F 56 -7.95 4.62 51.76
N ASN F 57 -7.35 5.47 52.59
CA ASN F 57 -7.55 5.38 54.03
C ASN F 57 -7.70 6.77 54.63
N THR F 58 -8.34 6.83 55.79
CA THR F 58 -8.60 8.07 56.51
C THR F 58 -8.12 7.93 57.94
N TYR F 59 -7.68 9.05 58.51
CA TYR F 59 -7.09 9.09 59.84
C TYR F 59 -7.81 10.12 60.70
N TYR F 60 -8.13 9.76 61.94
CA TYR F 60 -8.98 10.55 62.80
C TYR F 60 -8.30 10.80 64.15
N ALA F 61 -8.67 11.92 64.77
CA ALA F 61 -8.14 12.26 66.08
C ALA F 61 -8.86 11.46 67.17
N ASP F 62 -8.21 11.37 68.34
CA ASP F 62 -8.75 10.58 69.44
C ASP F 62 -10.06 11.16 69.96
N SER F 63 -10.08 12.47 70.25
CA SER F 63 -11.30 13.09 70.74
C SER F 63 -12.34 13.23 69.64
N VAL F 64 -11.91 13.24 68.37
CA VAL F 64 -12.83 13.40 67.26
C VAL F 64 -13.47 12.07 66.86
N LYS F 65 -12.89 10.95 67.29
CA LYS F 65 -13.34 9.63 66.86
C LYS F 65 -14.81 9.42 67.15
N GLY F 66 -15.50 8.77 66.21
CA GLY F 66 -16.90 8.46 66.34
C GLY F 66 -17.84 9.62 66.04
N ARG F 67 -17.31 10.76 65.61
CA ARG F 67 -18.12 11.95 65.39
C ARG F 67 -18.07 12.42 63.93
N PHE F 68 -16.89 12.63 63.37
CA PHE F 68 -16.76 13.20 62.04
C PHE F 68 -15.98 12.26 61.13
N THR F 69 -16.26 12.36 59.83
CA THR F 69 -15.62 11.56 58.80
C THR F 69 -15.19 12.46 57.65
N ILE F 70 -14.28 11.96 56.82
CA ILE F 70 -13.63 12.79 55.80
C ILE F 70 -13.69 12.08 54.45
N SER F 71 -13.84 12.87 53.39
CA SER F 71 -13.83 12.33 52.03
C SER F 71 -13.58 13.47 51.05
N ARG F 72 -13.20 13.10 49.83
CA ARG F 72 -13.15 14.04 48.71
C ARG F 72 -13.93 13.51 47.52
N ASP F 73 -13.90 14.31 46.45
CA ASP F 73 -14.31 13.88 45.12
C ASP F 73 -13.20 14.32 44.16
N ASN F 74 -12.42 13.36 43.66
CA ASN F 74 -11.30 13.68 42.79
C ASN F 74 -11.74 14.16 41.42
N ALA F 75 -13.00 13.96 41.04
CA ALA F 75 -13.44 14.29 39.68
C ALA F 75 -13.48 15.79 39.46
N LYS F 76 -13.97 16.56 40.44
CA LYS F 76 -14.20 17.98 40.26
C LYS F 76 -13.74 18.79 41.47
N ASN F 77 -12.62 18.37 42.08
CA ASN F 77 -11.82 19.24 42.95
C ASN F 77 -12.54 19.61 44.24
N THR F 78 -13.26 18.67 44.86
CA THR F 78 -14.00 18.94 46.08
C THR F 78 -13.42 18.13 47.24
N LEU F 79 -13.67 18.61 48.45
CA LEU F 79 -13.17 17.98 49.66
C LEU F 79 -14.08 18.34 50.82
N TYR F 80 -14.31 17.39 51.73
CA TYR F 80 -15.38 17.53 52.71
C TYR F 80 -14.96 17.04 54.09
N LEU F 81 -15.75 17.46 55.07
CA LEU F 81 -15.93 16.77 56.35
C LEU F 81 -17.41 16.49 56.53
N GLN F 82 -17.79 15.22 56.50
CA GLN F 82 -19.12 14.83 56.93
C GLN F 82 -19.17 14.83 58.45
N MET F 83 -19.99 15.71 59.02
CA MET F 83 -19.99 15.95 60.45
C MET F 83 -21.24 15.37 61.08
N ASN F 84 -21.08 14.72 62.24
CA ASN F 84 -22.18 14.15 62.98
C ASN F 84 -21.85 14.18 64.46
N SER F 85 -22.89 14.18 65.29
CA SER F 85 -22.78 13.89 66.72
C SER F 85 -21.85 14.86 67.44
N LEU F 86 -22.24 16.14 67.45
CA LEU F 86 -21.48 17.19 68.13
C LEU F 86 -21.80 17.19 69.62
N ARG F 87 -20.78 17.47 70.45
CA ARG F 87 -21.05 17.48 71.89
C ARG F 87 -21.30 18.86 72.49
N ALA F 88 -20.23 19.61 72.77
CA ALA F 88 -20.37 20.99 73.22
C ALA F 88 -19.20 21.86 72.76
N GLU F 89 -18.05 21.23 72.58
CA GLU F 89 -16.77 21.91 72.45
C GLU F 89 -16.28 21.96 71.01
N ASP F 90 -17.14 21.62 70.05
CA ASP F 90 -16.77 21.69 68.65
C ASP F 90 -16.65 23.12 68.14
N THR F 91 -17.06 24.11 68.93
CA THR F 91 -16.96 25.51 68.53
C THR F 91 -15.50 25.86 68.21
N ALA F 92 -15.26 26.27 66.96
CA ALA F 92 -13.92 26.49 66.45
C ALA F 92 -13.94 27.09 65.06
N VAL F 93 -12.76 27.29 64.48
CA VAL F 93 -12.59 27.63 63.07
C VAL F 93 -11.78 26.51 62.43
N TYR F 94 -12.20 26.10 61.23
CA TYR F 94 -11.62 24.94 60.56
C TYR F 94 -10.85 25.39 59.33
N TYR F 95 -9.88 24.55 58.93
CA TYR F 95 -9.07 24.81 57.74
C TYR F 95 -8.81 23.50 57.00
N CYS F 96 -8.95 23.54 55.67
CA CYS F 96 -8.55 22.42 54.82
C CYS F 96 -7.12 22.66 54.36
N ALA F 97 -6.18 22.43 55.28
CA ALA F 97 -4.77 22.68 55.00
C ALA F 97 -4.25 21.69 53.97
N LYS F 98 -3.45 22.19 53.03
CA LYS F 98 -2.96 21.40 51.91
C LYS F 98 -1.53 20.93 52.17
N ASP F 99 -1.32 19.62 52.03
CA ASP F 99 -0.02 19.01 52.31
C ASP F 99 0.96 19.36 51.19
N THR F 100 2.22 19.59 51.57
CA THR F 100 3.25 20.01 50.62
C THR F 100 3.54 18.95 49.56
N THR F 101 3.71 17.70 50.00
CA THR F 101 4.28 16.67 49.12
C THR F 101 3.26 16.24 48.07
N PRO F 102 3.63 16.17 46.80
CA PRO F 102 2.81 15.44 45.83
C PRO F 102 3.19 13.97 45.82
N ARG F 103 2.20 13.08 45.81
CA ARG F 103 2.48 11.66 45.87
C ARG F 103 1.83 10.94 44.70
N PRO F 104 2.39 9.81 44.27
CA PRO F 104 1.78 9.06 43.17
C PRO F 104 0.37 8.63 43.52
N LEU F 105 -0.48 8.56 42.49
CA LEU F 105 -1.92 8.40 42.69
C LEU F 105 -2.27 7.07 43.34
N TYR F 106 -1.36 6.10 43.36
CA TYR F 106 -1.63 4.78 43.91
C TYR F 106 -1.02 4.56 45.30
N SER F 107 -0.10 5.40 45.73
CA SER F 107 0.68 5.13 46.93
C SER F 107 0.02 5.70 48.18
N SER F 108 0.21 5.00 49.30
CA SER F 108 -0.16 5.49 50.61
C SER F 108 1.12 5.92 51.31
N GLY F 109 1.27 7.24 51.49
CA GLY F 109 2.52 7.79 51.98
C GLY F 109 2.29 8.76 53.12
N TRP F 110 3.40 9.18 53.73
CA TRP F 110 3.33 10.06 54.89
C TRP F 110 2.96 11.49 54.47
N TYR F 111 2.71 12.30 55.49
CA TYR F 111 2.05 13.60 55.34
C TYR F 111 2.22 14.34 56.66
N GLY F 112 1.87 15.63 56.65
CA GLY F 112 1.82 16.35 57.90
C GLY F 112 2.42 17.75 57.93
N SER F 113 2.90 18.25 56.80
CA SER F 113 3.39 19.61 56.69
C SER F 113 2.61 20.30 55.57
N PHE F 114 2.03 21.45 55.88
CA PHE F 114 1.01 22.06 55.03
C PHE F 114 1.46 23.44 54.59
N ASP F 115 1.35 23.71 53.29
CA ASP F 115 1.79 25.00 52.75
C ASP F 115 0.72 26.06 52.90
N TYR F 116 -0.42 25.88 52.22
CA TYR F 116 -1.40 26.94 52.04
C TYR F 116 -2.70 26.62 52.75
N TRP F 117 -3.27 27.66 53.37
CA TRP F 117 -4.52 27.57 54.09
C TRP F 117 -5.51 28.55 53.46
N GLY F 118 -6.79 28.20 53.52
CA GLY F 118 -7.80 29.01 52.86
C GLY F 118 -8.19 30.25 53.65
N GLN F 119 -9.49 30.55 53.67
CA GLN F 119 -9.99 31.69 54.44
C GLN F 119 -10.40 31.32 55.85
N GLY F 120 -10.47 30.03 56.18
CA GLY F 120 -10.94 29.62 57.48
C GLY F 120 -12.46 29.66 57.56
N THR F 121 -13.06 28.66 58.20
CA THR F 121 -14.51 28.55 58.30
C THR F 121 -14.89 28.27 59.74
N PRO F 122 -15.58 29.19 60.42
CA PRO F 122 -15.94 28.96 61.83
C PRO F 122 -17.27 28.25 61.98
N VAL F 123 -17.34 27.38 62.99
CA VAL F 123 -18.56 26.66 63.33
C VAL F 123 -18.72 26.67 64.84
N SER F 124 -19.96 26.49 65.29
CA SER F 124 -20.27 26.45 66.71
C SER F 124 -21.45 25.50 66.92
N VAL F 125 -21.61 25.06 68.16
CA VAL F 125 -22.69 24.14 68.50
C VAL F 125 -23.59 24.75 69.57
N ILE G 2 0.99 12.77 72.61
CA ILE G 2 2.07 13.63 72.11
C ILE G 2 1.62 15.08 72.11
N GLN G 3 2.46 15.95 72.66
CA GLN G 3 2.11 17.36 72.80
C GLN G 3 3.37 18.20 72.67
N MET G 4 3.20 19.51 72.70
CA MET G 4 4.34 20.43 72.72
C MET G 4 3.95 21.68 73.47
N THR G 5 4.84 22.12 74.37
CA THR G 5 4.61 23.30 75.19
C THR G 5 5.43 24.46 74.62
N GLN G 6 4.75 25.57 74.35
CA GLN G 6 5.39 26.79 73.89
C GLN G 6 5.38 27.81 75.02
N SER G 7 6.57 28.29 75.41
CA SER G 7 6.71 29.22 76.51
C SER G 7 7.86 30.17 76.20
N PRO G 8 7.73 31.46 76.53
CA PRO G 8 6.59 32.12 77.19
C PRO G 8 5.39 32.32 76.27
N SER G 9 4.21 32.58 76.85
CA SER G 9 2.99 32.65 76.05
C SER G 9 2.94 33.89 75.18
N SER G 10 3.46 35.01 75.67
CA SER G 10 3.43 36.25 74.91
C SER G 10 4.49 37.20 75.45
N LEU G 11 5.20 37.86 74.55
CA LEU G 11 6.23 38.82 74.91
C LEU G 11 6.16 40.01 73.96
N SER G 12 6.32 41.21 74.52
CA SER G 12 6.35 42.43 73.72
C SER G 12 7.80 42.76 73.36
N ALA G 13 8.00 43.19 72.12
CA ALA G 13 9.34 43.42 71.62
C ALA G 13 9.33 44.60 70.64
N SER G 14 10.49 45.21 70.46
CA SER G 14 10.68 46.38 69.62
C SER G 14 11.40 45.99 68.33
N VAL G 15 11.75 47.00 67.55
CA VAL G 15 12.31 46.82 66.20
C VAL G 15 13.81 46.60 66.34
N GLY G 16 14.25 45.35 66.28
CA GLY G 16 15.67 45.06 66.22
C GLY G 16 16.13 43.97 67.17
N ASP G 17 15.22 43.45 68.00
CA ASP G 17 15.62 42.53 69.05
C ASP G 17 15.64 41.08 68.54
N ARG G 18 16.35 40.24 69.30
CA ARG G 18 16.58 38.85 68.94
C ARG G 18 15.62 37.94 69.72
N VAL G 19 14.37 37.95 69.24
CA VAL G 19 13.31 37.20 69.91
C VAL G 19 13.53 35.70 69.74
N THR G 20 13.09 34.93 70.74
CA THR G 20 13.33 33.49 70.74
C THR G 20 12.14 32.77 71.37
N ILE G 21 11.80 31.60 70.83
CA ILE G 21 10.78 30.72 71.37
C ILE G 21 11.30 29.29 71.32
N THR G 22 11.08 28.54 72.40
CA THR G 22 11.49 27.15 72.51
C THR G 22 10.24 26.27 72.50
N CYS G 23 10.17 25.34 71.55
CA CYS G 23 9.02 24.45 71.38
C CYS G 23 9.40 23.08 71.94
N GLN G 24 9.04 22.83 73.19
CA GLN G 24 9.32 21.56 73.87
C GLN G 24 8.36 20.51 73.35
N ALA G 25 8.84 19.64 72.45
CA ALA G 25 8.01 18.64 71.79
C ALA G 25 7.67 17.45 72.69
N SER G 26 7.98 17.54 73.98
CA SER G 26 7.65 16.55 75.02
C SER G 26 8.34 15.20 74.80
N GLN G 27 9.10 15.08 73.71
CA GLN G 27 9.83 13.86 73.39
C GLN G 27 10.66 14.15 72.13
N ASP G 28 11.57 13.23 71.82
CA ASP G 28 12.49 13.41 70.71
C ASP G 28 11.87 12.95 69.39
N ILE G 29 11.83 13.86 68.42
CA ILE G 29 11.36 13.56 67.07
C ILE G 29 12.48 13.57 66.04
N THR G 30 13.54 14.36 66.28
CA THR G 30 14.87 14.44 65.68
C THR G 30 15.01 15.15 64.33
N THR G 31 13.97 15.31 63.51
CA THR G 31 14.01 16.40 62.53
C THR G 31 12.63 16.87 62.08
N TYR G 32 11.60 16.06 62.30
CA TYR G 32 10.27 16.28 61.74
C TYR G 32 9.54 17.35 62.57
N LEU G 33 9.63 18.60 62.10
CA LEU G 33 8.91 19.71 62.73
C LEU G 33 8.62 20.78 61.68
N ASN G 34 7.86 21.80 62.10
CA ASN G 34 7.58 22.96 61.28
C ASN G 34 7.04 24.08 62.17
N TRP G 35 7.04 25.30 61.61
CA TRP G 35 6.60 26.52 62.28
C TRP G 35 5.67 27.31 61.36
N TYR G 36 4.84 28.16 61.96
CA TYR G 36 3.88 28.96 61.22
C TYR G 36 3.83 30.38 61.74
N GLN G 37 3.36 31.29 60.88
CA GLN G 37 3.20 32.71 61.19
C GLN G 37 1.72 33.05 61.27
N GLN G 38 1.31 33.69 62.37
CA GLN G 38 -0.07 34.09 62.60
C GLN G 38 -0.15 35.58 62.91
N LYS G 39 -0.20 36.39 61.86
CA LYS G 39 -0.65 37.77 62.01
C LYS G 39 -2.15 37.73 62.32
N PRO G 40 -2.61 38.40 63.38
CA PRO G 40 -3.99 38.22 63.83
C PRO G 40 -5.02 38.43 62.72
N GLY G 41 -6.07 37.59 62.74
CA GLY G 41 -7.14 37.70 61.78
C GLY G 41 -6.90 37.04 60.45
N LYS G 42 -5.85 36.24 60.32
CA LYS G 42 -5.49 35.59 59.07
C LYS G 42 -5.43 34.08 59.25
N ALA G 43 -5.54 33.35 58.15
CA ALA G 43 -5.26 31.93 58.18
C ALA G 43 -3.77 31.71 58.42
N PRO G 44 -3.38 30.69 59.17
CA PRO G 44 -1.95 30.45 59.41
C PRO G 44 -1.21 30.26 58.09
N LYS G 45 -0.02 30.86 58.00
CA LYS G 45 0.87 30.68 56.88
C LYS G 45 2.15 29.99 57.35
N LEU G 46 2.82 29.32 56.41
CA LEU G 46 4.01 28.55 56.73
C LEU G 46 5.23 29.46 56.86
N LEU G 47 6.08 29.15 57.83
CA LEU G 47 7.31 29.89 58.08
C LEU G 47 8.54 29.01 57.93
N ILE G 48 8.58 27.87 58.61
CA ILE G 48 9.75 27.02 58.67
C ILE G 48 9.28 25.57 58.60
N TYR G 49 10.03 24.72 57.90
CA TYR G 49 9.73 23.29 57.88
C TYR G 49 11.02 22.50 58.01
N ASP G 50 10.89 21.27 58.51
CA ASP G 50 12.02 20.45 58.96
C ASP G 50 12.80 21.15 60.07
N ALA G 51 12.20 22.16 60.69
CA ALA G 51 12.79 23.03 61.70
C ALA G 51 14.00 23.80 61.16
N SER G 52 14.26 23.74 59.85
CA SER G 52 15.47 24.33 59.30
C SER G 52 15.21 25.18 58.07
N ASN G 53 14.25 24.77 57.24
CA ASN G 53 14.13 25.27 55.88
C ASN G 53 13.19 26.48 55.84
N LEU G 54 13.70 27.61 55.35
CA LEU G 54 12.90 28.82 55.23
C LEU G 54 11.91 28.68 54.08
N GLU G 55 10.64 28.92 54.36
CA GLU G 55 9.62 28.97 53.32
C GLU G 55 9.85 30.21 52.47
N THR G 56 10.01 30.00 51.15
CA THR G 56 10.46 31.06 50.27
C THR G 56 9.42 32.17 50.08
N GLY G 57 8.25 32.01 50.67
CA GLY G 57 7.29 33.08 50.72
C GLY G 57 7.51 34.07 51.84
N VAL G 58 8.56 33.87 52.63
CA VAL G 58 8.86 34.70 53.81
C VAL G 58 10.32 35.14 53.70
N PRO G 59 10.66 36.36 54.14
CA PRO G 59 12.07 36.77 54.12
C PRO G 59 12.91 35.92 55.08
N SER G 60 14.20 35.84 54.76
CA SER G 60 15.18 34.94 55.37
C SER G 60 15.60 35.32 56.79
N ARG G 61 14.92 36.24 57.48
CA ARG G 61 15.35 36.71 58.79
C ARG G 61 14.88 35.82 59.94
N PHE G 62 14.54 34.56 59.68
CA PHE G 62 14.17 33.63 60.72
C PHE G 62 15.07 32.40 60.67
N SER G 63 15.20 31.73 61.81
CA SER G 63 16.06 30.55 61.90
C SER G 63 15.64 29.71 63.10
N GLY G 64 16.08 28.46 63.08
CA GLY G 64 15.84 27.55 64.18
C GLY G 64 16.62 26.27 63.99
N SER G 65 16.88 25.58 65.10
CA SER G 65 17.68 24.37 65.06
C SER G 65 17.41 23.56 66.32
N GLY G 66 18.16 22.48 66.48
CA GLY G 66 18.05 21.62 67.65
C GLY G 66 18.30 20.17 67.29
N SER G 67 18.39 19.35 68.34
CA SER G 67 18.50 17.90 68.16
C SER G 67 18.00 17.26 69.46
N GLY G 68 16.77 16.77 69.43
CA GLY G 68 16.15 16.25 70.63
C GLY G 68 14.75 16.82 70.83
N THR G 69 14.52 17.41 71.99
CA THR G 69 13.27 18.08 72.29
C THR G 69 13.41 19.60 72.35
N ASP G 70 14.65 20.10 72.37
CA ASP G 70 14.99 21.52 72.56
C ASP G 70 14.82 22.37 71.30
N PHE G 71 14.08 21.90 70.31
CA PHE G 71 13.99 22.60 69.02
C PHE G 71 13.44 24.01 69.20
N THR G 72 14.09 24.98 68.55
CA THR G 72 13.80 26.40 68.78
C THR G 72 13.43 27.09 67.49
N LEU G 73 12.97 28.33 67.65
CA LEU G 73 12.76 29.28 66.57
C LEU G 73 13.17 30.65 67.08
N THR G 74 13.85 31.43 66.24
CA THR G 74 14.41 32.70 66.69
C THR G 74 14.37 33.69 65.53
N ILE G 75 14.44 34.97 65.89
CA ILE G 75 14.47 36.08 64.95
C ILE G 75 15.82 36.75 65.04
N SER G 76 16.45 36.97 63.89
CA SER G 76 17.74 37.67 63.86
C SER G 76 17.58 39.10 64.38
N SER G 77 16.77 39.90 63.71
CA SER G 77 16.49 41.27 64.12
C SER G 77 15.06 41.60 63.74
N LEU G 78 14.20 41.77 64.73
CA LEU G 78 12.78 41.95 64.48
C LEU G 78 12.53 43.23 63.68
N GLN G 79 11.72 43.11 62.64
CA GLN G 79 11.26 44.19 61.78
C GLN G 79 9.83 44.58 62.16
N PRO G 80 9.45 45.85 61.99
CA PRO G 80 8.30 46.38 62.74
C PRO G 80 6.98 45.67 62.51
N GLU G 81 6.77 45.07 61.34
CA GLU G 81 5.48 44.46 61.04
C GLU G 81 5.33 43.05 61.60
N ASP G 82 6.28 42.57 62.40
CA ASP G 82 6.25 41.18 62.87
C ASP G 82 4.99 40.89 63.67
N ILE G 83 4.79 41.63 64.77
CA ILE G 83 3.71 41.51 65.75
C ILE G 83 2.71 40.37 65.52
N ALA G 84 3.18 39.12 65.61
CA ALA G 84 2.36 37.98 65.26
C ALA G 84 2.53 36.85 66.27
N THR G 85 1.66 35.86 66.14
CA THR G 85 1.67 34.64 66.93
C THR G 85 2.41 33.55 66.15
N TYR G 86 3.11 32.68 66.88
CA TYR G 86 3.88 31.60 66.26
C TYR G 86 3.42 30.27 66.83
N TYR G 87 3.26 29.27 65.95
CA TYR G 87 2.87 27.92 66.35
C TYR G 87 3.85 26.91 65.77
N CYS G 88 4.14 25.87 66.54
CA CYS G 88 4.99 24.77 66.09
C CYS G 88 4.17 23.49 65.98
N GLN G 89 4.69 22.54 65.19
CA GLN G 89 4.05 21.25 64.97
C GLN G 89 5.15 20.25 64.61
N GLN G 90 4.87 18.96 64.86
CA GLN G 90 5.73 17.85 64.44
C GLN G 90 4.99 17.07 63.35
N TYR G 91 5.75 16.50 62.43
CA TYR G 91 5.18 15.73 61.33
C TYR G 91 5.71 14.29 61.29
N ASP G 92 6.21 13.82 62.44
CA ASP G 92 6.67 12.44 62.56
C ASP G 92 5.52 11.46 62.52
N ASN G 93 4.39 11.81 63.13
CA ASN G 93 3.38 10.83 63.47
C ASN G 93 2.04 11.15 62.80
N LEU G 94 1.27 10.10 62.55
CA LEU G 94 -0.09 10.25 62.02
C LEU G 94 -0.92 11.12 62.96
N PHE G 95 -0.67 11.03 64.26
CA PHE G 95 -1.38 11.81 65.27
C PHE G 95 -0.51 13.02 65.63
N LEU G 96 -0.63 14.06 64.81
CA LEU G 96 0.21 15.24 64.96
C LEU G 96 -0.51 16.30 65.79
N THR G 97 0.20 16.88 66.76
CA THR G 97 -0.38 17.84 67.70
C THR G 97 0.47 19.10 67.72
N PHE G 98 -0.16 20.25 67.54
CA PHE G 98 0.54 21.53 67.57
C PHE G 98 0.85 21.94 69.01
N GLY G 99 1.41 23.13 69.17
CA GLY G 99 1.73 23.67 70.47
C GLY G 99 0.75 24.75 70.93
N GLY G 100 1.03 25.27 72.13
CA GLY G 100 0.16 26.29 72.71
C GLY G 100 0.28 27.65 72.07
N GLY G 101 1.43 27.96 71.49
CA GLY G 101 1.63 29.22 70.80
C GLY G 101 2.46 30.21 71.61
N THR G 102 2.89 31.27 70.92
CA THR G 102 3.64 32.36 71.52
C THR G 102 3.31 33.63 70.75
N LYS G 103 3.87 34.75 71.19
CA LYS G 103 3.58 36.02 70.53
C LYS G 103 4.79 36.94 70.58
N VAL G 104 4.86 37.82 69.60
CA VAL G 104 5.65 39.04 69.65
C VAL G 104 4.68 40.21 69.49
N GLU G 105 4.87 41.26 70.29
CA GLU G 105 3.85 42.29 70.43
C GLU G 105 4.48 43.67 70.31
N ILE G 106 3.66 44.64 69.90
CA ILE G 106 4.08 46.01 69.68
C ILE G 106 4.76 46.58 70.91
N LYS G 107 5.71 47.49 70.69
CA LYS G 107 6.45 48.14 71.77
C LYS G 107 7.17 49.38 71.26
C1 NAG H . 34.84 -13.47 1.57
C2 NAG H . 34.77 -12.41 0.45
C3 NAG H . 35.99 -11.49 0.63
C4 NAG H . 35.89 -10.82 1.98
C5 NAG H . 35.89 -11.89 3.08
C6 NAG H . 35.70 -11.29 4.46
C7 NAG H . 33.88 -13.48 -1.62
C8 NAG H . 34.30 -14.03 -2.95
N2 NAG H . 34.88 -12.99 -0.86
O3 NAG H . 36.08 -10.58 -0.43
O4 NAG H . 37.04 -10.02 2.21
O5 NAG H . 34.90 -12.87 2.85
O6 NAG H . 34.68 -10.34 4.43
O7 NAG H . 32.71 -13.48 -1.26
C1 NAG H . 36.67 -8.62 2.08
C2 NAG H . 37.71 -7.75 2.81
C3 NAG H . 37.32 -6.30 2.56
C4 NAG H . 37.29 -5.95 1.07
C5 NAG H . 36.36 -6.93 0.34
C6 NAG H . 36.51 -6.94 -1.17
C7 NAG H . 38.47 -8.89 4.88
C8 NAG H . 38.27 -8.93 6.37
N2 NAG H . 37.71 -7.99 4.23
O3 NAG H . 38.19 -5.42 3.22
O4 NAG H . 36.76 -4.64 1.01
O5 NAG H . 36.64 -8.26 0.72
O6 NAG H . 37.87 -7.14 -1.49
O7 NAG H . 39.27 -9.62 4.32
C1 BMA H . 37.28 -3.86 -0.12
C2 BMA H . 36.35 -2.66 -0.30
C3 BMA H . 36.85 -1.79 -1.46
C4 BMA H . 38.35 -1.48 -1.33
C5 BMA H . 39.15 -2.74 -1.03
C6 BMA H . 40.62 -2.46 -0.74
O2 BMA H . 36.36 -1.92 0.89
O3 BMA H . 36.06 -0.61 -1.51
O4 BMA H . 38.80 -0.97 -2.57
O5 BMA H . 38.60 -3.41 0.09
O6 BMA H . 41.24 -2.07 -1.94
C1 NAG I . 58.33 -6.20 -3.32
C2 NAG I . 59.70 -6.59 -3.87
C3 NAG I . 60.63 -6.87 -2.69
C4 NAG I . 60.70 -5.65 -1.76
C5 NAG I . 59.28 -5.17 -1.41
C6 NAG I . 59.28 -3.85 -0.67
C7 NAG I . 59.20 -8.92 -4.55
C8 NAG I . 59.55 -9.94 -5.59
N2 NAG I . 59.82 -7.73 -4.73
O3 NAG I . 61.88 -7.22 -3.21
O4 NAG I . 61.35 -5.98 -0.53
O5 NAG I . 58.52 -5.00 -2.61
O6 NAG I . 57.97 -3.43 -0.38
O7 NAG I . 58.47 -9.18 -3.62
C1 NAG I . 62.73 -6.41 -0.58
C2 NAG I . 63.49 -5.88 0.65
C3 NAG I . 64.87 -6.51 0.84
C4 NAG I . 64.79 -8.02 0.62
C5 NAG I . 64.06 -8.38 -0.68
C6 NAG I . 63.92 -9.88 -0.85
C7 NAG I . 64.14 -3.68 -0.37
C8 NAG I . 64.11 -2.21 -0.11
N2 NAG I . 63.61 -4.44 0.61
O3 NAG I . 65.31 -6.24 2.14
O4 NAG I . 66.03 -8.75 0.75
O5 NAG I . 62.76 -7.82 -0.65
O6 NAG I . 63.12 -10.16 -1.97
O7 NAG I . 64.65 -4.13 -1.40
C1 BMA I . 67.41 -8.28 0.49
C2 BMA I . 67.66 -8.03 -1.04
C3 BMA I . 69.01 -7.32 -1.27
C4 BMA I . 69.11 -6.08 -0.39
C5 BMA I . 68.96 -6.43 1.08
C6 BMA I . 68.93 -5.21 2.00
O2 BMA I . 66.68 -7.22 -1.61
O3 BMA I . 69.10 -6.94 -2.61
O4 BMA I . 70.38 -5.50 -0.63
O5 BMA I . 67.74 -7.11 1.28
O6 BMA I . 70.16 -4.52 1.87
C1 NAG J . 24.41 -16.38 -20.30
C2 NAG J . 23.98 -15.54 -21.54
C3 NAG J . 23.39 -16.40 -22.64
C4 NAG J . 24.22 -17.65 -22.85
C5 NAG J . 24.22 -18.44 -21.54
C6 NAG J . 24.88 -19.80 -21.63
C7 NAG J . 23.11 -13.24 -21.25
C8 NAG J . 21.94 -12.43 -20.77
N2 NAG J . 22.97 -14.59 -21.13
O3 NAG J . 23.34 -15.67 -23.83
O4 NAG J . 23.62 -18.41 -23.88
O5 NAG J . 24.95 -17.66 -20.61
O6 NAG J . 26.20 -19.64 -22.08
O7 NAG J . 24.11 -12.72 -21.70
C1 NAG J . 24.55 -18.68 -24.95
C2 NAG J . 23.90 -19.70 -25.90
C3 NAG J . 24.81 -19.93 -27.11
C4 NAG J . 25.29 -18.61 -27.71
C5 NAG J . 25.89 -17.69 -26.64
C6 NAG J . 26.33 -16.34 -27.15
C7 NAG J . 22.55 -21.22 -24.56
C8 NAG J . 22.51 -22.56 -23.86
N2 NAG J . 23.70 -20.94 -25.20
O3 NAG J . 24.11 -20.63 -28.11
O4 NAG J . 26.26 -18.92 -28.68
O5 NAG J . 24.90 -17.50 -25.65
O6 NAG J . 26.65 -15.51 -26.06
O7 NAG J . 21.59 -20.46 -24.53
C1 NAG K . 43.66 4.78 39.09
C2 NAG K . 44.78 5.12 40.08
C3 NAG K . 44.62 6.55 40.62
C4 NAG K . 44.44 7.51 39.45
C5 NAG K . 43.29 7.04 38.54
C6 NAG K . 43.12 8.00 37.38
C7 NAG K . 43.90 3.77 41.99
C8 NAG K . 44.30 2.71 42.97
N2 NAG K . 44.87 4.14 41.13
O3 NAG K . 45.75 6.91 41.37
O4 NAG K . 44.12 8.78 39.98
O5 NAG K . 43.60 5.75 38.06
O6 NAG K . 42.38 7.39 36.35
O7 NAG K . 42.78 4.27 42.02
C1 NAG K . 45.02 9.82 39.49
C2 NAG K . 44.48 11.16 40.01
C3 NAG K . 45.45 12.24 39.54
C4 NAG K . 46.75 11.95 40.27
C5 NAG K . 47.30 10.66 39.64
C6 NAG K . 48.65 10.27 40.20
C7 NAG K . 42.24 12.14 40.30
C8 NAG K . 40.89 12.32 39.67
N2 NAG K . 43.14 11.44 39.58
O3 NAG K . 44.96 13.54 39.78
O4 NAG K . 47.63 13.04 40.13
O5 NAG K . 46.37 9.62 39.91
O6 NAG K . 49.65 11.13 39.71
O7 NAG K . 42.49 12.61 41.40
C1 BMA K . 47.70 13.85 41.32
C2 BMA K . 47.91 15.29 40.84
C3 BMA K . 47.75 16.25 42.04
C4 BMA K . 46.38 16.05 42.69
C5 BMA K . 46.22 14.63 43.17
C6 BMA K . 44.78 14.33 43.58
O2 BMA K . 46.97 15.60 39.85
O3 BMA K . 47.88 17.56 41.58
O4 BMA K . 46.29 16.96 43.77
O5 BMA K . 46.53 13.72 42.12
O6 BMA K . 44.58 12.94 43.52
C1 NAG L . 3.39 -16.04 -52.37
C2 NAG L . 4.21 -16.04 -53.68
C3 NAG L . 5.44 -16.90 -53.43
C4 NAG L . 6.19 -16.30 -52.25
C5 NAG L . 5.30 -16.25 -51.00
C6 NAG L . 5.98 -15.62 -49.80
C7 NAG L . 3.12 -15.89 -55.88
C8 NAG L . 2.26 -16.63 -56.88
N2 NAG L . 3.41 -16.57 -54.75
O3 NAG L . 6.27 -16.93 -54.56
O4 NAG L . 7.31 -17.12 -51.98
O5 NAG L . 4.14 -15.48 -51.30
O6 NAG L . 6.22 -14.26 -50.05
O7 NAG L . 3.55 -14.78 -56.13
C1 NAG L . 8.58 -16.46 -52.21
C2 NAG L . 9.67 -17.30 -51.51
C3 NAG L . 11.00 -16.59 -51.72
C4 NAG L . 11.26 -16.46 -53.21
C5 NAG L . 10.11 -15.73 -53.92
C6 NAG L . 10.26 -15.73 -55.43
C7 NAG L . 8.81 -18.50 -49.54
C8 NAG L . 8.61 -18.40 -48.05
N2 NAG L . 9.39 -17.42 -50.11
O3 NAG L . 12.04 -17.30 -51.12
O4 NAG L . 12.45 -15.70 -53.33
O5 NAG L . 8.88 -16.36 -53.58
O6 NAG L . 10.19 -17.05 -55.91
O7 NAG L . 8.48 -19.49 -50.16
C1 NAG M . -5.85 6.80 -43.36
C2 NAG M . -6.10 8.32 -43.30
C3 NAG M . -5.36 9.05 -44.43
C4 NAG M . -3.90 8.62 -44.48
C5 NAG M . -3.77 7.10 -44.49
C6 NAG M . -2.33 6.67 -44.39
C7 NAG M . -8.39 8.50 -44.26
C8 NAG M . -9.79 8.94 -43.93
N2 NAG M . -7.50 8.66 -43.26
O3 NAG M . -5.41 10.43 -44.29
O4 NAG M . -3.43 9.09 -45.72
O5 NAG M . -4.47 6.52 -43.41
O6 NAG M . -2.19 5.34 -44.81
O7 NAG M . -8.12 8.01 -45.35
C1 NAG M . -2.36 10.06 -45.68
C2 NAG M . -1.62 9.96 -47.03
C3 NAG M . -0.56 11.08 -47.07
C4 NAG M . -1.18 12.43 -46.77
C5 NAG M . -1.92 12.40 -45.44
C6 NAG M . -2.64 13.69 -45.15
C7 NAG M . -1.43 7.52 -47.48
C8 NAG M . -0.41 6.42 -47.62
N2 NAG M . -0.90 8.73 -47.21
O3 NAG M . 0.09 11.11 -48.30
O4 NAG M . -0.09 13.32 -46.72
O5 NAG M . -2.87 11.36 -45.48
O6 NAG M . -1.74 14.76 -45.04
O7 NAG M . -2.62 7.31 -47.61
C1 NAG N . -33.13 24.32 -53.09
C2 NAG N . -33.36 25.49 -52.12
C3 NAG N . -32.09 26.29 -52.34
C4 NAG N . -30.92 25.48 -51.79
C5 NAG N . -30.82 24.14 -52.55
C6 NAG N . -29.87 23.19 -51.86
C7 NAG N . -35.12 27.07 -51.26
C8 NAG N . -36.39 27.78 -51.68
N2 NAG N . -34.57 26.28 -52.21
O3 NAG N . -32.22 27.59 -51.81
O4 NAG N . -29.67 26.16 -51.91
O5 NAG N . -32.09 23.47 -52.64
O6 NAG N . -29.75 21.98 -52.56
O7 NAG N . -34.63 27.25 -50.16
C1 NAG N . -29.34 27.07 -50.83
C2 NAG N . -29.25 28.48 -51.48
C3 NAG N . -29.34 29.56 -50.42
C4 NAG N . -30.47 29.30 -49.45
C5 NAG N . -30.32 27.95 -48.77
C6 NAG N . -31.48 27.63 -47.85
C7 NAG N . -27.67 29.51 -53.12
C8 NAG N . -26.29 29.36 -53.70
N2 NAG N . -28.00 28.57 -52.20
O3 NAG N . -29.54 30.81 -51.00
O4 NAG N . -30.40 30.34 -48.49
O5 NAG N . -30.27 26.95 -49.77
O6 NAG N . -31.26 26.38 -47.25
O7 NAG N . -28.40 30.42 -53.48
C1 NAG O . -36.49 26.77 -64.35
C2 NAG O . -35.37 27.76 -63.99
C3 NAG O . -35.87 28.65 -62.87
C4 NAG O . -37.17 29.32 -63.27
C5 NAG O . -38.20 28.29 -63.75
C6 NAG O . -39.46 28.93 -64.29
C7 NAG O . -33.20 26.61 -64.36
C8 NAG O . -32.07 25.89 -63.65
N2 NAG O . -34.19 27.05 -63.56
O3 NAG O . -34.89 29.60 -62.58
O4 NAG O . -37.69 29.98 -62.13
O5 NAG O . -37.63 27.48 -64.76
O6 NAG O . -39.14 29.69 -65.43
O7 NAG O . -33.20 26.74 -65.56
C1 NAG O . -37.62 31.40 -62.35
C2 NAG O . -38.35 32.09 -61.19
C3 NAG O . -38.30 33.59 -61.41
C4 NAG O . -36.83 34.03 -61.53
C5 NAG O . -36.13 33.25 -62.64
C6 NAG O . -34.65 33.53 -62.74
C7 NAG O . -40.39 31.51 -59.94
C8 NAG O . -41.80 31.00 -60.09
N2 NAG O . -39.71 31.62 -61.09
O3 NAG O . -38.89 34.27 -60.34
O4 NAG O . -36.85 35.41 -61.83
O5 NAG O . -36.29 31.86 -62.38
O6 NAG O . -34.08 32.62 -63.64
O7 NAG O . -39.92 31.81 -58.85
C1 NAG P . 4.43 24.23 23.05
C2 NAG P . 2.93 24.32 22.70
C3 NAG P . 2.21 24.72 23.99
C4 NAG P . 2.46 23.61 25.01
C5 NAG P . 3.95 23.40 25.26
C6 NAG P . 4.18 22.18 26.14
C7 NAG P . 2.53 24.97 20.35
C8 NAG P . 2.21 26.14 19.46
N2 NAG P . 2.64 25.27 21.66
O3 NAG P . 0.83 24.90 23.76
O4 NAG P . 1.86 24.07 26.19
O5 NAG P . 4.63 23.24 24.02
O6 NAG P . 5.54 21.87 26.29
O7 NAG P . 2.66 23.84 19.91
C1 NAG P . 0.87 23.14 26.65
C2 NAG P . 0.49 23.59 28.08
C3 NAG P . -0.69 22.77 28.61
C4 NAG P . -1.82 22.85 27.58
C5 NAG P . -1.31 22.34 26.21
C6 NAG P . -2.38 22.30 25.14
C7 NAG P . 2.45 22.57 29.29
C8 NAG P . 3.53 22.93 30.26
N2 NAG P . 1.62 23.58 28.97
O3 NAG P . -1.15 23.32 29.81
O4 NAG P . -2.87 22.04 28.04
O5 NAG P . -0.25 23.15 25.80
O6 NAG P . -3.04 23.54 25.10
O7 NAG P . 2.34 21.43 28.85
C1 BMA P . -3.99 22.87 28.37
C2 BMA P . -5.16 22.45 27.48
C3 BMA P . -6.36 23.32 27.86
C4 BMA P . -6.68 23.09 29.35
C5 BMA P . -5.45 23.42 30.19
C6 BMA P . -5.61 23.08 31.67
O2 BMA P . -5.48 21.11 27.71
O3 BMA P . -7.46 22.97 27.05
O4 BMA P . -7.77 23.94 29.67
O5 BMA P . -4.33 22.71 29.73
O6 BMA P . -4.33 23.14 32.24
C1 NAG Q . -6.94 38.35 40.31
C2 NAG Q . -7.87 38.09 41.50
C3 NAG Q . -7.67 39.27 42.45
C4 NAG Q . -6.20 39.40 42.86
C5 NAG Q . -5.26 39.41 41.64
C6 NAG Q . -3.80 39.21 41.99
C7 NAG Q . -9.87 36.96 40.54
C8 NAG Q . -11.33 37.18 40.21
N2 NAG Q . -9.25 38.02 41.09
O3 NAG Q . -8.47 39.12 43.58
O4 NAG Q . -6.13 40.67 43.49
O5 NAG Q . -5.60 38.36 40.75
O6 NAG Q . -3.63 37.94 42.57
O7 NAG Q . -9.32 35.89 40.32
C1 NAG Q . -5.29 40.67 44.67
C2 NAG Q . -4.75 42.10 44.84
C3 NAG Q . -3.82 42.12 46.04
C4 NAG Q . -4.56 41.64 47.29
C5 NAG Q . -5.14 40.24 47.01
C6 NAG Q . -5.98 39.71 48.16
C7 NAG Q . -4.45 43.60 42.93
C8 NAG Q . -3.56 43.94 41.77
N2 NAG Q . -4.04 42.57 43.68
O3 NAG Q . -3.31 43.42 46.20
O4 NAG Q . -3.62 41.56 48.33
O5 NAG Q . -5.96 40.27 45.86
O6 NAG Q . -5.19 39.53 49.31
O7 NAG Q . -5.46 44.24 43.16
C1 BMA Q . -3.70 42.43 49.55
C2 BMA Q . -3.66 43.95 49.19
C3 BMA Q . -3.69 44.76 50.50
C4 BMA Q . -4.88 44.32 51.38
C5 BMA Q . -4.94 42.81 51.58
C6 BMA Q . -6.18 42.34 52.32
O2 BMA Q . -4.75 44.35 48.42
O3 BMA Q . -3.81 46.12 50.16
O4 BMA Q . -4.69 44.93 52.64
O5 BMA Q . -4.89 42.16 50.31
O6 BMA Q . -5.98 42.60 53.69
C1 NAG R . 20.81 43.13 36.81
C2 NAG R . 20.83 44.67 36.82
C3 NAG R . 22.25 45.20 36.97
C4 NAG R . 23.00 44.53 38.13
C5 NAG R . 22.89 43.01 37.95
C6 NAG R . 23.60 42.22 39.03
C7 NAG R . 19.01 45.34 35.26
C8 NAG R . 18.78 45.92 33.89
N2 NAG R . 20.30 45.19 35.58
O3 NAG R . 22.18 46.59 37.16
O4 NAG R . 24.36 44.92 38.07
O5 NAG R . 21.53 42.65 37.92
O6 NAG R . 24.98 42.27 38.78
O7 NAG R . 18.09 45.06 36.01
C1 NAG R . 24.70 45.98 38.99
C2 NAG R . 26.18 45.89 39.39
C3 NAG R . 26.50 47.02 40.34
C4 NAG R . 26.15 48.35 39.68
C5 NAG R . 24.69 48.36 39.19
C6 NAG R . 24.31 49.55 38.35
C7 NAG R . 26.00 43.99 41.00
C8 NAG R . 26.63 42.67 41.37
N2 NAG R . 26.57 44.62 39.95
O3 NAG R . 27.86 47.03 40.67
O4 NAG R . 26.37 49.37 40.63
O5 NAG R . 24.48 47.22 38.38
O6 NAG R . 24.25 50.70 39.15
O7 NAG R . 25.04 44.42 41.64
C1 BMA R . 27.30 50.35 40.12
C2 BMA R . 27.16 51.61 40.97
C3 BMA R . 28.09 52.68 40.38
C4 BMA R . 29.53 52.15 40.29
C5 BMA R . 29.63 50.77 39.64
C6 BMA R . 30.99 50.15 39.85
O2 BMA R . 27.55 51.31 42.29
O3 BMA R . 28.03 53.83 41.18
O4 BMA R . 30.24 53.07 39.50
O5 BMA R . 28.65 49.90 40.18
O6 BMA R . 31.01 48.90 39.18
C1 NAG S . -6.20 30.70 1.92
C2 NAG S . -7.45 30.56 1.04
C3 NAG S . -7.04 30.84 -0.39
C4 NAG S . -6.41 32.21 -0.48
C5 NAG S . -5.26 32.38 0.54
C6 NAG S . -4.78 33.81 0.61
C7 NAG S . -9.34 29.02 1.42
C8 NAG S . -9.70 27.56 1.52
N2 NAG S . -8.03 29.26 1.18
O3 NAG S . -8.17 30.80 -1.23
O4 NAG S . -5.85 32.33 -1.77
O5 NAG S . -5.72 32.01 1.84
O6 NAG S . -3.69 33.90 1.50
O7 NAG S . -10.17 29.89 1.54
C1 NAG S . -6.29 33.51 -2.47
C2 NAG S . -5.28 33.72 -3.62
C3 NAG S . -5.71 34.88 -4.49
C4 NAG S . -7.11 34.60 -5.02
C5 NAG S . -8.09 34.39 -3.85
C6 NAG S . -9.45 33.95 -4.34
C7 NAG S . -2.87 33.28 -3.48
C8 NAG S . -1.60 33.65 -2.77
N2 NAG S . -3.97 33.93 -3.07
O3 NAG S . -4.83 35.02 -5.58
O4 NAG S . -7.49 35.74 -5.77
O5 NAG S . -7.60 33.39 -2.98
O6 NAG S . -9.36 32.68 -4.95
O7 NAG S . -2.88 32.43 -4.37
C1 NAG T . 13.74 -1.17 56.72
C2 NAG T . 14.05 -1.13 58.22
C3 NAG T . 13.40 -2.40 58.78
C4 NAG T . 11.90 -2.34 58.49
C5 NAG T . 11.63 -2.11 56.99
C6 NAG T . 10.16 -1.93 56.63
C7 NAG T . 16.42 -0.22 58.46
C8 NAG T . 17.79 -0.69 58.88
N2 NAG T . 15.47 -1.17 58.53
O3 NAG T . 13.63 -2.56 60.16
O4 NAG T . 11.37 -3.60 58.89
O5 NAG T . 12.37 -1.00 56.54
O6 NAG T . 9.54 -1.15 57.61
O7 NAG T . 16.22 0.93 58.09
C1 NAG T . 10.21 -3.46 59.76
C2 NAG T . 9.48 -4.81 59.81
C3 NAG T . 8.24 -4.66 60.68
C4 NAG T . 8.64 -4.18 62.08
C5 NAG T . 9.50 -2.91 62.00
C6 NAG T . 10.16 -2.59 63.33
C7 NAG T . 9.77 -6.06 57.71
C8 NAG T . 9.16 -6.33 56.36
N2 NAG T . 9.09 -5.21 58.49
O3 NAG T . 7.53 -5.86 60.77
O4 NAG T . 7.43 -3.89 62.76
O5 NAG T . 10.56 -3.06 61.07
O6 NAG T . 9.19 -2.16 64.25
O7 NAG T . 10.83 -6.57 58.04
C1 BMA T . 7.25 -4.74 63.91
C2 BMA T . 6.17 -4.12 64.79
C3 BMA T . 5.81 -5.05 65.95
C4 BMA T . 5.45 -6.45 65.41
C5 BMA T . 6.57 -6.99 64.54
C6 BMA T . 6.19 -8.31 63.86
O2 BMA T . 5.04 -3.92 63.99
O3 BMA T . 4.74 -4.51 66.67
O4 BMA T . 5.27 -7.29 66.54
O5 BMA T . 6.86 -6.05 63.52
O6 BMA T . 7.27 -8.70 63.05
C1 NAG U . -23.61 33.80 -30.53
C2 NAG U . -24.22 35.21 -30.65
C3 NAG U . -23.33 36.22 -29.94
C4 NAG U . -23.09 35.78 -28.50
C5 NAG U . -22.47 34.39 -28.52
C6 NAG U . -22.19 33.83 -27.14
C7 NAG U . -25.37 35.21 -32.85
C8 NAG U . -25.28 35.73 -34.26
N2 NAG U . -24.36 35.57 -32.04
O3 NAG U . -23.93 37.49 -29.97
O4 NAG U . -22.15 36.68 -27.97
O5 NAG U . -23.35 33.49 -29.18
O6 NAG U . -21.35 32.72 -27.22
O7 NAG U . -26.31 34.51 -32.49
C1 NAG U . -22.69 37.37 -26.81
C2 NAG U . -21.52 38.09 -26.13
C3 NAG U . -22.06 38.88 -24.96
C4 NAG U . -23.14 39.84 -25.44
C5 NAG U . -24.27 39.05 -26.13
C6 NAG U . -25.34 39.94 -26.73
C7 NAG U . -19.42 36.82 -26.36
C8 NAG U . -18.55 35.78 -25.67
N2 NAG U . -20.54 37.14 -25.68
O3 NAG U . -21.05 39.63 -24.34
O4 NAG U . -23.60 40.51 -24.28
O5 NAG U . -23.71 38.29 -27.19
O6 NAG U . -24.75 40.90 -27.56
O7 NAG U . -19.11 37.29 -27.43
C1 BMA U . -23.82 41.94 -24.42
C2 BMA U . -23.57 42.56 -23.04
C3 BMA U . -23.81 44.07 -23.12
C4 BMA U . -22.94 44.70 -24.21
C5 BMA U . -23.10 43.97 -25.54
C6 BMA U . -22.08 44.41 -26.58
O2 BMA U . -22.24 42.30 -22.67
O3 BMA U . -23.50 44.63 -21.86
O4 BMA U . -23.35 46.04 -24.34
O5 BMA U . -22.97 42.57 -25.38
O6 BMA U . -20.79 44.15 -26.07
C1 NAG V . -34.70 11.54 -24.54
C2 NAG V . -36.01 10.80 -24.22
C3 NAG V . -37.20 11.73 -24.28
C4 NAG V . -36.92 13.00 -23.48
C5 NAG V . -35.58 13.62 -23.91
C6 NAG V . -35.31 14.89 -23.15
C7 NAG V . -35.82 8.47 -25.09
C8 NAG V . -36.23 7.60 -26.23
N2 NAG V . -36.25 9.74 -25.18
O3 NAG V . -38.32 11.07 -23.75
O4 NAG V . -37.93 13.94 -23.78
O5 NAG V . -34.54 12.66 -23.69
O6 NAG V . -34.00 15.33 -23.39
O7 NAG V . -35.14 8.04 -24.16
C1 NAG V . -38.97 14.04 -22.76
C2 NAG V . -39.64 15.40 -22.89
C3 NAG V . -40.65 15.48 -21.75
C4 NAG V . -41.69 14.38 -21.91
C5 NAG V . -40.99 13.00 -21.94
C6 NAG V . -41.92 11.87 -22.29
C7 NAG V . -38.12 17.07 -23.83
C8 NAG V . -37.15 18.16 -23.48
N2 NAG V . -38.69 16.46 -22.77
O3 NAG V . -41.29 16.73 -21.70
O4 NAG V . -42.54 14.48 -20.79
O5 NAG V . -39.94 13.02 -22.90
O6 NAG V . -42.45 12.08 -23.59
O7 NAG V . -38.35 16.76 -24.99
C1 BMA V . -43.96 14.44 -21.13
C2 BMA V . -44.73 14.54 -19.82
C3 BMA V . -46.22 14.36 -20.15
C4 BMA V . -46.63 15.49 -21.12
C5 BMA V . -45.73 15.50 -22.35
C6 BMA V . -45.96 16.71 -23.24
O2 BMA V . -44.49 15.80 -19.26
O3 BMA V . -46.98 14.40 -18.98
O4 BMA V . -47.97 15.24 -21.51
O5 BMA V . -44.37 15.50 -21.96
O6 BMA V . -45.57 17.86 -22.52
C1 NAG W . -53.69 -10.36 -43.98
C2 NAG W . -53.31 -9.29 -42.94
C3 NAG W . -53.53 -9.75 -41.50
C4 NAG W . -54.87 -10.47 -41.38
C5 NAG W . -54.83 -11.64 -42.35
C6 NAG W . -55.99 -12.61 -42.23
C7 NAG W . -51.39 -7.88 -43.72
C8 NAG W . -49.89 -7.83 -43.78
N2 NAG W . -51.91 -8.97 -43.14
O3 NAG W . -53.55 -8.67 -40.63
O4 NAG W . -55.06 -10.88 -40.05
O5 NAG W . -54.85 -11.09 -43.66
O6 NAG W . -55.80 -13.69 -43.13
O7 NAG W . -52.06 -6.97 -44.18
C1 NAG W . -56.30 -10.35 -39.53
C2 NAG W . -56.77 -11.26 -38.39
C3 NAG W . -58.11 -10.71 -37.92
C4 NAG W . -57.88 -9.30 -37.40
C5 NAG W . -57.27 -8.42 -38.51
C6 NAG W . -56.87 -7.05 -38.00
C7 NAG W . -55.99 -13.57 -38.61
C8 NAG W . -56.32 -14.94 -39.16
N2 NAG W . -56.92 -12.62 -38.84
O3 NAG W . -58.68 -11.51 -36.91
O4 NAG W . -59.14 -8.80 -37.01
O5 NAG W . -56.12 -9.03 -39.03
O6 NAG W . -58.01 -6.33 -37.58
O7 NAG W . -54.95 -13.36 -38.00
C1 NAG X . -61.40 -7.11 -51.73
C2 NAG X . -61.98 -6.89 -50.32
C3 NAG X . -62.10 -8.22 -49.59
C4 NAG X . -62.78 -9.28 -50.44
C5 NAG X . -62.08 -9.38 -51.79
C6 NAG X . -62.72 -10.38 -52.72
C7 NAG X . -61.20 -4.64 -49.55
C8 NAG X . -60.23 -3.94 -48.64
N2 NAG X . -61.16 -5.99 -49.54
O3 NAG X . -62.84 -8.06 -48.41
O4 NAG X . -62.66 -10.50 -49.75
O5 NAG X . -62.13 -8.10 -52.40
O6 NAG X . -63.92 -9.85 -53.25
O7 NAG X . -61.98 -4.01 -50.26
C1 NAG X . -63.98 -11.03 -49.48
C2 NAG X . -63.80 -12.54 -49.25
C3 NAG X . -65.13 -13.20 -48.90
C4 NAG X . -65.79 -12.46 -47.75
C5 NAG X . -65.86 -10.95 -48.01
C6 NAG X . -66.36 -10.18 -46.80
C7 NAG X . -62.14 -13.90 -50.43
C8 NAG X . -61.72 -14.40 -51.79
N2 NAG X . -63.23 -13.13 -50.44
O3 NAG X . -64.88 -14.54 -48.56
O4 NAG X . -67.11 -12.95 -47.60
O5 NAG X . -64.57 -10.44 -48.34
O6 NAG X . -67.71 -10.49 -46.54
O7 NAG X . -61.50 -14.16 -49.42
C1 NAG Y . -8.55 -25.88 27.09
C2 NAG Y . -8.40 -26.77 25.84
C3 NAG Y . -7.81 -28.11 26.19
C4 NAG Y . -6.47 -27.86 26.87
C5 NAG Y . -6.64 -26.85 28.05
C6 NAG Y . -5.32 -26.50 28.69
C7 NAG Y . -10.82 -27.28 25.44
C8 NAG Y . -11.88 -27.26 24.36
N2 NAG Y . -9.60 -26.87 25.05
O3 NAG Y . -7.66 -28.80 24.97
O4 NAG Y . -5.92 -29.06 27.41
O5 NAG Y . -7.26 -25.63 27.61
O6 NAG Y . -4.47 -25.92 27.76
O7 NAG Y . -11.09 -27.65 26.57
C1 NAG Y . -5.23 -29.87 26.43
C2 NAG Y . -4.16 -30.74 27.12
C3 NAG Y . -3.48 -31.60 26.06
C4 NAG Y . -4.52 -32.44 25.34
C5 NAG Y . -5.57 -31.53 24.71
C6 NAG Y . -6.71 -32.28 24.05
C7 NAG Y . -2.66 -28.82 27.82
C8 NAG Y . -1.65 -28.47 28.88
N2 NAG Y . -3.18 -30.06 27.93
O3 NAG Y . -2.54 -32.45 26.65
O4 NAG Y . -3.82 -33.19 24.36
O5 NAG Y . -6.12 -30.73 25.75
O6 NAG Y . -7.72 -31.38 23.66
O7 NAG Y . -2.92 -28.03 26.93
C1 NAG Z . -8.41 -50.67 34.34
C2 NAG Z . -7.19 -51.52 34.73
C3 NAG Z . -7.57 -52.44 35.89
C4 NAG Z . -8.06 -51.58 37.05
C5 NAG Z . -9.28 -50.79 36.54
C6 NAG Z . -9.90 -49.92 37.61
C7 NAG Z . -5.97 -51.90 32.61
C8 NAG Z . -5.61 -52.94 31.58
N2 NAG Z . -6.73 -52.33 33.63
O3 NAG Z . -6.46 -53.20 36.26
O4 NAG Z . -8.54 -52.37 38.13
O5 NAG Z . -8.86 -49.97 35.47
O6 NAG Z . -8.97 -48.95 38.00
O7 NAG Z . -5.57 -50.75 32.51
C1 NAG Z . -7.53 -52.57 39.13
C2 NAG Z . -8.18 -52.51 40.52
C3 NAG Z . -7.22 -53.06 41.58
C4 NAG Z . -6.54 -54.35 41.14
C5 NAG Z . -5.89 -54.16 39.78
C6 NAG Z . -5.19 -55.38 39.22
C7 NAG Z . -9.67 -50.59 41.01
C8 NAG Z . -9.67 -49.13 41.37
N2 NAG Z . -8.45 -51.14 40.85
O3 NAG Z . -7.90 -53.29 42.79
O4 NAG Z . -5.55 -54.63 42.10
O5 NAG Z . -6.92 -53.82 38.88
O6 NAG Z . -4.05 -55.66 39.98
O7 NAG Z . -10.71 -51.22 40.88
C1 NAG AA . -26.33 -25.17 9.70
C2 NAG AA . -26.80 -25.49 8.28
C3 NAG AA . -27.90 -24.50 7.93
C4 NAG AA . -29.05 -24.72 8.92
C5 NAG AA . -28.56 -24.58 10.37
C6 NAG AA . -29.61 -25.05 11.37
C7 NAG AA . -24.98 -26.43 6.86
C8 NAG AA . -23.96 -26.00 5.85
N2 NAG AA . -25.73 -25.41 7.32
O3 NAG AA . -28.38 -24.72 6.62
O4 NAG AA . -30.02 -23.73 8.66
O5 NAG AA . -27.42 -25.37 10.58
O6 NAG AA . -29.89 -26.42 11.15
O7 NAG AA . -25.10 -27.59 7.23
C1 NAG AA . -31.30 -24.38 8.44
C2 NAG AA . -32.39 -23.34 8.71
C3 NAG AA . -33.73 -24.01 8.47
C4 NAG AA . -33.77 -24.51 7.04
C5 NAG AA . -32.61 -25.47 6.79
C6 NAG AA . -32.55 -25.95 5.36
C7 NAG AA . -31.88 -21.63 10.43
C8 NAG AA . -31.86 -21.39 11.91
N2 NAG AA . -32.28 -22.86 10.05
O3 NAG AA . -34.79 -23.13 8.72
O4 NAG AA . -34.98 -25.20 6.87
O5 NAG AA . -31.38 -24.85 7.11
O6 NAG AA . -31.60 -26.98 5.26
O7 NAG AA . -31.55 -20.77 9.63
C1 BMA AA . -35.80 -24.58 5.87
C2 BMA AA . -37.02 -25.48 5.71
C3 BMA AA . -38.03 -24.78 4.79
C4 BMA AA . -38.41 -23.42 5.39
C5 BMA AA . -37.15 -22.57 5.50
C6 BMA AA . -37.37 -21.23 6.18
O2 BMA AA . -37.55 -25.71 6.97
O3 BMA AA . -39.18 -25.57 4.63
O4 BMA AA . -39.33 -22.82 4.50
O5 BMA AA . -36.19 -23.27 6.26
O6 BMA AA . -38.26 -20.46 5.40
C1 NAG BA . -47.44 -20.83 -20.68
C2 NAG BA . -48.51 -21.96 -20.91
C3 NAG BA . -49.05 -22.47 -19.59
C4 NAG BA . -47.91 -22.80 -18.66
C5 NAG BA . -47.00 -21.57 -18.46
C6 NAG BA . -45.87 -21.76 -17.48
C7 NAG BA . -50.02 -21.72 -22.94
C8 NAG BA . -51.26 -21.05 -23.47
N2 NAG BA . -49.66 -21.46 -21.65
O3 NAG BA . -49.84 -23.61 -19.78
O4 NAG BA . -48.53 -23.11 -17.43
O5 NAG BA . -46.46 -21.24 -19.74
O6 NAG BA . -45.04 -22.84 -17.86
O7 NAG BA . -49.38 -22.48 -23.65
C1 NAG BA . -48.32 -24.48 -17.01
C2 NAG BA . -48.57 -24.49 -15.50
C3 NAG BA . -48.45 -25.89 -14.93
C4 NAG BA . -49.43 -26.78 -15.67
C5 NAG BA . -49.18 -26.76 -17.18
C6 NAG BA . -50.25 -27.52 -17.94
C7 NAG BA . -48.01 -22.72 -13.88
C8 NAG BA . -46.89 -21.85 -13.37
N2 NAG BA . -47.67 -23.57 -14.86
O3 NAG BA . -48.77 -25.89 -13.57
O4 NAG BA . -49.20 -28.08 -15.18
O5 NAG BA . -49.17 -25.42 -17.66
O6 NAG BA . -51.50 -26.90 -17.77
O7 NAG BA . -49.14 -22.64 -13.42
C1 NAG CA . -24.93 -20.80 -33.90
C2 NAG CA . -24.11 -21.46 -35.02
C3 NAG CA . -24.74 -22.79 -35.40
C4 NAG CA . -24.98 -23.63 -34.17
C5 NAG CA . -25.57 -22.86 -32.99
C6 NAG CA . -25.39 -23.70 -31.74
C7 NAG CA . -23.17 -19.71 -36.49
C8 NAG CA . -23.39 -19.00 -37.80
N2 NAG CA . -24.10 -20.65 -36.20
O3 NAG CA . -23.88 -23.45 -36.29
O4 NAG CA . -25.93 -24.59 -34.59
O5 NAG CA . -24.89 -21.63 -32.76
O6 NAG CA . -26.63 -23.82 -31.07
O7 NAG CA . -22.23 -19.44 -35.76
C1 NAG CA . -25.43 -25.96 -34.56
C2 NAG CA . -26.49 -26.87 -35.22
C3 NAG CA . -26.01 -28.32 -35.22
C4 NAG CA . -24.72 -28.34 -36.02
C5 NAG CA . -23.67 -27.43 -35.36
C6 NAG CA . -22.41 -27.35 -36.19
C7 NAG CA . -28.41 -26.21 -33.65
C8 NAG CA . -29.91 -26.36 -33.59
N2 NAG CA . -27.86 -26.78 -34.74
O3 NAG CA . -26.95 -29.14 -35.84
O4 NAG CA . -24.24 -29.67 -36.07
O5 NAG CA . -24.20 -26.10 -35.24
O6 NAG CA . -22.72 -26.90 -37.49
O7 NAG CA . -27.81 -25.63 -32.76
C1 BMA CA . -24.42 -30.25 -37.37
C2 BMA CA . -23.17 -31.09 -37.68
C3 BMA CA . -23.40 -31.72 -39.05
C4 BMA CA . -24.64 -32.62 -38.99
C5 BMA CA . -25.85 -31.78 -38.57
C6 BMA CA . -27.12 -32.60 -38.34
O2 BMA CA . -23.04 -32.06 -36.69
O3 BMA CA . -22.25 -32.43 -39.46
O4 BMA CA . -24.86 -33.15 -40.28
O5 BMA CA . -25.56 -31.08 -37.38
O6 BMA CA . -26.86 -33.48 -37.27
C1 NAG DA . -18.04 -11.01 -66.25
C2 NAG DA . -18.42 -11.99 -65.11
C3 NAG DA . -17.22 -12.85 -64.70
C4 NAG DA . -16.47 -13.37 -65.92
C5 NAG DA . -16.03 -12.19 -66.77
C6 NAG DA . -15.23 -12.61 -67.98
C7 NAG DA . -20.12 -11.04 -63.57
C8 NAG DA . -20.30 -10.21 -62.34
N2 NAG DA . -18.84 -11.23 -63.96
O3 NAG DA . -17.66 -13.95 -63.96
O4 NAG DA . -15.34 -14.06 -65.45
O5 NAG DA . -17.20 -11.55 -67.25
O6 NAG DA . -14.72 -11.42 -68.52
O7 NAG DA . -21.10 -11.51 -64.14
C1 NAG DA . -15.42 -15.46 -65.81
C2 NAG DA . -14.00 -16.02 -65.92
C3 NAG DA . -14.18 -17.41 -66.52
C4 NAG DA . -14.94 -18.23 -65.49
C5 NAG DA . -16.29 -17.58 -65.14
C6 NAG DA . -16.99 -18.28 -63.99
C7 NAG DA . -12.10 -14.54 -66.32
C8 NAG DA . -11.39 -13.72 -67.37
N2 NAG DA . -13.18 -15.19 -66.77
O3 NAG DA . -12.93 -18.01 -66.78
O4 NAG DA . -15.17 -19.49 -66.07
O5 NAG DA . -16.13 -16.21 -64.83
O6 NAG DA . -16.07 -18.53 -62.96
O7 NAG DA . -11.69 -14.59 -65.17
C1 NAG EA . -24.63 -14.08 -75.43
C2 NAG EA . -23.86 -15.35 -75.02
C3 NAG EA . -22.38 -15.07 -75.14
C4 NAG EA . -22.07 -14.64 -76.57
C5 NAG EA . -22.83 -13.35 -76.87
C6 NAG EA . -22.64 -12.85 -78.29
C7 NAG EA . -25.14 -16.59 -73.29
C8 NAG EA . -25.25 -16.84 -71.81
N2 NAG EA . -24.16 -15.74 -73.66
O3 NAG EA . -21.61 -16.19 -74.80
O4 NAG EA . -20.68 -14.45 -76.64
O5 NAG EA . -24.21 -13.59 -76.68
O6 NAG EA . -23.11 -13.82 -79.21
O7 NAG EA . -25.90 -17.12 -74.08
C1 NAG EA . -20.11 -15.38 -77.59
C2 NAG EA . -18.59 -15.18 -77.56
C3 NAG EA . -17.95 -16.14 -78.56
C4 NAG EA . -18.37 -17.57 -78.26
C5 NAG EA . -19.90 -17.71 -78.15
C6 NAG EA . -20.32 -19.05 -77.61
C7 NAG EA . -17.91 -12.89 -76.96
C8 NAG EA . -17.60 -11.52 -77.52
N2 NAG EA . -18.25 -13.82 -77.87
O3 NAG EA . -16.56 -16.03 -78.49
O4 NAG EA . -17.90 -18.35 -79.34
O5 NAG EA . -20.40 -16.72 -77.28
O6 NAG EA . -20.08 -19.11 -76.23
O7 NAG EA . -17.85 -13.12 -75.76
C1 NAG FA . 57.13 -0.83 -13.57
C2 NAG FA . 56.89 -0.13 -14.90
C3 NAG FA . 58.09 -0.43 -15.80
C4 NAG FA . 59.35 0.07 -15.12
C5 NAG FA . 59.49 -0.46 -13.69
C6 NAG FA . 60.57 0.23 -12.90
C7 NAG FA . 54.46 0.03 -15.30
C8 NAG FA . 53.32 -0.57 -16.08
N2 NAG FA . 55.66 -0.53 -15.52
O3 NAG FA . 57.89 0.18 -17.05
O4 NAG FA . 60.46 -0.40 -15.87
O5 NAG FA . 58.28 -0.29 -12.97
O6 NAG FA . 61.82 0.12 -13.54
O7 NAG FA . 54.28 0.95 -14.51
C1 NAG GA . 48.16 -43.64 0.89
C2 NAG GA . 47.94 -45.09 1.33
C3 NAG GA . 48.77 -46.03 0.45
C4 NAG GA . 48.33 -45.78 -0.99
C5 NAG GA . 48.62 -44.33 -1.34
C6 NAG GA . 48.30 -43.96 -2.77
C7 NAG GA . 49.33 -44.99 3.41
C8 NAG GA . 49.27 -45.27 4.89
N2 NAG GA . 48.19 -45.26 2.74
O3 NAG GA . 48.57 -47.37 0.80
O4 NAG GA . 49.07 -46.65 -1.82
O5 NAG GA . 47.85 -43.49 -0.48
O6 NAG GA . 48.56 -42.59 -2.98
O7 NAG GA . 50.35 -44.56 2.89
C1 NAG HA . 56.27 -29.92 8.59
C2 NAG HA . 55.86 -30.95 9.66
C3 NAG HA . 56.43 -32.29 9.19
C4 NAG HA . 55.95 -32.63 7.79
C5 NAG HA . 56.39 -31.50 6.85
C6 NAG HA . 56.05 -31.72 5.39
C7 NAG HA . 56.15 -29.78 11.87
C8 NAG HA . 57.01 -29.85 13.11
N2 NAG HA . 56.47 -30.69 10.94
O3 NAG HA . 56.17 -33.31 10.13
O4 NAG HA . 56.61 -33.80 7.36
O5 NAG HA . 55.80 -30.32 7.32
O6 NAG HA . 56.92 -32.67 4.82
O7 NAG HA . 55.24 -28.97 11.75
C1 NAG IA . 59.91 -27.27 -3.58
C2 NAG IA . 61.00 -27.01 -4.65
C3 NAG IA . 62.44 -27.14 -4.16
C4 NAG IA . 62.59 -26.48 -2.80
C5 NAG IA . 61.55 -27.05 -1.84
C6 NAG IA . 61.67 -26.53 -0.42
C7 NAG IA . 60.71 -29.18 -5.85
C8 NAG IA . 60.48 -29.78 -7.21
N2 NAG IA . 60.78 -27.83 -5.82
O3 NAG IA . 63.32 -26.56 -5.07
O4 NAG IA . 63.89 -26.79 -2.36
O5 NAG IA . 60.27 -26.73 -2.33
O6 NAG IA . 61.40 -25.16 -0.41
O7 NAG IA . 60.85 -29.90 -4.87
C1 NAG JA . 32.49 9.75 48.72
C2 NAG JA . 33.64 8.86 49.24
C3 NAG JA . 33.31 8.36 50.63
C4 NAG JA . 33.11 9.59 51.51
C5 NAG JA . 31.94 10.44 51.00
C6 NAG JA . 31.82 11.70 51.81
C7 NAG JA . 34.67 7.81 47.26
C8 NAG JA . 34.81 6.51 46.49
N2 NAG JA . 33.90 7.74 48.36
O3 NAG JA . 34.38 7.61 51.14
O4 NAG JA . 32.84 9.13 52.81
O5 NAG JA . 32.18 10.80 49.63
O6 NAG JA . 30.86 12.56 51.26
O7 NAG JA . 35.24 8.82 46.90
C1 NAG KA . 33.96 27.13 11.64
C2 NAG KA . 34.91 28.22 12.15
C3 NAG KA . 36.29 27.94 11.60
C4 NAG KA . 36.71 26.58 12.12
C5 NAG KA . 35.72 25.51 11.66
C6 NAG KA . 36.05 24.14 12.22
C7 NAG KA . 34.14 30.52 12.60
C8 NAG KA . 33.71 31.81 11.95
N2 NAG KA . 34.47 29.53 11.74
O3 NAG KA . 37.21 28.90 12.03
O4 NAG KA . 38.00 26.32 11.60
O5 NAG KA . 34.40 25.86 12.05
O6 NAG KA . 36.02 24.19 13.63
O7 NAG KA . 34.19 30.40 13.81
C1 NAG LA . 13.66 36.15 -5.89
C2 NAG LA . 12.74 37.19 -6.52
C3 NAG LA . 11.86 36.50 -7.54
C4 NAG LA . 12.76 35.83 -8.56
C5 NAG LA . 13.74 34.86 -7.90
C6 NAG LA . 14.76 34.35 -8.88
C7 NAG LA . 12.36 38.93 -4.78
C8 NAG LA . 11.35 39.44 -3.80
N2 NAG LA . 11.96 37.87 -5.52
O3 NAG LA . 11.04 37.44 -8.19
O4 NAG LA . 11.94 35.12 -9.48
O5 NAG LA . 14.46 35.55 -6.89
O6 NAG LA . 14.18 33.42 -9.75
O7 NAG LA . 13.47 39.44 -4.89
C1 NAG MA . 24.83 39.59 8.31
C2 NAG MA . 25.61 39.94 9.63
C3 NAG MA . 27.04 39.66 9.49
C4 NAG MA . 27.17 38.19 9.22
C5 NAG MA . 26.53 37.88 7.85
C6 NAG MA . 26.53 36.41 7.52
C7 NAG MA . 25.55 41.82 11.26
C8 NAG MA . 25.40 43.31 11.38
N2 NAG MA . 25.44 41.33 9.99
O3 NAG MA . 27.78 39.96 10.67
O4 NAG MA . 28.52 37.92 9.25
O5 NAG MA . 25.16 38.29 7.89
O6 NAG MA . 25.81 36.19 6.34
O7 NAG MA . 25.69 41.13 12.24
C1 NAG NA . 24.12 27.72 -20.23
C2 NAG NA . 23.61 29.15 -20.37
C3 NAG NA . 23.96 29.57 -21.79
C4 NAG NA . 25.48 29.58 -21.90
C5 NAG NA . 26.02 28.18 -21.61
C6 NAG NA . 27.53 28.15 -21.53
C7 NAG NA . 21.62 29.51 -18.95
C8 NAG NA . 20.12 29.63 -18.98
N2 NAG NA . 22.19 29.29 -20.15
O3 NAG NA . 23.42 30.82 -22.11
O4 NAG NA . 25.82 29.96 -23.21
O5 NAG NA . 25.52 27.76 -20.35
O6 NAG NA . 28.09 28.34 -22.81
O7 NAG NA . 22.25 29.61 -17.91
C1 NAG OA . 29.31 12.77 -27.05
C2 NAG OA . 29.95 11.48 -27.56
C3 NAG OA . 31.21 11.29 -26.74
C4 NAG OA . 32.14 12.43 -27.09
C5 NAG OA . 31.51 13.78 -26.74
C6 NAG OA . 32.29 14.94 -27.34
C7 NAG OA . 28.31 9.87 -28.43
C8 NAG OA . 27.47 8.67 -28.08
N2 NAG OA . 29.08 10.35 -27.42
O3 NAG OA . 31.83 10.07 -27.03
O4 NAG OA . 33.31 12.23 -26.33
O5 NAG OA . 30.17 13.88 -27.21
O6 NAG OA . 33.65 14.82 -27.07
O7 NAG OA . 28.28 10.37 -29.54
C1 NAG PA . 21.86 18.00 -42.63
C2 NAG PA . 23.33 18.29 -42.96
C3 NAG PA . 23.57 18.15 -44.45
C4 NAG PA . 23.09 16.80 -44.95
C5 NAG PA . 21.60 16.61 -44.64
C6 NAG PA . 21.13 15.21 -44.96
C7 NAG PA . 24.84 20.16 -42.29
C8 NAG PA . 24.82 21.62 -41.91
N2 NAG PA . 23.64 19.64 -42.58
O3 NAG PA . 24.93 18.29 -44.77
O4 NAG PA . 23.30 16.82 -46.34
O5 NAG PA . 21.36 16.84 -43.26
O6 NAG PA . 21.83 14.28 -44.15
O7 NAG PA . 25.89 19.52 -42.34
C1 NAG QA . 1.50 18.53 -41.14
C2 NAG QA . 3.02 18.47 -40.99
C3 NAG QA . 3.52 19.84 -40.56
C4 NAG QA . 3.06 20.88 -41.57
C5 NAG QA . 1.53 20.84 -41.69
C6 NAG QA . 0.99 21.81 -42.71
C7 NAG QA . 3.58 16.17 -40.29
C8 NAG QA . 4.02 15.33 -39.11
N2 NAG QA . 3.43 17.47 -40.03
O3 NAG QA . 4.92 19.86 -40.52
O4 NAG QA . 3.49 22.14 -41.13
O5 NAG QA . 1.16 19.53 -42.08
O6 NAG QA . 1.11 23.14 -42.24
O7 NAG QA . 3.37 15.67 -41.38
C1 NAG RA . -18.11 23.51 -62.42
C2 NAG RA . -17.80 24.98 -62.10
C3 NAG RA . -18.14 25.85 -63.30
C4 NAG RA . -17.32 25.34 -64.49
C5 NAG RA . -17.47 23.82 -64.67
C6 NAG RA . -16.50 23.24 -65.69
C7 NAG RA . -19.66 25.73 -60.60
C8 NAG RA . -19.94 26.24 -59.20
N2 NAG RA . -18.36 25.47 -60.86
O3 NAG RA . -17.81 27.18 -63.05
O4 NAG RA . -17.82 26.00 -65.64
O5 NAG RA . -17.20 23.19 -63.43
O6 NAG RA . -16.66 21.85 -65.75
O7 NAG RA . -20.57 25.59 -61.40
C1 NAG SA . -5.67 3.63 -61.01
C2 NAG SA . -5.15 4.35 -62.27
C3 NAG SA . -4.13 3.44 -62.92
C4 NAG SA . -2.98 3.32 -61.93
C5 NAG SA . -3.45 2.73 -60.59
C6 NAG SA . -2.38 2.87 -59.53
C7 NAG SA . -7.15 3.96 -63.73
C8 NAG SA . -8.11 4.70 -64.64
N2 NAG SA . -6.21 4.74 -63.17
O3 NAG SA . -3.65 3.95 -64.12
O4 NAG SA . -2.02 2.48 -62.51
O5 NAG SA . -4.60 3.41 -60.10
O6 NAG SA . -1.24 2.14 -59.88
O7 NAG SA . -7.25 2.76 -63.55
C1 NAG TA . -3.94 -27.82 -50.41
C2 NAG TA . -3.81 -28.58 -51.74
C3 NAG TA . -3.31 -30.00 -51.50
C4 NAG TA . -2.05 -29.97 -50.63
C5 NAG TA . -2.35 -29.21 -49.33
C6 NAG TA . -1.16 -29.11 -48.41
C7 NAG TA . -5.55 -27.70 -53.24
C8 NAG TA . -6.93 -27.98 -53.82
N2 NAG TA . -5.09 -28.64 -52.40
O3 NAG TA . -3.01 -30.61 -52.73
O4 NAG TA . -1.72 -31.30 -50.33
O5 NAG TA . -2.74 -27.90 -49.67
O6 NAG TA . -1.41 -28.14 -47.42
O7 NAG TA . -4.94 -26.69 -53.53
C1 NAG UA . -53.64 11.63 -70.25
C2 NAG UA . -54.09 11.37 -68.81
C3 NAG UA . -55.53 11.84 -68.68
C4 NAG UA . -55.64 13.32 -69.06
C5 NAG UA . -54.98 13.63 -70.41
C6 NAG UA . -54.81 15.11 -70.63
C7 NAG UA . -52.96 9.34 -67.94
C8 NAG UA . -53.19 7.89 -67.61
N2 NAG UA . -54.03 9.99 -68.42
O3 NAG UA . -56.00 11.64 -67.37
O4 NAG UA . -57.01 13.59 -69.12
O5 NAG UA . -53.70 13.02 -70.49
O6 NAG UA . -53.92 15.63 -69.68
O7 NAG UA . -51.87 9.87 -67.78
C1 NAG VA . -16.90 40.84 35.52
C2 NAG VA . -18.42 40.82 35.39
C3 NAG VA . -18.89 42.26 35.40
C4 NAG VA . -18.40 42.97 36.67
C5 NAG VA . -16.89 42.79 36.87
C6 NAG VA . -16.41 43.29 38.21
C7 NAG VA . -18.98 38.86 33.98
C8 NAG VA . -19.44 38.45 32.59
N2 NAG VA . -18.84 40.19 34.16
O3 NAG VA . -20.28 42.32 35.31
O4 NAG VA . -18.68 44.33 36.50
O5 NAG VA . -16.56 41.42 36.77
O6 NAG VA . -16.48 44.69 38.26
O7 NAG VA . -18.77 38.03 34.84
C1 NAG WA . 28.34 47.73 21.40
C2 NAG WA . 28.77 49.09 20.83
C3 NAG WA . 30.03 48.82 20.02
C4 NAG WA . 31.08 48.18 20.93
C5 NAG WA . 30.51 46.90 21.56
C6 NAG WA . 31.48 46.24 22.52
C7 NAG WA . 26.76 50.49 20.44
C8 NAG WA . 25.82 50.97 19.37
N2 NAG WA . 27.74 49.67 20.02
O3 NAG WA . 30.52 50.02 19.48
O4 NAG WA . 32.19 47.87 20.12
O5 NAG WA . 29.33 47.25 22.26
O6 NAG WA . 32.49 45.57 21.81
O7 NAG WA . 26.62 50.84 21.60
C1 NAG XA . 10.56 52.21 32.89
C2 NAG XA . 10.60 52.68 34.35
C3 NAG XA . 11.67 53.76 34.50
C4 NAG XA . 13.00 53.24 33.97
C5 NAG XA . 12.84 52.76 32.52
C6 NAG XA . 14.08 52.16 31.91
C7 NAG XA . 8.21 52.50 35.06
C8 NAG XA . 7.03 53.38 35.40
N2 NAG XA . 9.31 53.19 34.73
O3 NAG XA . 11.81 54.12 35.85
O4 NAG XA . 13.92 54.30 34.02
O5 NAG XA . 11.84 51.76 32.52
O6 NAG XA . 13.85 51.87 30.55
O7 NAG XA . 8.14 51.28 35.10
C1 NAG YA . -20.82 -1.69 42.91
C2 NAG YA . -21.17 -1.88 44.41
C3 NAG YA . -21.36 -0.51 45.06
C4 NAG YA . -20.12 0.34 44.81
C5 NAG YA . -19.81 0.45 43.31
C6 NAG YA . -18.54 1.19 43.01
C7 NAG YA . -22.53 -3.70 45.37
C8 NAG YA . -23.88 -4.37 45.29
N2 NAG YA . -22.36 -2.67 44.52
O3 NAG YA . -21.54 -0.67 46.44
O4 NAG YA . -20.40 1.61 45.34
O5 NAG YA . -19.70 -0.85 42.75
O6 NAG YA . -17.43 0.42 43.43
O7 NAG YA . -21.67 -4.10 46.15
C1 NAG ZA . -37.94 -11.82 21.80
C2 NAG ZA . -38.56 -10.97 20.69
C3 NAG ZA . -39.62 -11.77 19.92
C4 NAG ZA . -39.08 -13.14 19.52
C5 NAG ZA . -38.44 -13.86 20.70
C6 NAG ZA . -37.76 -15.16 20.31
C7 NAG ZA . -38.96 -8.52 20.91
C8 NAG ZA . -39.86 -7.55 21.64
N2 NAG ZA . -39.21 -9.79 21.22
O3 NAG ZA . -40.01 -11.06 18.78
O4 NAG ZA . -40.19 -13.88 19.07
O5 NAG ZA . -37.46 -13.01 21.24
O6 NAG ZA . -36.80 -14.90 19.32
O7 NAG ZA . -38.12 -8.15 20.11
C1 NAG AB . -31.74 -12.63 38.71
C2 NAG AB . -30.69 -11.56 39.07
C3 NAG AB . -31.28 -10.65 40.11
C4 NAG AB . -32.51 -10.00 39.53
C5 NAG AB . -33.55 -11.06 39.15
C6 NAG AB . -34.72 -10.49 38.39
C7 NAG AB . -29.14 -12.82 40.57
C8 NAG AB . -27.70 -13.21 40.72
N2 NAG AB . -29.41 -12.05 39.47
O3 NAG AB . -30.36 -9.63 40.48
O4 NAG AB . -33.01 -9.16 40.53
O5 NAG AB . -32.95 -12.04 38.28
O6 NAG AB . -35.35 -11.57 37.75
O7 NAG AB . -29.95 -13.17 41.40
C1 NAG BB . -40.12 7.19 17.65
C2 NAG BB . -41.02 5.96 17.96
C3 NAG BB . -42.48 6.36 17.77
C4 NAG BB . -42.80 7.57 18.62
C5 NAG BB . -41.89 8.70 18.15
C6 NAG BB . -42.16 10.04 18.80
C7 NAG BB . -39.99 3.77 17.62
C8 NAG BB . -39.72 2.65 16.64
N2 NAG BB . -40.68 4.83 17.14
O3 NAG BB . -43.32 5.29 18.13
O4 NAG BB . -44.15 7.90 18.44
O5 NAG BB . -40.55 8.29 18.42
O6 NAG BB . -41.47 10.09 20.03
O7 NAG BB . -39.60 3.68 18.77
C1 NAG CB . -33.73 23.99 12.67
C2 NAG CB . -32.41 24.73 12.90
C3 NAG CB . -32.40 25.19 14.35
C4 NAG CB . -33.60 26.09 14.61
C5 NAG CB . -34.90 25.37 14.25
C6 NAG CB . -36.11 26.27 14.28
C7 NAG CB . -30.74 23.66 11.43
C8 NAG CB . -29.57 22.71 11.43
N2 NAG CB . -31.29 23.87 12.63
O3 NAG CB . -31.22 25.89 14.66
O4 NAG CB . -33.59 26.40 15.98
O5 NAG CB . -34.80 24.88 12.93
O6 NAG CB . -36.24 26.91 15.53
O7 NAG CB . -31.14 24.18 10.41
C1 NAG DB . -46.53 22.64 -0.30
C2 NAG DB . -46.94 23.88 0.52
C3 NAG DB . -47.73 24.86 -0.34
C4 NAG DB . -46.91 25.19 -1.56
C5 NAG DB . -46.61 23.90 -2.35
C6 NAG DB . -45.78 24.16 -3.59
C7 NAG DB . -48.81 22.88 1.85
C8 NAG DB . -49.27 22.70 3.27
N2 NAG DB . -47.64 23.54 1.73
O3 NAG DB . -48.01 26.02 0.39
O4 NAG DB . -47.69 26.07 -2.35
O5 NAG DB . -45.89 23.01 -1.51
O6 NAG DB . -45.27 22.94 -4.08
O7 NAG DB . -49.47 22.45 0.91
C1 NAG EB . -43.28 9.73 -13.62
C2 NAG EB . -43.16 10.89 -12.62
C3 NAG EB . -43.83 10.51 -11.31
C4 NAG EB . -45.24 9.97 -11.56
C5 NAG EB . -45.19 8.83 -12.56
C6 NAG EB . -46.55 8.26 -12.90
C7 NAG EB . -41.03 12.01 -13.16
C8 NAG EB . -39.61 12.19 -12.69
N2 NAG EB . -41.79 11.22 -12.38
O3 NAG EB . -43.88 11.62 -10.46
O4 NAG EB . -45.74 9.53 -10.31
O5 NAG EB . -44.61 9.30 -13.76
O6 NAG EB . -46.45 7.38 -14.01
O7 NAG EB . -41.44 12.56 -14.17
C1 NAG FB . -58.78 5.53 -38.35
C2 NAG FB . -59.91 4.51 -38.15
C3 NAG FB . -61.20 5.03 -38.77
C4 NAG FB . -61.46 6.48 -38.37
C5 NAG FB . -60.25 7.34 -38.70
C6 NAG FB . -60.44 8.79 -38.33
C7 NAG FB . -60.03 2.06 -38.43
C8 NAG FB . -59.52 0.90 -39.25
N2 NAG FB . -59.57 3.27 -38.80
O3 NAG FB . -62.29 4.26 -38.35
O4 NAG FB . -62.60 6.91 -39.08
O5 NAG FB . -59.19 6.81 -37.95
O6 NAG FB . -59.27 9.51 -38.64
O7 NAG FB . -60.82 1.89 -37.51
C1 NAG GB . -43.84 22.96 -35.76
C2 NAG GB . -44.92 23.74 -36.53
C3 NAG GB . -44.54 25.20 -36.58
C4 NAG GB . -44.45 25.70 -35.14
C5 NAG GB . -43.40 24.88 -34.37
C6 NAG GB . -43.34 25.24 -32.90
C7 NAG GB . -46.17 22.69 -38.39
C8 NAG GB . -46.02 22.27 -39.83
N2 NAG GB . -45.06 23.24 -37.87
O3 NAG GB . -45.50 25.94 -37.28
O4 NAG GB . -44.04 27.05 -35.22
O5 NAG GB . -43.68 23.49 -34.47
O6 NAG GB . -44.55 24.91 -32.29
O7 NAG GB . -47.20 22.54 -37.76
C1 NAG HB . -12.82 33.54 -38.57
C2 NAG HB . -11.59 33.74 -37.70
C3 NAG HB . -11.33 35.22 -37.61
C4 NAG HB . -11.08 35.78 -39.01
C5 NAG HB . -12.22 35.40 -39.98
C6 NAG HB . -11.80 35.62 -41.41
C7 NAG HB . -11.47 31.87 -36.07
C8 NAG HB . -11.70 31.53 -34.61
N2 NAG HB . -11.73 33.15 -36.39
O3 NAG HB . -10.24 35.49 -36.78
O4 NAG HB . -11.06 37.17 -38.88
O5 NAG HB . -12.54 34.03 -39.85
O6 NAG HB . -10.83 34.67 -41.77
O7 NAG HB . -11.07 31.04 -36.86
C1 NAG IB . -52.09 -7.52 -72.85
C2 NAG IB . -51.04 -8.57 -73.21
C3 NAG IB . -51.73 -9.68 -74.02
C4 NAG IB . -53.05 -10.12 -73.37
C5 NAG IB . -53.92 -8.97 -72.85
C6 NAG IB . -55.04 -9.41 -71.95
C7 NAG IB . -48.76 -8.51 -74.07
C8 NAG IB . -47.80 -7.70 -74.91
N2 NAG IB . -49.98 -7.97 -73.94
O3 NAG IB . -50.89 -10.80 -74.10
O4 NAG IB . -53.79 -10.80 -74.36
O5 NAG IB . -53.12 -8.09 -72.10
O6 NAG IB . -55.94 -10.18 -72.67
O7 NAG IB . -48.46 -9.58 -73.58
C1 NAG JB . -11.76 -56.44 25.01
C2 NAG JB . -12.49 -57.30 23.99
C3 NAG JB . -13.42 -58.22 24.77
C4 NAG JB . -12.50 -59.11 25.60
C5 NAG JB . -11.51 -58.30 26.45
C6 NAG JB . -10.49 -59.18 27.11
C7 NAG JB . -12.68 -56.20 21.81
C8 NAG JB . -13.54 -55.37 20.92
N2 NAG JB . -13.21 -56.53 23.00
O3 NAG JB . -14.20 -59.02 23.90
O4 NAG JB . -13.36 -59.87 26.43
O5 NAG JB . -10.84 -57.30 25.66
O6 NAG JB . -11.10 -60.17 27.90
O7 NAG JB . -11.56 -56.60 21.47
C1 NAG KB . -30.55 -21.49 51.51
C2 NAG KB . -30.97 -22.21 52.82
C3 NAG KB . -32.23 -21.66 53.48
C4 NAG KB . -32.30 -20.15 53.41
C5 NAG KB . -32.08 -19.69 51.97
C6 NAG KB . -32.14 -18.19 51.74
C7 NAG KB . -31.87 -24.25 51.70
C8 NAG KB . -31.81 -25.76 51.76
N2 NAG KB . -31.12 -23.62 52.63
O3 NAG KB . -32.23 -22.08 54.82
O4 NAG KB . -33.59 -19.76 53.85
O5 NAG KB . -30.78 -20.10 51.58
O6 NAG KB . -33.30 -17.62 52.28
O7 NAG KB . -32.58 -23.68 50.88
C1 NAG LB . -16.18 -32.42 53.79
C2 NAG LB . -17.41 -33.10 54.40
C3 NAG LB . -17.76 -32.32 55.67
C4 NAG LB . -16.56 -32.26 56.61
C5 NAG LB . -15.29 -31.80 55.87
C6 NAG LB . -14.03 -31.92 56.69
C7 NAG LB . -18.72 -33.97 52.49
C8 NAG LB . -19.98 -33.75 51.70
N2 NAG LB . -18.53 -33.09 53.49
O3 NAG LB . -18.87 -32.91 56.30
O4 NAG LB . -16.83 -31.30 57.60
O5 NAG LB . -15.12 -32.58 54.69
O6 NAG LB . -12.90 -31.73 55.86
O7 NAG LB . -17.96 -34.89 52.23
C1 NAG MB . -24.12 -42.92 46.38
C2 NAG MB . -23.48 -43.40 47.70
C3 NAG MB . -24.53 -43.79 48.71
C4 NAG MB . -25.50 -42.63 48.90
C5 NAG MB . -26.18 -42.32 47.56
C6 NAG MB . -27.12 -41.14 47.64
C7 NAG MB . -21.45 -44.68 48.23
C8 NAG MB . -20.63 -45.87 47.83
N2 NAG MB . -22.55 -44.48 47.48
O3 NAG MB . -23.96 -44.09 49.96
O4 NAG MB . -26.45 -43.02 49.86
O5 NAG MB . -25.14 -41.98 46.65
O6 NAG MB . -27.59 -40.82 46.35
O7 NAG MB . -21.12 -43.96 49.16
C1 NAG NB . 24.39 -40.87 11.42
C2 NAG NB . 25.11 -42.15 11.85
C3 NAG NB . 24.13 -43.10 12.51
C4 NAG NB . 23.31 -42.38 13.57
C5 NAG NB . 22.84 -40.97 13.15
C6 NAG NB . 22.33 -40.17 14.34
C7 NAG NB . 26.95 -43.38 10.76
C8 NAG NB . 27.42 -43.95 9.45
N2 NAG NB . 25.75 -42.76 10.72
O3 NAG NB . 24.86 -44.15 13.09
O4 NAG NB . 22.14 -43.14 13.79
O5 NAG NB . 23.90 -40.24 12.57
O6 NAG NB . 21.14 -40.74 14.84
O7 NAG NB . 27.61 -43.49 11.78
C1 NAG OB . 22.79 -36.70 -16.59
C2 NAG OB . 23.51 -36.43 -17.91
C3 NAG OB . 22.51 -35.79 -18.88
C4 NAG OB . 21.33 -36.74 -19.05
C5 NAG OB . 20.69 -37.07 -17.70
C6 NAG OB . 19.64 -38.16 -17.80
C7 NAG OB . 25.88 -36.02 -17.37
C8 NAG OB . 26.93 -34.94 -17.24
N2 NAG OB . 24.66 -35.59 -17.73
O3 NAG OB . 23.09 -35.55 -20.13
O4 NAG OB . 20.40 -36.09 -19.87
O5 NAG OB . 21.69 -37.55 -16.81
O6 NAG OB . 18.58 -37.74 -18.63
O7 NAG OB . 26.15 -37.19 -17.17
C1 NAG PB . 32.36 -41.42 -2.08
C2 NAG PB . 31.44 -41.19 -0.87
C3 NAG PB . 30.98 -42.50 -0.26
C4 NAG PB . 30.27 -43.27 -1.37
C5 NAG PB . 31.27 -43.51 -2.50
C6 NAG PB . 30.75 -44.34 -3.65
C7 NAG PB . 32.85 -40.48 1.08
C8 NAG PB . 33.22 -39.28 1.90
N2 NAG PB . 31.98 -40.24 0.08
O3 NAG PB . 30.14 -42.30 0.84
O4 NAG PB . 29.84 -44.49 -0.81
O5 NAG PB . 31.69 -42.25 -2.99
O6 NAG PB . 29.82 -43.59 -4.40
O7 NAG PB . 33.36 -41.57 1.32
C1 NAG QB . 4.07 -45.53 -14.54
C2 NAG QB . 4.94 -45.80 -15.78
C3 NAG QB . 4.31 -46.93 -16.61
C4 NAG QB . 4.10 -48.14 -15.71
C5 NAG QB . 3.29 -47.78 -14.47
C6 NAG QB . 3.14 -48.91 -13.49
C7 NAG QB . 6.00 -43.67 -16.57
C8 NAG QB . 5.74 -42.60 -17.59
N2 NAG QB . 5.05 -44.63 -16.59
O3 NAG QB . 5.14 -47.27 -17.68
O4 NAG QB . 3.41 -49.12 -16.46
O5 NAG QB . 3.97 -46.73 -13.82
O6 NAG QB . 2.59 -48.42 -12.28
O7 NAG QB . 6.99 -43.65 -15.85
C1 NAG RB . -11.76 -46.07 -6.86
C2 NAG RB . -12.71 -46.04 -5.65
C3 NAG RB . -12.20 -46.99 -4.56
C4 NAG RB . -11.99 -48.37 -5.15
C5 NAG RB . -11.13 -48.32 -6.41
C6 NAG RB . -11.03 -49.64 -7.12
C7 NAG RB . -12.07 -43.85 -4.65
C8 NAG RB . -12.65 -42.53 -4.19
N2 NAG RB . -12.98 -44.72 -5.15
O3 NAG RB . -13.14 -47.06 -3.52
O4 NAG RB . -11.37 -49.15 -4.16
O5 NAG RB . -11.71 -47.39 -7.32
O6 NAG RB . -10.35 -50.59 -6.33
O7 NAG RB . -10.87 -44.08 -4.55
C1 NAG SB . -18.18 -46.85 -24.75
C2 NAG SB . -18.34 -48.38 -24.92
C3 NAG SB . -19.16 -48.68 -26.16
C4 NAG SB . -20.50 -47.99 -26.03
C5 NAG SB . -20.32 -46.48 -25.84
C6 NAG SB . -21.63 -45.77 -25.59
C7 NAG SB . -16.02 -48.86 -25.73
C8 NAG SB . -14.84 -49.79 -25.47
N2 NAG SB . -17.08 -49.08 -24.92
O3 NAG SB . -19.35 -50.06 -26.31
O4 NAG SB . -21.22 -48.26 -27.21
O5 NAG SB . -19.45 -46.23 -24.75
O6 NAG SB . -22.14 -46.16 -24.33
O7 NAG SB . -15.97 -48.03 -26.62
C1 NAG TB . -16.45 -31.39 -35.22
C2 NAG TB . -16.56 -32.40 -34.05
C3 NAG TB . -15.40 -33.37 -34.09
C4 NAG TB . -15.26 -33.97 -35.48
C5 NAG TB . -15.19 -32.91 -36.57
C6 NAG TB . -15.19 -33.51 -37.98
C7 NAG TB . -16.99 -32.08 -31.60
C8 NAG TB . -16.85 -31.04 -30.52
N2 NAG TB . -16.56 -31.67 -32.81
O3 NAG TB . -15.62 -34.43 -33.22
O4 NAG TB . -14.06 -34.71 -35.46
O5 NAG TB . -16.31 -32.04 -36.47
O6 NAG TB . -15.48 -32.54 -38.95
O7 NAG TB . -17.45 -33.19 -31.37
C1 NAG UB . -27.11 -25.78 -61.94
C2 NAG UB . -26.49 -25.76 -63.34
C3 NAG UB . -27.33 -26.67 -64.25
C4 NAG UB . -27.32 -28.07 -63.66
C5 NAG UB . -27.84 -28.05 -62.22
C6 NAG UB . -27.74 -29.35 -61.48
C7 NAG UB . -25.35 -23.63 -63.84
C8 NAG UB . -25.55 -22.31 -64.54
N2 NAG UB . -26.41 -24.45 -63.91
O3 NAG UB . -26.83 -26.66 -65.55
O4 NAG UB . -28.17 -28.87 -64.46
O5 NAG UB . -27.09 -27.10 -61.48
O6 NAG UB . -26.49 -29.44 -60.86
O7 NAG UB . -24.33 -23.91 -63.25
C1 NAG VB . -40.39 -26.13 -42.81
C2 NAG VB . -41.47 -26.34 -43.89
C3 NAG VB . -42.73 -26.92 -43.28
C4 NAG VB . -42.34 -28.18 -42.52
C5 NAG VB . -41.29 -27.86 -41.46
C6 NAG VB . -40.90 -29.08 -40.65
C7 NAG VB . -42.05 -25.04 -45.87
C8 NAG VB . -42.31 -23.64 -46.38
N2 NAG VB . -41.73 -25.11 -44.58
O3 NAG VB . -43.66 -27.28 -44.27
O4 NAG VB . -43.51 -28.67 -41.89
O5 NAG VB . -40.14 -27.34 -42.12
O6 NAG VB . -40.02 -28.71 -39.59
O7 NAG VB . -42.16 -26.02 -46.59
C1 NAG WB . -53.47 -9.02 -17.53
C2 NAG WB . -53.28 -8.62 -16.06
C3 NAG WB . -54.57 -8.92 -15.30
C4 NAG WB . -55.73 -8.19 -15.98
C5 NAG WB . -55.82 -8.56 -17.45
C6 NAG WB . -56.84 -7.77 -18.23
C7 NAG WB . -50.87 -8.97 -15.55
C8 NAG WB . -49.91 -9.88 -14.81
N2 NAG WB . -52.17 -9.31 -15.46
O3 NAG WB . -54.47 -8.52 -13.96
O4 NAG WB . -56.91 -8.60 -15.32
O5 NAG WB . -54.56 -8.29 -18.04
O6 NAG WB . -58.14 -8.05 -17.79
O7 NAG WB . -50.47 -8.00 -16.15
C1 NAG XB . -38.97 5.08 -81.02
C2 NAG XB . -38.00 6.03 -80.29
C3 NAG XB . -37.02 6.63 -81.29
C4 NAG XB . -36.35 5.53 -82.08
C5 NAG XB . -37.42 4.82 -82.90
C6 NAG XB . -36.87 3.74 -83.79
C7 NAG XB . -39.84 7.38 -79.11
C8 NAG XB . -40.01 8.77 -78.55
N2 NAG XB . -38.62 7.17 -79.64
O3 NAG XB . -36.04 7.39 -80.62
O4 NAG XB . -35.38 6.10 -82.92
O5 NAG XB . -38.34 4.24 -81.98
O6 NAG XB . -35.97 2.95 -83.05
O7 NAG XB . -40.77 6.58 -79.06
#